data_6OM1
#
_entry.id   6OM1
#
_cell.length_a   144.240
_cell.length_b   55.070
_cell.length_c   175.070
_cell.angle_alpha   90.37
_cell.angle_beta   107.00
_cell.angle_gamma   90.01
#
_symmetry.space_group_name_H-M   'P 1'
#
loop_
_entity.id
_entity.type
_entity.pdbx_description
1 polymer 'Integrin alpha-V'
2 polymer 'Integrin beta-8'
3 branched alpha-D-mannopyranose-(1-3)-beta-D-mannopyranose-(1-4)-2-acetamido-2-deoxy-beta-D-glucopyranose-(1-4)-2-acetamido-2-deoxy-beta-D-glucopyranose
4 branched alpha-D-mannopyranose-(1-3)-[alpha-D-mannopyranose-(1-6)]beta-D-mannopyranose-(1-4)-2-acetamido-2-deoxy-beta-D-glucopyranose-(1-4)-2-acetamido-2-deoxy-beta-D-glucopyranose
5 branched alpha-D-mannopyranose-(1-3)-alpha-D-mannopyranose-(1-6)-[alpha-D-mannopyranose-(1-3)]beta-D-mannopyranose-(1-4)-2-acetamido-2-deoxy-beta-D-glucopyranose-(1-4)-2-acetamido-2-deoxy-beta-D-glucopyranose
6 branched 2-acetamido-2-deoxy-beta-D-glucopyranose-(1-4)-2-acetamido-2-deoxy-beta-D-glucopyranose
7 branched alpha-D-mannopyranose-(1-6)-alpha-D-mannopyranose-(1-6)-[alpha-D-mannopyranose-(1-3)]beta-D-mannopyranose-(1-4)-2-acetamido-2-deoxy-beta-D-glucopyranose-(1-4)-2-acetamido-2-deoxy-beta-D-glucopyranose
8 branched alpha-D-mannopyranose-(1-3)-[alpha-D-mannopyranose-(1-6)]alpha-D-mannopyranose-(1-6)-beta-D-mannopyranose-(1-4)-2-acetamido-2-deoxy-beta-D-glucopyranose-(1-4)-2-acetamido-2-deoxy-beta-D-glucopyranose
9 branched alpha-D-mannopyranose-(1-6)-beta-D-mannopyranose-(1-4)-2-acetamido-2-deoxy-beta-D-glucopyranose-(1-4)-2-acetamido-2-deoxy-beta-D-glucopyranose
10 non-polymer 2-acetamido-2-deoxy-beta-D-glucopyranose
11 non-polymer 'CALCIUM ION'
12 non-polymer 1,2-ETHANEDIOL
13 non-polymer 'MAGNESIUM ION'
14 non-polymer '2-(N-MORPHOLINO)-ETHANESULFONIC ACID'
15 water water
#
loop_
_entity_poly.entity_id
_entity_poly.type
_entity_poly.pdbx_seq_one_letter_code
_entity_poly.pdbx_strand_id
1 'polypeptide(L)'
;FNLDVDSPAEYSGPEGSYFGFAVDFFVPSASSRMFLLVGAPKANTTQPGIVEGGQVLKCDWSSTRRCQPIEFDATGNRDY
AKDDPLEFKSHQWFGASVRSKQDKILACAPLYHWRTEMKQEREPVGTCFLQDGTKTVEYAPCRSQDIDADGQGFCQGGFS
IDFTKADRVLLGGPGSFYWQGQLISDQVAEIVSKYDPNVYSIKYNNQLATRTAQAIFDDSYLGYSVAVGDFNGDGIDDFV
SGVPRAARTLGMVYIYDGKNMSSLYNFTGEQMAAYFGFSVAATDINGDDYADVFIGAPLFMDRGSDGKLQEVGQVSVSLQ
RASGDFQTTKLNGFEVFARFGSAIAPLGDLDQDGFNDIAIAAPYGGEDKKGIVYIFNGRSTGLNAVPSQILEGQWAARSG
CPPSFGYSMKGATDIDKNGYPDLIVGAFGVDRAILYRARPVITVNAGLEVYPSILNQDNKTCSLPGTALKVSCFNVRFCL
KADGKGVLPRKLNFQVELLLDKLKQKGAIRRALFLYSRSPSHSKNMTISRGGLMQCEELIAYLRDESEFRDKLTPITIFM
EYRLDYRTAADTTGLQPILNQFTPANISRQAHILLTGGL
;
A,C,E,G
2 'polypeptide(L)'
;EDNRCASSNAASCARCLALGPECGWCVQEDFISGGSRSERCDIVSNLISKGCSVDSIEYPSVHVIIPTENEINTQVTPGE
VSIQLRPGAEANFMLKVHPLKKYPVDLYYLVDVSASMHNNIEKLNSVGNDLSRKMAFFSRDFRLGFGSYVDKTVSPYISI
HPERIHNQCSDYNLDCMPPHGYIHVLSLTENITEFEKAVHRQKISGNIDTPEGGFDAMLQAAVCESHIGWRKEAKRLLLV
MTDQTSHLALDSKLAGIVCPNDGNCHLKNNVYVKSTTMEHPSLGQLSEKLIDNNINVIFAVQGKQFHWYKDLLPLLPGTI
AGEIESKAANLNNLVVEAYQKLISEVKVQVENQVQGIYFNITAICPDGSRKPGMEGCRNVTSNDEVLFNVTVTMKKCDVT
GGKNYAIIKPIGFNETAKIHIHRNCSCQCEDNRGPKGKCVDETFLDSKCFQCDENK
;
B,D,F,H
#
loop_
_chem_comp.id
_chem_comp.type
_chem_comp.name
_chem_comp.formula
BMA D-saccharide, beta linking beta-D-mannopyranose 'C6 H12 O6'
CA non-polymer 'CALCIUM ION' 'Ca 2'
EDO non-polymer 1,2-ETHANEDIOL 'C2 H6 O2'
MAN D-saccharide, alpha linking alpha-D-mannopyranose 'C6 H12 O6'
MES non-polymer '2-(N-MORPHOLINO)-ETHANESULFONIC ACID' 'C6 H13 N O4 S'
MG non-polymer 'MAGNESIUM ION' 'Mg 2'
NAG D-saccharide, beta linking 2-acetamido-2-deoxy-beta-D-glucopyranose 'C8 H15 N O6'
#
# COMPACT_ATOMS: atom_id res chain seq x y z
N PHE A 1 15.47 30.73 -38.53
CA PHE A 1 15.55 31.85 -39.50
C PHE A 1 14.29 31.94 -40.37
N ASN A 2 13.44 30.92 -40.29
CA ASN A 2 12.30 30.79 -41.18
C ASN A 2 10.98 31.06 -40.49
N LEU A 3 10.99 31.88 -39.44
CA LEU A 3 9.77 32.23 -38.72
C LEU A 3 9.15 33.47 -39.36
N ASP A 4 7.86 33.38 -39.72
CA ASP A 4 7.14 34.51 -40.27
C ASP A 4 6.95 35.57 -39.19
N VAL A 5 7.53 36.74 -39.40
CA VAL A 5 7.42 37.85 -38.45
C VAL A 5 6.61 39.01 -38.98
N ASP A 6 6.25 39.01 -40.27
CA ASP A 6 5.46 40.10 -40.83
C ASP A 6 3.98 39.95 -40.50
N SER A 7 3.48 38.72 -40.39
CA SER A 7 2.06 38.46 -40.16
C SER A 7 1.90 37.26 -39.23
N PRO A 8 2.34 37.39 -37.98
CA PRO A 8 2.04 36.36 -36.99
C PRO A 8 0.65 36.55 -36.40
N ALA A 9 0.10 35.46 -35.87
CA ALA A 9 -1.24 35.49 -35.30
C ALA A 9 -1.18 36.01 -33.87
N GLU A 10 -1.90 37.09 -33.60
CA GLU A 10 -1.87 37.77 -32.31
C GLU A 10 -3.15 37.48 -31.54
N TYR A 11 -3.00 37.12 -30.27
CA TYR A 11 -4.13 36.84 -29.38
C TYR A 11 -3.99 37.67 -28.12
N SER A 12 -5.13 38.16 -27.61
CA SER A 12 -5.13 39.04 -26.45
C SER A 12 -6.16 38.56 -25.44
N GLY A 13 -5.92 38.89 -24.17
CA GLY A 13 -6.82 38.54 -23.10
C GLY A 13 -7.17 39.73 -22.24
N PRO A 14 -8.01 39.50 -21.22
CA PRO A 14 -8.47 40.60 -20.37
C PRO A 14 -7.31 41.37 -19.74
N GLU A 15 -7.45 42.69 -19.71
CA GLU A 15 -6.40 43.54 -19.17
C GLU A 15 -6.15 43.20 -17.70
N GLY A 16 -4.87 43.09 -17.34
CA GLY A 16 -4.49 42.78 -15.98
C GLY A 16 -4.56 41.31 -15.61
N SER A 17 -4.92 40.45 -16.54
CA SER A 17 -5.07 39.03 -16.28
C SER A 17 -3.77 38.26 -16.46
N TYR A 18 -2.68 38.93 -16.83
CA TYR A 18 -1.41 38.25 -17.14
C TYR A 18 -1.61 37.23 -18.26
N PHE A 19 -2.47 37.57 -19.22
CA PHE A 19 -2.68 36.70 -20.37
C PHE A 19 -1.37 36.50 -21.11
N GLY A 20 -0.95 35.24 -21.22
CA GLY A 20 0.32 34.90 -21.80
C GLY A 20 1.41 34.55 -20.81
N PHE A 21 1.05 34.28 -19.55
CA PHE A 21 2.03 33.85 -18.57
C PHE A 21 2.46 32.40 -18.81
N ALA A 22 1.60 31.60 -19.43
CA ALA A 22 1.93 30.25 -19.83
C ALA A 22 1.14 29.91 -21.08
N VAL A 23 1.80 29.31 -22.06
CA VAL A 23 1.18 28.99 -23.34
C VAL A 23 1.50 27.55 -23.70
N ASP A 24 0.67 26.98 -24.57
CA ASP A 24 0.82 25.59 -24.96
C ASP A 24 -0.08 25.31 -26.16
N PHE A 25 0.19 24.18 -26.81
CA PHE A 25 -0.60 23.71 -27.93
C PHE A 25 -1.61 22.67 -27.46
N PHE A 26 -2.80 22.71 -28.02
CA PHE A 26 -3.83 21.70 -27.77
C PHE A 26 -4.10 20.97 -29.07
N VAL A 27 -3.66 19.71 -29.14
CA VAL A 27 -3.82 18.90 -30.35
C VAL A 27 -4.48 17.58 -29.96
N PRO A 28 -5.80 17.48 -30.03
CA PRO A 28 -6.46 16.20 -29.74
C PRO A 28 -5.93 15.09 -30.62
N SER A 29 -6.04 13.87 -30.12
CA SER A 29 -5.60 12.69 -30.85
C SER A 29 -6.20 12.63 -32.25
N SER A 31 -5.84 13.81 -35.49
CA SER A 31 -6.83 13.88 -36.55
C SER A 31 -7.98 14.80 -36.15
N SER A 32 -7.65 16.00 -35.68
CA SER A 32 -8.67 16.97 -35.28
C SER A 32 -8.03 18.35 -35.29
N ARG A 33 -8.89 19.37 -35.24
CA ARG A 33 -8.45 20.76 -35.22
C ARG A 33 -7.45 20.98 -34.09
N MET A 34 -6.59 21.99 -34.25
CA MET A 34 -5.61 22.34 -33.24
C MET A 34 -5.88 23.75 -32.73
N PHE A 35 -5.53 23.98 -31.46
CA PHE A 35 -5.83 25.24 -30.79
C PHE A 35 -4.60 25.70 -30.02
N LEU A 36 -4.64 26.96 -29.61
CA LEU A 36 -3.69 27.51 -28.66
C LEU A 36 -4.28 27.49 -27.27
N LEU A 37 -3.42 27.32 -26.27
CA LEU A 37 -3.80 27.39 -24.86
C LEU A 37 -2.98 28.48 -24.20
N VAL A 38 -3.65 29.37 -23.48
CA VAL A 38 -3.01 30.51 -22.84
C VAL A 38 -3.54 30.62 -21.42
N GLY A 39 -2.63 30.78 -20.46
CA GLY A 39 -3.00 30.92 -19.06
C GLY A 39 -3.19 32.38 -18.68
N ALA A 40 -4.23 32.64 -17.91
CA ALA A 40 -4.54 33.98 -17.39
C ALA A 40 -4.69 33.84 -15.88
N PRO A 41 -3.56 33.86 -15.15
CA PRO A 41 -3.62 33.50 -13.72
C PRO A 41 -4.37 34.48 -12.86
N LYS A 42 -4.37 35.77 -13.20
CA LYS A 42 -5.03 36.79 -12.41
C LYS A 42 -6.38 37.19 -12.99
N ALA A 43 -7.00 36.32 -13.78
CA ALA A 43 -8.26 36.63 -14.43
C ALA A 43 -9.41 36.42 -13.46
N ASN A 44 -10.32 37.39 -13.41
CA ASN A 44 -11.55 37.23 -12.66
C ASN A 44 -12.43 36.17 -13.30
N THR A 45 -13.28 35.56 -12.49
CA THR A 45 -14.03 34.38 -12.91
C THR A 45 -15.48 34.47 -12.45
N THR A 46 -16.31 33.60 -13.04
CA THR A 46 -17.71 33.55 -12.69
C THR A 46 -17.97 32.81 -11.38
N GLN A 47 -17.07 31.91 -11.00
CA GLN A 47 -17.25 31.15 -9.78
C GLN A 47 -17.44 32.10 -8.60
N PRO A 48 -18.45 31.89 -7.76
CA PRO A 48 -18.92 32.97 -6.88
C PRO A 48 -17.96 33.27 -5.75
N GLY A 49 -17.87 34.56 -5.41
CA GLY A 49 -17.09 35.00 -4.27
C GLY A 49 -15.60 34.81 -4.40
N ILE A 50 -15.07 34.76 -5.62
CA ILE A 50 -13.65 34.52 -5.85
C ILE A 50 -13.11 35.64 -6.73
N VAL A 51 -12.01 36.25 -6.29
CA VAL A 51 -11.39 37.38 -6.98
C VAL A 51 -10.11 36.90 -7.64
N GLU A 52 -9.95 37.21 -8.92
CA GLU A 52 -8.77 36.83 -9.69
C GLU A 52 -8.47 35.35 -9.50
N GLY A 53 -9.49 34.53 -9.71
CA GLY A 53 -9.29 33.09 -9.63
C GLY A 53 -8.40 32.54 -10.72
N GLY A 54 -8.31 33.23 -11.85
CA GLY A 54 -7.53 32.78 -12.97
C GLY A 54 -8.29 31.78 -13.84
N GLN A 55 -7.83 31.66 -15.08
CA GLN A 55 -8.46 30.75 -16.02
C GLN A 55 -7.48 30.40 -17.13
N VAL A 56 -7.92 29.51 -18.02
CA VAL A 56 -7.12 29.00 -19.14
C VAL A 56 -7.97 29.09 -20.38
N LEU A 57 -7.52 29.85 -21.38
CA LEU A 57 -8.29 30.10 -22.58
C LEU A 57 -7.85 29.19 -23.71
N LYS A 58 -8.83 28.68 -24.46
CA LYS A 58 -8.58 27.94 -25.69
C LYS A 58 -8.84 28.88 -26.87
N CYS A 59 -7.82 29.11 -27.68
CA CYS A 59 -7.86 30.11 -28.74
C CYS A 59 -7.93 29.42 -30.10
N ASP A 60 -8.95 29.75 -30.88
CA ASP A 60 -9.14 29.13 -32.19
C ASP A 60 -7.92 29.36 -33.07
N TRP A 61 -7.69 28.41 -33.97
CA TRP A 61 -6.59 28.51 -34.92
C TRP A 61 -7.00 29.29 -36.16
N SER A 62 -8.03 28.83 -36.87
CA SER A 62 -8.44 29.45 -38.12
C SER A 62 -9.54 30.48 -37.88
N SER A 63 -9.83 31.26 -38.92
CA SER A 63 -10.92 32.24 -38.92
C SER A 63 -10.59 33.30 -37.87
N THR A 64 -11.50 33.61 -36.94
CA THR A 64 -11.22 34.61 -35.93
C THR A 64 -10.28 34.05 -34.87
N ARG A 65 -9.59 34.96 -34.19
CA ARG A 65 -8.66 34.63 -33.12
C ARG A 65 -9.35 34.56 -31.77
N ARG A 66 -10.59 34.05 -31.75
CA ARG A 66 -11.39 34.06 -30.54
C ARG A 66 -10.79 33.13 -29.48
N CYS A 67 -10.72 33.63 -28.25
CA CYS A 67 -10.26 32.86 -27.11
C CYS A 67 -11.41 32.71 -26.13
N GLN A 68 -11.83 31.47 -25.87
CA GLN A 68 -12.86 31.18 -24.88
C GLN A 68 -12.27 30.42 -23.70
N PRO A 69 -12.61 30.80 -22.47
CA PRO A 69 -12.04 30.10 -21.31
C PRO A 69 -12.46 28.63 -21.28
N ILE A 70 -11.64 27.82 -20.61
CA ILE A 70 -11.92 26.42 -20.39
C ILE A 70 -12.47 26.27 -18.98
N GLU A 71 -13.66 25.69 -18.86
CA GLU A 71 -14.31 25.53 -17.56
C GLU A 71 -13.76 24.28 -16.88
N PHE A 72 -12.78 24.46 -16.00
CA PHE A 72 -12.28 23.36 -15.19
C PHE A 72 -13.04 23.20 -13.89
N ASP A 73 -13.62 24.28 -13.37
CA ASP A 73 -14.33 24.24 -12.10
C ASP A 73 -15.11 25.54 -11.89
N ALA A 74 -16.43 25.46 -11.97
CA ALA A 74 -17.29 26.64 -11.83
C ALA A 74 -17.69 26.92 -10.39
N THR A 75 -17.19 26.14 -9.44
CA THR A 75 -17.63 26.24 -8.04
C THR A 75 -16.77 27.23 -7.27
N GLY A 76 -17.34 27.75 -6.19
CA GLY A 76 -16.62 28.60 -5.28
C GLY A 76 -15.77 27.80 -4.31
N ASN A 77 -15.46 28.42 -3.18
CA ASN A 77 -14.71 27.74 -2.14
C ASN A 77 -15.61 26.77 -1.40
N ARG A 78 -15.20 25.51 -1.34
CA ARG A 78 -15.95 24.53 -0.56
C ARG A 78 -15.81 24.82 0.93
N ASP A 79 -16.88 24.53 1.68
CA ASP A 79 -16.86 24.61 3.13
C ASP A 79 -16.59 23.23 3.72
N TYR A 80 -15.73 23.18 4.74
CA TYR A 80 -15.59 21.98 5.54
C TYR A 80 -16.55 21.99 6.73
N ALA A 81 -16.88 23.17 7.23
CA ALA A 81 -17.91 23.34 8.25
C ALA A 81 -18.55 24.71 8.05
N LYS A 82 -19.73 24.88 8.64
CA LYS A 82 -20.46 26.13 8.50
C LYS A 82 -19.57 27.31 8.86
N ASP A 83 -19.51 28.29 7.95
CA ASP A 83 -18.66 29.45 8.14
C ASP A 83 -17.22 29.04 8.46
N ASP A 84 -16.80 27.91 7.89
CA ASP A 84 -15.44 27.39 8.04
C ASP A 84 -14.98 26.97 6.66
N PRO A 85 -14.51 27.92 5.85
CA PRO A 85 -14.09 27.57 4.48
C PRO A 85 -12.99 26.53 4.48
N LEU A 86 -13.07 25.63 3.50
CA LEU A 86 -12.06 24.59 3.32
C LEU A 86 -10.87 25.09 2.51
N GLU A 87 -11.12 25.91 1.50
CA GLU A 87 -10.10 26.33 0.56
C GLU A 87 -10.30 27.80 0.22
N PHE A 88 -9.32 28.35 -0.48
CA PHE A 88 -9.30 29.78 -0.79
C PHE A 88 -8.78 29.94 -2.21
N LYS A 89 -9.71 29.94 -3.17
CA LYS A 89 -9.36 29.99 -4.58
C LYS A 89 -9.03 31.41 -5.06
N SER A 90 -9.41 32.43 -4.30
CA SER A 90 -9.08 33.80 -4.67
C SER A 90 -7.57 33.97 -4.75
N HIS A 91 -7.11 34.54 -5.86
CA HIS A 91 -5.68 34.77 -6.09
C HIS A 91 -4.89 33.48 -6.06
N GLN A 92 -5.50 32.38 -6.48
CA GLN A 92 -4.81 31.08 -6.51
C GLN A 92 -3.90 30.94 -7.72
N TRP A 93 -3.97 31.85 -8.68
CA TRP A 93 -3.13 31.81 -9.87
C TRP A 93 -3.37 30.54 -10.68
N PHE A 94 -4.64 30.26 -10.95
CA PHE A 94 -4.96 29.12 -11.81
C PHE A 94 -4.65 29.46 -13.26
N GLY A 95 -3.97 28.55 -13.94
CA GLY A 95 -3.48 28.81 -15.27
C GLY A 95 -2.03 29.23 -15.32
N ALA A 96 -1.39 29.38 -14.17
CA ALA A 96 0.04 29.71 -14.14
C ALA A 96 0.90 28.60 -14.71
N SER A 97 0.37 27.38 -14.81
CA SER A 97 1.10 26.24 -15.36
C SER A 97 0.14 25.42 -16.19
N VAL A 98 0.46 25.25 -17.47
CA VAL A 98 -0.41 24.54 -18.41
C VAL A 98 0.43 23.59 -19.23
N ARG A 99 -0.06 22.36 -19.39
CA ARG A 99 0.57 21.39 -20.28
C ARG A 99 -0.52 20.51 -20.88
N SER A 100 -0.38 20.23 -22.17
CA SER A 100 -1.35 19.44 -22.92
C SER A 100 -0.69 18.18 -23.46
N LYS A 101 -1.51 17.17 -23.71
CA LYS A 101 -1.02 15.89 -24.21
C LYS A 101 -2.23 15.18 -24.84
N GLN A 102 -2.41 15.38 -26.14
CA GLN A 102 -3.52 14.77 -26.87
C GLN A 102 -4.82 15.31 -26.26
N ASP A 103 -5.72 14.46 -25.78
CA ASP A 103 -6.97 14.94 -25.19
C ASP A 103 -6.81 15.50 -23.79
N LYS A 104 -5.63 15.35 -23.19
CA LYS A 104 -5.42 15.73 -21.80
C LYS A 104 -4.91 17.16 -21.70
N ILE A 105 -5.57 17.95 -20.86
CA ILE A 105 -5.12 19.29 -20.52
C ILE A 105 -4.98 19.36 -19.00
N LEU A 106 -3.80 19.76 -18.53
CA LEU A 106 -3.54 19.88 -17.10
C LEU A 106 -3.17 21.33 -16.79
N ALA A 107 -3.97 21.97 -15.94
CA ALA A 107 -3.71 23.32 -15.45
C ALA A 107 -3.55 23.28 -13.95
N CYS A 108 -2.86 24.28 -13.41
CA CYS A 108 -2.51 24.28 -11.99
C CYS A 108 -2.58 25.69 -11.42
N ALA A 109 -2.99 25.76 -10.15
CA ALA A 109 -3.05 27.00 -9.38
C ALA A 109 -2.04 26.93 -8.25
N PRO A 110 -0.80 27.38 -8.46
CA PRO A 110 0.24 27.18 -7.43
C PRO A 110 0.05 28.02 -6.17
N LEU A 111 -0.84 29.01 -6.16
CA LEU A 111 -1.10 29.80 -4.96
C LEU A 111 -2.46 29.48 -4.34
N TYR A 112 -3.00 28.31 -4.66
CA TYR A 112 -4.22 27.83 -4.00
C TYR A 112 -3.93 27.49 -2.55
N HIS A 113 -4.85 27.87 -1.66
CA HIS A 113 -4.72 27.63 -0.24
C HIS A 113 -5.87 26.78 0.26
N TRP A 114 -5.62 26.02 1.32
CA TRP A 114 -6.66 25.27 2.02
C TRP A 114 -6.35 25.29 3.51
N ARG A 115 -7.38 25.14 4.32
CA ARG A 115 -7.23 25.34 5.75
C ARG A 115 -6.58 24.15 6.45
N THR A 116 -6.73 22.95 5.89
CA THR A 116 -6.29 21.70 6.50
C THR A 116 -7.42 21.11 7.34
N GLU A 117 -7.40 19.80 7.57
CA GLU A 117 -8.51 19.13 8.23
C GLU A 117 -8.36 19.10 9.75
N MET A 118 -7.27 19.62 10.31
CA MET A 118 -7.07 19.58 11.76
C MET A 118 -7.13 20.95 12.43
N LYS A 119 -6.80 22.03 11.72
CA LYS A 119 -6.84 23.36 12.30
C LYS A 119 -7.16 24.37 11.20
N GLN A 120 -7.45 25.60 11.63
CA GLN A 120 -7.86 26.68 10.74
C GLN A 120 -6.62 27.44 10.28
N GLU A 121 -6.10 27.06 9.12
CA GLU A 121 -4.93 27.73 8.56
C GLU A 121 -5.19 28.18 7.14
N ARG A 122 -4.14 28.60 6.43
CA ARG A 122 -4.21 28.89 5.00
C ARG A 122 -2.85 28.53 4.43
N GLU A 123 -2.73 27.33 3.88
CA GLU A 123 -1.45 26.79 3.46
C GLU A 123 -1.43 26.57 1.96
N PRO A 124 -0.45 27.12 1.23
CA PRO A 124 -0.45 27.01 -0.24
C PRO A 124 0.05 25.66 -0.75
N VAL A 125 -0.82 24.65 -0.60
CA VAL A 125 -0.50 23.32 -1.09
C VAL A 125 -0.52 23.25 -2.61
N GLY A 126 -1.11 24.23 -3.28
CA GLY A 126 -1.26 24.17 -4.71
C GLY A 126 -2.23 23.09 -5.14
N THR A 127 -2.85 23.27 -6.31
CA THR A 127 -3.81 22.31 -6.84
C THR A 127 -3.75 22.34 -8.36
N CYS A 128 -4.36 21.33 -8.98
CA CYS A 128 -4.43 21.24 -10.42
C CYS A 128 -5.76 20.64 -10.83
N PHE A 129 -6.13 20.87 -12.09
CA PHE A 129 -7.33 20.29 -12.68
C PHE A 129 -6.96 19.66 -14.01
N LEU A 130 -7.29 18.38 -14.16
CA LEU A 130 -6.96 17.61 -15.35
C LEU A 130 -8.24 17.30 -16.11
N GLN A 131 -8.19 17.46 -17.43
CA GLN A 131 -9.36 17.27 -18.29
C GLN A 131 -8.96 16.39 -19.47
N ASP A 132 -9.63 15.24 -19.62
CA ASP A 132 -9.47 14.43 -20.82
C ASP A 132 -10.67 14.69 -21.73
N GLY A 133 -11.05 13.69 -22.52
CA GLY A 133 -12.19 13.82 -23.40
C GLY A 133 -13.37 14.52 -22.75
N THR A 134 -13.98 13.88 -21.75
CA THR A 134 -15.14 14.42 -21.08
C THR A 134 -14.88 14.73 -19.62
N LYS A 135 -14.25 13.81 -18.88
CA LYS A 135 -14.08 13.96 -17.45
C LYS A 135 -13.22 15.18 -17.14
N THR A 136 -13.38 15.68 -15.91
CA THR A 136 -12.55 16.77 -15.39
C THR A 136 -12.36 16.51 -13.90
N VAL A 137 -11.13 16.22 -13.50
CA VAL A 137 -10.83 15.83 -12.14
C VAL A 137 -9.86 16.85 -11.54
N GLU A 138 -9.75 16.82 -10.21
CA GLU A 138 -8.81 17.64 -9.48
C GLU A 138 -7.66 16.78 -8.99
N TYR A 139 -6.47 17.38 -8.92
CA TYR A 139 -5.23 16.68 -8.57
C TYR A 139 -4.43 17.58 -7.64
N ALA A 140 -4.43 17.24 -6.35
CA ALA A 140 -3.71 18.01 -5.33
C ALA A 140 -2.86 17.06 -4.52
N PRO A 141 -1.77 16.54 -5.09
CA PRO A 141 -0.94 15.56 -4.36
C PRO A 141 -0.19 16.15 -3.18
N CYS A 142 -0.22 17.46 -3.00
CA CYS A 142 0.47 18.10 -1.89
C CYS A 142 -0.46 18.53 -0.76
N ARG A 143 -1.78 18.47 -0.96
CA ARG A 143 -2.72 18.64 0.14
C ARG A 143 -2.98 17.25 0.72
N SER A 144 -2.47 17.02 1.92
CA SER A 144 -2.45 15.68 2.50
C SER A 144 -2.45 15.84 4.02
N GLN A 145 -2.04 14.78 4.72
CA GLN A 145 -1.94 14.84 6.17
C GLN A 145 -0.64 15.49 6.63
N ASP A 146 0.40 15.50 5.80
CA ASP A 146 1.69 16.10 6.17
C ASP A 146 1.59 17.61 5.93
N ILE A 147 1.01 18.31 6.90
CA ILE A 147 0.68 19.72 6.75
C ILE A 147 1.80 20.60 7.28
N ASP A 148 1.65 21.91 7.11
CA ASP A 148 2.61 22.91 7.57
C ASP A 148 3.95 22.80 6.85
N ALA A 149 4.82 23.79 7.06
CA ALA A 149 6.09 23.84 6.35
C ALA A 149 6.92 22.58 6.59
N ASP A 150 6.80 21.97 7.76
CA ASP A 150 7.52 20.73 8.02
C ASP A 150 7.19 19.66 6.99
N GLY A 151 6.05 19.78 6.32
CA GLY A 151 5.67 18.85 5.28
C GLY A 151 5.25 19.57 4.01
N GLN A 152 4.09 19.17 3.47
CA GLN A 152 3.62 19.69 2.20
C GLN A 152 2.69 20.88 2.35
N GLY A 153 2.76 21.59 3.48
CA GLY A 153 1.83 22.69 3.70
C GLY A 153 1.98 23.82 2.70
N PHE A 154 3.23 24.19 2.40
CA PHE A 154 3.53 25.29 1.49
C PHE A 154 4.13 24.78 0.18
N CYS A 155 3.77 23.55 -0.20
CA CYS A 155 4.41 22.89 -1.33
C CYS A 155 4.14 23.61 -2.64
N GLN A 156 2.98 24.25 -2.79
CA GLN A 156 2.61 24.93 -4.02
C GLN A 156 2.65 23.98 -5.22
N GLY A 157 2.12 22.77 -5.03
CA GLY A 157 2.10 21.79 -6.10
C GLY A 157 1.52 22.32 -7.37
N GLY A 158 2.17 22.05 -8.50
CA GLY A 158 1.78 22.61 -9.77
C GLY A 158 2.56 23.83 -10.18
N PHE A 159 3.53 24.26 -9.37
CA PHE A 159 4.39 25.37 -9.77
C PHE A 159 5.03 25.12 -11.12
N SER A 160 5.29 23.85 -11.45
CA SER A 160 5.74 23.46 -12.77
C SER A 160 5.27 22.03 -13.01
N ILE A 161 4.96 21.72 -14.26
CA ILE A 161 4.38 20.43 -14.63
C ILE A 161 4.93 19.99 -15.98
N ASP A 162 4.66 18.73 -16.31
CA ASP A 162 4.98 18.19 -17.63
C ASP A 162 4.32 16.81 -17.73
N PHE A 163 4.25 16.31 -18.96
CA PHE A 163 3.82 14.94 -19.24
C PHE A 163 5.02 14.10 -19.65
N THR A 164 4.88 12.79 -19.55
CA THR A 164 5.87 11.87 -20.09
C THR A 164 5.26 11.11 -21.26
N LYS A 165 6.14 10.59 -22.11
CA LYS A 165 5.69 9.85 -23.29
C LYS A 165 4.63 8.81 -22.97
N ALA A 166 4.66 8.26 -21.76
CA ALA A 166 3.78 7.17 -21.36
C ALA A 166 2.60 7.66 -20.52
N ASP A 167 2.08 8.85 -20.81
CA ASP A 167 0.92 9.40 -20.10
C ASP A 167 1.12 9.27 -18.58
N ARG A 168 2.06 10.08 -18.09
CA ARG A 168 2.37 10.15 -16.68
C ARG A 168 2.70 11.59 -16.35
N VAL A 169 2.05 12.13 -15.32
CA VAL A 169 2.19 13.54 -14.98
C VAL A 169 3.37 13.71 -14.03
N LEU A 170 4.22 14.70 -14.31
CA LEU A 170 5.32 15.08 -13.44
C LEU A 170 5.05 16.49 -12.90
N LEU A 171 5.05 16.63 -11.59
CA LEU A 171 4.70 17.88 -10.93
C LEU A 171 5.80 18.29 -9.96
N GLY A 172 6.08 19.58 -9.89
CA GLY A 172 7.08 20.13 -9.00
C GLY A 172 6.43 21.00 -7.92
N GLY A 173 6.87 20.79 -6.68
CA GLY A 173 6.41 21.58 -5.56
C GLY A 173 7.59 22.15 -4.80
N PRO A 174 7.94 23.41 -5.09
CA PRO A 174 9.18 23.97 -4.52
C PRO A 174 9.14 24.25 -3.03
N GLY A 175 8.00 24.05 -2.36
CA GLY A 175 7.88 24.45 -0.97
C GLY A 175 7.79 23.33 0.04
N SER A 176 7.86 22.09 -0.42
CA SER A 176 7.76 20.95 0.49
C SER A 176 8.96 20.89 1.41
N PHE A 177 8.71 20.50 2.66
CA PHE A 177 9.77 20.22 3.62
C PHE A 177 10.72 21.42 3.77
N TYR A 178 10.15 22.51 4.26
CA TYR A 178 10.88 23.78 4.40
C TYR A 178 11.60 24.15 3.11
N TRP A 179 10.82 24.15 2.02
CA TRP A 179 11.29 24.60 0.71
C TRP A 179 12.48 23.79 0.20
N GLN A 180 12.65 22.57 0.70
CA GLN A 180 13.51 21.62 0.04
C GLN A 180 13.00 21.28 -1.35
N GLY A 181 11.73 21.56 -1.63
CA GLY A 181 11.12 21.20 -2.89
C GLY A 181 10.74 19.73 -2.95
N GLN A 182 9.94 19.39 -3.96
CA GLN A 182 9.48 18.01 -4.10
C GLN A 182 9.02 17.79 -5.54
N LEU A 183 9.24 16.57 -6.01
CA LEU A 183 8.74 16.12 -7.30
C LEU A 183 7.78 14.97 -7.07
N ILE A 184 6.68 14.96 -7.81
CA ILE A 184 5.65 13.93 -7.68
C ILE A 184 5.27 13.49 -9.09
N SER A 185 5.18 12.18 -9.30
CA SER A 185 4.82 11.62 -10.59
C SER A 185 3.69 10.63 -10.40
N ASP A 186 2.59 10.83 -11.12
CA ASP A 186 1.40 9.99 -11.00
C ASP A 186 0.87 9.64 -12.38
N GLN A 187 0.45 8.39 -12.54
CA GLN A 187 -0.12 7.95 -13.79
C GLN A 187 -1.45 8.65 -14.03
N VAL A 188 -1.64 9.17 -15.25
CA VAL A 188 -2.90 9.84 -15.59
C VAL A 188 -4.07 8.93 -15.30
N ALA A 189 -3.95 7.65 -15.67
CA ALA A 189 -5.06 6.72 -15.46
C ALA A 189 -5.47 6.65 -13.99
N GLU A 190 -4.51 6.79 -13.07
CA GLU A 190 -4.84 6.73 -11.66
C GLU A 190 -5.37 8.07 -11.15
N ILE A 191 -4.82 9.19 -11.65
CA ILE A 191 -5.41 10.48 -11.30
C ILE A 191 -6.88 10.52 -11.70
N VAL A 192 -7.21 9.88 -12.82
CA VAL A 192 -8.60 9.80 -13.25
C VAL A 192 -9.37 8.85 -12.36
N SER A 193 -8.99 7.57 -12.36
CA SER A 193 -9.80 6.55 -11.70
C SER A 193 -9.96 6.85 -10.21
N LYS A 194 -8.86 7.17 -9.52
CA LYS A 194 -8.89 7.35 -8.08
C LYS A 194 -9.50 8.67 -7.64
N TYR A 195 -9.99 9.50 -8.55
CA TYR A 195 -10.58 10.77 -8.15
C TYR A 195 -11.86 10.54 -7.35
N ASP A 196 -12.07 11.39 -6.34
CA ASP A 196 -13.25 11.30 -5.49
C ASP A 196 -13.62 12.71 -5.07
N PRO A 197 -14.86 13.15 -5.31
CA PRO A 197 -15.21 14.54 -4.96
C PRO A 197 -15.24 14.81 -3.48
N ASN A 198 -15.33 13.77 -2.63
CA ASN A 198 -15.50 13.94 -1.20
C ASN A 198 -14.24 13.65 -0.40
N VAL A 199 -13.19 13.15 -1.03
CA VAL A 199 -11.89 12.94 -0.39
C VAL A 199 -10.96 14.05 -0.83
N TYR A 200 -10.35 14.74 0.13
CA TYR A 200 -9.49 15.88 -0.17
C TYR A 200 -8.03 15.49 -0.27
N SER A 201 -7.62 14.37 0.33
CA SER A 201 -6.26 13.86 0.23
C SER A 201 -6.35 12.47 -0.40
N ILE A 202 -6.44 12.45 -1.73
CA ILE A 202 -6.58 11.19 -2.45
C ILE A 202 -5.23 10.47 -2.46
N LYS A 203 -5.28 9.15 -2.36
CA LYS A 203 -4.07 8.32 -2.36
C LYS A 203 -4.00 7.58 -3.69
N TYR A 204 -2.88 7.74 -4.39
CA TYR A 204 -2.64 7.11 -5.68
C TYR A 204 -1.63 5.98 -5.50
N ASN A 205 -1.94 4.81 -6.06
CA ASN A 205 -1.15 3.62 -5.81
C ASN A 205 0.26 3.76 -6.37
N ASN A 206 0.39 3.85 -7.69
CA ASN A 206 1.70 3.88 -8.34
C ASN A 206 2.23 5.31 -8.42
N GLN A 207 2.32 5.95 -7.26
CA GLN A 207 2.87 7.30 -7.18
C GLN A 207 4.36 7.24 -6.89
N LEU A 208 5.09 8.16 -7.51
CA LEU A 208 6.51 8.34 -7.26
C LEU A 208 6.72 9.77 -6.76
N ALA A 209 7.44 9.92 -5.65
CA ALA A 209 7.66 11.23 -5.07
C ALA A 209 8.98 11.24 -4.31
N THR A 210 9.58 12.42 -4.21
CA THR A 210 10.84 12.58 -3.50
C THR A 210 10.59 12.62 -1.99
N ARG A 211 11.50 12.03 -1.24
CA ARG A 211 11.36 11.94 0.20
C ARG A 211 12.08 13.09 0.89
N THR A 212 11.45 13.61 1.95
CA THR A 212 12.05 14.68 2.73
C THR A 212 13.47 14.29 3.15
N ALA A 213 14.36 15.29 3.19
CA ALA A 213 15.77 15.04 3.42
C ALA A 213 16.30 15.87 4.59
N GLN A 214 17.62 15.92 4.74
CA GLN A 214 18.23 16.64 5.85
C GLN A 214 18.03 18.14 5.71
N ALA A 215 18.24 18.85 6.82
CA ALA A 215 18.00 20.29 6.85
C ALA A 215 19.00 21.06 6.00
N ILE A 216 20.18 20.49 5.72
CA ILE A 216 21.15 21.18 4.89
C ILE A 216 20.53 21.54 3.55
N PHE A 217 19.58 20.75 3.07
CA PHE A 217 18.93 20.99 1.79
C PHE A 217 17.76 21.95 1.89
N ASP A 218 17.52 22.53 3.06
CA ASP A 218 16.40 23.46 3.22
C ASP A 218 16.58 24.67 2.30
N ASP A 219 15.44 25.23 1.89
CA ASP A 219 15.40 26.43 1.05
C ASP A 219 16.24 26.22 -0.22
N SER A 220 15.94 25.14 -0.94
CA SER A 220 16.61 24.83 -2.19
C SER A 220 15.69 24.92 -3.41
N TYR A 221 14.38 24.80 -3.23
CA TYR A 221 13.40 25.05 -4.29
C TYR A 221 13.44 23.98 -5.37
N LEU A 222 13.63 22.72 -4.99
CA LEU A 222 13.49 21.63 -5.95
C LEU A 222 12.08 21.65 -6.54
N GLY A 223 11.99 21.44 -7.85
CA GLY A 223 10.72 21.51 -8.54
C GLY A 223 10.34 22.87 -9.05
N TYR A 224 11.21 23.88 -8.83
CA TYR A 224 10.98 25.20 -9.40
C TYR A 224 10.67 25.11 -10.88
N SER A 225 11.30 24.17 -11.58
CA SER A 225 11.09 23.95 -13.00
C SER A 225 11.37 22.49 -13.29
N VAL A 226 10.67 21.94 -14.30
CA VAL A 226 10.76 20.52 -14.59
C VAL A 226 10.86 20.29 -16.10
N ALA A 227 11.26 19.08 -16.46
CA ALA A 227 11.37 18.66 -17.85
C ALA A 227 11.56 17.14 -17.85
N VAL A 228 11.29 16.53 -19.00
CA VAL A 228 11.31 15.08 -19.11
C VAL A 228 12.20 14.67 -20.28
N GLY A 229 12.74 13.45 -20.19
CA GLY A 229 13.58 12.88 -21.22
C GLY A 229 14.34 11.69 -20.72
N ASP A 230 14.63 10.73 -21.59
CA ASP A 230 15.36 9.54 -21.20
C ASP A 230 16.84 9.86 -21.06
N PHE A 231 17.44 9.46 -19.93
CA PHE A 231 18.85 9.71 -19.69
C PHE A 231 19.56 8.48 -19.11
N ASN A 232 18.98 7.29 -19.28
CA ASN A 232 19.66 6.06 -18.91
C ASN A 232 19.44 4.96 -19.94
N GLY A 233 18.85 5.28 -21.09
CA GLY A 233 18.70 4.31 -22.16
C GLY A 233 17.65 3.25 -21.95
N ASP A 234 16.66 3.52 -21.10
CA ASP A 234 15.64 2.52 -20.77
C ASP A 234 14.37 2.68 -21.58
N GLY A 235 14.18 3.81 -22.26
CA GLY A 235 12.95 4.13 -22.94
C GLY A 235 11.96 4.91 -22.10
N ILE A 236 12.01 4.76 -20.79
CA ILE A 236 11.14 5.49 -19.87
C ILE A 236 11.67 6.90 -19.71
N ASP A 237 10.81 7.88 -19.93
CA ASP A 237 11.20 9.27 -19.73
C ASP A 237 11.60 9.51 -18.28
N ASP A 238 12.79 10.07 -18.08
CA ASP A 238 13.29 10.40 -16.76
C ASP A 238 12.97 11.84 -16.42
N PHE A 239 13.05 12.15 -15.13
CA PHE A 239 12.61 13.44 -14.61
C PHE A 239 13.81 14.37 -14.44
N VAL A 240 13.62 15.63 -14.82
CA VAL A 240 14.65 16.66 -14.69
C VAL A 240 14.02 17.86 -14.00
N SER A 241 14.70 18.39 -12.99
CA SER A 241 14.19 19.53 -12.25
C SER A 241 15.33 20.45 -11.84
N GLY A 242 15.02 21.75 -11.83
CA GLY A 242 15.99 22.75 -11.40
C GLY A 242 15.86 23.02 -9.92
N VAL A 243 17.00 23.26 -9.29
CA VAL A 243 17.06 23.55 -7.86
C VAL A 243 17.85 24.84 -7.69
N PRO A 244 17.25 25.99 -8.01
CA PRO A 244 18.05 27.22 -8.16
C PRO A 244 18.73 27.70 -6.89
N ARG A 245 18.23 27.32 -5.72
CA ARG A 245 18.82 27.74 -4.46
C ARG A 245 19.70 26.66 -3.81
N ALA A 246 19.81 25.50 -4.44
CA ALA A 246 20.64 24.44 -3.91
C ALA A 246 22.11 24.85 -3.92
N ALA A 247 22.93 24.07 -3.21
CA ALA A 247 24.38 24.26 -3.19
C ALA A 247 24.74 25.68 -2.79
N ARG A 248 24.08 26.17 -1.74
CA ARG A 248 24.35 27.51 -1.22
C ARG A 248 24.04 28.57 -2.28
N THR A 249 22.80 28.57 -2.74
CA THR A 249 22.31 29.47 -3.78
C THR A 249 23.18 29.41 -5.03
N LEU A 250 23.93 28.34 -5.19
CA LEU A 250 24.73 28.13 -6.39
C LEU A 250 23.95 27.40 -7.47
N GLY A 251 22.76 26.90 -7.15
CA GLY A 251 21.92 26.25 -8.13
C GLY A 251 22.36 24.84 -8.46
N MET A 252 21.40 23.98 -8.77
CA MET A 252 21.69 22.63 -9.23
C MET A 252 20.56 22.18 -10.13
N VAL A 253 20.74 21.01 -10.75
CA VAL A 253 19.69 20.37 -11.53
C VAL A 253 19.73 18.88 -11.24
N TYR A 254 18.68 18.36 -10.61
CA TYR A 254 18.58 16.94 -10.32
C TYR A 254 17.93 16.22 -11.49
N ILE A 255 18.40 15.01 -11.77
CA ILE A 255 17.77 14.11 -12.73
C ILE A 255 17.49 12.80 -12.02
N TYR A 256 16.21 12.43 -11.97
CA TYR A 256 15.77 11.22 -11.31
C TYR A 256 15.30 10.20 -12.34
N ASP A 257 15.48 8.93 -12.02
CA ASP A 257 14.96 7.86 -12.86
C ASP A 257 13.45 7.94 -12.92
N GLY A 258 12.90 7.88 -14.14
CA GLY A 258 11.47 7.95 -14.31
C GLY A 258 10.74 6.69 -13.90
N LYS A 259 11.47 5.62 -13.59
CA LYS A 259 10.87 4.35 -13.25
C LYS A 259 10.65 4.19 -11.74
N ASN A 260 11.56 4.74 -10.92
CA ASN A 260 11.40 4.61 -9.47
C ASN A 260 11.96 5.81 -8.70
N MET A 261 12.14 6.95 -9.34
CA MET A 261 12.57 8.18 -8.68
C MET A 261 13.90 7.98 -7.94
N SER A 262 14.80 7.22 -8.55
CA SER A 262 16.15 7.07 -8.04
C SER A 262 17.04 8.13 -8.69
N SER A 263 17.87 8.78 -7.87
CA SER A 263 18.75 9.82 -8.37
C SER A 263 19.65 9.25 -9.47
N LEU A 264 19.75 10.00 -10.58
CA LEU A 264 20.63 9.62 -11.69
C LEU A 264 21.80 10.58 -11.85
N TYR A 265 21.55 11.88 -11.91
CA TYR A 265 22.61 12.83 -12.22
C TYR A 265 22.38 14.15 -11.51
N ASN A 266 23.47 14.88 -11.32
CA ASN A 266 23.45 16.20 -10.70
C ASN A 266 24.26 17.16 -11.55
N PHE A 267 23.63 18.25 -11.99
CA PHE A 267 24.35 19.40 -12.50
C PHE A 267 24.43 20.44 -11.37
N THR A 268 25.59 21.10 -11.28
CA THR A 268 25.83 22.11 -10.27
C THR A 268 26.19 23.42 -10.97
N GLY A 269 25.64 24.53 -10.48
CA GLY A 269 25.95 25.82 -11.05
C GLY A 269 27.40 26.19 -10.87
N GLU A 270 27.77 27.39 -11.31
CA GLU A 270 29.12 27.91 -11.17
C GLU A 270 29.19 29.22 -10.40
N GLN A 271 28.20 30.07 -10.53
CA GLN A 271 28.17 31.39 -9.91
C GLN A 271 27.05 31.43 -8.87
N MET A 272 27.34 32.06 -7.74
CA MET A 272 26.35 32.16 -6.68
C MET A 272 25.25 33.15 -7.06
N ALA A 273 24.00 32.77 -6.78
CA ALA A 273 22.81 33.59 -6.99
C ALA A 273 22.50 33.84 -8.45
N ALA A 274 23.22 33.20 -9.37
CA ALA A 274 22.84 33.28 -10.78
C ALA A 274 21.52 32.58 -11.06
N TYR A 275 20.97 31.87 -10.07
CA TYR A 275 19.73 31.13 -10.23
C TYR A 275 19.86 30.06 -11.32
N PHE A 276 21.00 29.37 -11.32
CA PHE A 276 21.20 28.20 -12.17
C PHE A 276 20.10 27.17 -11.92
N GLY A 277 19.15 27.07 -12.84
CA GLY A 277 18.05 26.14 -12.69
C GLY A 277 16.70 26.79 -12.71
N PHE A 278 16.64 28.05 -13.15
CA PHE A 278 15.35 28.73 -13.27
C PHE A 278 14.50 28.10 -14.37
N SER A 279 15.12 27.80 -15.51
CA SER A 279 14.44 27.13 -16.60
C SER A 279 15.22 25.90 -17.00
N VAL A 280 14.51 24.87 -17.46
CA VAL A 280 15.11 23.61 -17.88
C VAL A 280 14.36 23.09 -19.09
N ALA A 281 15.11 22.44 -19.99
CA ALA A 281 14.52 21.83 -21.18
C ALA A 281 15.36 20.62 -21.55
N ALA A 282 14.75 19.69 -22.29
CA ALA A 282 15.41 18.46 -22.72
C ALA A 282 15.01 18.15 -24.15
N THR A 283 16.00 17.98 -25.01
CA THR A 283 15.77 17.70 -26.43
C THR A 283 17.09 17.32 -27.07
N ASP A 284 17.03 16.44 -28.07
CA ASP A 284 18.21 16.03 -28.81
C ASP A 284 18.55 17.13 -29.82
N ILE A 285 19.62 17.89 -29.56
CA ILE A 285 19.95 19.03 -30.40
C ILE A 285 20.97 18.70 -31.48
N ASN A 286 21.69 17.58 -31.36
CA ASN A 286 22.70 17.20 -32.33
C ASN A 286 22.30 15.96 -33.12
N GLY A 287 21.01 15.63 -33.15
CA GLY A 287 20.54 14.51 -33.93
C GLY A 287 21.16 13.18 -33.59
N ASP A 288 21.75 13.04 -32.39
CA ASP A 288 22.36 11.80 -31.96
C ASP A 288 21.36 10.85 -31.31
N ASP A 289 20.07 11.19 -31.31
CA ASP A 289 19.05 10.41 -30.63
C ASP A 289 19.36 10.24 -29.14
N TYR A 290 20.05 11.21 -28.56
CA TYR A 290 20.33 11.24 -27.12
C TYR A 290 19.86 12.58 -26.57
N ALA A 291 18.90 12.54 -25.65
CA ALA A 291 18.34 13.76 -25.11
C ALA A 291 19.42 14.62 -24.47
N ASP A 292 19.47 15.89 -24.88
CA ASP A 292 20.42 16.85 -24.34
C ASP A 292 19.69 17.79 -23.37
N VAL A 293 20.46 18.37 -22.46
CA VAL A 293 19.90 19.13 -21.34
C VAL A 293 20.32 20.59 -21.46
N PHE A 294 19.33 21.48 -21.46
CA PHE A 294 19.55 22.92 -21.47
C PHE A 294 19.11 23.50 -20.14
N ILE A 295 19.98 24.27 -19.51
CA ILE A 295 19.75 24.78 -18.16
C ILE A 295 19.99 26.28 -18.15
N GLY A 296 19.01 27.04 -17.64
CA GLY A 296 19.06 28.49 -17.66
C GLY A 296 19.49 29.08 -16.33
N ALA A 297 20.22 30.20 -16.41
CA ALA A 297 20.63 30.97 -15.24
C ALA A 297 20.45 32.44 -15.58
N PRO A 298 19.23 32.95 -15.50
CA PRO A 298 18.95 34.28 -16.06
C PRO A 298 19.74 35.40 -15.40
N LEU A 299 20.23 35.21 -14.18
CA LEU A 299 20.91 36.27 -13.44
C LEU A 299 22.42 36.16 -13.52
N PHE A 300 22.94 35.33 -14.42
CA PHE A 300 24.38 35.13 -14.51
C PHE A 300 25.08 36.43 -14.88
N MET A 301 26.26 36.64 -14.31
CA MET A 301 27.09 37.80 -14.59
C MET A 301 28.38 37.32 -15.26
N ASP A 302 28.74 37.96 -16.37
CA ASP A 302 29.96 37.65 -17.08
C ASP A 302 30.97 38.77 -16.92
N ARG A 303 32.24 38.40 -16.82
CA ARG A 303 33.35 39.35 -16.74
C ARG A 303 34.04 39.38 -18.09
N GLY A 304 33.93 40.50 -18.80
CA GLY A 304 34.49 40.64 -20.11
C GLY A 304 35.85 41.31 -20.09
N SER A 305 36.14 42.05 -21.17
CA SER A 305 37.44 42.71 -21.30
C SER A 305 37.75 43.58 -20.09
N ASP A 306 36.85 44.51 -19.79
CA ASP A 306 37.12 45.56 -18.82
C ASP A 306 36.95 45.11 -17.37
N GLY A 307 36.74 43.82 -17.12
CA GLY A 307 36.56 43.31 -15.79
C GLY A 307 35.21 43.59 -15.18
N LYS A 308 34.47 44.59 -15.67
CA LYS A 308 33.15 44.89 -15.14
C LYS A 308 32.22 43.70 -15.33
N LEU A 309 31.62 43.25 -14.23
CA LEU A 309 30.66 42.17 -14.30
C LEU A 309 29.35 42.67 -14.88
N GLN A 310 28.85 41.98 -15.90
CA GLN A 310 27.64 42.38 -16.61
C GLN A 310 26.63 41.24 -16.51
N GLU A 311 25.50 41.52 -15.86
CA GLU A 311 24.44 40.53 -15.70
C GLU A 311 23.75 40.32 -17.04
N VAL A 312 24.03 39.18 -17.68
CA VAL A 312 23.53 38.93 -19.03
C VAL A 312 22.80 37.59 -19.09
N GLY A 313 22.92 36.79 -18.03
CA GLY A 313 22.37 35.45 -18.03
C GLY A 313 23.22 34.49 -18.83
N GLN A 314 22.91 33.21 -18.68
CA GLN A 314 23.71 32.17 -19.33
C GLN A 314 22.90 30.89 -19.38
N VAL A 315 23.12 30.12 -20.45
CA VAL A 315 22.47 28.83 -20.65
C VAL A 315 23.55 27.78 -20.87
N SER A 316 23.46 26.68 -20.14
CA SER A 316 24.40 25.58 -20.28
C SER A 316 23.77 24.52 -21.17
N VAL A 317 24.50 24.12 -22.21
CA VAL A 317 24.05 23.10 -23.15
C VAL A 317 24.87 21.85 -22.90
N SER A 318 24.26 20.83 -22.30
CA SER A 318 24.93 19.59 -21.94
C SER A 318 24.45 18.50 -22.88
N LEU A 319 25.34 18.05 -23.76
CA LEU A 319 25.00 16.99 -24.70
C LEU A 319 25.26 15.63 -24.06
N GLN A 320 24.26 14.76 -24.08
CA GLN A 320 24.41 13.43 -23.53
C GLN A 320 25.24 12.57 -24.48
N ARG A 321 26.10 11.74 -23.91
CA ARG A 321 26.87 10.77 -24.67
C ARG A 321 26.53 9.37 -24.20
N ALA A 322 26.72 8.39 -25.09
CA ALA A 322 26.39 7.02 -24.76
C ALA A 322 27.09 6.55 -23.49
N SER A 323 28.28 7.09 -23.21
CA SER A 323 29.02 6.69 -22.02
C SER A 323 28.20 6.91 -20.76
N GLY A 324 27.56 8.08 -20.66
CA GLY A 324 26.75 8.40 -19.51
C GLY A 324 26.91 9.84 -19.07
N ASP A 325 28.15 10.34 -19.12
CA ASP A 325 28.43 11.72 -18.73
C ASP A 325 27.90 12.64 -19.83
N PHE A 326 28.23 13.93 -19.73
CA PHE A 326 27.77 14.93 -20.67
C PHE A 326 28.93 15.77 -21.17
N GLN A 327 28.79 16.29 -22.39
CA GLN A 327 29.72 17.27 -22.94
C GLN A 327 29.04 18.63 -22.84
N THR A 328 29.49 19.45 -21.90
CA THR A 328 28.80 20.70 -21.57
C THR A 328 29.50 21.88 -22.22
N THR A 329 28.69 22.77 -22.79
CA THR A 329 29.16 24.01 -23.39
C THR A 329 28.21 25.11 -22.95
N LYS A 330 28.75 26.27 -22.61
CA LYS A 330 27.95 27.36 -22.10
C LYS A 330 27.69 28.41 -23.17
N LEU A 331 26.71 29.28 -22.89
CA LEU A 331 26.21 30.23 -23.88
C LEU A 331 25.69 31.45 -23.12
N ASN A 332 26.46 32.52 -23.15
CA ASN A 332 26.10 33.72 -22.40
C ASN A 332 25.05 34.53 -23.16
N GLY A 333 24.47 35.49 -22.45
CA GLY A 333 23.52 36.40 -23.05
C GLY A 333 24.22 37.45 -23.89
N PHE A 334 23.44 38.45 -24.30
CA PHE A 334 23.95 39.53 -25.13
C PHE A 334 23.69 40.90 -24.55
N GLU A 335 22.52 41.12 -23.95
CA GLU A 335 22.14 42.41 -23.41
C GLU A 335 22.09 42.34 -21.88
N VAL A 336 22.58 43.38 -21.22
CA VAL A 336 22.60 43.42 -19.77
C VAL A 336 21.19 43.56 -19.23
N PHE A 337 20.93 42.89 -18.11
CA PHE A 337 19.64 42.92 -17.42
C PHE A 337 18.50 42.35 -18.26
N ALA A 338 18.80 41.72 -19.38
CA ALA A 338 17.77 41.13 -20.23
C ALA A 338 17.34 39.75 -19.73
N ARG A 339 18.10 39.14 -18.83
CA ARG A 339 17.76 37.83 -18.28
C ARG A 339 17.63 36.79 -19.38
N PHE A 340 18.64 36.76 -20.25
CA PHE A 340 18.75 35.71 -21.24
C PHE A 340 18.74 34.34 -20.58
N GLY A 341 17.83 33.49 -21.02
CA GLY A 341 17.63 32.18 -20.41
C GLY A 341 16.44 32.09 -19.48
N SER A 342 15.60 33.13 -19.42
CA SER A 342 14.39 33.06 -18.60
C SER A 342 13.50 31.91 -19.04
N ALA A 343 13.30 31.78 -20.35
CA ALA A 343 12.49 30.72 -20.92
C ALA A 343 13.28 29.98 -21.98
N ILE A 344 13.17 28.66 -21.99
CA ILE A 344 13.83 27.81 -22.98
C ILE A 344 12.76 26.91 -23.58
N ALA A 345 12.58 26.99 -24.90
CA ALA A 345 11.52 26.26 -25.59
C ALA A 345 12.08 25.45 -26.75
N PRO A 346 12.10 24.12 -26.67
CA PRO A 346 12.42 23.34 -27.87
C PRO A 346 11.42 23.61 -28.97
N LEU A 347 11.91 23.65 -30.21
CA LEU A 347 11.10 23.96 -31.37
C LEU A 347 10.94 22.80 -32.34
N GLY A 348 11.59 21.68 -32.08
CA GLY A 348 11.66 20.64 -33.07
C GLY A 348 12.65 21.05 -34.16
N ASP A 349 12.45 20.47 -35.34
CA ASP A 349 13.27 20.82 -36.50
C ASP A 349 12.59 22.01 -37.18
N LEU A 350 12.91 23.21 -36.71
CA LEU A 350 12.26 24.41 -37.23
C LEU A 350 12.51 24.56 -38.72
N ASP A 351 13.77 24.50 -39.14
CA ASP A 351 14.11 24.59 -40.56
C ASP A 351 14.04 23.25 -41.26
N GLN A 352 13.67 22.19 -40.56
CA GLN A 352 13.60 20.84 -41.14
C GLN A 352 14.90 20.49 -41.86
N ASP A 353 16.03 20.83 -41.23
CA ASP A 353 17.34 20.49 -41.78
C ASP A 353 17.83 19.13 -41.32
N GLY A 354 17.18 18.51 -40.33
CA GLY A 354 17.60 17.24 -39.80
C GLY A 354 18.12 17.30 -38.37
N PHE A 355 18.25 18.49 -37.80
CA PHE A 355 18.68 18.67 -36.42
C PHE A 355 17.67 19.56 -35.71
N ASN A 356 17.23 19.14 -34.53
CA ASN A 356 16.28 19.95 -33.78
C ASN A 356 16.89 21.30 -33.46
N ASP A 357 16.02 22.27 -33.22
CA ASP A 357 16.40 23.64 -32.93
C ASP A 357 15.82 24.02 -31.57
N ILE A 358 16.09 25.25 -31.13
CA ILE A 358 15.68 25.68 -29.81
C ILE A 358 15.59 27.20 -29.79
N ALA A 359 14.73 27.72 -28.92
CA ALA A 359 14.56 29.14 -28.72
C ALA A 359 14.89 29.48 -27.27
N ILE A 360 15.55 30.61 -27.06
CA ILE A 360 15.92 31.07 -25.73
C ILE A 360 15.47 32.53 -25.59
N ALA A 361 14.83 32.84 -24.47
CA ALA A 361 14.17 34.12 -24.28
C ALA A 361 15.03 35.07 -23.44
N ALA A 362 14.91 36.34 -23.75
CA ALA A 362 15.45 37.43 -22.94
C ALA A 362 14.32 38.42 -22.70
N PRO A 363 13.37 38.06 -21.82
CA PRO A 363 12.10 38.81 -21.75
C PRO A 363 12.26 40.29 -21.45
N TYR A 364 13.43 40.73 -21.02
CA TYR A 364 13.66 42.11 -20.62
C TYR A 364 14.78 42.74 -21.43
N GLY A 365 14.83 42.41 -22.72
CA GLY A 365 15.85 42.93 -23.62
C GLY A 365 15.24 43.64 -24.81
N GLY A 366 16.11 44.26 -25.60
CA GLY A 366 15.68 44.99 -26.77
C GLY A 366 15.40 46.44 -26.46
N GLU A 367 14.95 47.15 -27.50
CA GLU A 367 14.57 48.54 -27.33
C GLU A 367 13.40 48.65 -26.37
N ASP A 368 13.60 49.44 -25.31
CA ASP A 368 12.54 49.69 -24.32
C ASP A 368 12.13 48.43 -23.57
N LYS A 369 13.01 47.43 -23.52
CA LYS A 369 12.73 46.21 -22.76
C LYS A 369 11.47 45.51 -23.25
N LYS A 370 11.21 45.56 -24.55
CA LYS A 370 10.05 44.87 -25.10
C LYS A 370 10.17 43.36 -25.00
N GLY A 371 11.39 42.84 -24.82
CA GLY A 371 11.61 41.41 -24.75
C GLY A 371 12.04 40.83 -26.08
N ILE A 372 12.92 39.83 -26.06
CA ILE A 372 13.46 39.22 -27.27
C ILE A 372 13.42 37.71 -27.13
N VAL A 373 13.34 37.03 -28.27
CA VAL A 373 13.48 35.59 -28.35
C VAL A 373 14.50 35.28 -29.42
N TYR A 374 15.61 34.64 -29.03
CA TYR A 374 16.61 34.19 -29.97
C TYR A 374 16.33 32.75 -30.39
N ILE A 375 16.63 32.44 -31.64
CA ILE A 375 16.50 31.09 -32.17
C ILE A 375 17.89 30.56 -32.50
N PHE A 376 18.14 29.31 -32.12
CA PHE A 376 19.40 28.64 -32.38
C PHE A 376 19.13 27.31 -33.09
N ASN A 377 19.96 26.98 -34.07
CA ASN A 377 19.81 25.76 -34.85
C ASN A 377 20.80 24.71 -34.38
N GLY A 378 20.32 23.47 -34.26
CA GLY A 378 21.19 22.38 -33.89
C GLY A 378 21.98 21.86 -35.06
N ARG A 379 23.17 21.34 -34.77
CA ARG A 379 24.06 20.79 -35.76
C ARG A 379 24.61 19.47 -35.25
N SER A 380 25.23 18.70 -36.16
CA SER A 380 25.87 17.46 -35.75
C SER A 380 26.85 17.70 -34.61
N THR A 381 27.56 18.82 -34.64
CA THR A 381 28.55 19.16 -33.63
C THR A 381 27.92 19.69 -32.35
N GLY A 382 26.60 19.85 -32.30
CA GLY A 382 25.93 20.41 -31.15
C GLY A 382 25.00 21.55 -31.53
N LEU A 383 25.00 22.63 -30.74
CA LEU A 383 24.16 23.78 -31.02
C LEU A 383 24.99 24.88 -31.64
N ASN A 384 24.49 25.45 -32.73
CA ASN A 384 25.12 26.61 -33.35
C ASN A 384 24.94 27.81 -32.43
N ALA A 385 26.04 28.31 -31.87
CA ALA A 385 25.97 29.34 -30.85
C ALA A 385 25.58 30.71 -31.39
N VAL A 386 25.46 30.86 -32.70
CA VAL A 386 25.08 32.13 -33.32
C VAL A 386 23.60 32.05 -33.66
N PRO A 387 22.75 32.89 -33.07
CA PRO A 387 21.31 32.78 -33.34
C PRO A 387 20.98 33.15 -34.77
N SER A 388 20.15 32.32 -35.40
CA SER A 388 19.74 32.52 -36.78
C SER A 388 18.53 33.44 -36.92
N GLN A 389 17.90 33.83 -35.82
CA GLN A 389 16.72 34.68 -35.87
C GLN A 389 16.52 35.34 -34.52
N ILE A 390 15.98 36.56 -34.56
CA ILE A 390 15.74 37.35 -33.36
C ILE A 390 14.34 37.93 -33.44
N LEU A 391 13.48 37.54 -32.51
CA LEU A 391 12.10 37.99 -32.48
C LEU A 391 11.94 39.05 -31.39
N GLU A 392 11.33 40.18 -31.75
CA GLU A 392 11.21 41.33 -30.86
C GLU A 392 9.75 41.60 -30.54
N GLY A 393 9.48 41.92 -29.27
CA GLY A 393 8.15 42.34 -28.89
C GLY A 393 7.78 43.66 -29.53
N GLN A 394 6.48 43.86 -29.73
CA GLN A 394 5.97 45.05 -30.41
C GLN A 394 5.01 45.83 -29.52
N TRP A 395 5.23 45.79 -28.21
CA TRP A 395 4.41 46.51 -27.26
C TRP A 395 5.29 47.05 -26.14
N ALA A 396 4.86 48.18 -25.57
CA ALA A 396 5.59 48.84 -24.50
C ALA A 396 4.88 48.61 -23.17
N ALA A 397 5.55 49.05 -22.10
CA ALA A 397 5.00 48.91 -20.75
C ALA A 397 3.61 49.52 -20.67
N ARG A 398 2.59 48.68 -20.65
CA ARG A 398 1.23 49.16 -20.43
C ARG A 398 1.07 49.69 -19.01
N SER A 399 1.47 48.88 -18.03
CA SER A 399 1.47 49.30 -16.63
C SER A 399 2.52 48.48 -15.89
N GLY A 400 3.02 49.05 -14.80
CA GLY A 400 4.00 48.40 -13.94
C GLY A 400 4.88 47.35 -14.60
N CYS A 401 4.32 46.16 -14.79
CA CYS A 401 5.12 45.01 -15.21
C CYS A 401 5.55 45.17 -16.67
N PRO A 402 6.82 44.92 -16.99
CA PRO A 402 7.26 45.03 -18.39
C PRO A 402 6.53 44.05 -19.28
N PRO A 403 6.52 44.30 -20.59
CA PRO A 403 5.86 43.36 -21.52
C PRO A 403 6.15 41.90 -21.26
N SER A 404 7.42 41.55 -21.03
CA SER A 404 7.82 40.17 -20.75
C SER A 404 7.60 39.26 -21.95
N PHE A 405 7.77 39.79 -23.15
CA PHE A 405 7.71 38.97 -24.37
C PHE A 405 8.79 37.91 -24.33
N GLY A 406 8.37 36.65 -24.34
CA GLY A 406 9.27 35.52 -24.26
C GLY A 406 9.33 34.84 -22.91
N TYR A 407 8.78 35.48 -21.87
CA TYR A 407 8.77 34.86 -20.55
C TYR A 407 8.22 33.45 -20.61
N SER A 408 7.24 33.22 -21.47
CA SER A 408 6.69 31.90 -21.72
C SER A 408 6.60 31.69 -23.23
N MET A 409 6.76 30.44 -23.64
CA MET A 409 6.70 30.12 -25.06
C MET A 409 6.79 28.61 -25.22
N LYS A 410 6.11 28.10 -26.25
CA LYS A 410 6.06 26.68 -26.53
C LYS A 410 6.09 26.47 -28.04
N GLY A 411 6.85 25.47 -28.49
CA GLY A 411 6.95 25.18 -29.89
C GLY A 411 6.83 23.68 -30.18
N ALA A 412 7.42 23.28 -31.32
CA ALA A 412 7.49 21.87 -31.72
C ALA A 412 6.14 21.32 -32.17
N THR A 413 5.21 22.17 -32.55
CA THR A 413 3.90 21.75 -33.04
C THR A 413 3.60 22.47 -34.35
N ASP A 414 3.20 21.71 -35.37
CA ASP A 414 2.91 22.25 -36.70
C ASP A 414 1.41 22.48 -36.78
N ILE A 415 0.98 23.69 -36.37
CA ILE A 415 -0.44 23.96 -36.24
C ILE A 415 -1.10 24.17 -37.60
N ASP A 416 -0.38 24.75 -38.56
CA ASP A 416 -0.89 24.93 -39.91
C ASP A 416 -0.67 23.71 -40.80
N LYS A 417 0.15 22.76 -40.35
CA LYS A 417 0.39 21.52 -41.09
C LYS A 417 1.07 21.79 -42.43
N ASN A 418 2.11 22.64 -42.39
CA ASN A 418 2.93 22.92 -43.55
C ASN A 418 4.24 22.16 -43.52
N GLY A 419 4.39 21.20 -42.59
CA GLY A 419 5.60 20.41 -42.48
C GLY A 419 6.63 20.93 -41.51
N TYR A 420 6.40 22.08 -40.90
CA TYR A 420 7.38 22.71 -40.03
C TYR A 420 6.72 23.07 -38.70
N PRO A 421 7.40 22.85 -37.58
CA PRO A 421 6.84 23.28 -36.29
C PRO A 421 6.81 24.79 -36.19
N ASP A 422 5.90 25.26 -35.35
CA ASP A 422 5.68 26.69 -35.14
C ASP A 422 5.96 27.02 -33.68
N LEU A 423 5.66 28.27 -33.29
CA LEU A 423 6.03 28.74 -31.96
C LEU A 423 4.99 29.71 -31.42
N ILE A 424 4.69 29.58 -30.14
CA ILE A 424 3.86 30.54 -29.40
C ILE A 424 4.78 31.28 -28.43
N VAL A 425 4.57 32.59 -28.31
CA VAL A 425 5.35 33.41 -27.41
C VAL A 425 4.39 34.29 -26.60
N GLY A 426 4.47 34.19 -25.28
CA GLY A 426 3.62 34.96 -24.40
C GLY A 426 4.29 36.24 -23.93
N ALA A 427 3.47 37.26 -23.72
CA ALA A 427 3.93 38.54 -23.16
C ALA A 427 2.84 38.98 -22.18
N PHE A 428 2.93 38.48 -20.94
CA PHE A 428 1.83 38.68 -19.99
C PHE A 428 1.76 40.12 -19.51
N GLY A 429 2.90 40.81 -19.45
CA GLY A 429 2.87 42.21 -19.03
C GLY A 429 1.98 43.09 -19.87
N VAL A 430 1.61 42.63 -21.06
CA VAL A 430 0.70 43.32 -21.96
C VAL A 430 -0.50 42.46 -22.32
N ASP A 431 -0.62 41.28 -21.72
CA ASP A 431 -1.79 40.43 -21.87
C ASP A 431 -1.95 39.96 -23.32
N ARG A 432 -0.87 39.45 -23.89
CA ARG A 432 -0.87 39.04 -25.29
C ARG A 432 -0.12 37.72 -25.46
N ALA A 433 -0.45 37.03 -26.54
CA ALA A 433 0.23 35.83 -26.98
C ALA A 433 0.32 35.86 -28.50
N ILE A 434 1.48 35.47 -29.04
CA ILE A 434 1.75 35.60 -30.46
C ILE A 434 2.16 34.23 -30.99
N LEU A 435 1.59 33.84 -32.13
CA LEU A 435 1.94 32.62 -32.83
C LEU A 435 2.76 32.99 -34.06
N TYR A 436 4.04 32.62 -34.05
CA TYR A 436 4.92 32.76 -35.20
C TYR A 436 4.94 31.45 -35.96
N ARG A 437 4.70 31.51 -37.27
CA ARG A 437 4.59 30.32 -38.10
C ARG A 437 5.84 30.17 -38.96
N ALA A 438 6.27 28.92 -39.14
CA ALA A 438 7.52 28.63 -39.83
C ALA A 438 7.30 28.61 -41.33
N ARG A 439 8.08 29.42 -42.06
CA ARG A 439 7.99 29.46 -43.51
C ARG A 439 8.76 28.29 -44.11
N PRO A 440 8.23 27.65 -45.15
CA PRO A 440 8.95 26.51 -45.73
C PRO A 440 10.26 26.96 -46.37
N VAL A 441 11.31 26.15 -46.18
CA VAL A 441 12.65 26.48 -46.61
C VAL A 441 12.90 25.85 -47.97
N ILE A 442 13.40 26.66 -48.90
CA ILE A 442 13.74 26.20 -50.25
C ILE A 442 15.26 26.18 -50.37
N THR A 443 15.80 25.07 -50.89
CA THR A 443 17.22 24.96 -51.22
C THR A 443 17.38 25.10 -52.72
N VAL A 444 18.29 25.99 -53.13
CA VAL A 444 18.47 26.35 -54.54
C VAL A 444 19.89 25.99 -54.96
N ASN A 445 20.01 25.31 -56.09
CA ASN A 445 21.29 25.01 -56.71
C ASN A 445 21.40 25.86 -57.97
N ALA A 446 22.42 26.71 -58.02
CA ALA A 446 22.68 27.57 -59.17
C ALA A 446 23.97 27.16 -59.86
N GLY A 447 23.97 27.28 -61.18
CA GLY A 447 25.15 26.97 -61.96
C GLY A 447 25.40 28.06 -62.98
N LEU A 448 26.69 28.29 -63.25
CA LEU A 448 27.11 29.34 -64.18
C LEU A 448 28.34 28.86 -64.91
N GLU A 449 28.27 28.79 -66.24
CA GLU A 449 29.39 28.36 -67.05
C GLU A 449 29.68 29.42 -68.11
N VAL A 450 30.97 29.57 -68.42
CA VAL A 450 31.44 30.53 -69.41
C VAL A 450 32.37 29.78 -70.35
N TYR A 451 32.02 29.75 -71.64
CA TYR A 451 32.84 29.06 -72.62
C TYR A 451 32.86 29.85 -73.93
N PRO A 452 34.04 30.18 -74.47
CA PRO A 452 35.37 29.89 -73.87
C PRO A 452 35.70 30.83 -72.73
N SER A 453 36.42 30.33 -71.72
CA SER A 453 36.81 31.16 -70.59
C SER A 453 37.87 32.19 -71.02
N ILE A 454 38.86 31.74 -71.79
CA ILE A 454 39.91 32.63 -72.28
C ILE A 454 39.47 33.18 -73.63
N LEU A 455 39.28 34.49 -73.70
CA LEU A 455 38.79 35.14 -74.91
C LEU A 455 39.94 35.49 -75.84
N ASN A 456 39.61 35.69 -77.11
CA ASN A 456 40.59 36.02 -78.14
C ASN A 456 40.06 37.23 -78.89
N GLN A 457 40.72 38.38 -78.71
CA GLN A 457 40.19 39.63 -79.22
C GLN A 457 40.11 39.63 -80.74
N ASP A 458 41.04 38.97 -81.42
CA ASP A 458 41.06 38.90 -82.87
C ASP A 458 40.27 37.71 -83.41
N ASN A 459 39.49 37.02 -82.56
CA ASN A 459 38.73 35.87 -83.02
C ASN A 459 37.58 36.30 -83.92
N LYS A 460 36.70 37.17 -83.42
CA LYS A 460 35.65 37.79 -84.23
C LYS A 460 34.82 36.73 -84.96
N THR A 461 34.26 35.80 -84.19
CA THR A 461 33.48 34.73 -84.79
C THR A 461 32.03 35.16 -85.04
N CYS A 462 31.43 35.86 -84.09
CA CYS A 462 30.02 36.17 -84.19
C CYS A 462 29.79 37.41 -85.06
N SER A 463 28.57 37.53 -85.56
CA SER A 463 28.15 38.63 -86.42
C SER A 463 27.07 39.42 -85.70
N LEU A 464 27.40 40.62 -85.26
CA LEU A 464 26.45 41.45 -84.54
C LEU A 464 25.32 41.89 -85.47
N PRO A 465 24.06 41.86 -85.00
CA PRO A 465 22.94 42.27 -85.87
C PRO A 465 22.86 43.79 -86.05
N LEU A 469 28.72 43.85 -89.16
CA LEU A 469 30.03 43.78 -88.52
C LEU A 469 30.14 42.53 -87.66
N LYS A 470 31.37 42.25 -87.20
CA LYS A 470 31.63 41.08 -86.36
C LYS A 470 32.45 41.49 -85.14
N VAL A 471 32.34 40.67 -84.10
CA VAL A 471 33.06 40.90 -82.86
C VAL A 471 33.33 39.55 -82.21
N SER A 472 34.41 39.48 -81.44
CA SER A 472 34.70 38.26 -80.68
C SER A 472 33.61 38.04 -79.64
N CYS A 473 33.36 36.77 -79.32
CA CYS A 473 32.20 36.42 -78.53
C CYS A 473 32.47 35.17 -77.71
N PHE A 474 31.59 34.95 -76.74
CA PHE A 474 31.62 33.76 -75.88
C PHE A 474 30.21 33.50 -75.41
N ASN A 475 30.03 32.41 -74.67
CA ASN A 475 28.72 31.96 -74.23
C ASN A 475 28.64 32.00 -72.71
N VAL A 476 27.54 32.56 -72.21
CA VAL A 476 27.25 32.62 -70.78
C VAL A 476 25.99 31.80 -70.53
N ARG A 477 26.11 30.79 -69.66
CA ARG A 477 25.03 29.83 -69.43
C ARG A 477 24.77 29.71 -67.95
N PHE A 478 23.53 30.00 -67.53
CA PHE A 478 23.13 29.90 -66.14
C PHE A 478 22.07 28.81 -65.98
N CYS A 479 22.28 27.94 -65.00
CA CYS A 479 21.35 26.87 -64.66
C CYS A 479 20.76 27.14 -63.28
N LEU A 480 19.62 26.49 -63.01
CA LEU A 480 18.92 26.72 -61.76
C LEU A 480 17.98 25.55 -61.50
N LYS A 481 18.04 25.01 -60.27
CA LYS A 481 17.02 24.10 -59.79
C LYS A 481 16.80 24.35 -58.30
N ALA A 482 15.63 23.94 -57.82
CA ALA A 482 15.27 24.17 -56.43
C ALA A 482 14.30 23.09 -55.96
N ASP A 483 14.28 22.90 -54.66
CA ASP A 483 13.42 21.92 -54.02
C ASP A 483 13.43 22.23 -52.53
N GLY A 484 12.53 21.59 -51.79
CA GLY A 484 12.45 21.80 -50.37
C GLY A 484 11.50 20.82 -49.73
N LYS A 485 11.61 20.73 -48.41
CA LYS A 485 10.75 19.85 -47.63
C LYS A 485 9.49 20.59 -47.19
N GLY A 486 8.45 19.81 -46.90
CA GLY A 486 7.20 20.39 -46.45
C GLY A 486 6.23 20.64 -47.59
N VAL A 487 5.35 21.62 -47.43
CA VAL A 487 4.36 21.98 -48.45
C VAL A 487 4.82 23.25 -49.14
N LEU A 488 4.84 23.22 -50.47
CA LEU A 488 5.28 24.34 -51.28
C LEU A 488 4.59 24.25 -52.63
N PRO A 489 4.54 25.34 -53.38
CA PRO A 489 3.96 25.28 -54.73
C PRO A 489 4.81 24.42 -55.65
N ARG A 490 4.16 23.92 -56.70
CA ARG A 490 4.85 23.04 -57.65
C ARG A 490 5.77 23.82 -58.59
N LYS A 491 5.40 25.04 -58.94
CA LYS A 491 6.22 25.90 -59.78
C LYS A 491 6.77 27.05 -58.95
N LEU A 492 8.08 27.24 -58.98
CA LEU A 492 8.74 28.29 -58.24
C LEU A 492 9.32 29.30 -59.22
N ASN A 493 9.00 30.58 -59.00
CA ASN A 493 9.37 31.64 -59.92
C ASN A 493 10.58 32.40 -59.35
N PHE A 494 11.72 32.25 -60.01
CA PHE A 494 12.91 33.01 -59.68
C PHE A 494 13.19 34.01 -60.78
N GLN A 495 13.61 35.21 -60.40
CA GLN A 495 14.13 36.20 -61.34
C GLN A 495 15.64 36.27 -61.21
N VAL A 496 16.33 36.08 -62.33
CA VAL A 496 17.79 36.08 -62.39
C VAL A 496 18.23 37.37 -63.06
N GLU A 497 19.18 38.06 -62.43
CA GLU A 497 19.79 39.25 -63.01
C GLU A 497 21.27 38.99 -63.22
N LEU A 498 21.73 39.14 -64.45
CA LEU A 498 23.12 38.92 -64.82
C LEU A 498 23.76 40.25 -65.19
N LEU A 499 24.99 40.45 -64.73
CA LEU A 499 25.79 41.61 -65.11
C LEU A 499 27.16 41.13 -65.52
N LEU A 500 27.79 41.87 -66.43
CA LEU A 500 29.07 41.50 -67.01
C LEU A 500 30.14 42.47 -66.56
N ASP A 501 31.29 41.93 -66.14
CA ASP A 501 32.43 42.74 -65.74
C ASP A 501 32.03 43.71 -64.64
N LYS A 502 31.97 43.23 -63.40
CA LYS A 502 31.57 44.07 -62.29
C LYS A 502 32.73 44.82 -61.66
N LEU A 503 33.91 44.20 -61.63
CA LEU A 503 35.05 44.80 -60.94
C LEU A 503 35.30 46.23 -61.39
N LYS A 504 34.89 46.56 -62.61
CA LYS A 504 34.90 47.95 -63.08
C LYS A 504 33.56 48.58 -62.72
N GLN A 505 33.57 49.49 -61.75
CA GLN A 505 32.35 50.09 -61.25
C GLN A 505 31.65 50.90 -62.35
N LYS A 506 30.44 51.35 -62.04
CA LYS A 506 29.65 52.12 -63.01
C LYS A 506 30.41 53.35 -63.49
N GLY A 507 31.04 54.07 -62.57
CA GLY A 507 31.83 55.23 -62.97
C GLY A 507 32.89 54.89 -64.00
N ALA A 508 33.37 53.64 -63.98
CA ALA A 508 34.40 53.19 -64.92
C ALA A 508 33.76 52.52 -66.13
N ILE A 509 34.58 52.32 -67.16
CA ILE A 509 34.09 51.74 -68.40
C ILE A 509 33.83 50.25 -68.24
N ARG A 510 33.02 49.70 -69.14
CA ARG A 510 32.76 48.27 -69.23
C ARG A 510 33.13 47.79 -70.62
N ARG A 511 33.36 46.48 -70.74
CA ARG A 511 33.99 45.93 -71.94
C ARG A 511 33.19 44.77 -72.52
N ALA A 512 32.53 43.99 -71.67
CA ALA A 512 31.79 42.81 -72.09
C ALA A 512 30.30 43.11 -72.02
N LEU A 513 29.62 43.02 -73.17
CA LEU A 513 28.19 43.25 -73.26
C LEU A 513 27.54 42.09 -73.98
N PHE A 514 26.21 42.04 -73.92
CA PHE A 514 25.45 40.97 -74.54
C PHE A 514 25.15 41.28 -76.00
N LEU A 515 24.88 40.23 -76.76
CA LEU A 515 24.72 40.36 -78.21
C LEU A 515 23.34 40.92 -78.57
N TYR A 516 22.28 40.18 -78.24
CA TYR A 516 20.94 40.62 -78.59
C TYR A 516 20.54 41.88 -77.84
N SER A 517 21.12 42.11 -76.66
CA SER A 517 20.73 43.24 -75.82
C SER A 517 21.61 44.47 -76.06
N ARG A 518 22.86 44.29 -76.47
CA ARG A 518 23.83 45.37 -76.54
C ARG A 518 24.01 46.06 -75.19
N SER A 519 23.64 45.39 -74.11
CA SER A 519 23.70 45.93 -72.76
C SER A 519 24.48 45.00 -71.86
N PRO A 520 25.10 45.53 -70.80
CA PRO A 520 25.79 44.63 -69.85
C PRO A 520 24.84 43.81 -68.99
N SER A 521 23.56 44.18 -68.92
CA SER A 521 22.60 43.57 -68.01
C SER A 521 21.70 42.57 -68.73
N HIS A 522 21.14 41.65 -67.95
CA HIS A 522 20.20 40.67 -68.47
C HIS A 522 19.33 40.19 -67.33
N SER A 523 18.05 40.49 -67.38
CA SER A 523 17.07 40.00 -66.41
C SER A 523 16.20 38.94 -67.06
N LYS A 524 15.64 38.06 -66.23
CA LYS A 524 14.82 36.97 -66.76
C LYS A 524 13.94 36.40 -65.66
N ASN A 525 12.62 36.43 -65.88
CA ASN A 525 11.71 35.64 -65.06
C ASN A 525 11.83 34.18 -65.47
N MET A 526 12.02 33.30 -64.49
CA MET A 526 12.30 31.89 -64.75
C MET A 526 11.39 31.04 -63.85
N THR A 527 10.53 30.25 -64.48
CA THR A 527 9.59 29.39 -63.77
C THR A 527 10.11 27.97 -63.80
N ILE A 528 10.80 27.57 -62.74
CA ILE A 528 11.38 26.23 -62.64
C ILE A 528 10.45 25.35 -61.82
N SER A 529 10.27 24.11 -62.26
CA SER A 529 9.51 23.15 -61.48
C SER A 529 10.29 22.76 -60.22
N ARG A 530 9.54 22.46 -59.16
CA ARG A 530 10.14 22.15 -57.87
C ARG A 530 10.56 20.69 -57.84
N GLY A 531 11.83 20.44 -57.53
CA GLY A 531 12.35 19.09 -57.40
C GLY A 531 12.86 18.47 -58.68
N GLY A 532 12.79 19.19 -59.79
CA GLY A 532 13.33 18.70 -61.04
C GLY A 532 14.80 19.07 -61.21
N LEU A 533 15.38 18.56 -62.29
CA LEU A 533 16.77 18.86 -62.59
C LEU A 533 16.92 20.32 -63.03
N MET A 534 18.14 20.70 -63.36
CA MET A 534 18.45 22.10 -63.60
C MET A 534 17.89 22.56 -64.94
N GLN A 535 16.96 23.53 -64.88
CA GLN A 535 16.59 24.28 -66.06
C GLN A 535 17.70 25.27 -66.37
N CYS A 536 18.24 25.23 -67.58
CA CYS A 536 19.37 26.05 -67.98
C CYS A 536 18.97 26.98 -69.12
N GLU A 537 19.72 28.06 -69.28
CA GLU A 537 19.54 28.97 -70.40
C GLU A 537 20.86 29.67 -70.66
N GLU A 538 21.29 29.68 -71.92
CA GLU A 538 22.55 30.28 -72.31
C GLU A 538 22.30 31.36 -73.37
N LEU A 539 23.15 32.38 -73.34
CA LEU A 539 23.06 33.49 -74.28
C LEU A 539 24.47 33.92 -74.64
N ILE A 540 24.58 34.60 -75.78
CA ILE A 540 25.87 35.00 -76.33
C ILE A 540 26.19 36.42 -75.87
N ALA A 541 27.46 36.66 -75.56
CA ALA A 541 27.94 37.98 -75.16
C ALA A 541 29.26 38.26 -75.87
N TYR A 542 29.45 39.50 -76.30
CA TYR A 542 30.64 39.91 -77.02
C TYR A 542 31.45 40.90 -76.21
N LEU A 543 32.65 41.18 -76.70
CA LEU A 543 33.56 42.11 -76.04
C LEU A 543 33.39 43.53 -76.60
N GLU A 546 38.78 46.60 -78.98
CA GLU A 546 39.84 47.09 -78.13
C GLU A 546 39.92 48.61 -78.17
N SER A 547 39.48 49.19 -79.30
CA SER A 547 39.58 50.64 -79.50
C SER A 547 38.74 51.43 -78.51
N GLU A 548 37.88 50.77 -77.73
CA GLU A 548 37.01 51.45 -76.79
C GLU A 548 37.47 51.32 -75.34
N PHE A 549 38.58 50.63 -75.10
CA PHE A 549 39.09 50.49 -73.74
C PHE A 549 40.57 50.11 -73.79
N ARG A 550 41.34 50.65 -72.85
CA ARG A 550 42.76 50.35 -72.74
C ARG A 550 43.08 49.31 -71.68
N ASP A 551 42.24 49.19 -70.64
CA ASP A 551 42.53 48.31 -69.52
C ASP A 551 42.07 46.89 -69.88
N LYS A 552 43.04 45.99 -70.03
CA LYS A 552 42.76 44.57 -70.27
C LYS A 552 43.34 43.68 -69.18
N LEU A 553 44.10 44.24 -68.23
CA LEU A 553 44.72 43.45 -67.18
C LEU A 553 43.72 43.04 -66.10
N THR A 554 42.60 43.73 -65.99
CA THR A 554 41.61 43.43 -64.98
C THR A 554 40.65 42.36 -65.49
N PRO A 555 40.51 41.23 -64.80
CA PRO A 555 39.64 40.16 -65.30
C PRO A 555 38.21 40.65 -65.55
N ILE A 556 37.45 39.80 -66.22
CA ILE A 556 36.04 40.05 -66.52
C ILE A 556 35.23 39.08 -65.68
N THR A 557 34.50 39.60 -64.69
CA THR A 557 33.62 38.77 -63.87
C THR A 557 32.22 38.76 -64.46
N ILE A 558 31.63 37.57 -64.50
CA ILE A 558 30.26 37.39 -64.94
C ILE A 558 29.46 36.97 -63.71
N PHE A 559 28.68 37.91 -63.19
CA PHE A 559 28.01 37.75 -61.91
C PHE A 559 26.51 37.54 -62.11
N MET A 560 25.94 36.66 -61.29
CA MET A 560 24.53 36.32 -61.37
C MET A 560 23.95 36.31 -59.96
N GLU A 561 22.82 36.99 -59.78
CA GLU A 561 22.04 36.88 -58.56
C GLU A 561 20.63 36.45 -58.91
N TYR A 562 19.99 35.73 -57.99
CA TYR A 562 18.66 35.19 -58.21
C TYR A 562 17.80 35.44 -56.99
N ARG A 563 16.53 35.76 -57.23
CA ARG A 563 15.58 36.08 -56.17
C ARG A 563 14.24 35.47 -56.55
N LEU A 564 13.68 34.65 -55.67
CA LEU A 564 12.39 34.05 -55.91
C LEU A 564 11.27 35.07 -55.69
N ASP A 565 10.13 34.81 -56.33
CA ASP A 565 8.96 35.66 -56.18
C ASP A 565 8.14 35.14 -55.00
N TYR A 566 8.18 35.85 -53.88
CA TYR A 566 7.48 35.40 -52.68
C TYR A 566 5.96 35.46 -52.87
N ARG A 567 5.46 36.55 -53.46
CA ARG A 567 4.01 36.76 -53.50
C ARG A 567 3.30 35.62 -54.22
N THR A 568 3.83 35.19 -55.35
CA THR A 568 3.19 34.12 -56.13
C THR A 568 3.42 32.75 -55.50
N ALA A 569 4.44 32.60 -54.67
CA ALA A 569 4.75 31.31 -54.05
C ALA A 569 4.02 31.09 -52.73
N ALA A 570 3.50 32.15 -52.11
CA ALA A 570 2.76 32.00 -50.87
C ALA A 570 1.58 31.05 -51.07
N ASP A 571 1.13 30.47 -49.96
CA ASP A 571 -0.02 29.58 -49.97
C ASP A 571 -1.29 30.42 -49.78
N THR A 572 -2.41 29.76 -49.46
CA THR A 572 -3.66 30.49 -49.26
C THR A 572 -3.62 31.32 -47.99
N THR A 573 -2.92 30.85 -46.95
CA THR A 573 -2.81 31.60 -45.71
C THR A 573 -1.82 32.76 -45.81
N GLY A 574 -1.09 32.87 -46.92
CA GLY A 574 -0.16 33.96 -47.14
C GLY A 574 1.27 33.68 -46.74
N LEU A 575 1.55 32.49 -46.21
CA LEU A 575 2.89 32.16 -45.74
C LEU A 575 3.82 31.98 -46.94
N GLN A 576 4.71 32.94 -47.15
CA GLN A 576 5.63 32.89 -48.28
C GLN A 576 6.80 31.96 -47.96
N PRO A 577 7.28 31.20 -48.94
CA PRO A 577 8.50 30.40 -48.72
C PRO A 577 9.72 31.29 -48.48
N ILE A 578 10.78 30.65 -47.99
CA ILE A 578 12.05 31.31 -47.71
C ILE A 578 13.18 30.43 -48.22
N LEU A 579 14.32 31.06 -48.48
CA LEU A 579 15.50 30.35 -48.96
C LEU A 579 16.39 29.96 -47.80
N ASN A 580 17.06 28.82 -47.93
CA ASN A 580 17.98 28.35 -46.91
C ASN A 580 18.90 29.48 -46.46
N GLN A 581 19.23 29.50 -45.17
CA GLN A 581 19.97 30.62 -44.61
C GLN A 581 21.41 30.65 -45.13
N PHE A 582 22.04 29.49 -45.24
CA PHE A 582 23.42 29.41 -45.69
C PHE A 582 23.48 28.90 -47.14
N THR A 583 23.06 29.79 -48.03
CA THR A 583 23.12 29.57 -49.47
C THR A 583 23.35 30.91 -50.15
N PRO A 584 24.52 31.16 -50.72
CA PRO A 584 24.77 32.46 -51.36
C PRO A 584 23.69 32.79 -52.38
N ALA A 585 23.17 34.02 -52.28
CA ALA A 585 22.16 34.49 -53.22
C ALA A 585 22.74 34.82 -54.58
N ASN A 586 24.05 34.64 -54.77
CA ASN A 586 24.70 34.97 -56.03
C ASN A 586 25.93 34.09 -56.20
N ILE A 587 26.38 33.99 -57.46
CA ILE A 587 27.63 33.34 -57.80
C ILE A 587 28.23 34.07 -58.99
N SER A 588 29.43 33.67 -59.38
CA SER A 588 30.12 34.33 -60.48
C SER A 588 31.13 33.38 -61.10
N ARG A 589 31.39 33.60 -62.38
CA ARG A 589 32.52 33.01 -63.10
C ARG A 589 33.37 34.14 -63.65
N GLN A 590 34.42 33.78 -64.39
CA GLN A 590 35.37 34.77 -64.87
C GLN A 590 35.81 34.44 -66.28
N ALA A 591 36.31 35.46 -66.97
CA ALA A 591 36.88 35.32 -68.29
C ALA A 591 38.04 36.29 -68.42
N HIS A 592 38.96 35.98 -69.34
CA HIS A 592 40.12 36.82 -69.58
C HIS A 592 40.39 36.86 -71.07
N ILE A 593 41.28 37.79 -71.47
CA ILE A 593 41.64 37.98 -72.87
C ILE A 593 43.06 37.49 -73.07
N LEU A 594 43.29 36.87 -74.22
CA LEU A 594 44.64 36.42 -74.57
C LEU A 594 45.52 37.63 -74.83
N LEU A 595 46.67 37.67 -74.15
CA LEU A 595 47.58 38.82 -74.19
C LEU A 595 48.77 38.44 -75.05
N THR A 596 48.83 39.00 -76.26
CA THR A 596 49.98 38.82 -77.14
C THR A 596 50.28 37.34 -77.35
N GLY A 597 51.04 36.74 -76.44
CA GLY A 597 51.28 35.31 -76.48
C GLY A 597 51.74 34.83 -77.84
N GLY A 598 51.14 33.73 -78.30
CA GLY A 598 51.49 33.15 -79.58
C GLY A 598 51.61 31.63 -79.51
N ILE B 66 46.84 62.08 -22.68
CA ILE B 66 47.54 63.04 -23.52
C ILE B 66 47.35 64.45 -22.94
N PRO B 67 46.18 65.07 -23.14
CA PRO B 67 45.92 66.38 -22.53
C PRO B 67 45.25 66.25 -21.17
N THR B 68 45.71 67.07 -20.23
CA THR B 68 45.22 67.03 -18.85
C THR B 68 44.43 68.30 -18.56
N GLU B 69 43.28 68.12 -17.90
CA GLU B 69 42.41 69.25 -17.60
C GLU B 69 43.01 70.13 -16.51
N ASN B 70 42.40 71.30 -16.33
CA ASN B 70 42.90 72.33 -15.43
C ASN B 70 42.19 72.26 -14.07
N GLU B 71 42.67 73.11 -13.16
CA GLU B 71 42.02 73.34 -11.86
C GLU B 71 41.70 72.06 -11.10
N ILE B 72 42.27 70.92 -11.52
CA ILE B 72 42.14 69.64 -10.83
C ILE B 72 40.84 69.53 -10.05
N ASN B 73 40.90 69.72 -8.74
CA ASN B 73 39.75 69.63 -7.84
C ASN B 73 39.12 68.24 -7.89
N THR B 74 39.94 67.22 -8.12
CA THR B 74 39.53 65.83 -8.03
C THR B 74 40.62 65.07 -7.27
N GLN B 75 40.21 64.05 -6.52
CA GLN B 75 41.18 63.28 -5.76
C GLN B 75 41.90 62.25 -6.63
N VAL B 76 41.26 61.80 -7.70
CA VAL B 76 41.91 60.97 -8.71
C VAL B 76 42.48 61.90 -9.78
N THR B 77 43.79 61.81 -10.01
CA THR B 77 44.44 62.71 -10.94
C THR B 77 44.88 61.96 -12.19
N PRO B 78 44.60 62.47 -13.40
CA PRO B 78 43.81 63.67 -13.70
C PRO B 78 42.30 63.42 -13.58
N GLY B 79 41.51 64.49 -13.53
CA GLY B 79 40.08 64.38 -13.37
C GLY B 79 39.34 64.23 -14.68
N GLU B 80 39.92 64.73 -15.77
CA GLU B 80 39.33 64.62 -17.09
C GLU B 80 40.44 64.57 -18.13
N VAL B 81 40.27 63.70 -19.12
CA VAL B 81 41.28 63.48 -20.15
C VAL B 81 40.59 63.34 -21.50
N SER B 82 41.32 63.66 -22.57
CA SER B 82 40.80 63.64 -23.93
C SER B 82 41.85 63.00 -24.83
N ILE B 83 41.68 61.70 -25.12
CA ILE B 83 42.60 60.96 -25.97
C ILE B 83 41.84 60.51 -27.22
N GLN B 84 42.47 60.68 -28.38
CA GLN B 84 41.92 60.23 -29.66
C GLN B 84 42.92 59.27 -30.30
N LEU B 85 42.43 58.09 -30.68
CA LEU B 85 43.29 57.01 -31.15
C LEU B 85 43.07 56.74 -32.63
N ASN B 92 48.90 54.90 -23.54
CA ASN B 92 49.34 54.51 -22.19
C ASN B 92 49.56 55.75 -21.32
N PHE B 93 48.72 55.92 -20.31
CA PHE B 93 48.91 57.01 -19.34
C PHE B 93 48.59 56.49 -17.95
N MET B 94 48.97 57.29 -16.95
CA MET B 94 48.85 56.93 -15.55
C MET B 94 47.92 57.91 -14.84
N LEU B 95 47.01 57.36 -14.02
CA LEU B 95 46.10 58.17 -13.21
C LEU B 95 46.40 57.92 -11.74
N LYS B 96 46.35 58.99 -10.95
CA LYS B 96 46.79 58.97 -9.56
C LYS B 96 45.59 59.09 -8.64
N VAL B 97 45.22 57.97 -7.99
CA VAL B 97 44.25 57.99 -6.90
C VAL B 97 45.03 58.10 -5.60
N HIS B 98 44.45 58.80 -4.64
CA HIS B 98 45.13 59.02 -3.37
C HIS B 98 44.11 59.32 -2.28
N PRO B 99 43.87 58.39 -1.35
CA PRO B 99 42.85 58.63 -0.33
C PRO B 99 43.33 59.61 0.73
N LEU B 100 42.42 60.48 1.17
CA LEU B 100 42.72 61.38 2.27
C LEU B 100 42.62 60.63 3.60
N LYS B 101 43.26 61.20 4.62
CA LYS B 101 43.31 60.54 5.92
C LYS B 101 41.97 60.66 6.65
N LYS B 102 41.55 61.88 6.93
CA LYS B 102 40.36 62.14 7.75
C LYS B 102 39.15 62.23 6.83
N TYR B 103 38.33 61.18 6.82
CA TYR B 103 37.16 61.10 5.97
C TYR B 103 35.90 61.24 6.81
N PRO B 104 35.00 62.18 6.52
CA PRO B 104 33.67 62.12 7.14
C PRO B 104 33.03 60.76 6.84
N VAL B 105 32.22 60.29 7.77
CA VAL B 105 31.67 58.94 7.70
C VAL B 105 30.17 58.98 7.91
N ASP B 106 29.45 58.21 7.08
CA ASP B 106 28.00 58.05 7.16
C ASP B 106 27.72 56.57 7.39
N LEU B 107 27.36 56.21 8.61
CA LEU B 107 27.09 54.83 8.97
C LEU B 107 25.59 54.62 9.08
N TYR B 108 25.07 53.64 8.35
CA TYR B 108 23.65 53.31 8.37
C TYR B 108 23.49 51.85 8.79
N TYR B 109 22.91 51.64 9.97
CA TYR B 109 22.64 50.29 10.47
C TYR B 109 21.31 49.81 9.88
N LEU B 110 21.37 48.92 8.91
CA LEU B 110 20.19 48.25 8.38
C LEU B 110 20.17 46.84 8.94
N VAL B 111 19.16 46.53 9.75
CA VAL B 111 19.16 45.32 10.56
C VAL B 111 17.92 44.50 10.28
N ASP B 112 18.12 43.19 10.10
CA ASP B 112 17.03 42.22 10.08
C ASP B 112 16.42 42.13 11.47
N VAL B 113 15.13 42.40 11.58
CA VAL B 113 14.45 42.36 12.88
C VAL B 113 13.52 41.15 12.94
N SER B 114 13.98 40.01 12.43
CA SER B 114 13.22 38.78 12.56
C SER B 114 13.41 38.20 13.96
N ALA B 115 12.80 37.04 14.20
CA ALA B 115 12.80 36.46 15.55
C ALA B 115 14.21 36.11 16.00
N SER B 116 14.97 35.43 15.14
CA SER B 116 16.29 34.93 15.51
C SER B 116 17.24 36.01 16.02
N MET B 117 16.91 37.28 15.82
CA MET B 117 17.79 38.39 16.17
C MET B 117 17.47 39.00 17.53
N HIS B 118 16.59 38.38 18.32
CA HIS B 118 16.18 38.98 19.58
C HIS B 118 17.39 39.31 20.45
N ASN B 119 18.37 38.40 20.52
CA ASN B 119 19.56 38.68 21.32
C ASN B 119 20.37 39.82 20.73
N ASN B 120 20.49 39.87 19.40
CA ASN B 120 21.34 40.87 18.78
C ASN B 120 20.77 42.28 18.96
N ILE B 121 19.47 42.45 18.80
CA ILE B 121 18.84 43.75 19.00
C ILE B 121 19.07 44.22 20.44
N GLU B 122 18.72 43.37 21.40
CA GLU B 122 18.92 43.70 22.81
C GLU B 122 20.36 44.16 23.07
N LYS B 123 21.33 43.54 22.41
CA LYS B 123 22.73 43.87 22.65
C LYS B 123 23.05 45.30 22.23
N LEU B 124 22.61 45.70 21.04
CA LEU B 124 23.05 46.96 20.44
C LEU B 124 22.25 48.14 20.97
N ASN B 125 21.72 48.04 22.19
CA ASN B 125 20.92 49.14 22.73
C ASN B 125 21.78 50.35 23.07
N SER B 126 23.01 50.12 23.56
CA SER B 126 23.87 51.21 23.99
C SER B 126 25.32 51.00 23.57
N VAL B 127 25.54 50.36 22.43
CA VAL B 127 26.89 50.03 21.98
C VAL B 127 27.35 51.05 20.94
N GLY B 128 26.41 51.55 20.13
CA GLY B 128 26.75 52.59 19.18
C GLY B 128 27.29 53.84 19.85
N ASN B 129 26.73 54.18 21.01
CA ASN B 129 27.23 55.33 21.77
C ASN B 129 28.73 55.21 22.02
N ASP B 130 29.22 54.01 22.31
CA ASP B 130 30.65 53.80 22.50
C ASP B 130 31.41 53.95 21.18
N LEU B 131 30.92 53.31 20.12
CA LEU B 131 31.64 53.30 18.86
C LEU B 131 31.92 54.71 18.36
N SER B 132 30.95 55.61 18.48
CA SER B 132 31.14 56.99 18.05
C SER B 132 32.45 57.56 18.59
N ARG B 133 32.88 57.09 19.75
CA ARG B 133 34.19 57.48 20.29
C ARG B 133 35.30 57.14 19.30
N LYS B 134 35.46 55.84 19.01
CA LYS B 134 36.49 55.42 18.08
C LYS B 134 36.32 56.08 16.71
N MET B 135 35.07 56.15 16.23
CA MET B 135 34.84 56.66 14.88
C MET B 135 35.18 58.15 14.79
N ALA B 136 34.65 58.96 15.70
CA ALA B 136 35.04 60.36 15.74
C ALA B 136 36.55 60.51 15.86
N PHE B 137 37.21 59.56 16.51
CA PHE B 137 38.68 59.53 16.51
C PHE B 137 39.22 59.17 15.14
N PHE B 138 38.50 58.33 14.39
CA PHE B 138 38.92 57.95 13.05
C PHE B 138 38.54 59.00 12.02
N SER B 139 37.37 59.62 12.16
CA SER B 139 36.82 60.52 11.17
C SER B 139 36.54 61.89 11.77
N ARG B 140 36.73 62.93 10.95
CA ARG B 140 36.38 64.28 11.37
C ARG B 140 34.91 64.30 11.80
N ASP B 141 34.02 64.20 10.83
CA ASP B 141 32.59 64.12 11.10
C ASP B 141 32.16 62.67 11.19
N PHE B 142 31.05 62.44 11.89
CA PHE B 142 30.46 61.11 11.99
C PHE B 142 28.96 61.26 12.19
N ARG B 143 28.18 60.56 11.38
CA ARG B 143 26.73 60.57 11.48
C ARG B 143 26.22 59.15 11.37
N LEU B 144 25.03 58.92 11.93
CA LEU B 144 24.53 57.58 12.18
C LEU B 144 23.04 57.51 11.88
N GLY B 145 22.63 56.47 11.14
CA GLY B 145 21.24 56.26 10.83
C GLY B 145 20.86 54.80 11.04
N PHE B 146 19.55 54.55 11.03
CA PHE B 146 19.06 53.23 11.38
C PHE B 146 17.81 52.89 10.58
N GLY B 147 17.68 51.62 10.22
CA GLY B 147 16.50 51.12 9.53
C GLY B 147 16.37 49.63 9.74
N SER B 148 15.13 49.16 9.70
CA SER B 148 14.83 47.75 9.95
C SER B 148 14.21 47.12 8.70
N TYR B 149 14.31 45.79 8.64
CA TYR B 149 13.69 45.04 7.55
C TYR B 149 13.43 43.62 8.04
N VAL B 150 12.52 42.94 7.32
CA VAL B 150 12.17 41.56 7.64
C VAL B 150 12.02 40.76 6.34
N ASP B 151 10.87 40.89 5.69
CA ASP B 151 10.60 40.14 4.48
C ASP B 151 9.37 40.74 3.81
N LYS B 152 9.14 40.32 2.57
CA LYS B 152 7.96 40.77 1.84
C LYS B 152 6.70 40.25 2.52
N THR B 153 5.73 41.15 2.74
CA THR B 153 4.54 40.84 3.52
C THR B 153 3.48 40.18 2.62
N VAL B 154 3.81 38.99 2.12
CA VAL B 154 2.92 38.25 1.25
C VAL B 154 3.26 36.77 1.34
N SER B 155 2.24 35.93 1.18
CA SER B 155 2.45 34.49 1.17
C SER B 155 3.35 34.08 0.00
N PRO B 156 4.14 33.02 0.14
CA PRO B 156 4.33 32.13 1.30
C PRO B 156 5.43 32.59 2.26
N TYR B 157 5.84 33.86 2.15
CA TYR B 157 6.91 34.37 2.99
C TYR B 157 6.43 34.61 4.42
N ILE B 158 5.17 34.97 4.60
CA ILE B 158 4.58 35.16 5.92
C ILE B 158 3.28 34.37 5.98
N SER B 159 2.85 34.08 7.21
CA SER B 159 1.55 33.46 7.43
C SER B 159 0.46 34.52 7.31
N ILE B 160 -0.54 34.24 6.48
CA ILE B 160 -1.55 35.25 6.15
C ILE B 160 -2.85 34.96 6.90
N HIS B 161 -2.75 34.31 8.05
CA HIS B 161 -3.94 34.14 8.87
C HIS B 161 -4.29 35.47 9.52
N PRO B 162 -5.58 35.85 9.56
CA PRO B 162 -5.94 37.16 10.16
C PRO B 162 -5.50 37.35 11.60
N GLU B 163 -4.86 36.32 12.18
CA GLU B 163 -4.29 36.44 13.52
C GLU B 163 -2.79 36.15 13.50
N ARG B 164 -2.41 35.00 14.05
CA ARG B 164 -1.01 34.63 14.21
C ARG B 164 -0.20 35.79 14.80
N ASN B 173 5.61 33.40 20.04
CA ASN B 173 4.32 34.01 20.39
C ASN B 173 4.51 35.20 21.33
N LEU B 174 5.76 35.46 21.72
CA LEU B 174 6.08 36.59 22.58
C LEU B 174 6.03 37.89 21.78
N ASP B 175 5.79 38.99 22.49
CA ASP B 175 5.71 40.34 21.93
C ASP B 175 6.36 40.48 20.56
N CYS B 176 5.55 40.45 19.51
CA CYS B 176 6.03 40.63 18.14
C CYS B 176 5.30 41.80 17.49
N MET B 177 5.99 42.47 16.57
CA MET B 177 5.38 43.48 15.72
C MET B 177 5.09 42.88 14.35
N PRO B 178 4.17 43.47 13.58
CA PRO B 178 3.77 42.84 12.32
C PRO B 178 4.91 42.87 11.31
N PRO B 179 4.98 41.90 10.40
CA PRO B 179 6.08 41.88 9.42
C PRO B 179 6.07 43.14 8.57
N HIS B 180 7.12 43.29 7.77
CA HIS B 180 7.28 44.49 6.97
C HIS B 180 8.47 44.32 6.03
N GLY B 181 8.37 44.93 4.86
CA GLY B 181 9.47 44.93 3.93
C GLY B 181 10.68 45.68 4.45
N TYR B 182 10.52 46.99 4.63
CA TYR B 182 11.64 47.83 5.07
C TYR B 182 11.12 49.16 5.56
N ILE B 183 11.63 49.62 6.69
CA ILE B 183 11.30 50.93 7.25
C ILE B 183 12.59 51.66 7.55
N HIS B 184 12.76 52.83 6.96
CA HIS B 184 13.82 53.76 7.36
C HIS B 184 13.29 54.58 8.53
N VAL B 185 13.90 54.41 9.70
CA VAL B 185 13.39 55.01 10.92
C VAL B 185 14.18 56.24 11.33
N LEU B 186 15.50 56.25 11.10
CA LEU B 186 16.34 57.35 11.54
C LEU B 186 17.32 57.71 10.43
N SER B 187 17.22 58.95 9.95
CA SER B 187 18.20 59.47 9.01
C SER B 187 19.51 59.80 9.72
N LEU B 188 20.59 59.80 8.96
CA LEU B 188 21.92 60.08 9.51
C LEU B 188 21.90 61.38 10.30
N THR B 189 22.39 61.32 11.54
CA THR B 189 22.44 62.49 12.40
C THR B 189 23.64 62.37 13.33
N GLU B 190 24.18 63.51 13.74
CA GLU B 190 25.30 63.53 14.66
C GLU B 190 24.85 63.22 16.08
N ASN B 191 23.73 63.80 16.50
CA ASN B 191 23.15 63.51 17.82
C ASN B 191 22.96 62.00 17.97
N ILE B 192 23.80 61.38 18.80
CA ILE B 192 23.86 59.92 18.85
C ILE B 192 22.79 59.34 19.76
N THR B 193 22.50 60.01 20.89
CA THR B 193 21.48 59.49 21.80
C THR B 193 20.17 59.23 21.06
N GLU B 194 19.91 59.96 19.98
CA GLU B 194 18.73 59.70 19.17
C GLU B 194 18.77 58.29 18.60
N PHE B 195 19.96 57.81 18.23
CA PHE B 195 20.10 56.45 17.72
C PHE B 195 19.78 55.43 18.80
N GLU B 196 20.29 55.63 20.02
CA GLU B 196 19.98 54.72 21.12
C GLU B 196 18.48 54.68 21.40
N LYS B 197 17.87 55.85 21.48
CA LYS B 197 16.42 55.93 21.73
C LYS B 197 15.64 55.25 20.61
N ALA B 198 16.17 55.25 19.39
CA ALA B 198 15.47 54.63 18.27
C ALA B 198 15.60 53.12 18.28
N VAL B 199 16.77 52.60 18.66
CA VAL B 199 17.00 51.16 18.62
C VAL B 199 16.23 50.45 19.73
N HIS B 200 16.29 50.99 20.95
CA HIS B 200 15.54 50.34 22.04
C HIS B 200 14.05 50.40 21.77
N ARG B 201 13.57 51.46 21.15
CA ARG B 201 12.17 51.55 20.72
C ARG B 201 11.83 50.49 19.68
N GLN B 202 12.83 49.86 19.07
CA GLN B 202 12.58 48.88 18.01
C GLN B 202 12.09 47.57 18.61
N LYS B 203 11.12 46.96 17.92
CA LYS B 203 10.57 45.67 18.30
C LYS B 203 10.83 44.66 17.19
N ILE B 204 10.36 43.44 17.39
CA ILE B 204 10.72 42.31 16.54
C ILE B 204 9.47 41.72 15.92
N SER B 205 9.62 41.23 14.69
CA SER B 205 8.54 40.64 13.91
C SER B 205 8.79 39.13 13.78
N GLY B 206 8.33 38.54 12.68
CA GLY B 206 8.54 37.13 12.43
C GLY B 206 7.85 36.67 11.16
N ASN B 207 8.49 35.75 10.44
CA ASN B 207 7.92 35.20 9.22
C ASN B 207 8.22 33.70 9.20
N ILE B 208 8.03 33.08 8.03
CA ILE B 208 8.12 31.62 7.92
C ILE B 208 9.46 31.21 7.35
N ASP B 209 9.76 31.64 6.13
CA ASP B 209 10.95 31.16 5.45
C ASP B 209 12.22 31.71 6.10
N THR B 210 13.22 30.84 6.22
CA THR B 210 14.45 31.21 6.92
C THR B 210 15.15 32.39 6.29
N PRO B 211 15.37 32.46 4.98
CA PRO B 211 16.06 33.63 4.41
C PRO B 211 15.18 34.86 4.47
N GLU B 212 15.81 36.02 4.55
CA GLU B 212 15.12 37.28 4.78
C GLU B 212 15.42 38.25 3.64
N GLY B 213 14.38 38.93 3.16
CA GLY B 213 14.52 39.84 2.05
C GLY B 213 15.31 41.09 2.38
N GLY B 214 16.63 40.96 2.43
CA GLY B 214 17.47 42.07 2.82
C GLY B 214 17.88 42.95 1.66
N PHE B 215 17.95 42.37 0.45
CA PHE B 215 18.46 43.11 -0.69
C PHE B 215 17.54 44.27 -1.09
N ASP B 216 16.24 44.11 -0.93
CA ASP B 216 15.34 45.22 -1.21
C ASP B 216 15.64 46.40 -0.29
N ALA B 217 15.81 46.13 1.00
CA ALA B 217 16.17 47.20 1.93
C ALA B 217 17.50 47.82 1.56
N MET B 218 18.47 46.99 1.16
CA MET B 218 19.78 47.51 0.77
C MET B 218 19.65 48.47 -0.40
N LEU B 219 18.96 48.06 -1.45
CA LEU B 219 18.76 48.93 -2.61
C LEU B 219 18.08 50.23 -2.19
N GLN B 220 17.03 50.14 -1.39
CA GLN B 220 16.30 51.34 -0.98
C GLN B 220 17.19 52.27 -0.19
N ALA B 221 17.90 51.73 0.81
CA ALA B 221 18.85 52.55 1.55
C ALA B 221 19.92 53.12 0.64
N ALA B 222 20.17 52.49 -0.51
CA ALA B 222 21.22 52.97 -1.40
C ALA B 222 20.73 54.13 -2.26
N VAL B 223 19.63 53.93 -2.96
CA VAL B 223 19.17 54.92 -3.93
C VAL B 223 18.47 56.08 -3.25
N CYS B 224 17.71 55.81 -2.19
CA CYS B 224 17.01 56.87 -1.47
C CYS B 224 18.00 57.80 -0.79
N GLU B 225 18.79 58.53 -1.58
CA GLU B 225 19.87 59.34 -1.02
C GLU B 225 19.32 60.44 -0.12
N SER B 226 18.30 61.15 -0.59
CA SER B 226 17.79 62.31 0.16
C SER B 226 17.11 61.88 1.45
N HIS B 227 16.37 60.77 1.41
CA HIS B 227 15.61 60.34 2.58
C HIS B 227 16.55 59.89 3.70
N ILE B 228 17.50 59.01 3.39
CA ILE B 228 18.44 58.54 4.40
C ILE B 228 19.40 59.65 4.80
N GLY B 229 19.81 60.47 3.83
CA GLY B 229 20.64 61.63 4.12
C GLY B 229 22.13 61.38 3.93
N TRP B 230 22.49 60.61 2.92
CA TRP B 230 23.90 60.35 2.64
C TRP B 230 24.60 61.62 2.17
N ARG B 231 25.72 61.95 2.79
CA ARG B 231 26.50 63.12 2.41
C ARG B 231 27.40 62.79 1.22
N LYS B 232 27.41 63.69 0.23
CA LYS B 232 28.21 63.47 -0.98
C LYS B 232 29.71 63.47 -0.72
N GLU B 233 30.14 63.75 0.51
CA GLU B 233 31.55 63.80 0.86
C GLU B 233 32.00 62.63 1.73
N ALA B 234 31.13 62.12 2.60
CA ALA B 234 31.52 61.12 3.57
C ALA B 234 31.59 59.74 2.95
N LYS B 235 32.45 58.89 3.53
CA LYS B 235 32.43 57.47 3.20
C LYS B 235 31.10 56.87 3.64
N ARG B 236 30.33 56.37 2.67
CA ARG B 236 28.95 55.95 2.90
C ARG B 236 28.94 54.45 3.15
N LEU B 237 28.88 54.08 4.43
CA LEU B 237 28.93 52.68 4.84
C LEU B 237 27.52 52.21 5.18
N LEU B 238 27.09 51.13 4.54
CA LEU B 238 25.82 50.48 4.83
C LEU B 238 26.12 49.15 5.54
N LEU B 239 25.85 49.10 6.83
CA LEU B 239 26.07 47.88 7.61
C LEU B 239 24.76 47.10 7.66
N VAL B 240 24.70 45.99 6.94
CA VAL B 240 23.55 45.09 6.98
C VAL B 240 23.85 44.02 8.02
N MET B 241 22.96 43.89 9.01
CA MET B 241 23.15 42.95 10.12
C MET B 241 22.05 41.91 10.06
N THR B 242 22.43 40.65 9.89
CA THR B 242 21.48 39.55 9.82
C THR B 242 22.13 38.31 10.41
N ASP B 243 21.59 37.15 10.07
CA ASP B 243 22.09 35.88 10.60
C ASP B 243 21.83 34.73 9.64
N GLN B 244 21.02 34.96 8.61
CA GLN B 244 20.69 33.98 7.60
C GLN B 244 20.84 34.59 6.22
N THR B 245 20.73 33.74 5.20
CA THR B 245 20.90 34.21 3.83
C THR B 245 19.76 35.14 3.44
N SER B 246 20.02 35.97 2.43
CA SER B 246 19.01 36.88 1.91
C SER B 246 18.28 36.26 0.74
N HIS B 247 17.10 36.81 0.45
CA HIS B 247 16.29 36.31 -0.65
C HIS B 247 16.80 36.86 -1.97
N LEU B 248 16.47 36.13 -3.05
CA LEU B 248 16.88 36.47 -4.39
C LEU B 248 15.68 36.96 -5.19
N ALA B 249 15.97 37.64 -6.31
CA ALA B 249 14.91 38.20 -7.14
C ALA B 249 13.92 37.14 -7.59
N LEU B 250 14.42 36.09 -8.25
CA LEU B 250 13.54 35.08 -8.80
C LEU B 250 12.79 34.29 -7.72
N ASP B 251 13.26 34.34 -6.47
CA ASP B 251 12.48 33.76 -5.38
C ASP B 251 11.07 34.34 -5.36
N SER B 252 10.94 35.62 -5.71
CA SER B 252 9.64 36.30 -5.67
C SER B 252 8.59 35.56 -6.49
N LYS B 253 9.00 34.89 -7.57
CA LYS B 253 8.05 34.23 -8.44
C LYS B 253 7.12 33.29 -7.69
N LEU B 254 7.61 32.67 -6.61
CA LEU B 254 6.75 31.81 -5.80
C LEU B 254 5.52 32.57 -5.30
N ALA B 255 5.72 33.80 -4.84
CA ALA B 255 4.64 34.61 -4.31
C ALA B 255 3.73 35.19 -5.40
N GLY B 256 4.04 34.94 -6.67
CA GLY B 256 3.34 35.59 -7.75
C GLY B 256 3.89 36.95 -8.11
N ILE B 257 5.04 37.31 -7.59
CA ILE B 257 5.71 38.57 -7.89
C ILE B 257 6.73 38.30 -8.98
N VAL B 258 6.43 38.77 -10.19
CA VAL B 258 7.24 38.45 -11.37
C VAL B 258 7.66 39.70 -12.11
N CYS B 259 7.49 40.87 -11.47
CA CYS B 259 7.86 42.12 -12.10
C CYS B 259 9.22 42.54 -11.55
N PRO B 260 10.29 42.52 -12.37
CA PRO B 260 11.63 42.76 -11.84
C PRO B 260 11.72 44.10 -11.11
N ASN B 261 12.72 44.20 -10.24
CA ASN B 261 12.95 45.44 -9.51
C ASN B 261 13.34 46.55 -10.47
N ASP B 262 12.81 47.75 -10.22
CA ASP B 262 13.12 48.90 -11.05
C ASP B 262 14.26 49.75 -10.49
N GLY B 263 14.68 49.50 -9.25
CA GLY B 263 15.88 50.11 -8.72
C GLY B 263 15.77 51.55 -8.32
N ASN B 264 14.55 52.08 -8.16
CA ASN B 264 14.35 53.46 -7.76
C ASN B 264 13.70 53.51 -6.38
N CYS B 265 13.86 54.67 -5.72
CA CYS B 265 13.34 54.84 -4.37
C CYS B 265 11.82 54.78 -4.37
N HIS B 266 11.25 54.02 -3.44
CA HIS B 266 9.80 53.85 -3.32
C HIS B 266 9.40 53.89 -1.84
N LEU B 267 9.82 54.94 -1.15
CA LEU B 267 9.44 55.17 0.24
C LEU B 267 8.49 56.37 0.29
N LYS B 268 7.24 56.12 0.66
CA LYS B 268 6.26 57.20 0.81
C LYS B 268 6.33 57.76 2.22
N ASN B 269 5.92 56.95 3.21
CA ASN B 269 6.02 57.33 4.61
C ASN B 269 7.11 56.53 5.29
N ASN B 270 8.32 56.53 4.72
CA ASN B 270 9.43 55.72 5.22
C ASN B 270 9.08 54.24 5.23
N VAL B 271 8.28 53.80 4.25
CA VAL B 271 7.84 52.42 4.16
C VAL B 271 7.98 51.96 2.72
N TYR B 272 8.61 50.80 2.51
CA TYR B 272 8.76 50.24 1.18
C TYR B 272 7.40 49.78 0.65
N VAL B 273 6.72 50.67 -0.09
CA VAL B 273 5.37 50.38 -0.53
C VAL B 273 5.34 49.33 -1.63
N LYS B 274 6.46 49.08 -2.29
CA LYS B 274 6.54 48.13 -3.39
C LYS B 274 7.07 46.77 -2.94
N SER B 275 6.95 46.45 -1.65
CA SER B 275 7.45 45.17 -1.17
C SER B 275 6.68 44.00 -1.76
N THR B 276 5.39 44.20 -2.06
CA THR B 276 4.53 43.13 -2.52
C THR B 276 4.26 43.18 -4.03
N THR B 277 4.96 44.05 -4.75
CA THR B 277 4.70 44.23 -6.18
C THR B 277 5.91 43.96 -7.06
N MET B 278 7.12 44.23 -6.61
CA MET B 278 8.33 44.01 -7.40
C MET B 278 9.19 42.93 -6.76
N GLU B 279 9.96 42.25 -7.60
CA GLU B 279 10.87 41.21 -7.13
C GLU B 279 11.98 41.82 -6.29
N HIS B 280 12.70 40.97 -5.57
CA HIS B 280 13.93 41.41 -4.95
C HIS B 280 14.88 41.90 -6.05
N PRO B 281 15.80 42.80 -5.73
CA PRO B 281 16.80 43.20 -6.73
C PRO B 281 17.85 42.12 -6.89
N SER B 282 18.25 41.88 -8.13
CA SER B 282 19.31 40.93 -8.41
C SER B 282 20.66 41.55 -8.06
N LEU B 283 21.66 40.69 -7.85
CA LEU B 283 22.98 41.15 -7.47
C LEU B 283 23.53 42.16 -8.48
N GLY B 284 23.22 41.96 -9.77
CA GLY B 284 23.65 42.93 -10.76
C GLY B 284 23.06 44.30 -10.53
N GLN B 285 21.74 44.37 -10.35
CA GLN B 285 21.10 45.64 -10.07
C GLN B 285 21.66 46.26 -8.78
N LEU B 286 21.88 45.44 -7.76
CA LEU B 286 22.34 45.97 -6.48
C LEU B 286 23.77 46.49 -6.58
N SER B 287 24.66 45.71 -7.20
CA SER B 287 26.02 46.19 -7.43
C SER B 287 26.01 47.52 -8.16
N GLU B 288 25.23 47.60 -9.24
CA GLU B 288 25.15 48.83 -10.01
C GLU B 288 24.70 49.99 -9.14
N LYS B 289 23.68 49.78 -8.31
CA LYS B 289 23.13 50.86 -7.50
C LYS B 289 24.09 51.25 -6.37
N LEU B 290 24.84 50.30 -5.82
CA LEU B 290 25.83 50.64 -4.81
C LEU B 290 26.96 51.45 -5.43
N ILE B 291 27.52 50.95 -6.53
CA ILE B 291 28.64 51.64 -7.18
C ILE B 291 28.23 53.04 -7.60
N ASP B 292 27.01 53.19 -8.12
CA ASP B 292 26.56 54.50 -8.59
C ASP B 292 26.38 55.47 -7.43
N ASN B 293 25.74 55.01 -6.34
CA ASN B 293 25.61 55.83 -5.15
C ASN B 293 26.82 55.77 -4.24
N ASN B 294 27.86 55.04 -4.62
CA ASN B 294 29.10 54.96 -3.86
C ASN B 294 28.84 54.56 -2.42
N ILE B 295 28.31 53.34 -2.26
CA ILE B 295 28.02 52.77 -0.96
C ILE B 295 28.91 51.56 -0.76
N ASN B 296 29.58 51.52 0.39
CA ASN B 296 30.38 50.37 0.79
C ASN B 296 29.58 49.58 1.81
N VAL B 297 29.31 48.32 1.51
CA VAL B 297 28.45 47.48 2.34
C VAL B 297 29.32 46.65 3.27
N ILE B 298 28.85 46.47 4.50
CA ILE B 298 29.51 45.63 5.49
C ILE B 298 28.48 44.61 5.96
N PHE B 299 28.71 43.34 5.66
CA PHE B 299 27.79 42.26 6.03
C PHE B 299 28.19 41.75 7.41
N ALA B 300 27.42 42.13 8.42
CA ALA B 300 27.61 41.64 9.79
C ALA B 300 26.60 40.53 10.03
N VAL B 301 27.10 39.30 10.17
CA VAL B 301 26.24 38.13 10.34
C VAL B 301 26.79 37.27 11.47
N GLN B 302 26.01 36.27 11.85
CA GLN B 302 26.34 35.44 13.01
C GLN B 302 26.54 33.98 12.65
N GLY B 303 25.54 33.34 12.04
CA GLY B 303 25.58 31.90 11.84
C GLY B 303 26.62 31.47 10.81
N LYS B 304 26.53 30.20 10.44
CA LYS B 304 27.38 29.66 9.39
C LYS B 304 27.26 30.43 8.09
N GLN B 305 26.13 31.11 7.89
CA GLN B 305 25.86 31.80 6.64
C GLN B 305 26.81 32.97 6.41
N PHE B 306 27.69 33.24 7.37
CA PHE B 306 28.76 34.19 7.12
C PHE B 306 29.52 33.82 5.86
N HIS B 307 29.90 32.54 5.73
CA HIS B 307 30.59 32.09 4.53
C HIS B 307 29.77 32.36 3.28
N TRP B 308 28.45 32.24 3.37
CA TRP B 308 27.58 32.60 2.26
C TRP B 308 27.83 34.04 1.83
N TYR B 309 27.66 35.00 2.76
CA TYR B 309 27.91 36.39 2.46
C TYR B 309 29.38 36.65 2.12
N LYS B 310 30.28 35.77 2.54
CA LYS B 310 31.69 35.91 2.18
C LYS B 310 31.91 35.54 0.72
N ASP B 311 31.37 34.40 0.30
CA ASP B 311 31.55 33.95 -1.07
C ASP B 311 30.89 34.87 -2.09
N LEU B 312 29.97 35.75 -1.64
CA LEU B 312 29.37 36.72 -2.54
C LEU B 312 30.22 37.98 -2.70
N LEU B 313 31.19 38.18 -1.82
CA LEU B 313 32.02 39.38 -1.89
C LEU B 313 32.63 39.62 -3.27
N PRO B 314 33.15 38.62 -3.98
CA PRO B 314 33.73 38.89 -5.30
C PRO B 314 32.74 39.48 -6.29
N LEU B 315 31.43 39.30 -6.08
CA LEU B 315 30.43 39.80 -7.01
C LEU B 315 30.00 41.22 -6.72
N LEU B 316 30.22 41.71 -5.49
CA LEU B 316 29.92 43.09 -5.13
C LEU B 316 31.21 43.79 -4.71
N PRO B 317 31.87 44.52 -5.60
CA PRO B 317 33.10 45.21 -5.21
C PRO B 317 32.82 46.28 -4.17
N GLY B 318 33.88 46.67 -3.46
CA GLY B 318 33.74 47.65 -2.41
C GLY B 318 32.82 47.19 -1.28
N THR B 319 32.81 45.90 -1.00
CA THR B 319 31.99 45.35 0.07
C THR B 319 32.83 44.36 0.87
N ILE B 320 32.51 44.26 2.17
CA ILE B 320 33.25 43.39 3.08
C ILE B 320 32.26 42.73 4.03
N ALA B 321 32.67 41.61 4.60
CA ALA B 321 31.83 40.83 5.50
C ALA B 321 32.53 40.66 6.85
N GLY B 322 31.74 40.68 7.91
CA GLY B 322 32.26 40.42 9.25
C GLY B 322 31.36 39.46 9.99
N GLU B 323 31.98 38.53 10.70
CA GLU B 323 31.24 37.53 11.45
C GLU B 323 30.99 38.03 12.88
N ILE B 324 29.73 38.11 13.25
CA ILE B 324 29.34 38.37 14.64
C ILE B 324 29.50 37.06 15.40
N GLU B 325 30.52 36.99 16.26
CA GLU B 325 30.81 35.73 16.93
C GLU B 325 29.78 35.46 18.01
N SER B 326 29.27 34.21 18.02
CA SER B 326 28.30 33.69 18.97
C SER B 326 27.88 34.67 20.06
N LYS B 327 28.78 34.93 21.01
CA LYS B 327 28.45 35.79 22.14
C LYS B 327 28.07 37.19 21.71
N ALA B 328 28.58 37.65 20.57
CA ALA B 328 28.26 38.97 20.04
C ALA B 328 28.96 40.07 20.82
N ALA B 329 28.58 41.32 20.55
CA ALA B 329 29.12 42.54 21.18
C ALA B 329 30.42 42.97 20.49
N ASN B 330 30.90 42.22 19.51
CA ASN B 330 32.03 42.63 18.67
C ASN B 330 31.60 43.59 17.56
N LEU B 331 30.38 44.11 17.64
CA LEU B 331 29.83 44.94 16.56
C LEU B 331 30.70 46.16 16.30
N ASN B 332 31.05 46.90 17.35
CA ASN B 332 31.88 48.08 17.18
C ASN B 332 33.24 47.72 16.61
N ASN B 333 33.92 46.74 17.23
CA ASN B 333 35.24 46.35 16.76
C ASN B 333 35.18 45.73 15.36
N LEU B 334 34.09 45.04 15.03
CA LEU B 334 33.96 44.46 13.70
C LEU B 334 33.86 45.54 12.63
N VAL B 335 33.02 46.55 12.87
CA VAL B 335 32.78 47.57 11.84
C VAL B 335 34.00 48.47 11.66
N VAL B 336 34.80 48.66 12.71
CA VAL B 336 36.02 49.44 12.56
C VAL B 336 37.09 48.63 11.85
N GLU B 337 37.23 47.34 12.20
CA GLU B 337 38.13 46.48 11.46
C GLU B 337 37.76 46.45 9.98
N ALA B 338 36.46 46.51 9.68
CA ALA B 338 36.02 46.58 8.29
C ALA B 338 36.27 47.96 7.69
N TYR B 339 36.19 49.01 8.51
CA TYR B 339 36.38 50.36 7.97
C TYR B 339 37.84 50.57 7.57
N GLN B 340 38.78 50.22 8.46
CA GLN B 340 40.19 50.39 8.14
C GLN B 340 40.64 49.48 7.01
N LYS B 341 39.78 48.57 6.52
CA LYS B 341 40.14 47.70 5.41
C LYS B 341 39.78 48.27 4.05
N LEU B 342 38.84 49.22 3.99
CA LEU B 342 38.57 49.90 2.73
C LEU B 342 39.42 51.15 2.55
N ILE B 343 39.76 51.85 3.63
CA ILE B 343 40.83 52.84 3.55
C ILE B 343 42.13 52.15 3.19
N SER B 344 42.26 50.87 3.54
CA SER B 344 43.43 50.07 3.20
C SER B 344 43.31 49.39 1.85
N GLU B 345 42.38 49.83 1.01
CA GLU B 345 42.25 49.28 -0.33
C GLU B 345 41.68 50.35 -1.26
N VAL B 346 42.29 50.48 -2.43
CA VAL B 346 41.81 51.36 -3.49
C VAL B 346 41.76 50.53 -4.76
N LYS B 347 40.56 50.18 -5.20
CA LYS B 347 40.35 49.35 -6.37
C LYS B 347 39.61 50.15 -7.44
N VAL B 348 39.89 49.85 -8.69
CA VAL B 348 39.36 50.60 -9.82
C VAL B 348 38.41 49.72 -10.61
N GLN B 349 37.39 50.37 -11.20
CA GLN B 349 36.45 49.71 -12.08
C GLN B 349 36.02 50.69 -13.15
N VAL B 350 36.09 50.27 -14.40
CA VAL B 350 35.72 51.11 -15.53
C VAL B 350 34.34 50.70 -16.01
N GLU B 351 33.59 51.66 -16.53
CA GLU B 351 32.24 51.44 -17.03
C GLU B 351 32.19 51.87 -18.49
N ASN B 352 31.87 50.93 -19.37
CA ASN B 352 31.80 51.21 -20.80
C ASN B 352 33.11 51.81 -21.31
N GLY B 356 33.47 51.14 -28.26
CA GLY B 356 34.13 49.85 -28.31
C GLY B 356 35.63 49.98 -28.17
N ILE B 357 36.16 49.62 -27.00
CA ILE B 357 37.57 49.81 -26.69
C ILE B 357 37.95 48.94 -25.52
N TYR B 358 39.17 48.42 -25.55
CA TYR B 358 39.73 47.63 -24.46
C TYR B 358 40.66 48.50 -23.61
N PHE B 359 40.71 48.18 -22.32
CA PHE B 359 41.59 48.85 -21.39
C PHE B 359 42.38 47.81 -20.61
N ASN B 360 43.66 48.08 -20.40
CA ASN B 360 44.54 47.20 -19.63
C ASN B 360 45.15 48.00 -18.50
N ILE B 361 45.14 47.42 -17.30
CA ILE B 361 45.54 48.13 -16.10
C ILE B 361 46.65 47.37 -15.39
N THR B 362 47.57 48.12 -14.79
CA THR B 362 48.63 47.59 -13.95
C THR B 362 48.61 48.35 -12.63
N ALA B 363 49.09 47.70 -11.57
CA ALA B 363 49.04 48.28 -10.24
C ALA B 363 50.36 48.96 -9.88
N ILE B 364 50.27 49.99 -9.03
CA ILE B 364 51.43 50.68 -8.50
C ILE B 364 51.18 50.93 -7.02
N CYS B 365 51.45 49.93 -6.19
CA CYS B 365 51.23 50.03 -4.76
C CYS B 365 52.43 50.70 -4.10
N PRO B 366 52.30 51.05 -2.81
CA PRO B 366 53.50 51.56 -2.09
C PRO B 366 54.67 50.62 -2.21
N ASP B 367 54.46 49.35 -1.85
CA ASP B 367 55.45 48.31 -2.08
C ASP B 367 55.34 47.82 -3.53
N GLY B 368 56.46 47.30 -4.02
CA GLY B 368 56.52 46.82 -5.39
C GLY B 368 55.57 45.68 -5.66
N SER B 369 54.39 45.99 -6.17
CA SER B 369 53.40 44.99 -6.54
C SER B 369 52.73 45.40 -7.84
N ARG B 370 52.46 44.42 -8.71
CA ARG B 370 51.96 44.67 -10.05
C ARG B 370 50.79 43.72 -10.31
N LYS B 371 49.57 44.21 -10.13
CA LYS B 371 48.35 43.44 -10.25
C LYS B 371 47.42 44.10 -11.26
N PRO B 372 46.42 43.37 -11.74
CA PRO B 372 45.46 43.99 -12.67
C PRO B 372 44.52 44.94 -11.96
N GLY B 373 44.05 45.93 -12.71
CA GLY B 373 43.27 47.00 -12.10
C GLY B 373 42.11 46.50 -11.28
N MET B 374 41.39 45.48 -11.78
CA MET B 374 40.26 44.94 -11.05
C MET B 374 40.62 44.57 -9.62
N GLU B 375 41.89 44.20 -9.40
CA GLU B 375 42.40 43.82 -8.09
C GLU B 375 43.29 44.96 -7.61
N GLY B 376 42.70 45.90 -6.88
CA GLY B 376 43.46 47.04 -6.39
C GLY B 376 44.28 46.69 -5.16
N CYS B 377 45.37 47.43 -4.98
CA CYS B 377 46.28 47.22 -3.86
C CYS B 377 45.52 47.19 -2.54
N ARG B 378 46.10 46.54 -1.53
CA ARG B 378 45.54 46.52 -0.18
C ARG B 378 46.61 47.00 0.79
N ASN B 379 46.19 47.20 2.04
CA ASN B 379 47.04 47.77 3.09
C ASN B 379 47.42 49.20 2.81
N VAL B 380 46.89 49.81 1.75
CA VAL B 380 47.40 51.10 1.29
C VAL B 380 47.33 52.10 2.45
N THR B 381 48.49 52.62 2.83
CA THR B 381 48.53 53.68 3.84
C THR B 381 47.85 54.92 3.27
N SER B 382 47.09 55.62 4.13
CA SER B 382 46.30 56.74 3.66
C SER B 382 47.15 57.78 2.95
N ASN B 383 48.41 57.94 3.36
CA ASN B 383 49.25 58.98 2.78
C ASN B 383 49.76 58.61 1.40
N ASP B 384 50.25 57.37 1.24
CA ASP B 384 50.99 57.00 0.05
C ASP B 384 50.15 57.17 -1.21
N GLU B 385 50.75 57.76 -2.24
CA GLU B 385 50.10 57.86 -3.54
C GLU B 385 49.96 56.48 -4.17
N VAL B 386 48.94 56.33 -5.00
CA VAL B 386 48.70 55.09 -5.72
C VAL B 386 48.12 55.43 -7.09
N LEU B 387 48.83 55.04 -8.15
CA LEU B 387 48.36 55.29 -9.51
C LEU B 387 48.23 53.98 -10.26
N PHE B 388 47.56 54.04 -11.41
CA PHE B 388 47.33 52.90 -12.26
C PHE B 388 47.67 53.27 -13.70
N ASN B 389 48.29 52.34 -14.42
CA ASN B 389 48.50 52.51 -15.85
C ASN B 389 47.26 52.07 -16.61
N VAL B 390 46.98 52.76 -17.71
CA VAL B 390 45.89 52.41 -18.61
C VAL B 390 46.45 52.38 -20.02
N THR B 391 46.17 51.30 -20.74
CA THR B 391 46.58 51.15 -22.13
C THR B 391 45.33 51.04 -22.99
N VAL B 392 45.13 51.99 -23.88
CA VAL B 392 43.90 52.10 -24.67
C VAL B 392 44.21 51.69 -26.10
N THR B 393 43.46 50.72 -26.60
CA THR B 393 43.69 50.12 -27.93
C THR B 393 42.35 49.93 -28.62
N MET B 394 42.00 50.84 -29.53
CA MET B 394 40.72 50.81 -30.23
C MET B 394 40.84 49.99 -31.51
N LYS B 395 39.84 49.14 -31.75
CA LYS B 395 39.81 48.28 -32.93
C LYS B 395 38.90 48.81 -34.02
N LYS B 396 37.64 49.09 -33.70
CA LYS B 396 36.72 49.70 -34.66
C LYS B 396 36.90 51.21 -34.68
N CYS B 397 36.87 51.79 -35.88
CA CYS B 397 37.01 53.24 -36.03
C CYS B 397 35.70 53.95 -35.75
N ASN B 404 32.16 58.61 -27.62
CA ASN B 404 31.54 58.70 -26.30
C ASN B 404 32.59 59.03 -25.25
N TYR B 405 32.21 58.83 -23.98
CA TYR B 405 33.11 59.04 -22.86
C TYR B 405 33.02 57.84 -21.92
N ALA B 406 34.18 57.40 -21.43
CA ALA B 406 34.26 56.33 -20.46
C ALA B 406 34.60 56.91 -19.08
N ILE B 407 34.30 56.13 -18.04
CA ILE B 407 34.48 56.57 -16.67
C ILE B 407 35.28 55.51 -15.92
N ILE B 408 36.25 55.95 -15.12
CA ILE B 408 37.14 55.06 -14.38
C ILE B 408 36.96 55.39 -12.91
N LYS B 409 36.25 54.52 -12.18
CA LYS B 409 35.88 54.80 -10.80
C LYS B 409 36.75 53.98 -9.85
N PRO B 410 37.48 54.61 -8.92
CA PRO B 410 38.04 53.86 -7.79
C PRO B 410 36.95 53.57 -6.78
N ILE B 411 36.56 52.31 -6.67
CA ILE B 411 35.43 51.91 -5.84
C ILE B 411 35.61 52.48 -4.45
N GLY B 412 34.49 52.79 -3.78
CA GLY B 412 34.52 53.42 -2.48
C GLY B 412 34.70 54.92 -2.50
N PHE B 413 35.14 55.49 -3.62
CA PHE B 413 35.38 56.92 -3.74
C PHE B 413 34.21 57.60 -4.43
N ASN B 414 34.14 58.92 -4.25
CA ASN B 414 33.11 59.74 -4.85
C ASN B 414 33.57 60.56 -6.05
N GLU B 415 34.87 60.81 -6.16
CA GLU B 415 35.43 61.58 -7.27
C GLU B 415 36.06 60.62 -8.28
N THR B 416 36.06 61.02 -9.54
CA THR B 416 36.29 60.09 -10.63
C THR B 416 36.98 60.79 -11.80
N ALA B 417 37.54 59.98 -12.70
CA ALA B 417 38.21 60.46 -13.90
C ALA B 417 37.36 60.12 -15.12
N LYS B 418 36.84 61.15 -15.79
CA LYS B 418 36.15 60.98 -17.06
C LYS B 418 37.17 61.11 -18.19
N ILE B 419 37.08 60.20 -19.18
CA ILE B 419 37.97 60.21 -20.33
C ILE B 419 37.12 60.22 -21.59
N HIS B 420 37.48 61.07 -22.54
CA HIS B 420 36.72 61.22 -23.77
C HIS B 420 37.26 60.29 -24.86
N CYS B 425 41.40 57.56 -36.61
CA CYS B 425 41.20 57.33 -38.02
C CYS B 425 40.86 58.62 -38.77
N PHE C 1 46.58 -11.81 -56.87
CA PHE C 1 47.63 -12.49 -57.68
C PHE C 1 48.94 -12.65 -56.92
N ASN C 2 49.05 -11.96 -55.78
CA ASN C 2 50.30 -11.89 -55.04
C ASN C 2 50.27 -12.72 -53.75
N LEU C 3 49.43 -13.75 -53.70
CA LEU C 3 49.36 -14.62 -52.53
C LEU C 3 50.36 -15.76 -52.65
N ASP C 4 51.02 -16.09 -51.54
CA ASP C 4 52.01 -17.15 -51.49
C ASP C 4 51.30 -18.49 -51.32
N VAL C 5 51.35 -19.33 -52.37
CA VAL C 5 50.75 -20.66 -52.33
C VAL C 5 51.78 -21.77 -52.23
N ASP C 6 53.07 -21.46 -52.42
CA ASP C 6 54.09 -22.49 -52.34
C ASP C 6 54.38 -22.91 -50.90
N SER C 7 54.28 -21.97 -49.95
CA SER C 7 54.60 -22.24 -48.56
C SER C 7 53.70 -21.41 -47.66
N PRO C 8 52.40 -21.72 -47.64
CA PRO C 8 51.50 -21.11 -46.66
C PRO C 8 51.70 -21.76 -45.29
N ALA C 9 51.12 -21.12 -44.28
CA ALA C 9 51.22 -21.59 -42.91
C ALA C 9 49.98 -22.43 -42.57
N GLU C 10 50.20 -23.70 -42.26
CA GLU C 10 49.13 -24.66 -42.04
C GLU C 10 48.90 -24.87 -40.55
N TYR C 11 47.65 -24.78 -40.13
CA TYR C 11 47.25 -25.09 -38.76
C TYR C 11 46.19 -26.17 -38.77
N SER C 12 46.20 -27.00 -37.74
CA SER C 12 45.29 -28.13 -37.64
C SER C 12 44.69 -28.18 -36.24
N GLY C 13 43.62 -28.97 -36.12
CA GLY C 13 42.94 -29.13 -34.85
C GLY C 13 42.49 -30.55 -34.61
N PRO C 14 41.90 -30.79 -33.44
CA PRO C 14 41.48 -32.15 -33.10
C PRO C 14 40.52 -32.72 -34.13
N GLU C 15 40.77 -33.96 -34.52
CA GLU C 15 39.96 -34.62 -35.53
C GLU C 15 38.49 -34.62 -35.14
N GLY C 16 37.64 -34.16 -36.05
CA GLY C 16 36.21 -34.14 -35.82
C GLY C 16 35.68 -32.93 -35.08
N SER C 17 36.54 -31.96 -34.78
CA SER C 17 36.13 -30.76 -34.05
C SER C 17 35.74 -29.61 -34.97
N TYR C 18 35.65 -29.86 -36.27
CA TYR C 18 35.37 -28.81 -37.25
C TYR C 18 36.31 -27.62 -37.05
N PHE C 19 37.60 -27.93 -36.89
CA PHE C 19 38.61 -26.90 -36.71
C PHE C 19 38.76 -26.12 -38.01
N GLY C 20 38.42 -24.84 -37.97
CA GLY C 20 38.43 -24.00 -39.15
C GLY C 20 37.06 -23.55 -39.61
N PHE C 21 36.00 -23.89 -38.86
CA PHE C 21 34.66 -23.47 -39.24
C PHE C 21 34.55 -21.95 -39.24
N ALA C 22 35.23 -21.29 -38.31
CA ALA C 22 35.25 -19.83 -38.23
C ALA C 22 36.68 -19.38 -37.96
N VAL C 23 37.12 -18.38 -38.73
CA VAL C 23 38.48 -17.86 -38.62
C VAL C 23 38.42 -16.35 -38.47
N ASP C 24 39.48 -15.79 -37.87
CA ASP C 24 39.62 -14.35 -37.74
C ASP C 24 41.02 -14.04 -37.26
N PHE C 25 41.38 -12.76 -37.29
CA PHE C 25 42.65 -12.29 -36.79
C PHE C 25 42.46 -11.69 -35.40
N PHE C 26 43.46 -11.86 -34.54
CA PHE C 26 43.48 -11.22 -33.23
C PHE C 26 44.60 -10.18 -33.23
N VAL C 27 44.21 -8.91 -33.25
CA VAL C 27 45.15 -7.80 -33.34
C VAL C 27 45.04 -6.98 -32.05
N PRO C 28 45.73 -7.40 -30.98
CA PRO C 28 45.54 -6.71 -29.70
C PRO C 28 45.89 -5.23 -29.78
N SER C 29 45.27 -4.46 -28.89
CA SER C 29 45.65 -3.06 -28.72
C SER C 29 46.90 -2.93 -27.85
N ALA C 30 47.17 -3.91 -27.00
CA ALA C 30 48.42 -3.99 -26.24
C ALA C 30 49.26 -5.13 -26.79
N SER C 31 50.57 -4.91 -26.85
CA SER C 31 51.50 -5.78 -27.58
C SER C 31 51.38 -5.57 -29.08
N SER C 32 52.49 -5.71 -29.79
CA SER C 32 52.53 -5.62 -31.24
C SER C 32 52.36 -6.96 -31.92
N ARG C 33 52.01 -8.01 -31.17
CA ARG C 33 51.85 -9.33 -31.76
C ARG C 33 50.47 -9.47 -32.42
N MET C 34 50.35 -10.46 -33.27
CA MET C 34 49.08 -10.78 -33.93
C MET C 34 48.95 -12.29 -33.99
N PHE C 35 47.70 -12.77 -33.98
CA PHE C 35 47.43 -14.18 -33.92
C PHE C 35 46.27 -14.52 -34.83
N LEU C 36 46.05 -15.82 -35.00
CA LEU C 36 44.87 -16.35 -35.68
C LEU C 36 43.88 -16.86 -34.64
N LEU C 37 42.59 -16.68 -34.92
CA LEU C 37 41.51 -17.22 -34.11
C LEU C 37 40.76 -18.22 -34.97
N VAL C 38 40.67 -19.47 -34.50
CA VAL C 38 40.02 -20.54 -35.26
C VAL C 38 38.95 -21.17 -34.38
N GLY C 39 37.77 -21.40 -34.95
CA GLY C 39 36.67 -21.99 -34.22
C GLY C 39 36.62 -23.49 -34.43
N ALA C 40 36.46 -24.22 -33.32
CA ALA C 40 36.26 -25.67 -33.32
C ALA C 40 34.95 -25.95 -32.60
N PRO C 41 33.81 -25.81 -33.30
CA PRO C 41 32.52 -25.89 -32.61
C PRO C 41 32.22 -27.25 -31.98
N LYS C 42 32.77 -28.33 -32.52
CA LYS C 42 32.48 -29.67 -32.02
C LYS C 42 33.63 -30.22 -31.17
N ALA C 43 34.48 -29.35 -30.65
CA ALA C 43 35.63 -29.78 -29.86
C ALA C 43 35.20 -30.20 -28.47
N ASN C 44 35.92 -31.20 -27.95
CA ASN C 44 35.71 -31.63 -26.57
C ASN C 44 36.50 -30.74 -25.62
N THR C 45 35.91 -30.44 -24.47
CA THR C 45 36.42 -29.44 -23.54
C THR C 45 36.49 -30.01 -22.13
N THR C 46 37.12 -29.24 -21.24
CA THR C 46 37.30 -29.67 -19.86
C THR C 46 36.10 -29.35 -18.99
N GLN C 47 35.25 -28.42 -19.39
CA GLN C 47 34.07 -28.09 -18.61
C GLN C 47 33.29 -29.38 -18.31
N PRO C 48 33.02 -29.68 -17.04
CA PRO C 48 32.57 -31.04 -16.70
C PRO C 48 31.19 -31.36 -17.24
N GLY C 49 31.01 -32.63 -17.61
CA GLY C 49 29.72 -33.15 -18.03
C GLY C 49 29.24 -32.67 -19.37
N ILE C 50 30.13 -32.11 -20.19
CA ILE C 50 29.75 -31.50 -21.46
C ILE C 50 30.49 -32.19 -22.59
N VAL C 51 29.76 -32.60 -23.62
CA VAL C 51 30.30 -33.27 -24.79
C VAL C 51 30.31 -32.30 -25.95
N GLU C 52 31.45 -32.20 -26.64
CA GLU C 52 31.59 -31.34 -27.81
C GLU C 52 31.09 -29.92 -27.51
N GLY C 53 31.53 -29.39 -26.36
CA GLY C 53 31.19 -28.03 -26.01
C GLY C 53 31.72 -27.02 -27.01
N GLY C 54 32.82 -27.34 -27.69
CA GLY C 54 33.42 -26.44 -28.64
C GLY C 54 34.35 -25.44 -28.00
N GLN C 55 35.33 -24.98 -28.76
CA GLN C 55 36.31 -24.03 -28.25
C GLN C 55 36.78 -23.12 -29.37
N VAL C 56 37.59 -22.14 -28.99
CA VAL C 56 38.12 -21.14 -29.90
C VAL C 56 39.62 -21.05 -29.63
N LEU C 57 40.43 -21.50 -30.57
CA LEU C 57 41.87 -21.58 -30.38
C LEU C 57 42.56 -20.31 -30.88
N LYS C 58 43.56 -19.87 -30.14
CA LYS C 58 44.46 -18.81 -30.59
C LYS C 58 45.74 -19.44 -31.11
N CYS C 59 46.02 -19.24 -32.39
CA CYS C 59 47.15 -19.87 -33.06
C CYS C 59 48.24 -18.84 -33.32
N ASP C 60 49.46 -19.15 -32.89
CA ASP C 60 50.59 -18.26 -33.10
C ASP C 60 51.10 -18.40 -34.52
N TRP C 61 51.52 -17.28 -35.11
CA TRP C 61 52.08 -17.25 -36.45
C TRP C 61 53.60 -17.25 -36.48
N SER C 62 54.23 -16.54 -35.55
CA SER C 62 55.66 -16.25 -35.63
C SER C 62 56.50 -17.49 -35.91
N SER C 63 56.74 -18.31 -34.90
CA SER C 63 57.69 -19.42 -35.02
C SER C 63 56.96 -20.76 -35.07
N THR C 64 56.56 -21.27 -33.90
CA THR C 64 55.80 -22.51 -33.85
C THR C 64 54.33 -22.22 -34.07
N ARG C 65 53.69 -23.06 -34.88
CA ARG C 65 52.29 -22.87 -35.23
C ARG C 65 51.35 -23.49 -34.21
N ARG C 66 51.63 -23.30 -32.92
CA ARG C 66 50.79 -23.87 -31.88
C ARG C 66 49.44 -23.18 -31.83
N CYS C 67 48.40 -23.96 -31.56
CA CYS C 67 47.07 -23.44 -31.32
C CYS C 67 46.67 -23.79 -29.89
N GLN C 68 46.46 -22.77 -29.06
CA GLN C 68 46.10 -22.97 -27.68
C GLN C 68 44.67 -22.52 -27.44
N PRO C 69 43.79 -23.38 -26.90
CA PRO C 69 42.40 -22.94 -26.69
C PRO C 69 42.32 -21.75 -25.76
N ILE C 70 41.40 -20.85 -26.06
CA ILE C 70 41.06 -19.73 -25.18
C ILE C 70 39.99 -20.20 -24.21
N GLU C 71 40.11 -19.81 -22.96
CA GLU C 71 39.15 -20.21 -21.92
C GLU C 71 38.18 -19.06 -21.70
N PHE C 72 36.97 -19.20 -22.24
CA PHE C 72 35.89 -18.25 -21.99
C PHE C 72 35.03 -18.69 -20.80
N ASP C 73 34.69 -19.97 -20.75
CA ASP C 73 33.85 -20.51 -19.68
C ASP C 73 34.30 -21.92 -19.37
N ALA C 74 34.76 -22.13 -18.14
CA ALA C 74 35.26 -23.43 -17.71
C ALA C 74 34.24 -24.21 -16.89
N THR C 75 33.04 -23.67 -16.67
CA THR C 75 32.05 -24.30 -15.82
C THR C 75 31.13 -25.20 -16.63
N GLY C 76 30.34 -26.01 -15.91
CA GLY C 76 29.33 -26.84 -16.51
C GLY C 76 28.00 -26.12 -16.60
N ASN C 77 26.93 -26.91 -16.69
CA ASN C 77 25.58 -26.36 -16.78
C ASN C 77 25.14 -25.89 -15.40
N ARG C 78 25.06 -24.57 -15.22
CA ARG C 78 24.54 -24.02 -13.98
C ARG C 78 23.16 -24.61 -13.69
N ASP C 79 22.85 -24.74 -12.41
CA ASP C 79 21.55 -25.26 -11.97
C ASP C 79 20.65 -24.10 -11.57
N TYR C 80 19.37 -24.23 -11.89
CA TYR C 80 18.34 -23.31 -11.39
C TYR C 80 17.72 -23.83 -10.11
N ALA C 81 17.67 -25.15 -9.95
CA ALA C 81 17.31 -25.80 -8.70
C ALA C 81 18.02 -27.15 -8.67
N LYS C 82 17.85 -27.88 -7.58
CA LYS C 82 18.46 -29.21 -7.48
C LYS C 82 17.93 -30.10 -8.60
N ASP C 83 18.86 -30.75 -9.31
CA ASP C 83 18.50 -31.67 -10.39
C ASP C 83 17.53 -31.01 -11.36
N ASP C 84 17.62 -29.69 -11.50
CA ASP C 84 16.84 -28.91 -12.46
C ASP C 84 17.83 -28.02 -13.21
N PRO C 85 18.57 -28.57 -14.16
CA PRO C 85 19.58 -27.78 -14.86
C PRO C 85 18.97 -26.55 -15.52
N LEU C 86 19.77 -25.48 -15.54
CA LEU C 86 19.35 -24.23 -16.18
C LEU C 86 19.76 -24.13 -17.64
N GLU C 87 20.79 -24.86 -18.05
CA GLU C 87 21.35 -24.70 -19.38
C GLU C 87 21.95 -26.01 -19.84
N PHE C 88 22.33 -26.05 -21.12
CA PHE C 88 22.80 -27.28 -21.75
C PHE C 88 23.85 -26.90 -22.77
N LYS C 89 25.12 -27.01 -22.38
CA LYS C 89 26.25 -26.60 -23.21
C LYS C 89 26.77 -27.71 -24.10
N SER C 90 26.28 -28.93 -23.94
CA SER C 90 26.66 -30.02 -24.84
C SER C 90 26.16 -29.72 -26.25
N HIS C 91 27.05 -29.89 -27.23
CA HIS C 91 26.70 -29.67 -28.63
C HIS C 91 26.18 -28.27 -28.88
N GLN C 92 26.60 -27.31 -28.06
CA GLN C 92 26.17 -25.92 -28.21
C GLN C 92 26.85 -25.21 -29.37
N TRP C 93 27.91 -25.80 -29.92
CA TRP C 93 28.60 -25.24 -31.09
C TRP C 93 29.26 -23.90 -30.76
N PHE C 94 29.93 -23.83 -29.62
CA PHE C 94 30.70 -22.64 -29.28
C PHE C 94 31.93 -22.55 -30.16
N GLY C 95 32.15 -21.38 -30.76
CA GLY C 95 33.18 -21.20 -31.75
C GLY C 95 32.67 -21.19 -33.17
N ALA C 96 31.39 -21.52 -33.38
CA ALA C 96 30.81 -21.42 -34.71
C ALA C 96 30.86 -20.01 -35.26
N SER C 97 30.93 -19.00 -34.38
CA SER C 97 31.02 -17.61 -34.79
C SER C 97 32.09 -16.92 -33.94
N VAL C 98 33.04 -16.26 -34.59
CA VAL C 98 34.12 -15.58 -33.90
C VAL C 98 34.38 -14.24 -34.58
N ARG C 99 34.61 -13.21 -33.77
CA ARG C 99 35.01 -11.91 -34.26
C ARG C 99 35.96 -11.28 -33.25
N SER C 100 36.85 -10.41 -33.74
CA SER C 100 37.83 -9.75 -32.90
C SER C 100 37.91 -8.28 -33.28
N LYS C 101 38.13 -7.44 -32.27
CA LYS C 101 38.21 -5.99 -32.46
C LYS C 101 39.16 -5.46 -31.39
N GLN C 102 40.41 -5.27 -31.76
CA GLN C 102 41.45 -4.80 -30.83
C GLN C 102 41.53 -5.84 -29.71
N ASP C 103 41.49 -5.46 -28.43
CA ASP C 103 41.61 -6.43 -27.35
C ASP C 103 40.38 -7.31 -27.18
N LYS C 104 39.31 -7.03 -27.91
CA LYS C 104 38.03 -7.69 -27.68
C LYS C 104 37.88 -8.90 -28.60
N ILE C 105 37.49 -10.03 -28.02
CA ILE C 105 37.19 -11.25 -28.77
C ILE C 105 35.78 -11.68 -28.43
N LEU C 106 34.95 -11.86 -29.46
CA LEU C 106 33.56 -12.26 -29.29
C LEU C 106 33.35 -13.60 -29.98
N ALA C 107 32.99 -14.62 -29.18
CA ALA C 107 32.68 -15.95 -29.69
C ALA C 107 31.30 -16.37 -29.21
N CYS C 108 30.59 -17.14 -30.04
CA CYS C 108 29.19 -17.45 -29.80
C CYS C 108 28.92 -18.93 -29.99
N ALA C 109 27.92 -19.42 -29.26
CA ALA C 109 27.42 -20.79 -29.38
C ALA C 109 25.96 -20.73 -29.84
N PRO C 110 25.68 -20.88 -31.13
CA PRO C 110 24.30 -20.70 -31.60
C PRO C 110 23.34 -21.83 -31.22
N LEU C 111 23.84 -23.00 -30.83
CA LEU C 111 22.98 -24.13 -30.47
C LEU C 111 22.98 -24.36 -28.96
N TYR C 112 23.22 -23.32 -28.18
CA TYR C 112 23.11 -23.38 -26.74
C TYR C 112 21.64 -23.35 -26.33
N HIS C 113 21.24 -24.25 -25.44
CA HIS C 113 19.88 -24.34 -24.95
C HIS C 113 19.83 -24.04 -23.46
N TRP C 114 18.70 -23.51 -23.00
CA TRP C 114 18.54 -23.20 -21.58
C TRP C 114 17.13 -23.53 -21.13
N ARG C 115 16.98 -23.71 -19.80
CA ARG C 115 15.74 -24.22 -19.25
C ARG C 115 14.60 -23.22 -19.38
N THR C 116 14.90 -21.92 -19.30
CA THR C 116 13.89 -20.88 -19.13
C THR C 116 13.44 -20.86 -17.67
N GLU C 117 13.04 -19.69 -17.19
CA GLU C 117 12.76 -19.55 -15.77
C GLU C 117 11.41 -20.13 -15.38
N MET C 118 10.43 -20.15 -16.30
CA MET C 118 9.08 -20.52 -15.93
C MET C 118 8.69 -21.95 -16.33
N LYS C 119 9.45 -22.58 -17.23
CA LYS C 119 9.13 -23.93 -17.66
C LYS C 119 10.37 -24.81 -17.54
N GLN C 120 10.14 -26.12 -17.64
CA GLN C 120 11.22 -27.10 -17.80
C GLN C 120 11.30 -27.44 -19.28
N GLU C 121 11.87 -26.50 -20.03
CA GLU C 121 11.98 -26.59 -21.48
C GLU C 121 13.40 -26.21 -21.88
N ARG C 122 13.88 -26.79 -22.97
CA ARG C 122 15.21 -26.48 -23.50
C ARG C 122 15.06 -25.85 -24.86
N GLU C 123 15.41 -24.57 -24.96
CA GLU C 123 15.19 -23.79 -26.17
C GLU C 123 16.50 -23.16 -26.64
N PRO C 124 16.83 -23.22 -27.93
CA PRO C 124 18.13 -22.69 -28.41
C PRO C 124 18.15 -21.17 -28.54
N VAL C 125 18.26 -20.50 -27.39
CA VAL C 125 18.37 -19.04 -27.38
C VAL C 125 19.73 -18.57 -27.85
N GLY C 126 20.73 -19.44 -27.84
CA GLY C 126 22.08 -19.04 -28.19
C GLY C 126 22.73 -18.19 -27.13
N THR C 127 24.05 -18.27 -26.99
CA THR C 127 24.79 -17.46 -26.05
C THR C 127 26.13 -17.09 -26.65
N CYS C 128 26.76 -16.07 -26.08
CA CYS C 128 28.04 -15.57 -26.54
C CYS C 128 28.89 -15.21 -25.35
N PHE C 129 30.21 -15.21 -25.57
CA PHE C 129 31.16 -14.78 -24.56
C PHE C 129 32.06 -13.71 -25.16
N LEU C 130 32.24 -12.62 -24.43
CA LEU C 130 33.04 -11.49 -24.86
C LEU C 130 34.20 -11.33 -23.88
N GLN C 131 35.43 -11.38 -24.40
CA GLN C 131 36.63 -11.30 -23.59
C GLN C 131 37.43 -10.06 -23.96
N ASP C 132 37.63 -9.18 -22.99
CA ASP C 132 38.57 -8.09 -23.12
C ASP C 132 39.91 -8.55 -22.56
N GLY C 133 40.74 -7.62 -22.08
CA GLY C 133 42.02 -7.98 -21.51
C GLY C 133 41.91 -9.07 -20.47
N THR C 134 41.31 -8.74 -19.33
CA THR C 134 41.17 -9.68 -18.22
C THR C 134 39.73 -10.09 -17.95
N LYS C 135 38.77 -9.20 -18.18
CA LYS C 135 37.37 -9.49 -17.91
C LYS C 135 36.78 -10.31 -19.03
N THR C 136 35.94 -11.29 -18.67
CA THR C 136 35.24 -12.12 -19.63
C THR C 136 33.79 -12.25 -19.17
N VAL C 137 32.86 -11.80 -20.01
CA VAL C 137 31.44 -11.74 -19.65
C VAL C 137 30.64 -12.55 -20.65
N GLU C 138 29.37 -12.75 -20.33
CA GLU C 138 28.44 -13.50 -21.18
C GLU C 138 27.42 -12.55 -21.77
N TYR C 139 27.02 -12.82 -23.02
CA TYR C 139 26.08 -11.99 -23.76
C TYR C 139 25.06 -12.90 -24.42
N ALA C 140 23.86 -12.96 -23.86
CA ALA C 140 22.78 -13.80 -24.35
C ALA C 140 21.50 -12.97 -24.42
N PRO C 141 21.43 -12.05 -25.39
CA PRO C 141 20.27 -11.13 -25.44
C PRO C 141 18.96 -11.83 -25.79
N CYS C 142 19.02 -13.02 -26.39
CA CYS C 142 17.80 -13.72 -26.78
C CYS C 142 17.20 -14.56 -25.66
N ARG C 143 18.00 -14.95 -24.66
CA ARG C 143 17.45 -15.63 -23.49
C ARG C 143 16.86 -14.56 -22.58
N SER C 144 15.54 -14.52 -22.51
CA SER C 144 14.82 -13.48 -21.79
C SER C 144 13.45 -14.04 -21.40
N GLN C 145 12.54 -13.15 -21.00
CA GLN C 145 11.20 -13.58 -20.65
C GLN C 145 10.31 -13.84 -21.87
N ASP C 146 10.76 -13.47 -23.06
CA ASP C 146 10.01 -13.76 -24.29
C ASP C 146 10.51 -15.10 -24.80
N ILE C 147 9.85 -16.17 -24.38
CA ILE C 147 10.37 -17.52 -24.57
C ILE C 147 9.54 -18.25 -25.62
N ASP C 148 10.00 -19.45 -25.96
CA ASP C 148 9.33 -20.34 -26.90
C ASP C 148 9.38 -19.79 -28.32
N ALA C 149 8.92 -20.58 -29.28
CA ALA C 149 9.00 -20.18 -30.69
C ALA C 149 8.37 -18.81 -30.92
N ASP C 150 7.21 -18.57 -30.32
CA ASP C 150 6.54 -17.28 -30.48
C ASP C 150 7.48 -16.12 -30.14
N GLY C 151 8.35 -16.32 -29.16
CA GLY C 151 9.31 -15.32 -28.75
C GLY C 151 10.70 -15.62 -29.25
N GLN C 152 11.69 -15.28 -28.43
CA GLN C 152 13.09 -15.49 -28.76
C GLN C 152 13.60 -16.86 -28.31
N GLY C 153 12.70 -17.83 -28.14
CA GLY C 153 13.10 -19.12 -27.59
C GLY C 153 14.05 -19.88 -28.50
N PHE C 154 13.84 -19.82 -29.80
CA PHE C 154 14.65 -20.53 -30.78
C PHE C 154 15.51 -19.57 -31.60
N CYS C 155 15.85 -18.42 -31.01
CA CYS C 155 16.49 -17.35 -31.74
C CYS C 155 17.88 -17.71 -32.22
N GLN C 156 18.57 -18.60 -31.50
CA GLN C 156 19.96 -18.93 -31.80
C GLN C 156 20.79 -17.66 -31.97
N GLY C 157 20.75 -16.80 -30.96
CA GLY C 157 21.53 -15.58 -31.01
C GLY C 157 23.01 -15.88 -31.07
N GLY C 158 23.72 -15.13 -31.90
CA GLY C 158 25.11 -15.40 -32.17
C GLY C 158 25.35 -16.28 -33.37
N PHE C 159 24.30 -16.64 -34.11
CA PHE C 159 24.46 -17.34 -35.38
C PHE C 159 25.42 -16.58 -36.29
N SER C 160 25.38 -15.25 -36.23
CA SER C 160 26.30 -14.39 -36.96
C SER C 160 26.49 -13.13 -36.14
N ILE C 161 27.71 -12.58 -36.17
CA ILE C 161 28.07 -11.45 -35.34
C ILE C 161 29.01 -10.53 -36.10
N ASP C 162 29.21 -9.34 -35.54
CA ASP C 162 30.15 -8.37 -36.08
C ASP C 162 30.31 -7.24 -35.07
N PHE C 163 31.39 -6.49 -35.22
CA PHE C 163 31.63 -5.27 -34.46
C PHE C 163 31.44 -4.06 -35.37
N THR C 164 31.27 -2.90 -34.76
CA THR C 164 31.21 -1.64 -35.49
C THR C 164 32.43 -0.79 -35.16
N LYS C 165 32.62 0.26 -35.95
CA LYS C 165 33.73 1.18 -35.73
C LYS C 165 33.68 1.78 -34.33
N ALA C 166 32.48 1.95 -33.77
CA ALA C 166 32.29 2.58 -32.46
C ALA C 166 32.17 1.57 -31.35
N ASP C 167 32.91 0.46 -31.41
CA ASP C 167 32.90 -0.57 -30.39
C ASP C 167 31.48 -0.93 -29.96
N ARG C 168 30.72 -1.38 -30.95
CA ARG C 168 29.35 -1.85 -30.76
C ARG C 168 29.24 -3.23 -31.40
N VAL C 169 28.44 -4.10 -30.79
CA VAL C 169 28.26 -5.46 -31.28
C VAL C 169 26.96 -5.52 -32.07
N LEU C 170 26.99 -6.27 -33.17
CA LEU C 170 25.79 -6.58 -33.94
C LEU C 170 25.65 -8.08 -34.02
N LEU C 171 24.49 -8.59 -33.65
CA LEU C 171 24.25 -10.02 -33.52
C LEU C 171 22.97 -10.40 -34.25
N GLY C 172 22.98 -11.57 -34.87
CA GLY C 172 21.82 -12.07 -35.59
C GLY C 172 21.27 -13.37 -35.06
N GLY C 173 19.96 -13.43 -34.87
CA GLY C 173 19.28 -14.63 -34.43
C GLY C 173 18.19 -15.04 -35.38
N PRO C 174 18.45 -16.01 -36.25
CA PRO C 174 17.48 -16.33 -37.32
C PRO C 174 16.15 -16.83 -36.81
N GLY C 175 16.09 -17.43 -35.62
CA GLY C 175 14.90 -18.12 -35.19
C GLY C 175 13.87 -17.30 -34.44
N SER C 176 14.16 -16.03 -34.16
CA SER C 176 13.23 -15.22 -33.37
C SER C 176 11.88 -15.11 -34.07
N PHE C 177 10.82 -15.15 -33.27
CA PHE C 177 9.46 -14.89 -33.74
C PHE C 177 9.10 -15.82 -34.91
N TYR C 178 9.12 -17.12 -34.62
CA TYR C 178 8.85 -18.15 -35.62
C TYR C 178 9.76 -17.97 -36.84
N TRP C 179 11.05 -17.87 -36.56
CA TRP C 179 12.09 -17.81 -37.58
C TRP C 179 11.95 -16.60 -38.50
N GLN C 180 11.25 -15.56 -38.04
CA GLN C 180 11.37 -14.27 -38.68
C GLN C 180 12.80 -13.77 -38.64
N GLY C 181 13.54 -14.13 -37.59
CA GLY C 181 14.89 -13.64 -37.40
C GLY C 181 14.91 -12.31 -36.67
N GLN C 182 16.11 -11.91 -36.26
CA GLN C 182 16.24 -10.71 -35.45
C GLN C 182 17.68 -10.20 -35.50
N LEU C 183 17.82 -8.89 -35.32
CA LEU C 183 19.12 -8.25 -35.18
C LEU C 183 19.12 -7.47 -33.87
N ILE C 184 20.20 -7.63 -33.10
CA ILE C 184 20.35 -6.95 -31.81
C ILE C 184 21.73 -6.32 -31.77
N SER C 185 21.80 -5.05 -31.39
CA SER C 185 23.07 -4.34 -31.28
C SER C 185 23.18 -3.74 -29.90
N ASP C 186 24.35 -3.94 -29.27
CA ASP C 186 24.60 -3.47 -27.92
C ASP C 186 26.01 -2.93 -27.83
N GLN C 187 26.18 -1.93 -26.96
CA GLN C 187 27.49 -1.33 -26.74
C GLN C 187 28.31 -2.25 -25.84
N VAL C 188 29.55 -2.51 -26.24
CA VAL C 188 30.41 -3.39 -25.44
C VAL C 188 30.51 -2.89 -24.01
N ALA C 189 30.46 -1.57 -23.80
CA ALA C 189 30.48 -1.02 -22.45
C ALA C 189 29.28 -1.50 -21.65
N GLU C 190 28.11 -1.61 -22.30
CA GLU C 190 26.92 -2.10 -21.62
C GLU C 190 27.07 -3.58 -21.28
N ILE C 191 27.54 -4.38 -22.24
CA ILE C 191 27.68 -5.82 -22.01
C ILE C 191 28.59 -6.08 -20.82
N VAL C 192 29.70 -5.33 -20.72
CA VAL C 192 30.66 -5.59 -19.65
C VAL C 192 30.17 -5.02 -18.32
N SER C 193 29.57 -3.83 -18.34
CA SER C 193 29.16 -3.20 -17.09
C SER C 193 27.92 -3.87 -16.51
N LYS C 194 26.94 -4.17 -17.35
CA LYS C 194 25.67 -4.74 -16.88
C LYS C 194 25.71 -6.25 -16.71
N TYR C 195 26.90 -6.86 -16.71
CA TYR C 195 26.98 -8.31 -16.58
C TYR C 195 26.85 -8.73 -15.12
N ASP C 196 26.15 -9.84 -14.90
CA ASP C 196 25.98 -10.43 -13.57
C ASP C 196 25.86 -11.93 -13.73
N PRO C 197 26.79 -12.72 -13.20
CA PRO C 197 26.69 -14.18 -13.39
C PRO C 197 25.43 -14.77 -12.79
N ASN C 198 24.77 -14.06 -11.88
CA ASN C 198 23.57 -14.55 -11.23
C ASN C 198 22.30 -14.21 -12.00
N VAL C 199 22.31 -13.13 -12.78
CA VAL C 199 21.15 -12.74 -13.57
C VAL C 199 21.27 -13.37 -14.96
N TYR C 200 20.22 -14.07 -15.38
CA TYR C 200 20.23 -14.80 -16.64
C TYR C 200 19.58 -14.03 -17.78
N SER C 201 18.70 -13.09 -17.47
CA SER C 201 18.06 -12.24 -18.47
C SER C 201 18.46 -10.80 -18.16
N ILE C 202 19.60 -10.38 -18.70
CA ILE C 202 20.10 -9.02 -18.48
C ILE C 202 19.45 -8.10 -19.51
N LYS C 203 18.91 -6.98 -19.02
CA LYS C 203 18.36 -5.94 -19.88
C LYS C 203 19.41 -4.86 -20.05
N TYR C 204 19.81 -4.61 -21.29
CA TYR C 204 20.79 -3.58 -21.60
C TYR C 204 20.09 -2.30 -21.99
N ASN C 205 20.70 -1.16 -21.63
CA ASN C 205 20.04 0.13 -21.78
C ASN C 205 20.00 0.56 -23.24
N ASN C 206 21.12 1.07 -23.76
CA ASN C 206 21.14 1.64 -25.09
C ASN C 206 21.09 0.57 -26.18
N GLN C 207 20.24 -0.43 -26.00
CA GLN C 207 20.15 -1.54 -26.92
C GLN C 207 19.29 -1.18 -28.12
N LEU C 208 19.68 -1.72 -29.28
CA LEU C 208 18.90 -1.61 -30.50
C LEU C 208 18.53 -3.01 -30.96
N ALA C 209 17.31 -3.17 -31.45
CA ALA C 209 16.86 -4.49 -31.90
C ALA C 209 15.66 -4.33 -32.82
N THR C 210 15.51 -5.31 -33.72
CA THR C 210 14.33 -5.36 -34.57
C THR C 210 13.15 -5.86 -33.75
N ARG C 211 11.95 -5.57 -34.25
CA ARG C 211 10.73 -5.88 -33.54
C ARG C 211 9.90 -6.89 -34.33
N THR C 212 9.27 -7.81 -33.60
CA THR C 212 8.42 -8.82 -34.23
C THR C 212 7.42 -8.17 -35.18
N ALA C 213 7.17 -8.83 -36.30
CA ALA C 213 6.34 -8.28 -37.36
C ALA C 213 5.20 -9.24 -37.70
N GLN C 214 4.48 -8.94 -38.78
CA GLN C 214 3.31 -9.72 -39.16
C GLN C 214 3.71 -11.15 -39.50
N ALA C 215 2.77 -12.06 -39.34
CA ALA C 215 3.05 -13.49 -39.52
C ALA C 215 3.50 -13.80 -40.95
N ILE C 216 3.11 -12.98 -41.92
CA ILE C 216 3.53 -13.20 -43.29
C ILE C 216 5.05 -13.32 -43.37
N PHE C 217 5.75 -12.56 -42.53
CA PHE C 217 7.21 -12.53 -42.55
C PHE C 217 7.85 -13.73 -41.83
N ASP C 218 7.08 -14.76 -41.49
CA ASP C 218 7.64 -15.90 -40.79
C ASP C 218 8.59 -16.68 -41.71
N ASP C 219 9.52 -17.40 -41.07
CA ASP C 219 10.45 -18.28 -41.78
C ASP C 219 11.31 -17.50 -42.77
N SER C 220 11.70 -16.29 -42.40
CA SER C 220 12.54 -15.46 -43.26
C SER C 220 14.03 -15.60 -42.95
N TYR C 221 14.37 -15.92 -41.69
CA TYR C 221 15.75 -16.16 -41.29
C TYR C 221 16.58 -14.87 -41.31
N LEU C 222 16.04 -13.82 -40.69
CA LEU C 222 16.79 -12.58 -40.53
C LEU C 222 17.91 -12.78 -39.51
N GLY C 223 19.11 -12.34 -39.85
CA GLY C 223 20.27 -12.58 -39.03
C GLY C 223 21.11 -13.77 -39.47
N TYR C 224 20.77 -14.40 -40.59
CA TYR C 224 21.56 -15.51 -41.09
C TYR C 224 23.01 -15.09 -41.32
N SER C 225 23.21 -13.91 -41.91
CA SER C 225 24.54 -13.36 -42.14
C SER C 225 24.46 -11.85 -41.93
N VAL C 226 25.56 -11.29 -41.40
CA VAL C 226 25.56 -9.87 -41.05
C VAL C 226 26.88 -9.22 -41.44
N ALA C 227 26.82 -7.92 -41.71
CA ALA C 227 27.98 -7.10 -42.02
C ALA C 227 27.67 -5.67 -41.59
N VAL C 228 28.71 -4.83 -41.59
CA VAL C 228 28.57 -3.45 -41.14
C VAL C 228 29.21 -2.52 -42.15
N GLY C 229 28.66 -1.31 -42.24
CA GLY C 229 29.14 -0.30 -43.16
C GLY C 229 28.18 0.88 -43.18
N ASP C 230 28.70 2.08 -43.44
CA ASP C 230 27.87 3.28 -43.43
C ASP C 230 27.22 3.47 -44.79
N PHE C 231 25.88 3.61 -44.79
CA PHE C 231 25.11 3.75 -46.02
C PHE C 231 24.12 4.90 -45.93
N ASN C 232 24.43 5.91 -45.12
CA ASN C 232 23.61 7.12 -45.08
C ASN C 232 24.43 8.36 -44.75
N GLY C 233 25.76 8.30 -44.84
CA GLY C 233 26.60 9.46 -44.66
C GLY C 233 26.67 10.01 -43.26
N ASP C 234 26.12 9.31 -42.27
CA ASP C 234 26.15 9.79 -40.89
C ASP C 234 27.48 9.52 -40.20
N GLY C 235 28.35 8.69 -40.79
CA GLY C 235 29.52 8.20 -40.11
C GLY C 235 29.28 7.00 -39.22
N ILE C 236 28.03 6.78 -38.82
CA ILE C 236 27.69 5.63 -37.98
C ILE C 236 27.52 4.40 -38.87
N ASP C 237 28.23 3.32 -38.51
CA ASP C 237 28.09 2.08 -39.26
C ASP C 237 26.65 1.59 -39.22
N ASP C 238 26.13 1.22 -40.38
CA ASP C 238 24.78 0.67 -40.50
C ASP C 238 24.85 -0.85 -40.58
N PHE C 239 23.72 -1.48 -40.25
CA PHE C 239 23.66 -2.93 -40.11
C PHE C 239 23.13 -3.55 -41.41
N VAL C 240 23.93 -4.41 -42.02
CA VAL C 240 23.51 -5.20 -43.18
C VAL C 240 23.26 -6.63 -42.71
N SER C 241 22.21 -7.25 -43.24
CA SER C 241 21.89 -8.62 -42.85
C SER C 241 21.19 -9.34 -43.98
N GLY C 242 21.43 -10.64 -44.07
CA GLY C 242 20.85 -11.47 -45.11
C GLY C 242 19.63 -12.22 -44.59
N VAL C 243 18.57 -12.20 -45.40
CA VAL C 243 17.32 -12.88 -45.06
C VAL C 243 17.03 -13.89 -46.16
N PRO C 244 17.71 -15.04 -46.16
CA PRO C 244 17.68 -15.90 -47.36
C PRO C 244 16.31 -16.44 -47.72
N ARG C 245 15.43 -16.68 -46.75
CA ARG C 245 14.11 -17.22 -47.04
C ARG C 245 13.04 -16.15 -47.21
N ALA C 246 13.39 -14.87 -47.07
CA ALA C 246 12.42 -13.81 -47.25
C ALA C 246 11.85 -13.83 -48.67
N ALA C 247 10.74 -13.13 -48.84
CA ALA C 247 10.11 -12.98 -50.15
C ALA C 247 9.85 -14.34 -50.79
N ARG C 248 9.22 -15.24 -50.03
CA ARG C 248 8.82 -16.54 -50.55
C ARG C 248 10.03 -17.32 -51.05
N THR C 249 11.04 -17.41 -50.20
CA THR C 249 12.30 -18.09 -50.48
C THR C 249 13.09 -17.42 -51.61
N LEU C 250 12.70 -16.23 -52.02
CA LEU C 250 13.44 -15.49 -53.03
C LEU C 250 14.70 -14.86 -52.47
N GLY C 251 14.79 -14.72 -51.15
CA GLY C 251 15.95 -14.12 -50.52
C GLY C 251 15.92 -12.60 -50.53
N MET C 252 16.42 -12.00 -49.46
CA MET C 252 16.51 -10.55 -49.37
C MET C 252 17.72 -10.18 -48.53
N VAL C 253 18.03 -8.88 -48.49
CA VAL C 253 19.11 -8.35 -47.68
C VAL C 253 18.64 -7.01 -47.12
N TYR C 254 18.40 -6.96 -45.81
CA TYR C 254 17.97 -5.74 -45.15
C TYR C 254 19.17 -4.90 -44.74
N ILE C 255 18.98 -3.59 -44.71
CA ILE C 255 19.98 -2.66 -44.21
C ILE C 255 19.28 -1.70 -43.26
N TYR C 256 19.64 -1.76 -41.98
CA TYR C 256 19.08 -0.90 -40.96
C TYR C 256 20.07 0.19 -40.59
N ASP C 257 19.54 1.39 -40.34
CA ASP C 257 20.37 2.46 -39.81
C ASP C 257 20.92 2.04 -38.45
N GLY C 258 22.25 2.07 -38.32
CA GLY C 258 22.88 1.65 -37.09
C GLY C 258 22.64 2.55 -35.90
N LYS C 259 21.87 3.62 -36.08
CA LYS C 259 21.59 4.58 -35.03
C LYS C 259 20.28 4.30 -34.31
N ASN C 260 19.27 3.80 -35.02
CA ASN C 260 17.98 3.49 -34.43
C ASN C 260 17.33 2.26 -35.05
N MET C 261 18.10 1.43 -35.75
CA MET C 261 17.59 0.20 -36.35
C MET C 261 16.41 0.49 -37.29
N SER C 262 16.37 1.70 -37.85
CA SER C 262 15.37 2.03 -38.86
C SER C 262 15.80 1.47 -40.21
N SER C 263 14.83 0.94 -40.96
CA SER C 263 15.16 0.31 -42.23
C SER C 263 15.60 1.34 -43.26
N LEU C 264 16.78 1.13 -43.84
CA LEU C 264 17.33 2.02 -44.86
C LEU C 264 17.17 1.47 -46.27
N TYR C 265 17.55 0.22 -46.49
CA TYR C 265 17.60 -0.33 -47.84
C TYR C 265 17.17 -1.78 -47.85
N ASN C 266 16.66 -2.22 -49.00
CA ASN C 266 16.24 -3.60 -49.22
C ASN C 266 16.80 -4.07 -50.54
N PHE C 267 17.54 -5.17 -50.51
CA PHE C 267 17.85 -5.93 -51.71
C PHE C 267 16.95 -7.17 -51.75
N THR C 268 16.59 -7.58 -52.96
CA THR C 268 15.75 -8.75 -53.15
C THR C 268 16.33 -9.60 -54.27
N GLY C 269 16.43 -10.90 -54.04
CA GLY C 269 16.97 -11.81 -55.04
C GLY C 269 16.07 -11.90 -56.26
N GLU C 270 16.52 -12.69 -57.24
CA GLU C 270 15.78 -12.89 -58.48
C GLU C 270 15.33 -14.32 -58.70
N GLN C 271 15.98 -15.30 -58.07
CA GLN C 271 15.62 -16.70 -58.22
C GLN C 271 15.25 -17.29 -56.87
N MET C 272 14.19 -18.08 -56.86
CA MET C 272 13.78 -18.75 -55.63
C MET C 272 14.79 -19.84 -55.25
N ALA C 273 14.98 -20.00 -53.95
CA ALA C 273 15.79 -21.07 -53.38
C ALA C 273 17.27 -20.93 -53.72
N ALA C 274 17.71 -19.75 -54.11
CA ALA C 274 19.14 -19.50 -54.32
C ALA C 274 19.84 -19.03 -53.06
N TYR C 275 19.13 -18.98 -51.93
CA TYR C 275 19.68 -18.50 -50.66
C TYR C 275 20.41 -17.17 -50.84
N PHE C 276 19.82 -16.28 -51.64
CA PHE C 276 20.27 -14.91 -51.72
C PHE C 276 20.29 -14.30 -50.32
N GLY C 277 21.48 -14.08 -49.79
CA GLY C 277 21.65 -13.61 -48.42
C GLY C 277 22.39 -14.58 -47.52
N PHE C 278 22.87 -15.71 -48.03
CA PHE C 278 23.66 -16.62 -47.20
C PHE C 278 24.92 -15.94 -46.70
N SER C 279 25.53 -15.07 -47.52
CA SER C 279 26.79 -14.42 -47.18
C SER C 279 26.71 -12.97 -47.59
N VAL C 280 27.10 -12.08 -46.69
CA VAL C 280 27.08 -10.65 -46.93
C VAL C 280 28.44 -10.06 -46.56
N ALA C 281 28.85 -9.04 -47.32
CA ALA C 281 30.10 -8.35 -47.05
C ALA C 281 29.93 -6.89 -47.43
N ALA C 282 30.62 -6.01 -46.69
CA ALA C 282 30.59 -4.58 -46.93
C ALA C 282 32.03 -4.07 -46.99
N THR C 283 32.38 -3.43 -48.10
CA THR C 283 33.73 -2.88 -48.27
C THR C 283 33.72 -1.99 -49.50
N ASP C 284 34.56 -0.96 -49.48
CA ASP C 284 34.70 -0.04 -50.60
C ASP C 284 35.63 -0.67 -51.63
N ILE C 285 35.08 -1.11 -52.75
CA ILE C 285 35.87 -1.87 -53.72
C ILE C 285 36.45 -0.99 -54.81
N ASN C 286 35.80 0.13 -55.15
CA ASN C 286 36.25 1.00 -56.22
C ASN C 286 37.01 2.22 -55.70
N GLY C 287 37.22 2.33 -54.40
CA GLY C 287 38.05 3.39 -53.86
C GLY C 287 37.40 4.76 -53.83
N ASP C 288 36.07 4.84 -53.77
CA ASP C 288 35.37 6.11 -53.67
C ASP C 288 34.95 6.44 -52.25
N ASP C 289 35.44 5.68 -51.26
CA ASP C 289 35.11 5.91 -49.84
C ASP C 289 33.61 5.77 -49.59
N TYR C 290 32.98 4.84 -50.30
CA TYR C 290 31.57 4.53 -50.11
C TYR C 290 31.42 3.02 -50.06
N ALA C 291 31.08 2.50 -48.88
CA ALA C 291 30.95 1.06 -48.69
C ALA C 291 30.12 0.44 -49.80
N ASP C 292 30.57 -0.70 -50.30
CA ASP C 292 29.91 -1.44 -51.36
C ASP C 292 29.44 -2.79 -50.82
N VAL C 293 28.29 -3.25 -51.29
CA VAL C 293 27.62 -4.40 -50.71
C VAL C 293 27.80 -5.60 -51.63
N PHE C 294 28.30 -6.70 -51.06
CA PHE C 294 28.45 -7.97 -51.76
C PHE C 294 27.51 -8.98 -51.12
N ILE C 295 26.70 -9.64 -51.94
CA ILE C 295 25.66 -10.55 -51.45
C ILE C 295 25.75 -11.86 -52.24
N GLY C 296 25.86 -12.98 -51.52
CA GLY C 296 26.06 -14.27 -52.12
C GLY C 296 24.78 -15.09 -52.20
N ALA C 297 24.70 -15.92 -53.23
CA ALA C 297 23.57 -16.83 -53.43
C ALA C 297 24.13 -18.14 -53.97
N PRO C 298 24.68 -18.99 -53.10
CA PRO C 298 25.45 -20.15 -53.58
C PRO C 298 24.66 -21.11 -54.44
N LEU C 299 23.35 -21.19 -54.26
CA LEU C 299 22.52 -22.18 -54.92
C LEU C 299 21.88 -21.64 -56.20
N PHE C 300 22.40 -20.55 -56.74
CA PHE C 300 21.81 -19.95 -57.93
C PHE C 300 22.04 -20.84 -59.16
N MET C 301 21.01 -20.97 -59.97
CA MET C 301 21.08 -21.76 -61.20
C MET C 301 21.16 -20.82 -62.39
N ASP C 302 22.19 -21.00 -63.22
CA ASP C 302 22.38 -20.20 -64.42
C ASP C 302 22.10 -21.05 -65.65
N ARG C 303 21.67 -20.39 -66.72
CA ARG C 303 21.44 -21.07 -67.99
C ARG C 303 22.77 -21.17 -68.72
N GLY C 304 23.28 -22.40 -68.83
CA GLY C 304 24.52 -22.63 -69.55
C GLY C 304 24.37 -22.32 -71.02
N SER C 305 25.44 -22.62 -71.76
CA SER C 305 25.44 -22.39 -73.21
C SER C 305 24.37 -23.23 -73.89
N ASP C 306 24.14 -24.44 -73.40
CA ASP C 306 23.19 -25.37 -74.03
C ASP C 306 21.76 -25.14 -73.57
N GLY C 307 21.47 -24.01 -72.94
CA GLY C 307 20.13 -23.72 -72.47
C GLY C 307 19.71 -24.42 -71.21
N LYS C 308 20.48 -25.40 -70.74
CA LYS C 308 20.12 -26.10 -69.52
C LYS C 308 20.52 -25.29 -68.29
N LEU C 309 19.82 -25.54 -67.19
CA LEU C 309 20.13 -24.89 -65.93
C LEU C 309 21.24 -25.66 -65.21
N GLN C 310 22.16 -24.92 -64.61
CA GLN C 310 23.26 -25.52 -63.86
C GLN C 310 23.48 -24.68 -62.60
N GLU C 311 23.55 -25.36 -61.46
CA GLU C 311 23.75 -24.69 -60.18
C GLU C 311 25.20 -24.23 -60.10
N VAL C 312 25.41 -22.92 -60.07
CA VAL C 312 26.75 -22.36 -60.08
C VAL C 312 26.98 -21.33 -59.00
N GLY C 313 25.94 -20.74 -58.42
CA GLY C 313 26.10 -19.67 -57.46
C GLY C 313 26.33 -18.33 -58.14
N GLN C 314 26.02 -17.26 -57.40
CA GLN C 314 26.15 -15.92 -57.94
C GLN C 314 26.35 -14.94 -56.79
N VAL C 315 27.10 -13.89 -57.07
CA VAL C 315 27.37 -12.81 -56.12
C VAL C 315 27.00 -11.49 -56.78
N SER C 316 26.21 -10.68 -56.08
CA SER C 316 25.80 -9.37 -56.57
C SER C 316 26.70 -8.31 -55.96
N VAL C 317 27.23 -7.43 -56.81
CA VAL C 317 28.14 -6.37 -56.40
C VAL C 317 27.40 -5.05 -56.55
N SER C 318 27.02 -4.45 -55.43
CA SER C 318 26.28 -3.19 -55.42
C SER C 318 27.22 -2.07 -54.98
N LEU C 319 27.59 -1.20 -55.91
CA LEU C 319 28.43 -0.05 -55.60
C LEU C 319 27.55 1.08 -55.09
N GLN C 320 27.80 1.52 -53.86
CA GLN C 320 27.04 2.64 -53.31
C GLN C 320 27.40 3.93 -54.06
N ARG C 321 26.42 4.81 -54.15
CA ARG C 321 26.60 6.10 -54.79
C ARG C 321 26.00 7.19 -53.93
N ALA C 322 26.60 8.38 -54.01
CA ALA C 322 26.17 9.49 -53.16
C ALA C 322 24.68 9.78 -53.33
N SER C 323 24.17 9.67 -54.55
CA SER C 323 22.75 9.90 -54.78
C SER C 323 21.90 9.08 -53.83
N GLY C 324 22.32 7.85 -53.54
CA GLY C 324 21.59 7.00 -52.62
C GLY C 324 21.50 5.57 -53.12
N ASP C 325 20.94 5.39 -54.31
CA ASP C 325 20.75 4.05 -54.85
C ASP C 325 22.11 3.41 -55.17
N PHE C 326 22.07 2.15 -55.57
CA PHE C 326 23.27 1.37 -55.84
C PHE C 326 23.37 1.03 -57.32
N GLN C 327 24.59 0.76 -57.76
CA GLN C 327 24.86 0.27 -59.10
C GLN C 327 25.24 -1.20 -58.97
N THR C 328 24.31 -2.09 -59.32
CA THR C 328 24.46 -3.51 -59.06
C THR C 328 24.92 -4.25 -60.31
N THR C 329 25.89 -5.14 -60.11
CA THR C 329 26.39 -6.01 -61.16
C THR C 329 26.48 -7.42 -60.60
N LYS C 330 26.08 -8.40 -61.40
CA LYS C 330 26.03 -9.78 -60.95
C LYS C 330 27.24 -10.55 -61.48
N LEU C 331 27.62 -11.58 -60.73
CA LEU C 331 28.87 -12.31 -60.95
C LEU C 331 28.60 -13.78 -60.69
N ASN C 332 28.56 -14.58 -61.76
CA ASN C 332 28.19 -15.98 -61.66
C ASN C 332 29.41 -16.86 -61.35
N GLY C 333 29.14 -18.03 -60.80
CA GLY C 333 30.18 -18.99 -60.50
C GLY C 333 30.73 -19.64 -61.75
N PHE C 334 31.69 -20.54 -61.54
CA PHE C 334 32.40 -21.19 -62.63
C PHE C 334 32.25 -22.70 -62.67
N GLU C 335 32.04 -23.34 -61.52
CA GLU C 335 31.91 -24.79 -61.45
C GLU C 335 30.56 -25.17 -60.88
N VAL C 336 29.97 -26.22 -61.44
CA VAL C 336 28.63 -26.65 -61.04
C VAL C 336 28.69 -27.30 -59.66
N PHE C 337 27.75 -26.93 -58.80
CA PHE C 337 27.60 -27.46 -57.44
C PHE C 337 28.74 -27.06 -56.52
N ALA C 338 29.66 -26.21 -56.96
CA ALA C 338 30.74 -25.75 -56.10
C ALA C 338 30.26 -24.72 -55.08
N ARG C 339 29.03 -24.23 -55.21
CA ARG C 339 28.48 -23.24 -54.28
C ARG C 339 29.37 -22.01 -54.22
N PHE C 340 29.61 -21.43 -55.39
CA PHE C 340 30.35 -20.18 -55.50
C PHE C 340 29.59 -19.07 -54.78
N GLY C 341 30.25 -18.41 -53.86
CA GLY C 341 29.63 -17.37 -53.05
C GLY C 341 29.29 -17.80 -51.64
N SER C 342 29.76 -18.96 -51.20
CA SER C 342 29.50 -19.40 -49.83
C SER C 342 30.15 -18.47 -48.82
N ALA C 343 31.34 -17.96 -49.14
CA ALA C 343 32.05 -17.03 -48.27
C ALA C 343 32.55 -15.87 -49.10
N ILE C 344 32.35 -14.66 -48.57
CA ILE C 344 32.81 -13.42 -49.23
C ILE C 344 33.64 -12.67 -48.20
N ALA C 345 34.94 -12.63 -48.41
CA ALA C 345 35.86 -12.03 -47.44
C ALA C 345 36.54 -10.80 -48.02
N PRO C 346 36.23 -9.60 -47.55
CA PRO C 346 37.05 -8.44 -47.91
C PRO C 346 38.52 -8.68 -47.56
N LEU C 347 39.41 -8.29 -48.47
CA LEU C 347 40.84 -8.50 -48.30
C LEU C 347 41.61 -7.22 -48.08
N GLY C 348 40.95 -6.06 -48.11
CA GLY C 348 41.69 -4.82 -48.13
C GLY C 348 42.35 -4.65 -49.48
N ASP C 349 43.48 -3.94 -49.50
CA ASP C 349 44.24 -3.74 -50.73
C ASP C 349 45.33 -4.80 -50.76
N LEU C 350 44.97 -5.98 -51.27
CA LEU C 350 45.90 -7.11 -51.27
C LEU C 350 47.18 -6.78 -52.03
N ASP C 351 47.06 -6.15 -53.20
CA ASP C 351 48.20 -5.77 -54.01
C ASP C 351 48.66 -4.34 -53.75
N GLN C 352 48.00 -3.61 -52.86
CA GLN C 352 48.39 -2.25 -52.52
C GLN C 352 48.39 -1.34 -53.73
N ASP C 353 47.50 -1.61 -54.69
CA ASP C 353 47.43 -0.79 -55.89
C ASP C 353 46.61 0.47 -55.70
N GLY C 354 45.82 0.55 -54.63
CA GLY C 354 44.95 1.69 -54.39
C GLY C 354 43.49 1.36 -54.37
N PHE C 355 43.09 0.10 -54.57
CA PHE C 355 41.70 -0.30 -54.56
C PHE C 355 41.58 -1.58 -53.75
N ASN C 356 40.66 -1.60 -52.79
CA ASN C 356 40.48 -2.79 -51.98
C ASN C 356 40.06 -3.96 -52.86
N ASP C 357 40.35 -5.16 -52.39
CA ASP C 357 40.10 -6.40 -53.12
C ASP C 357 39.22 -7.30 -52.27
N ILE C 358 38.82 -8.44 -52.84
CA ILE C 358 37.89 -9.34 -52.17
C ILE C 358 38.17 -10.77 -52.60
N ALA C 359 37.66 -11.72 -51.81
CA ALA C 359 37.78 -13.14 -52.10
C ALA C 359 36.41 -13.79 -52.00
N ILE C 360 36.12 -14.68 -52.95
CA ILE C 360 34.85 -15.41 -52.98
C ILE C 360 35.17 -16.90 -53.04
N ALA C 361 34.55 -17.67 -52.16
CA ALA C 361 34.90 -19.08 -51.97
C ALA C 361 33.89 -19.99 -52.64
N ALA C 362 34.40 -21.00 -53.35
CA ALA C 362 33.60 -22.11 -53.84
C ALA C 362 34.02 -23.35 -53.06
N PRO C 363 33.50 -23.55 -51.85
CA PRO C 363 34.09 -24.55 -50.96
C PRO C 363 34.05 -25.97 -51.49
N TYR C 364 33.20 -26.26 -52.47
CA TYR C 364 32.98 -27.62 -52.94
C TYR C 364 33.32 -27.76 -54.41
N GLY C 365 34.42 -27.12 -54.84
CA GLY C 365 34.85 -27.18 -56.21
C GLY C 365 36.30 -27.62 -56.31
N GLY C 366 36.72 -27.90 -57.54
CA GLY C 366 38.08 -28.31 -57.80
C GLY C 366 38.25 -29.82 -57.81
N GLU C 367 39.49 -30.24 -58.06
CA GLU C 367 39.81 -31.66 -58.08
C GLU C 367 39.33 -32.34 -56.81
N ASP C 368 38.46 -33.34 -56.98
CA ASP C 368 37.95 -34.12 -55.85
C ASP C 368 37.21 -33.23 -54.85
N LYS C 369 36.69 -32.10 -55.33
CA LYS C 369 35.90 -31.19 -54.50
C LYS C 369 36.70 -30.75 -53.27
N LYS C 370 37.96 -30.38 -53.49
CA LYS C 370 38.79 -29.91 -52.39
C LYS C 370 38.39 -28.51 -51.94
N GLY C 371 37.92 -27.69 -52.86
CA GLY C 371 37.49 -26.34 -52.54
C GLY C 371 38.39 -25.30 -53.21
N ILE C 372 37.78 -24.18 -53.59
CA ILE C 372 38.47 -23.12 -54.31
C ILE C 372 38.16 -21.79 -53.66
N VAL C 373 39.09 -20.85 -53.81
CA VAL C 373 38.92 -19.46 -53.39
C VAL C 373 39.40 -18.57 -54.51
N TYR C 374 38.49 -17.77 -55.07
CA TYR C 374 38.83 -16.84 -56.14
C TYR C 374 39.15 -15.48 -55.55
N ILE C 375 40.24 -14.87 -56.04
CA ILE C 375 40.61 -13.52 -55.64
C ILE C 375 40.23 -12.57 -56.77
N PHE C 376 39.58 -11.46 -56.40
CA PHE C 376 39.17 -10.44 -57.36
C PHE C 376 39.73 -9.11 -56.91
N ASN C 377 40.30 -8.35 -57.85
CA ASN C 377 40.89 -7.06 -57.54
C ASN C 377 39.94 -5.93 -57.93
N GLY C 378 39.81 -4.95 -57.05
CA GLY C 378 38.93 -3.84 -57.31
C GLY C 378 39.56 -2.81 -58.23
N ARG C 379 38.72 -2.19 -59.05
CA ARG C 379 39.13 -1.12 -59.93
C ARG C 379 38.21 0.08 -59.72
N SER C 380 38.65 1.23 -60.21
CA SER C 380 37.81 2.43 -60.11
C SER C 380 36.43 2.19 -60.71
N THR C 381 36.36 1.43 -61.81
CA THR C 381 35.10 1.13 -62.45
C THR C 381 34.19 0.27 -61.58
N GLY C 382 34.77 -0.46 -60.63
CA GLY C 382 34.02 -1.41 -59.83
C GLY C 382 34.88 -2.60 -59.47
N LEU C 383 34.38 -3.81 -59.73
CA LEU C 383 35.12 -5.03 -59.44
C LEU C 383 35.53 -5.69 -60.75
N ASN C 384 36.81 -6.02 -60.86
CA ASN C 384 37.32 -6.79 -62.00
C ASN C 384 36.72 -8.19 -61.94
N ALA C 385 35.79 -8.47 -62.86
CA ALA C 385 35.01 -9.70 -62.80
C ALA C 385 35.83 -10.95 -63.11
N VAL C 386 37.08 -10.80 -63.57
CA VAL C 386 37.96 -11.93 -63.85
C VAL C 386 38.88 -12.11 -62.65
N PRO C 387 38.87 -13.27 -61.99
CA PRO C 387 39.73 -13.43 -60.82
C PRO C 387 41.20 -13.46 -61.20
N SER C 388 42.03 -12.79 -60.40
CA SER C 388 43.46 -12.73 -60.65
C SER C 388 44.22 -13.89 -60.03
N GLN C 389 43.61 -14.60 -59.09
CA GLN C 389 44.27 -15.72 -58.44
C GLN C 389 43.23 -16.73 -58.01
N ILE C 390 43.65 -17.98 -57.90
CA ILE C 390 42.77 -19.10 -57.55
C ILE C 390 43.52 -19.97 -56.56
N LEU C 391 43.04 -20.01 -55.31
CA LEU C 391 43.62 -20.87 -54.29
C LEU C 391 42.85 -22.18 -54.28
N GLU C 392 43.59 -23.29 -54.31
CA GLU C 392 43.00 -24.63 -54.38
C GLU C 392 43.25 -25.39 -53.09
N GLY C 393 42.27 -26.19 -52.69
CA GLY C 393 42.46 -27.08 -51.57
C GLY C 393 43.49 -28.15 -51.88
N GLN C 394 44.21 -28.57 -50.85
CA GLN C 394 45.21 -29.62 -50.95
C GLN C 394 44.90 -30.82 -50.07
N TRP C 395 43.69 -30.91 -49.52
CA TRP C 395 43.35 -31.95 -48.54
C TRP C 395 42.13 -32.71 -49.01
N ALA C 396 42.23 -34.04 -48.96
CA ALA C 396 41.13 -34.90 -49.36
C ALA C 396 40.11 -35.02 -48.24
N ALA C 397 38.93 -35.53 -48.59
CA ALA C 397 37.85 -35.69 -47.63
C ALA C 397 38.13 -36.90 -46.75
N ARG C 398 38.31 -36.65 -45.44
CA ARG C 398 38.53 -37.75 -44.51
C ARG C 398 37.30 -38.65 -44.45
N SER C 399 36.12 -38.06 -44.32
CA SER C 399 34.87 -38.81 -44.32
C SER C 399 33.72 -37.83 -44.24
N GLY C 400 32.54 -38.27 -44.68
CA GLY C 400 31.37 -37.43 -44.66
C GLY C 400 31.60 -36.10 -45.35
N CYS C 401 31.48 -35.02 -44.57
CA CYS C 401 31.67 -33.66 -45.07
C CYS C 401 32.91 -33.59 -45.95
N PRO C 402 32.87 -32.88 -47.07
CA PRO C 402 34.09 -32.60 -47.82
C PRO C 402 34.97 -31.63 -47.05
N PRO C 403 36.22 -31.45 -47.48
CA PRO C 403 37.09 -30.52 -46.75
C PRO C 403 36.48 -29.15 -46.53
N SER C 404 35.65 -28.68 -47.45
CA SER C 404 35.01 -27.37 -47.34
C SER C 404 36.04 -26.25 -47.26
N PHE C 405 37.12 -26.41 -48.03
CA PHE C 405 38.16 -25.38 -48.13
C PHE C 405 37.56 -24.10 -48.70
N GLY C 406 37.40 -23.09 -47.85
CA GLY C 406 36.80 -21.82 -48.25
C GLY C 406 35.47 -21.53 -47.60
N TYR C 407 34.87 -22.53 -46.93
CA TYR C 407 33.61 -22.30 -46.23
C TYR C 407 33.68 -21.11 -45.29
N SER C 408 34.87 -20.74 -44.84
CA SER C 408 35.07 -19.58 -43.99
C SER C 408 36.44 -19.02 -44.28
N MET C 409 36.56 -17.69 -44.24
CA MET C 409 37.84 -17.05 -44.52
C MET C 409 37.78 -15.60 -44.06
N LYS C 410 38.97 -15.06 -43.76
CA LYS C 410 39.09 -13.72 -43.22
C LYS C 410 40.39 -13.09 -43.72
N GLY C 411 40.29 -11.88 -44.26
CA GLY C 411 41.47 -11.18 -44.72
C GLY C 411 41.58 -9.78 -44.14
N ALA C 412 42.34 -8.91 -44.82
CA ALA C 412 42.46 -7.50 -44.48
C ALA C 412 43.36 -7.23 -43.28
N THR C 413 44.17 -8.21 -42.86
CA THR C 413 45.11 -8.03 -41.76
C THR C 413 46.51 -8.36 -42.26
N ASP C 414 47.46 -7.45 -42.02
CA ASP C 414 48.86 -7.67 -42.37
C ASP C 414 49.56 -8.28 -41.17
N ILE C 415 49.45 -9.61 -41.07
CA ILE C 415 49.87 -10.30 -39.85
C ILE C 415 51.38 -10.37 -39.72
N ASP C 416 52.11 -10.37 -40.83
CA ASP C 416 53.56 -10.44 -40.80
C ASP C 416 54.23 -9.08 -40.97
N LYS C 417 53.45 -8.00 -41.03
CA LYS C 417 53.99 -6.64 -41.09
C LYS C 417 54.92 -6.47 -42.29
N ASN C 418 54.33 -6.66 -43.48
CA ASN C 418 55.05 -6.54 -44.73
C ASN C 418 54.46 -5.48 -45.65
N GLY C 419 53.37 -4.83 -45.25
CA GLY C 419 52.72 -3.81 -46.04
C GLY C 419 51.49 -4.28 -46.79
N TYR C 420 51.22 -5.57 -46.81
CA TYR C 420 50.13 -6.14 -47.60
C TYR C 420 49.28 -7.03 -46.70
N PRO C 421 47.95 -6.91 -46.77
CA PRO C 421 47.11 -7.78 -45.94
C PRO C 421 47.20 -9.22 -46.38
N ASP C 422 46.92 -10.13 -45.45
CA ASP C 422 46.99 -11.56 -45.67
C ASP C 422 45.59 -12.17 -45.55
N LEU C 423 45.52 -13.48 -45.67
CA LEU C 423 44.23 -14.17 -45.73
C LEU C 423 44.29 -15.47 -44.95
N ILE C 424 43.21 -15.76 -44.22
CA ILE C 424 43.01 -17.01 -43.51
C ILE C 424 41.85 -17.74 -44.18
N VAL C 425 42.06 -19.03 -44.48
CA VAL C 425 41.06 -19.85 -45.16
C VAL C 425 40.86 -21.12 -44.35
N GLY C 426 39.62 -21.38 -43.95
CA GLY C 426 39.31 -22.54 -43.14
C GLY C 426 38.81 -23.70 -43.98
N ALA C 427 39.29 -24.90 -43.65
CA ALA C 427 38.80 -26.15 -44.21
C ALA C 427 38.40 -27.02 -43.00
N PHE C 428 37.17 -26.85 -42.53
CA PHE C 428 36.75 -27.55 -41.31
C PHE C 428 36.51 -29.03 -41.57
N GLY C 429 36.13 -29.39 -42.80
CA GLY C 429 35.92 -30.79 -43.13
C GLY C 429 37.11 -31.66 -42.80
N VAL C 430 38.30 -31.06 -42.78
CA VAL C 430 39.52 -31.72 -42.41
C VAL C 430 40.17 -31.11 -41.17
N ASP C 431 39.47 -30.20 -40.49
CA ASP C 431 39.93 -29.65 -39.23
C ASP C 431 41.25 -28.90 -39.40
N ARG C 432 41.27 -27.97 -40.36
CA ARG C 432 42.49 -27.24 -40.68
C ARG C 432 42.19 -25.80 -41.07
N ALA C 433 43.23 -24.98 -41.06
CA ALA C 433 43.15 -23.58 -41.40
C ALA C 433 44.48 -23.17 -42.01
N ILE C 434 44.41 -22.40 -43.10
CA ILE C 434 45.59 -22.03 -43.88
C ILE C 434 45.73 -20.51 -43.86
N LEU C 435 46.95 -20.04 -43.62
CA LEU C 435 47.29 -18.63 -43.70
C LEU C 435 48.09 -18.41 -44.99
N TYR C 436 47.49 -17.69 -45.94
CA TYR C 436 48.17 -17.29 -47.16
C TYR C 436 48.70 -15.88 -46.99
N ARG C 437 49.99 -15.69 -47.26
CA ARG C 437 50.64 -14.41 -47.05
C ARG C 437 50.85 -13.69 -48.38
N ALA C 438 50.66 -12.38 -48.35
CA ALA C 438 50.78 -11.55 -49.56
C ALA C 438 52.25 -11.27 -49.86
N ARG C 439 52.65 -11.52 -51.11
CA ARG C 439 54.01 -11.23 -51.54
C ARG C 439 54.12 -9.78 -51.99
N PRO C 440 55.19 -9.07 -51.65
CA PRO C 440 55.31 -7.67 -52.08
C PRO C 440 55.34 -7.56 -53.59
N VAL C 441 54.60 -6.59 -54.12
CA VAL C 441 54.50 -6.39 -55.56
C VAL C 441 55.57 -5.41 -56.00
N ILE C 442 56.30 -5.76 -57.07
CA ILE C 442 57.33 -4.92 -57.64
C ILE C 442 56.85 -4.44 -59.02
N THR C 443 57.01 -3.16 -59.28
CA THR C 443 56.73 -2.57 -60.59
C THR C 443 58.04 -2.29 -61.29
N VAL C 444 58.25 -2.95 -62.43
CA VAL C 444 59.50 -2.86 -63.17
C VAL C 444 59.24 -2.13 -64.49
N ASN C 445 60.18 -1.25 -64.86
CA ASN C 445 60.12 -0.54 -66.13
C ASN C 445 61.41 -0.83 -66.89
N ALA C 446 61.27 -1.45 -68.06
CA ALA C 446 62.40 -1.80 -68.91
C ALA C 446 62.39 -0.95 -70.17
N GLY C 447 63.59 -0.67 -70.68
CA GLY C 447 63.74 0.09 -71.89
C GLY C 447 64.76 -0.56 -72.80
N LEU C 448 64.51 -0.45 -74.10
CA LEU C 448 65.41 -1.02 -75.11
C LEU C 448 65.50 -0.05 -76.29
N GLU C 449 66.72 0.32 -76.65
CA GLU C 449 66.97 1.28 -77.71
C GLU C 449 67.92 0.67 -78.73
N VAL C 450 67.73 1.07 -79.99
CA VAL C 450 68.49 0.54 -81.11
C VAL C 450 68.89 1.72 -81.99
N TYR C 451 70.18 2.07 -81.97
CA TYR C 451 70.65 3.17 -82.81
C TYR C 451 72.00 2.85 -83.44
N PRO C 452 72.13 2.91 -84.77
CA PRO C 452 71.04 3.19 -85.72
C PRO C 452 70.07 2.03 -85.88
N SER C 453 68.78 2.34 -86.06
CA SER C 453 67.81 1.30 -86.35
C SER C 453 67.87 0.83 -87.79
N ILE C 454 68.18 1.74 -88.72
CA ILE C 454 68.38 1.39 -90.12
C ILE C 454 69.87 1.13 -90.34
N LEU C 455 70.21 -0.08 -90.74
CA LEU C 455 71.60 -0.54 -90.82
C LEU C 455 72.05 -0.58 -92.26
N ASN C 456 73.17 0.08 -92.55
CA ASN C 456 73.72 0.14 -93.90
C ASN C 456 74.82 -0.90 -94.04
N GLN C 457 74.58 -1.88 -94.91
CA GLN C 457 75.54 -2.97 -95.09
C GLN C 457 76.94 -2.44 -95.39
N ASP C 458 77.02 -1.38 -96.19
CA ASP C 458 78.30 -0.80 -96.56
C ASP C 458 78.76 0.30 -95.61
N ASN C 459 78.01 0.56 -94.53
CA ASN C 459 78.49 1.51 -93.53
C ASN C 459 79.80 1.03 -92.91
N LYS C 460 79.85 -0.25 -92.53
CA LYS C 460 81.07 -0.91 -92.04
C LYS C 460 81.98 0.04 -91.27
N THR C 461 81.53 0.48 -90.10
CA THR C 461 82.23 1.50 -89.32
C THR C 461 82.65 0.97 -87.95
N CYS C 462 83.15 -0.27 -87.90
CA CYS C 462 83.56 -0.87 -86.64
C CYS C 462 84.82 -1.69 -86.85
N SER C 463 85.71 -1.64 -85.86
CA SER C 463 86.96 -2.39 -85.88
C SER C 463 86.79 -3.62 -85.00
N LEU C 464 86.47 -4.75 -85.62
CA LEU C 464 86.25 -6.01 -84.89
C LEU C 464 87.56 -6.48 -84.27
N PRO C 465 87.68 -6.51 -82.92
CA PRO C 465 88.91 -6.98 -82.29
C PRO C 465 88.94 -8.50 -82.07
N THR C 467 91.03 -5.63 -84.86
CA THR C 467 91.71 -6.25 -85.99
C THR C 467 91.43 -5.48 -87.27
N ALA C 468 92.08 -5.87 -88.36
CA ALA C 468 91.97 -5.13 -89.62
C ALA C 468 90.59 -5.28 -90.24
N LEU C 469 89.89 -6.38 -89.96
CA LEU C 469 88.59 -6.63 -90.57
C LEU C 469 87.53 -5.74 -89.93
N LYS C 470 86.61 -5.24 -90.75
CA LYS C 470 85.56 -4.35 -90.30
C LYS C 470 84.20 -4.88 -90.72
N VAL C 471 83.16 -4.44 -89.99
CA VAL C 471 81.79 -4.86 -90.22
C VAL C 471 80.87 -3.69 -89.94
N SER C 472 79.66 -3.76 -90.50
CA SER C 472 78.62 -2.77 -90.20
C SER C 472 77.99 -3.09 -88.86
N CYS C 473 77.72 -2.05 -88.07
CA CYS C 473 77.40 -2.23 -86.67
C CYS C 473 76.38 -1.21 -86.21
N PHE C 474 75.90 -1.40 -84.99
CA PHE C 474 74.94 -0.52 -84.34
C PHE C 474 75.04 -0.73 -82.84
N ASN C 475 74.25 0.02 -82.08
CA ASN C 475 74.28 -0.03 -80.62
C ASN C 475 72.94 -0.51 -80.09
N VAL C 476 72.98 -1.51 -79.21
CA VAL C 476 71.81 -1.98 -78.47
C VAL C 476 71.98 -1.51 -77.03
N ARG C 477 71.01 -0.75 -76.54
CA ARG C 477 71.09 -0.13 -75.21
C ARG C 477 69.84 -0.47 -74.43
N PHE C 478 70.00 -1.21 -73.33
CA PHE C 478 68.89 -1.60 -72.48
C PHE C 478 69.04 -0.97 -71.10
N CYS C 479 67.93 -0.51 -70.55
CA CYS C 479 67.87 0.10 -69.23
C CYS C 479 66.86 -0.66 -68.37
N LEU C 480 66.98 -0.51 -67.06
CA LEU C 480 66.09 -1.21 -66.14
C LEU C 480 65.92 -0.42 -64.85
N LYS C 481 64.68 -0.36 -64.37
CA LYS C 481 64.34 0.30 -63.12
C LYS C 481 63.23 -0.49 -62.45
N ALA C 482 63.25 -0.52 -61.12
CA ALA C 482 62.24 -1.24 -60.36
C ALA C 482 61.97 -0.52 -59.05
N ASP C 483 60.74 -0.63 -58.58
CA ASP C 483 60.34 -0.01 -57.32
C ASP C 483 59.02 -0.62 -56.88
N GLY C 484 58.87 -0.79 -55.57
CA GLY C 484 57.64 -1.36 -55.03
C GLY C 484 57.40 -0.85 -53.62
N LYS C 485 56.14 -0.95 -53.21
CA LYS C 485 55.72 -0.52 -51.88
C LYS C 485 55.81 -1.68 -50.89
N GLY C 486 55.91 -1.33 -49.62
CA GLY C 486 55.97 -2.32 -48.56
C GLY C 486 57.38 -2.73 -48.21
N VAL C 487 57.54 -3.95 -47.70
CA VAL C 487 58.85 -4.46 -47.27
C VAL C 487 59.49 -5.17 -48.45
N LEU C 488 60.68 -4.72 -48.84
CA LEU C 488 61.40 -5.28 -49.97
C LEU C 488 62.89 -5.07 -49.74
N PRO C 489 63.74 -5.89 -50.35
CA PRO C 489 65.18 -5.67 -50.22
C PRO C 489 65.59 -4.34 -50.81
N ARG C 490 66.80 -3.91 -50.44
CA ARG C 490 67.32 -2.66 -50.99
C ARG C 490 67.78 -2.86 -52.43
N LYS C 491 68.52 -3.93 -52.68
CA LYS C 491 69.03 -4.23 -54.01
C LYS C 491 68.18 -5.31 -54.66
N LEU C 492 67.95 -5.16 -55.96
CA LEU C 492 67.14 -6.10 -56.74
C LEU C 492 68.00 -6.62 -57.89
N ASN C 493 68.29 -7.92 -57.85
CA ASN C 493 69.18 -8.56 -58.82
C ASN C 493 68.34 -9.20 -59.92
N PHE C 494 68.51 -8.71 -61.15
CA PHE C 494 67.86 -9.28 -62.32
C PHE C 494 68.87 -10.03 -63.17
N GLN C 495 68.36 -10.98 -63.94
CA GLN C 495 69.12 -11.61 -65.02
C GLN C 495 68.47 -11.22 -66.34
N VAL C 496 69.23 -10.55 -67.19
CA VAL C 496 68.74 -10.03 -68.46
C VAL C 496 69.39 -10.82 -69.59
N GLU C 497 68.58 -11.27 -70.55
CA GLU C 497 69.05 -12.06 -71.67
C GLU C 497 68.64 -11.37 -72.96
N LEU C 498 69.60 -11.09 -73.83
CA LEU C 498 69.36 -10.50 -75.14
C LEU C 498 69.66 -11.52 -76.22
N LEU C 499 68.85 -11.50 -77.27
CA LEU C 499 69.10 -12.30 -78.46
C LEU C 499 68.79 -11.47 -79.69
N LEU C 500 69.57 -11.67 -80.75
CA LEU C 500 69.47 -10.91 -81.98
C LEU C 500 68.83 -11.78 -83.06
N ASP C 501 67.85 -11.21 -83.76
CA ASP C 501 67.20 -11.89 -84.89
C ASP C 501 66.51 -13.18 -84.43
N LYS C 502 65.41 -12.97 -83.70
CA LYS C 502 64.67 -14.09 -83.13
C LYS C 502 63.70 -14.72 -84.12
N LEU C 503 63.33 -14.00 -85.17
CA LEU C 503 62.40 -14.54 -86.16
C LEU C 503 62.92 -15.86 -86.72
N LYS C 504 63.97 -15.79 -87.53
CA LYS C 504 64.48 -16.96 -88.24
C LYS C 504 65.86 -17.34 -87.70
N ALA C 508 68.16 -22.75 -88.80
CA ALA C 508 67.77 -21.44 -89.30
C ALA C 508 68.99 -20.54 -89.47
N ILE C 509 68.83 -19.44 -90.18
CA ILE C 509 69.92 -18.52 -90.49
C ILE C 509 69.80 -17.30 -89.58
N ARG C 510 70.91 -16.95 -88.93
CA ARG C 510 70.97 -15.83 -87.99
C ARG C 510 72.02 -14.85 -88.46
N ARG C 511 71.62 -13.58 -88.64
CA ARG C 511 72.49 -12.58 -89.25
C ARG C 511 73.18 -11.69 -88.24
N ALA C 512 72.43 -11.07 -87.33
CA ALA C 512 73.00 -10.08 -86.42
C ALA C 512 73.63 -10.77 -85.21
N LEU C 513 74.91 -10.48 -84.98
CA LEU C 513 75.64 -11.01 -83.84
C LEU C 513 76.23 -9.85 -83.04
N PHE C 514 76.73 -10.19 -81.85
CA PHE C 514 77.34 -9.20 -80.98
C PHE C 514 78.83 -9.09 -81.27
N LEU C 515 79.36 -7.87 -81.12
CA LEU C 515 80.74 -7.59 -81.48
C LEU C 515 81.71 -8.36 -80.60
N TYR C 516 81.88 -7.91 -79.35
CA TYR C 516 82.84 -8.54 -78.46
C TYR C 516 82.50 -10.01 -78.22
N SER C 517 81.23 -10.37 -78.31
CA SER C 517 80.82 -11.76 -78.05
C SER C 517 80.99 -12.64 -79.28
N ARG C 518 80.84 -12.08 -80.48
CA ARG C 518 80.74 -12.85 -81.71
C ARG C 518 79.61 -13.88 -81.63
N SER C 519 78.63 -13.63 -80.76
CA SER C 519 77.53 -14.55 -80.51
C SER C 519 76.21 -13.82 -80.66
N PRO C 520 75.15 -14.50 -81.10
CA PRO C 520 73.82 -13.86 -81.09
C PRO C 520 73.30 -13.60 -79.69
N SER C 521 73.78 -14.33 -78.69
CA SER C 521 73.24 -14.27 -77.34
C SER C 521 74.09 -13.39 -76.44
N HIS C 522 73.45 -12.83 -75.42
CA HIS C 522 74.15 -12.06 -74.40
C HIS C 522 73.38 -12.18 -73.09
N SER C 523 74.12 -12.33 -71.99
CA SER C 523 73.53 -12.49 -70.67
C SER C 523 74.24 -11.54 -69.71
N LYS C 524 73.50 -11.06 -68.72
CA LYS C 524 74.10 -10.16 -67.73
C LYS C 524 73.37 -10.27 -66.40
N ASN C 525 74.17 -10.34 -65.33
CA ASN C 525 73.66 -10.28 -63.97
C ASN C 525 73.68 -8.82 -63.52
N MET C 526 72.50 -8.20 -63.46
CA MET C 526 72.36 -6.78 -63.21
C MET C 526 71.75 -6.53 -61.84
N THR C 527 72.39 -5.67 -61.05
CA THR C 527 71.92 -5.30 -59.72
C THR C 527 71.47 -3.84 -59.76
N ILE C 528 70.16 -3.62 -59.70
CA ILE C 528 69.59 -2.28 -59.72
C ILE C 528 69.17 -1.90 -58.31
N SER C 529 69.18 -0.60 -58.04
CA SER C 529 68.71 -0.08 -56.77
C SER C 529 67.20 0.16 -56.83
N ARG C 530 66.58 0.16 -55.66
CA ARG C 530 65.14 0.34 -55.55
C ARG C 530 64.81 1.81 -55.35
N GLY C 531 63.84 2.32 -56.11
CA GLY C 531 63.43 3.71 -56.02
C GLY C 531 64.31 4.69 -56.74
N GLY C 532 65.45 4.26 -57.29
CA GLY C 532 66.33 5.13 -58.03
C GLY C 532 66.12 5.01 -59.53
N LEU C 533 66.77 5.92 -60.25
CA LEU C 533 66.57 6.01 -61.70
C LEU C 533 67.09 4.76 -62.41
N MET C 534 66.65 4.60 -63.65
CA MET C 534 67.04 3.45 -64.46
C MET C 534 68.57 3.33 -64.53
N GLN C 535 69.08 2.14 -64.23
CA GLN C 535 70.45 1.80 -64.56
C GLN C 535 70.50 1.23 -65.96
N CYS C 536 71.46 1.70 -66.76
CA CYS C 536 71.52 1.37 -68.17
C CYS C 536 72.86 0.72 -68.51
N GLU C 537 72.87 0.03 -69.65
CA GLU C 537 74.11 -0.52 -70.22
C GLU C 537 73.91 -0.67 -71.73
N GLU C 538 74.95 -0.32 -72.48
CA GLU C 538 74.91 -0.33 -73.93
C GLU C 538 76.06 -1.18 -74.47
N LEU C 539 75.80 -1.87 -75.57
CA LEU C 539 76.83 -2.68 -76.24
C LEU C 539 76.70 -2.51 -77.74
N ILE C 540 77.73 -2.94 -78.45
CA ILE C 540 77.80 -2.82 -79.91
C ILE C 540 77.54 -4.20 -80.51
N ALA C 541 76.64 -4.26 -81.49
CA ALA C 541 76.33 -5.48 -82.20
C ALA C 541 76.51 -5.25 -83.70
N TYR C 542 77.10 -6.23 -84.38
CA TYR C 542 77.42 -6.13 -85.80
C TYR C 542 76.55 -7.07 -86.60
N LEU C 543 76.66 -6.95 -87.93
CA LEU C 543 75.97 -7.82 -88.87
C LEU C 543 76.98 -8.65 -89.65
N ARG C 544 76.62 -9.89 -89.95
CA ARG C 544 77.49 -10.75 -90.72
C ARG C 544 77.51 -10.32 -92.19
N ASP C 545 78.55 -10.76 -92.90
CA ASP C 545 78.73 -10.38 -94.29
C ASP C 545 77.59 -10.95 -95.15
N GLU C 546 77.21 -10.19 -96.19
CA GLU C 546 76.14 -10.62 -97.07
C GLU C 546 76.43 -11.97 -97.69
N SER C 547 77.71 -12.30 -97.89
CA SER C 547 78.08 -13.57 -98.50
C SER C 547 77.74 -14.78 -97.62
N GLU C 548 77.16 -14.56 -96.44
CA GLU C 548 76.81 -15.64 -95.53
C GLU C 548 75.30 -15.79 -95.33
N PHE C 549 74.48 -14.99 -96.02
CA PHE C 549 73.04 -15.12 -95.90
C PHE C 549 72.38 -14.41 -97.09
N ARG C 550 71.34 -15.05 -97.62
CA ARG C 550 70.55 -14.47 -98.70
C ARG C 550 69.27 -13.80 -98.20
N ASP C 551 68.87 -14.05 -96.96
CA ASP C 551 67.64 -13.51 -96.41
C ASP C 551 67.92 -12.13 -95.81
N LYS C 552 67.29 -11.10 -96.39
CA LYS C 552 67.43 -9.73 -95.90
C LYS C 552 66.10 -9.03 -95.74
N LEU C 553 64.99 -9.65 -96.13
CA LEU C 553 63.67 -9.05 -96.00
C LEU C 553 63.07 -9.26 -94.62
N THR C 554 63.42 -10.35 -93.96
CA THR C 554 62.94 -10.61 -92.61
C THR C 554 63.57 -9.61 -91.64
N PRO C 555 62.78 -8.78 -90.95
CA PRO C 555 63.37 -7.82 -90.01
C PRO C 555 64.28 -8.48 -88.99
N ILE C 556 65.09 -7.66 -88.30
CA ILE C 556 65.99 -8.13 -87.27
C ILE C 556 65.39 -7.74 -85.92
N THR C 557 64.89 -8.72 -85.18
CA THR C 557 64.33 -8.46 -83.87
C THR C 557 65.41 -8.56 -82.80
N ILE C 558 65.46 -7.55 -81.94
CA ILE C 558 66.35 -7.54 -80.79
C ILE C 558 65.48 -7.81 -79.57
N PHE C 559 65.59 -9.02 -79.04
CA PHE C 559 64.67 -9.54 -78.04
C PHE C 559 65.34 -9.55 -76.68
N MET C 560 64.66 -8.99 -75.67
CA MET C 560 65.16 -8.97 -74.31
C MET C 560 64.13 -9.52 -73.36
N GLU C 561 64.55 -10.39 -72.45
CA GLU C 561 63.72 -10.88 -71.36
C GLU C 561 64.49 -10.75 -70.06
N TYR C 562 63.81 -10.28 -69.03
CA TYR C 562 64.40 -10.04 -67.73
C TYR C 562 63.62 -10.82 -66.67
N ARG C 563 64.35 -11.44 -65.76
CA ARG C 563 63.76 -12.16 -64.64
C ARG C 563 64.56 -11.84 -63.39
N LEU C 564 63.86 -11.56 -62.30
CA LEU C 564 64.49 -11.26 -61.02
C LEU C 564 64.81 -12.54 -60.26
N ASP C 565 65.88 -12.48 -59.47
CA ASP C 565 66.29 -13.61 -58.64
C ASP C 565 65.46 -13.58 -57.37
N TYR C 566 64.47 -14.48 -57.29
CA TYR C 566 63.56 -14.50 -56.15
C TYR C 566 64.30 -14.89 -54.87
N ARG C 567 65.19 -15.88 -54.95
CA ARG C 567 65.85 -16.38 -53.74
C ARG C 567 66.61 -15.27 -53.02
N THR C 568 67.31 -14.42 -53.77
CA THR C 568 68.09 -13.34 -53.16
C THR C 568 67.21 -12.18 -52.69
N ALA C 569 65.96 -12.11 -53.15
CA ALA C 569 65.05 -11.05 -52.76
C ALA C 569 64.09 -11.47 -51.66
N ALA C 570 64.16 -12.71 -51.19
CA ALA C 570 63.27 -13.17 -50.14
C ALA C 570 63.56 -12.45 -48.83
N ASP C 571 62.52 -12.30 -48.02
CA ASP C 571 62.65 -11.66 -46.72
C ASP C 571 63.16 -12.68 -45.70
N THR C 572 63.15 -12.30 -44.42
CA THR C 572 63.63 -13.21 -43.38
C THR C 572 62.79 -14.48 -43.34
N THR C 573 61.50 -14.38 -43.66
CA THR C 573 60.60 -15.52 -43.64
C THR C 573 60.62 -16.30 -44.95
N GLY C 574 61.55 -16.00 -45.84
CA GLY C 574 61.58 -16.66 -47.13
C GLY C 574 60.47 -16.23 -48.07
N LEU C 575 59.75 -15.17 -47.74
CA LEU C 575 58.66 -14.68 -48.60
C LEU C 575 59.27 -13.91 -49.76
N GLN C 576 59.18 -14.47 -50.96
CA GLN C 576 59.78 -13.85 -52.12
C GLN C 576 58.85 -12.79 -52.70
N PRO C 577 59.41 -11.72 -53.28
CA PRO C 577 58.56 -10.74 -53.96
C PRO C 577 57.92 -11.29 -55.23
N ILE C 578 57.06 -10.49 -55.86
CA ILE C 578 56.37 -10.87 -57.09
C ILE C 578 56.27 -9.64 -57.97
N LEU C 579 56.43 -9.85 -59.28
CA LEU C 579 56.31 -8.76 -60.23
C LEU C 579 54.85 -8.52 -60.57
N ASN C 580 54.50 -7.25 -60.76
CA ASN C 580 53.12 -6.87 -60.98
C ASN C 580 52.51 -7.74 -62.09
N GLN C 581 51.21 -8.01 -61.96
CA GLN C 581 50.56 -8.96 -62.86
C GLN C 581 50.67 -8.54 -64.32
N PHE C 582 50.71 -7.24 -64.57
CA PHE C 582 50.70 -6.71 -65.94
C PHE C 582 52.07 -6.24 -66.39
N THR C 583 53.14 -6.94 -66.00
CA THR C 583 54.48 -6.60 -66.42
C THR C 583 54.88 -7.48 -67.60
N PRO C 584 55.22 -6.92 -68.76
CA PRO C 584 55.58 -7.76 -69.90
C PRO C 584 56.67 -8.76 -69.54
N ALA C 585 56.57 -9.96 -70.12
CA ALA C 585 57.60 -10.98 -69.91
C ALA C 585 58.83 -10.68 -70.77
N ASN C 586 58.63 -10.28 -72.02
CA ASN C 586 59.71 -9.91 -72.92
C ASN C 586 59.35 -8.62 -73.63
N ILE C 587 60.39 -7.89 -74.05
CA ILE C 587 60.25 -6.72 -74.90
C ILE C 587 61.18 -6.88 -76.10
N SER C 588 60.95 -6.07 -77.12
CA SER C 588 61.71 -6.21 -78.35
C SER C 588 61.71 -4.89 -79.11
N ARG C 589 62.85 -4.59 -79.72
CA ARG C 589 62.98 -3.54 -80.72
C ARG C 589 63.36 -4.21 -82.04
N GLN C 590 63.64 -3.39 -83.06
CA GLN C 590 63.85 -3.94 -84.39
C GLN C 590 64.86 -3.10 -85.16
N ALA C 591 65.46 -3.74 -86.17
CA ALA C 591 66.37 -3.08 -87.10
C ALA C 591 66.13 -3.66 -88.49
N HIS C 592 66.57 -2.91 -89.51
CA HIS C 592 66.31 -3.29 -90.89
C HIS C 592 67.55 -3.00 -91.74
N ILE C 593 67.42 -3.23 -93.05
CA ILE C 593 68.51 -3.06 -94.01
C ILE C 593 67.96 -2.28 -95.20
N LEU C 594 68.88 -1.69 -95.96
CA LEU C 594 68.51 -0.75 -97.03
C LEU C 594 67.93 -1.45 -98.26
N LEU C 595 68.08 -2.75 -98.40
CA LEU C 595 67.50 -3.51 -99.50
C LEU C 595 68.10 -3.12 -100.85
N THR C 596 67.93 -1.87 -101.27
CA THR C 596 68.39 -1.45 -102.59
C THR C 596 69.16 -0.15 -102.55
N GLY C 597 68.50 0.94 -102.16
CA GLY C 597 69.14 2.25 -102.14
C GLY C 597 68.76 3.10 -103.33
N GLY C 598 68.63 2.48 -104.49
CA GLY C 598 68.29 3.19 -105.70
C GLY C 598 69.43 4.04 -106.24
N LEU C 599 69.60 5.23 -105.68
CA LEU C 599 70.69 6.12 -106.05
C LEU C 599 72.02 5.39 -106.14
N ASN D 73 12.76 -49.35 -81.56
CA ASN D 73 12.44 -49.70 -80.18
C ASN D 73 12.52 -48.48 -79.28
N THR D 74 13.43 -47.58 -79.60
CA THR D 74 13.62 -46.34 -78.84
C THR D 74 12.69 -45.28 -79.41
N GLN D 75 11.67 -44.90 -78.63
CA GLN D 75 10.68 -43.95 -79.11
C GLN D 75 11.30 -42.62 -79.52
N VAL D 76 12.52 -42.34 -79.10
CA VAL D 76 13.30 -41.22 -79.62
C VAL D 76 14.20 -41.80 -80.71
N THR D 77 13.82 -41.56 -81.96
CA THR D 77 14.51 -42.16 -83.09
C THR D 77 15.27 -41.08 -83.86
N PRO D 78 16.54 -41.31 -84.22
CA PRO D 78 17.34 -42.50 -83.91
C PRO D 78 17.89 -42.51 -82.49
N GLY D 79 17.88 -43.67 -81.85
CA GLY D 79 18.46 -43.82 -80.54
C GLY D 79 19.96 -43.97 -80.53
N GLU D 80 20.62 -43.68 -81.65
CA GLU D 80 22.07 -43.80 -81.75
C GLU D 80 22.53 -42.97 -82.94
N VAL D 81 23.56 -42.16 -82.73
CA VAL D 81 24.08 -41.28 -83.78
C VAL D 81 25.60 -41.21 -83.65
N SER D 82 26.25 -40.95 -84.78
CA SER D 82 27.70 -40.85 -84.83
C SER D 82 28.14 -39.56 -85.51
N ASN D 92 23.08 -30.18 -89.02
CA ASN D 92 21.99 -30.42 -88.07
C ASN D 92 21.21 -31.66 -88.47
N PHE D 93 20.42 -32.18 -87.52
CA PHE D 93 19.61 -33.37 -87.77
C PHE D 93 18.38 -33.32 -86.88
N MET D 94 17.38 -34.13 -87.23
CA MET D 94 16.16 -34.24 -86.45
C MET D 94 16.16 -35.51 -85.63
N LEU D 95 15.62 -35.42 -84.42
CA LEU D 95 15.32 -36.57 -83.58
C LEU D 95 13.83 -36.58 -83.29
N LYS D 96 13.22 -37.75 -83.41
CA LYS D 96 11.77 -37.88 -83.37
C LYS D 96 11.35 -38.56 -82.07
N VAL D 97 10.84 -37.76 -81.14
CA VAL D 97 10.23 -38.30 -79.92
C VAL D 97 8.75 -38.54 -80.20
N HIS D 98 8.17 -39.47 -79.45
CA HIS D 98 6.81 -39.90 -79.75
C HIS D 98 6.24 -40.72 -78.61
N PRO D 99 5.31 -40.19 -77.82
CA PRO D 99 4.77 -40.95 -76.70
C PRO D 99 3.70 -41.94 -77.14
N LEU D 100 3.70 -43.11 -76.49
CA LEU D 100 2.69 -44.12 -76.76
C LEU D 100 1.44 -43.84 -75.93
N LYS D 101 0.44 -44.70 -76.06
CA LYS D 101 -0.82 -44.53 -75.34
C LYS D 101 -0.79 -45.28 -74.02
N LYS D 102 -1.16 -46.56 -74.04
CA LYS D 102 -1.15 -47.37 -72.83
C LYS D 102 0.26 -47.48 -72.27
N TYR D 103 0.49 -46.88 -71.10
CA TYR D 103 1.79 -46.87 -70.45
C TYR D 103 1.73 -47.66 -69.15
N PRO D 104 2.71 -48.52 -68.87
CA PRO D 104 2.91 -48.95 -67.48
C PRO D 104 3.18 -47.73 -66.61
N VAL D 105 2.60 -47.74 -65.41
CA VAL D 105 2.70 -46.58 -64.51
C VAL D 105 2.96 -47.06 -63.09
N ASP D 106 3.82 -46.33 -62.39
CA ASP D 106 4.07 -46.54 -60.97
C ASP D 106 3.87 -45.22 -60.25
N LEU D 107 2.91 -45.19 -59.33
CA LEU D 107 2.61 -44.01 -58.54
C LEU D 107 3.03 -44.23 -57.10
N TYR D 108 3.73 -43.26 -56.53
CA TYR D 108 4.19 -43.33 -55.15
C TYR D 108 3.58 -42.18 -54.37
N TYR D 109 2.85 -42.51 -53.30
CA TYR D 109 2.25 -41.52 -52.42
C TYR D 109 3.25 -41.17 -51.33
N LEU D 110 4.01 -40.08 -51.55
CA LEU D 110 4.89 -39.53 -50.53
C LEU D 110 4.13 -38.42 -49.82
N VAL D 111 3.86 -38.61 -48.54
CA VAL D 111 2.94 -37.76 -47.80
C VAL D 111 3.67 -37.10 -46.63
N ASP D 112 3.46 -35.80 -46.48
CA ASP D 112 3.79 -35.11 -45.24
C ASP D 112 2.82 -35.57 -44.17
N VAL D 113 3.34 -36.13 -43.08
CA VAL D 113 2.50 -36.65 -42.01
C VAL D 113 2.64 -35.77 -40.78
N SER D 114 2.78 -34.45 -41.00
CA SER D 114 2.76 -33.51 -39.90
C SER D 114 1.33 -33.41 -39.36
N ALA D 115 1.16 -32.58 -38.33
CA ALA D 115 -0.14 -32.47 -37.67
C ALA D 115 -1.22 -31.99 -38.64
N SER D 116 -0.96 -30.86 -39.31
CA SER D 116 -1.98 -30.16 -40.11
C SER D 116 -2.61 -31.06 -41.17
N MET D 117 -2.03 -32.23 -41.43
CA MET D 117 -2.48 -33.09 -42.51
C MET D 117 -3.52 -34.12 -42.08
N HIS D 118 -3.88 -34.16 -40.80
CA HIS D 118 -4.71 -35.25 -40.28
C HIS D 118 -5.92 -35.52 -41.16
N ASN D 119 -6.80 -34.52 -41.33
CA ASN D 119 -8.00 -34.73 -42.14
C ASN D 119 -7.64 -35.30 -43.51
N ASN D 120 -6.67 -34.68 -44.18
CA ASN D 120 -6.26 -35.16 -45.50
C ASN D 120 -5.91 -36.64 -45.47
N ILE D 121 -5.11 -37.05 -44.48
CA ILE D 121 -4.69 -38.45 -44.38
C ILE D 121 -5.91 -39.36 -44.29
N GLU D 122 -6.90 -38.99 -43.46
CA GLU D 122 -8.09 -39.82 -43.34
C GLU D 122 -8.83 -39.92 -44.67
N LYS D 123 -8.88 -38.83 -45.43
CA LYS D 123 -9.56 -38.85 -46.72
C LYS D 123 -8.84 -39.72 -47.73
N LEU D 124 -7.54 -39.96 -47.55
CA LEU D 124 -6.75 -40.70 -48.52
C LEU D 124 -6.92 -42.21 -48.39
N ASN D 125 -7.35 -42.69 -47.23
CA ASN D 125 -7.37 -44.14 -46.98
C ASN D 125 -8.14 -44.88 -48.07
N SER D 126 -9.35 -44.43 -48.38
CA SER D 126 -10.21 -45.17 -49.30
C SER D 126 -9.78 -45.00 -50.75
N VAL D 127 -9.45 -43.78 -51.17
CA VAL D 127 -9.11 -43.51 -52.55
C VAL D 127 -7.91 -44.35 -52.99
N ASP D 130 -9.89 -46.38 -55.00
CA ASP D 130 -10.86 -46.35 -56.09
C ASP D 130 -10.21 -45.89 -57.39
N LEU D 131 -9.22 -45.00 -57.26
CA LEU D 131 -8.53 -44.47 -58.44
C LEU D 131 -7.95 -45.58 -59.31
N SER D 132 -7.66 -46.75 -58.75
CA SER D 132 -7.09 -47.84 -59.53
C SER D 132 -7.93 -48.17 -60.75
N ARG D 133 -9.25 -47.96 -60.67
CA ARG D 133 -10.11 -48.23 -61.82
C ARG D 133 -9.82 -47.28 -62.96
N LYS D 134 -9.71 -45.98 -62.66
CA LYS D 134 -9.37 -45.01 -63.69
C LYS D 134 -7.96 -45.26 -64.23
N MET D 135 -7.01 -45.57 -63.35
CA MET D 135 -5.64 -45.78 -63.78
C MET D 135 -5.50 -47.04 -64.63
N ALA D 136 -6.28 -48.08 -64.30
CA ALA D 136 -6.29 -49.27 -65.16
C ALA D 136 -6.89 -48.95 -66.52
N PHE D 137 -7.96 -48.15 -66.54
CA PHE D 137 -8.52 -47.71 -67.82
C PHE D 137 -7.50 -46.95 -68.64
N PHE D 138 -6.73 -46.07 -68.00
CA PHE D 138 -5.78 -45.24 -68.72
C PHE D 138 -4.47 -45.97 -68.99
N SER D 139 -4.10 -46.93 -68.14
CA SER D 139 -2.82 -47.59 -68.25
C SER D 139 -2.94 -49.05 -67.83
N ARG D 140 -2.26 -49.93 -68.57
CA ARG D 140 -2.32 -51.36 -68.30
C ARG D 140 -1.76 -51.67 -66.92
N ASP D 141 -0.44 -51.56 -66.78
CA ASP D 141 0.21 -51.85 -65.51
C ASP D 141 0.15 -50.63 -64.60
N PHE D 142 -0.39 -50.81 -63.40
CA PHE D 142 -0.49 -49.74 -62.41
C PHE D 142 0.01 -50.26 -61.06
N ARG D 143 1.15 -49.75 -60.62
CA ARG D 143 1.71 -50.06 -59.32
C ARG D 143 1.53 -48.88 -58.38
N LEU D 144 1.59 -49.17 -57.07
CA LEU D 144 1.35 -48.15 -56.06
C LEU D 144 2.22 -48.41 -54.85
N GLY D 145 2.95 -47.37 -54.42
CA GLY D 145 3.76 -47.44 -53.23
C GLY D 145 3.44 -46.26 -52.32
N PHE D 146 3.97 -46.33 -51.09
CA PHE D 146 3.63 -45.33 -50.09
C PHE D 146 4.83 -45.03 -49.20
N GLY D 147 4.89 -43.77 -48.76
CA GLY D 147 5.95 -43.32 -47.88
C GLY D 147 5.52 -42.07 -47.15
N SER D 148 6.11 -41.86 -45.97
CA SER D 148 5.78 -40.71 -45.13
C SER D 148 7.05 -39.94 -44.80
N TYR D 149 6.85 -38.66 -44.46
CA TYR D 149 7.96 -37.80 -44.08
C TYR D 149 7.42 -36.66 -43.23
N VAL D 150 8.34 -35.94 -42.57
CA VAL D 150 7.97 -34.78 -41.78
C VAL D 150 9.11 -33.76 -41.82
N ASP D 151 10.17 -34.00 -41.06
CA ASP D 151 11.29 -33.06 -40.99
C ASP D 151 12.47 -33.76 -40.32
N LYS D 152 13.59 -33.05 -40.26
CA LYS D 152 14.78 -33.60 -39.61
C LYS D 152 14.58 -33.66 -38.11
N THR D 153 15.06 -34.76 -37.52
CA THR D 153 14.85 -35.04 -36.10
C THR D 153 15.98 -34.45 -35.26
N VAL D 154 16.06 -33.11 -35.28
CA VAL D 154 17.10 -32.41 -34.54
C VAL D 154 16.64 -30.98 -34.33
N SER D 155 17.01 -30.42 -33.17
CA SER D 155 16.71 -29.03 -32.89
C SER D 155 17.31 -28.14 -33.99
N PRO D 156 16.67 -27.01 -34.31
CA PRO D 156 15.43 -26.46 -33.75
C PRO D 156 14.17 -26.90 -34.49
N TYR D 157 14.32 -27.81 -35.44
CA TYR D 157 13.17 -28.27 -36.22
C TYR D 157 12.17 -29.02 -35.36
N ILE D 158 12.66 -29.73 -34.34
CA ILE D 158 11.81 -30.44 -33.39
C ILE D 158 12.24 -30.07 -31.97
N SER D 159 11.34 -30.31 -31.02
CA SER D 159 11.69 -30.18 -29.62
C SER D 159 12.37 -31.46 -29.15
N ILE D 160 13.43 -31.30 -28.35
CA ILE D 160 14.17 -32.42 -27.80
C ILE D 160 13.87 -32.65 -26.33
N HIS D 161 13.07 -31.78 -25.72
CA HIS D 161 12.61 -31.95 -24.35
C HIS D 161 12.11 -33.37 -24.12
N PRO D 162 12.71 -34.14 -23.19
CA PRO D 162 12.41 -35.58 -23.07
C PRO D 162 10.96 -36.00 -23.25
N GLU D 163 10.00 -35.19 -22.81
CA GLU D 163 8.61 -35.63 -22.85
C GLU D 163 8.04 -35.71 -24.26
N ARG D 164 8.71 -35.13 -25.25
CA ARG D 164 8.29 -35.27 -26.64
C ARG D 164 9.45 -35.02 -27.60
N ASN D 173 -3.91 -32.49 -25.26
CA ASN D 173 -3.19 -32.88 -26.47
C ASN D 173 -3.93 -34.01 -27.20
N LEU D 174 -3.32 -34.52 -28.25
CA LEU D 174 -3.90 -35.61 -29.03
C LEU D 174 -2.78 -36.56 -29.46
N ASP D 175 -3.17 -37.78 -29.81
CA ASP D 175 -2.21 -38.82 -30.10
C ASP D 175 -1.33 -38.46 -31.30
N CYS D 176 -0.04 -38.76 -31.18
CA CYS D 176 0.92 -38.45 -32.23
C CYS D 176 2.13 -39.37 -32.07
N MET D 177 2.68 -39.82 -33.21
CA MET D 177 3.85 -40.69 -33.21
C MET D 177 5.12 -39.87 -33.28
N PRO D 178 6.26 -40.45 -32.88
CA PRO D 178 7.52 -39.70 -32.94
C PRO D 178 7.86 -39.30 -34.36
N PRO D 179 8.38 -38.09 -34.57
CA PRO D 179 8.66 -37.64 -35.94
C PRO D 179 9.79 -38.42 -36.58
N HIS D 180 9.85 -38.34 -37.90
CA HIS D 180 10.87 -39.05 -38.67
C HIS D 180 11.21 -38.24 -39.92
N GLY D 181 12.46 -38.36 -40.35
CA GLY D 181 12.88 -37.64 -41.55
C GLY D 181 12.21 -38.15 -42.80
N TYR D 182 12.16 -39.48 -42.96
CA TYR D 182 11.53 -40.09 -44.12
C TYR D 182 11.44 -41.60 -43.89
N ILE D 183 10.35 -42.21 -44.34
CA ILE D 183 10.13 -43.64 -44.20
C ILE D 183 9.44 -44.16 -45.45
N HIS D 184 10.02 -45.18 -46.06
CA HIS D 184 9.41 -45.89 -47.19
C HIS D 184 8.72 -47.13 -46.63
N VAL D 185 7.39 -47.15 -46.72
CA VAL D 185 6.59 -48.16 -46.04
C VAL D 185 6.08 -49.23 -47.00
N LEU D 186 5.71 -48.84 -48.23
CA LEU D 186 5.11 -49.78 -49.18
C LEU D 186 5.76 -49.59 -50.54
N SER D 187 6.47 -50.62 -50.99
CA SER D 187 7.00 -50.62 -52.35
C SER D 187 5.85 -50.73 -53.36
N LEU D 188 6.16 -50.38 -54.61
CA LEU D 188 5.18 -50.43 -55.68
C LEU D 188 4.66 -51.85 -55.85
N THR D 189 3.36 -52.05 -55.64
CA THR D 189 2.74 -53.36 -55.69
C THR D 189 1.39 -53.26 -56.40
N GLU D 190 0.86 -54.42 -56.77
CA GLU D 190 -0.43 -54.47 -57.47
C GLU D 190 -1.60 -54.56 -56.50
N ASN D 191 -1.54 -55.48 -55.52
CA ASN D 191 -2.63 -55.60 -54.56
C ASN D 191 -2.88 -54.26 -53.88
N ILE D 192 -3.76 -53.45 -54.47
CA ILE D 192 -3.97 -52.10 -53.98
C ILE D 192 -4.61 -52.10 -52.60
N THR D 193 -5.43 -53.11 -52.29
CA THR D 193 -6.00 -53.19 -50.95
C THR D 193 -4.92 -53.13 -49.89
N GLU D 194 -3.74 -53.67 -50.18
CA GLU D 194 -2.60 -53.55 -49.27
C GLU D 194 -2.31 -52.09 -48.97
N PHE D 195 -2.21 -51.27 -50.01
CA PHE D 195 -1.99 -49.83 -49.84
C PHE D 195 -2.98 -49.25 -48.85
N GLU D 196 -4.26 -49.58 -49.01
CA GLU D 196 -5.28 -49.05 -48.11
C GLU D 196 -4.97 -49.41 -46.66
N LYS D 197 -4.69 -50.70 -46.40
CA LYS D 197 -4.35 -51.12 -45.05
C LYS D 197 -3.12 -50.38 -44.52
N ALA D 198 -2.24 -49.93 -45.42
CA ALA D 198 -1.02 -49.27 -45.00
C ALA D 198 -1.23 -47.80 -44.65
N VAL D 199 -2.33 -47.19 -45.12
CA VAL D 199 -2.59 -45.78 -44.88
C VAL D 199 -3.41 -45.55 -43.62
N HIS D 200 -4.39 -46.43 -43.34
CA HIS D 200 -5.04 -46.38 -42.05
C HIS D 200 -4.08 -46.76 -40.94
N ARG D 201 -3.13 -47.64 -41.26
CA ARG D 201 -2.04 -47.95 -40.34
C ARG D 201 -1.20 -46.72 -40.05
N GLN D 202 -1.15 -45.76 -40.97
CA GLN D 202 -0.31 -44.59 -40.81
C GLN D 202 -0.81 -43.71 -39.66
N LYS D 203 0.14 -43.07 -38.98
CA LYS D 203 -0.15 -42.14 -37.90
C LYS D 203 0.61 -40.84 -38.15
N ILE D 204 0.40 -39.87 -37.26
CA ILE D 204 0.82 -38.50 -37.49
C ILE D 204 1.85 -38.09 -36.45
N SER D 205 2.79 -37.26 -36.88
CA SER D 205 3.84 -36.72 -36.03
C SER D 205 3.73 -35.20 -35.98
N GLY D 206 4.63 -34.58 -35.23
CA GLY D 206 4.62 -33.13 -35.08
C GLY D 206 6.03 -32.61 -34.87
N ASN D 207 6.25 -31.39 -35.34
CA ASN D 207 7.53 -30.71 -35.17
C ASN D 207 7.23 -29.26 -34.76
N ILE D 208 8.19 -28.37 -34.99
CA ILE D 208 8.03 -26.97 -34.60
C ILE D 208 7.89 -26.11 -35.85
N ASP D 209 8.99 -25.94 -36.59
CA ASP D 209 8.99 -25.02 -37.72
C ASP D 209 7.97 -25.44 -38.77
N THR D 210 7.26 -24.44 -39.30
CA THR D 210 6.20 -24.70 -40.28
C THR D 210 6.71 -25.47 -41.50
N PRO D 211 7.84 -25.12 -42.11
CA PRO D 211 8.28 -25.85 -43.31
C PRO D 211 8.73 -27.25 -42.95
N GLU D 212 8.42 -28.20 -43.83
CA GLU D 212 8.68 -29.61 -43.59
C GLU D 212 9.80 -30.09 -44.51
N GLY D 213 10.65 -30.97 -43.99
CA GLY D 213 11.78 -31.47 -44.74
C GLY D 213 11.39 -32.51 -45.77
N GLY D 214 10.82 -32.05 -46.89
CA GLY D 214 10.31 -32.97 -47.88
C GLY D 214 11.31 -33.34 -48.95
N PHE D 215 12.32 -32.49 -49.16
CA PHE D 215 13.23 -32.71 -50.27
C PHE D 215 14.18 -33.87 -50.00
N ASP D 216 14.54 -34.12 -48.74
CA ASP D 216 15.29 -35.32 -48.42
C ASP D 216 14.52 -36.56 -48.86
N ALA D 217 13.24 -36.62 -48.54
CA ALA D 217 12.42 -37.78 -48.89
C ALA D 217 12.31 -37.92 -50.40
N MET D 218 12.03 -36.82 -51.11
CA MET D 218 11.90 -36.88 -52.55
C MET D 218 13.14 -37.49 -53.19
N LEU D 219 14.32 -37.01 -52.77
CA LEU D 219 15.56 -37.54 -53.32
C LEU D 219 15.70 -39.03 -53.02
N GLN D 220 15.37 -39.45 -51.80
CA GLN D 220 15.51 -40.85 -51.44
C GLN D 220 14.55 -41.73 -52.23
N ALA D 221 13.27 -41.33 -52.28
CA ALA D 221 12.31 -42.07 -53.11
C ALA D 221 12.77 -42.12 -54.56
N ALA D 222 13.59 -41.14 -54.98
CA ALA D 222 14.02 -41.07 -56.37
C ALA D 222 15.16 -42.03 -56.64
N VAL D 223 16.25 -41.90 -55.88
CA VAL D 223 17.46 -42.65 -56.18
C VAL D 223 17.33 -44.10 -55.71
N CYS D 224 16.70 -44.33 -54.56
CA CYS D 224 16.53 -45.68 -54.05
C CYS D 224 15.66 -46.52 -54.98
N GLU D 225 16.14 -46.76 -56.19
CA GLU D 225 15.32 -47.44 -57.20
C GLU D 225 14.87 -48.80 -56.69
N SER D 226 15.82 -49.64 -56.30
CA SER D 226 15.49 -51.02 -55.91
C SER D 226 14.55 -51.05 -54.72
N HIS D 227 14.77 -50.18 -53.74
CA HIS D 227 13.99 -50.22 -52.51
C HIS D 227 12.54 -49.82 -52.76
N ILE D 228 12.31 -48.85 -53.64
CA ILE D 228 10.95 -48.48 -53.99
C ILE D 228 10.40 -49.35 -55.12
N GLY D 229 11.25 -49.82 -56.02
CA GLY D 229 10.84 -50.77 -57.04
C GLY D 229 10.30 -50.13 -58.30
N TRP D 230 10.99 -49.11 -58.80
CA TRP D 230 10.53 -48.40 -59.98
C TRP D 230 10.74 -49.26 -61.24
N ARG D 231 9.73 -49.27 -62.12
CA ARG D 231 9.81 -49.96 -63.39
C ARG D 231 10.44 -49.05 -64.45
N LYS D 232 11.29 -49.65 -65.28
CA LYS D 232 12.02 -48.87 -66.29
C LYS D 232 11.06 -48.26 -67.31
N GLU D 233 10.28 -49.09 -67.98
CA GLU D 233 9.40 -48.64 -69.06
C GLU D 233 8.07 -48.10 -68.56
N ALA D 234 7.98 -47.75 -67.28
CA ALA D 234 6.76 -47.21 -66.69
C ALA D 234 6.95 -45.74 -66.33
N LYS D 235 5.92 -44.93 -66.59
CA LYS D 235 5.93 -43.54 -66.17
C LYS D 235 6.08 -43.47 -64.65
N ARG D 236 7.24 -43.03 -64.18
CA ARG D 236 7.54 -43.03 -62.75
C ARG D 236 7.12 -41.69 -62.16
N LEU D 237 5.96 -41.67 -61.52
CA LEU D 237 5.41 -40.47 -60.90
C LEU D 237 5.70 -40.51 -59.40
N LEU D 238 6.19 -39.40 -58.87
CA LEU D 238 6.42 -39.26 -57.43
C LEU D 238 5.48 -38.17 -56.92
N LEU D 239 4.40 -38.59 -56.26
CA LEU D 239 3.43 -37.66 -55.72
C LEU D 239 3.87 -37.22 -54.32
N VAL D 240 4.00 -35.92 -54.12
CA VAL D 240 4.29 -35.34 -52.81
C VAL D 240 3.02 -34.62 -52.34
N MET D 241 2.65 -34.84 -51.09
CA MET D 241 1.45 -34.25 -50.51
C MET D 241 1.81 -33.53 -49.23
N THR D 242 1.65 -32.21 -49.23
CA THR D 242 1.90 -31.41 -48.04
C THR D 242 0.90 -30.25 -48.02
N ASP D 243 1.12 -29.31 -47.12
CA ASP D 243 0.31 -28.10 -47.04
C ASP D 243 1.14 -26.84 -46.86
N GLN D 244 2.40 -26.94 -46.46
CA GLN D 244 3.30 -25.81 -46.27
C GLN D 244 4.51 -26.00 -47.17
N THR D 245 5.38 -24.98 -47.20
CA THR D 245 6.59 -25.02 -48.01
C THR D 245 7.51 -26.12 -47.51
N SER D 246 8.72 -26.20 -48.09
CA SER D 246 9.70 -27.23 -47.74
C SER D 246 11.02 -26.57 -47.37
N HIS D 247 11.77 -27.25 -46.51
CA HIS D 247 13.09 -26.77 -46.15
C HIS D 247 14.07 -26.98 -47.32
N LEU D 248 15.16 -26.23 -47.28
CA LEU D 248 16.18 -26.25 -48.32
C LEU D 248 17.51 -26.69 -47.73
N ALA D 249 18.46 -26.99 -48.63
CA ALA D 249 19.77 -27.47 -48.18
C ALA D 249 20.35 -26.57 -47.10
N LEU D 250 20.40 -25.27 -47.38
CA LEU D 250 21.02 -24.31 -46.49
C LEU D 250 20.21 -24.06 -45.22
N ASP D 251 18.96 -24.52 -45.15
CA ASP D 251 18.21 -24.43 -43.90
C ASP D 251 18.84 -25.30 -42.83
N SER D 252 19.48 -26.40 -43.22
CA SER D 252 20.06 -27.36 -42.29
C SER D 252 21.25 -26.80 -41.53
N LYS D 253 21.70 -25.59 -41.82
CA LYS D 253 22.83 -25.02 -41.10
C LYS D 253 22.43 -24.64 -39.67
N LEU D 254 21.17 -24.28 -39.46
CA LEU D 254 20.69 -23.99 -38.11
C LEU D 254 20.93 -25.17 -37.18
N ALA D 255 20.64 -26.38 -37.64
CA ALA D 255 20.82 -27.58 -36.83
C ALA D 255 22.28 -27.99 -36.69
N GLY D 256 23.22 -27.19 -37.18
CA GLY D 256 24.60 -27.60 -37.22
C GLY D 256 24.92 -28.60 -38.30
N ILE D 257 23.97 -28.88 -39.19
CA ILE D 257 24.18 -29.80 -40.31
C ILE D 257 24.72 -28.98 -41.48
N VAL D 258 25.96 -29.28 -41.88
CA VAL D 258 26.64 -28.46 -42.87
C VAL D 258 27.29 -29.33 -43.95
N CYS D 259 26.95 -30.62 -43.96
CA CYS D 259 27.48 -31.51 -44.98
C CYS D 259 26.49 -31.63 -46.11
N PRO D 260 26.80 -31.13 -47.31
CA PRO D 260 25.80 -31.15 -48.39
C PRO D 260 25.30 -32.55 -48.69
N ASN D 261 24.10 -32.61 -49.25
CA ASN D 261 23.49 -33.89 -49.60
C ASN D 261 24.29 -34.57 -50.70
N ASP D 262 24.70 -35.81 -50.46
CA ASP D 262 25.51 -36.54 -51.43
C ASP D 262 24.67 -37.09 -52.57
N GLY D 263 23.36 -37.22 -52.40
CA GLY D 263 22.49 -37.67 -53.46
C GLY D 263 22.43 -39.16 -53.65
N ASN D 264 22.80 -39.93 -52.63
CA ASN D 264 22.78 -41.38 -52.70
C ASN D 264 21.73 -41.95 -51.76
N CYS D 265 21.32 -43.19 -52.04
CA CYS D 265 20.31 -43.84 -51.22
C CYS D 265 20.88 -44.15 -49.84
N HIS D 266 20.10 -43.82 -48.79
CA HIS D 266 20.50 -44.04 -47.40
C HIS D 266 19.30 -44.57 -46.61
N LEU D 267 18.87 -45.78 -46.95
CA LEU D 267 17.79 -46.46 -46.24
C LEU D 267 18.32 -47.81 -45.75
N LYS D 268 18.45 -47.95 -44.45
CA LYS D 268 18.90 -49.21 -43.85
C LYS D 268 17.68 -50.12 -43.62
N ASN D 269 16.84 -49.74 -42.66
CA ASN D 269 15.57 -50.43 -42.41
C ASN D 269 14.41 -49.64 -42.99
N ASN D 270 14.57 -49.12 -44.20
CA ASN D 270 13.56 -48.28 -44.85
C ASN D 270 13.35 -46.97 -44.11
N VAL D 271 14.39 -46.47 -43.45
CA VAL D 271 14.34 -45.19 -42.75
C VAL D 271 15.56 -44.38 -43.17
N TYR D 272 15.34 -43.11 -43.50
CA TYR D 272 16.41 -42.21 -43.93
C TYR D 272 17.33 -41.96 -42.74
N VAL D 273 18.49 -42.63 -42.73
CA VAL D 273 19.37 -42.57 -41.57
C VAL D 273 20.20 -41.28 -41.57
N LYS D 274 20.50 -40.73 -42.74
CA LYS D 274 21.30 -39.52 -42.83
C LYS D 274 20.48 -38.24 -42.62
N SER D 275 19.32 -38.34 -41.98
CA SER D 275 18.49 -37.16 -41.77
C SER D 275 19.17 -36.13 -40.89
N THR D 276 19.99 -36.58 -39.94
CA THR D 276 20.65 -35.70 -38.99
C THR D 276 22.12 -35.47 -39.31
N THR D 277 22.55 -35.84 -40.52
CA THR D 277 23.96 -35.70 -40.89
C THR D 277 24.16 -34.91 -42.17
N MET D 278 23.26 -35.04 -43.15
CA MET D 278 23.39 -34.37 -44.43
C MET D 278 22.34 -33.29 -44.58
N GLU D 279 22.74 -32.16 -45.17
CA GLU D 279 21.81 -31.08 -45.49
C GLU D 279 20.65 -31.62 -46.32
N HIS D 280 19.61 -30.80 -46.52
CA HIS D 280 18.64 -31.11 -47.54
C HIS D 280 19.32 -31.08 -48.91
N PRO D 281 18.70 -31.65 -49.93
CA PRO D 281 19.22 -31.50 -51.29
C PRO D 281 18.75 -30.19 -51.91
N SER D 282 19.66 -29.55 -52.65
CA SER D 282 19.31 -28.34 -53.36
C SER D 282 18.46 -28.66 -54.59
N LEU D 283 17.76 -27.65 -55.09
CA LEU D 283 16.93 -27.85 -56.27
C LEU D 283 17.75 -28.38 -57.44
N GLY D 284 19.00 -27.93 -57.56
CA GLY D 284 19.87 -28.46 -58.59
C GLY D 284 20.17 -29.93 -58.39
N GLN D 285 20.59 -30.30 -57.18
CA GLN D 285 20.82 -31.70 -56.86
C GLN D 285 19.57 -32.53 -57.11
N LEU D 286 18.41 -32.04 -56.67
CA LEU D 286 17.17 -32.80 -56.81
C LEU D 286 16.77 -32.92 -58.28
N SER D 287 16.83 -31.82 -59.02
CA SER D 287 16.54 -31.88 -60.46
C SER D 287 17.38 -32.95 -61.13
N GLU D 288 18.70 -32.91 -60.91
CA GLU D 288 19.60 -33.86 -61.53
C GLU D 288 19.18 -35.30 -61.21
N LYS D 289 18.86 -35.57 -59.95
CA LYS D 289 18.51 -36.93 -59.55
C LYS D 289 17.16 -37.35 -60.08
N LEU D 290 16.21 -36.43 -60.19
CA LEU D 290 14.90 -36.76 -60.75
C LEU D 290 15.01 -37.03 -62.25
N ILE D 291 15.80 -36.24 -62.96
CA ILE D 291 15.95 -36.43 -64.39
C ILE D 291 16.73 -37.71 -64.69
N ASP D 292 17.79 -37.97 -63.93
CA ASP D 292 18.55 -39.19 -64.12
C ASP D 292 17.70 -40.42 -63.84
N ASN D 293 16.80 -40.33 -62.86
CA ASN D 293 15.90 -41.42 -62.52
C ASN D 293 14.56 -41.34 -63.23
N ASN D 294 14.37 -40.34 -64.09
CA ASN D 294 13.14 -40.19 -64.87
C ASN D 294 11.92 -40.20 -63.97
N ILE D 295 11.92 -39.29 -63.01
CA ILE D 295 10.84 -39.18 -62.02
C ILE D 295 10.09 -37.89 -62.28
N ASN D 296 8.81 -38.01 -62.56
CA ASN D 296 7.93 -36.88 -62.81
C ASN D 296 7.18 -36.58 -61.51
N VAL D 297 7.57 -35.49 -60.85
CA VAL D 297 6.99 -35.14 -59.56
C VAL D 297 5.67 -34.43 -59.77
N ILE D 298 4.73 -34.68 -58.88
CA ILE D 298 3.42 -34.02 -58.87
C ILE D 298 3.21 -33.47 -57.46
N PHE D 299 3.21 -32.16 -57.33
CA PHE D 299 2.98 -31.52 -56.05
C PHE D 299 1.48 -31.40 -55.80
N ALA D 300 1.03 -31.94 -54.67
CA ALA D 300 -0.37 -31.85 -54.25
C ALA D 300 -0.40 -31.12 -52.92
N VAL D 301 -0.69 -29.82 -52.96
CA VAL D 301 -0.69 -28.99 -51.76
C VAL D 301 -2.06 -28.34 -51.62
N GLN D 302 -2.31 -27.78 -50.44
CA GLN D 302 -3.63 -27.26 -50.08
C GLN D 302 -3.61 -25.75 -49.93
N GLY D 303 -2.90 -25.23 -48.93
CA GLY D 303 -2.95 -23.82 -48.61
C GLY D 303 -2.45 -22.90 -49.71
N LYS D 304 -2.28 -21.61 -49.36
CA LYS D 304 -1.76 -20.64 -50.31
C LYS D 304 -0.41 -21.05 -50.89
N GLN D 305 0.32 -21.93 -50.20
CA GLN D 305 1.67 -22.31 -50.61
C GLN D 305 1.67 -23.05 -51.95
N PHE D 306 0.49 -23.26 -52.53
CA PHE D 306 0.45 -23.81 -53.88
C PHE D 306 1.25 -22.96 -54.85
N HIS D 307 1.00 -21.64 -54.83
CA HIS D 307 1.73 -20.74 -55.72
C HIS D 307 3.23 -20.85 -55.52
N TRP D 308 3.68 -21.12 -54.30
CA TRP D 308 5.09 -21.37 -54.06
C TRP D 308 5.57 -22.57 -54.87
N TYR D 309 5.00 -23.74 -54.60
CA TYR D 309 5.30 -24.94 -55.39
C TYR D 309 4.98 -24.75 -56.86
N LYS D 310 4.24 -23.71 -57.22
CA LYS D 310 3.99 -23.40 -58.62
C LYS D 310 5.17 -22.64 -59.22
N ASP D 311 5.65 -21.61 -58.52
CA ASP D 311 6.75 -20.79 -59.01
C ASP D 311 8.07 -21.54 -59.04
N LEU D 312 8.15 -22.71 -58.42
CA LEU D 312 9.35 -23.55 -58.50
C LEU D 312 9.35 -24.45 -59.71
N LEU D 313 8.20 -24.66 -60.35
CA LEU D 313 8.12 -25.53 -61.52
C LEU D 313 9.13 -25.18 -62.60
N PRO D 314 9.38 -23.90 -62.93
CA PRO D 314 10.40 -23.61 -63.95
C PRO D 314 11.80 -24.05 -63.54
N LEU D 315 12.04 -24.28 -62.25
CA LEU D 315 13.35 -24.70 -61.76
C LEU D 315 13.50 -26.21 -61.72
N LEU D 316 12.42 -26.97 -61.96
CA LEU D 316 12.49 -28.43 -62.02
C LEU D 316 11.68 -28.87 -63.24
N PRO D 317 12.35 -29.29 -64.32
CA PRO D 317 11.59 -29.74 -65.50
C PRO D 317 10.84 -31.01 -65.20
N GLY D 318 9.75 -31.22 -65.96
CA GLY D 318 8.95 -32.42 -65.79
C GLY D 318 8.29 -32.51 -64.43
N THR D 319 7.86 -31.38 -63.88
CA THR D 319 7.17 -31.34 -62.60
C THR D 319 5.91 -30.50 -62.75
N ILE D 320 4.89 -30.85 -61.95
CA ILE D 320 3.62 -30.13 -61.96
C ILE D 320 3.07 -30.12 -60.55
N ALA D 321 2.19 -29.16 -60.28
CA ALA D 321 1.61 -28.98 -58.95
C ALA D 321 0.10 -28.86 -59.05
N GLY D 322 -0.60 -29.48 -58.12
CA GLY D 322 -2.05 -29.41 -58.08
C GLY D 322 -2.55 -28.95 -56.73
N GLU D 323 -3.52 -28.04 -56.76
CA GLU D 323 -4.07 -27.47 -55.54
C GLU D 323 -5.21 -28.34 -55.06
N ILE D 324 -5.03 -28.98 -53.90
CA ILE D 324 -6.12 -29.71 -53.28
C ILE D 324 -7.15 -28.71 -52.75
N GLU D 325 -8.42 -29.01 -52.97
CA GLU D 325 -9.48 -28.09 -52.59
C GLU D 325 -9.75 -28.18 -51.09
N SER D 326 -9.89 -27.02 -50.45
CA SER D 326 -10.16 -26.99 -49.01
C SER D 326 -11.32 -27.90 -48.65
N LYS D 327 -12.32 -27.99 -49.53
CA LYS D 327 -13.43 -28.91 -49.29
C LYS D 327 -12.97 -30.36 -49.37
N ALA D 328 -11.83 -30.63 -49.98
CA ALA D 328 -11.23 -31.96 -49.99
C ALA D 328 -11.96 -32.91 -50.95
N ALA D 329 -11.56 -34.18 -50.96
CA ALA D 329 -12.11 -35.19 -51.85
C ALA D 329 -11.83 -34.88 -53.31
N ASN D 330 -10.66 -34.27 -53.58
CA ASN D 330 -10.28 -33.82 -54.91
C ASN D 330 -8.95 -34.43 -55.36
N LEU D 331 -8.54 -35.53 -54.73
CA LEU D 331 -7.17 -36.04 -54.93
C LEU D 331 -7.06 -36.88 -56.20
N ASN D 332 -7.91 -37.90 -56.34
CA ASN D 332 -7.82 -38.77 -57.50
C ASN D 332 -7.90 -37.97 -58.81
N ASN D 333 -8.94 -37.14 -58.93
CA ASN D 333 -9.06 -36.31 -60.13
C ASN D 333 -7.85 -35.40 -60.30
N LEU D 334 -7.27 -34.94 -59.20
CA LEU D 334 -6.12 -34.05 -59.28
C LEU D 334 -4.91 -34.74 -59.90
N VAL D 335 -4.64 -35.99 -59.49
CA VAL D 335 -3.45 -36.68 -59.98
C VAL D 335 -3.62 -37.14 -61.42
N VAL D 336 -4.83 -37.52 -61.82
CA VAL D 336 -5.05 -37.93 -63.21
C VAL D 336 -5.01 -36.74 -64.14
N GLU D 337 -5.53 -35.58 -63.68
CA GLU D 337 -5.39 -34.36 -64.47
C GLU D 337 -3.93 -33.96 -64.62
N ALA D 338 -3.11 -34.24 -63.60
CA ALA D 338 -1.68 -33.97 -63.69
C ALA D 338 -0.98 -34.98 -64.58
N TYR D 339 -1.51 -36.21 -64.66
CA TYR D 339 -0.91 -37.21 -65.53
C TYR D 339 -1.08 -36.84 -67.00
N GLN D 340 -2.29 -36.43 -67.38
CA GLN D 340 -2.56 -36.13 -68.79
C GLN D 340 -1.86 -34.86 -69.27
N LYS D 341 -1.50 -33.96 -68.36
CA LYS D 341 -0.70 -32.80 -68.75
C LYS D 341 0.74 -33.21 -69.02
N LEU D 342 1.29 -34.09 -68.18
CA LEU D 342 2.63 -34.59 -68.41
C LEU D 342 2.73 -35.37 -69.73
N ILE D 343 1.73 -36.22 -70.00
CA ILE D 343 1.74 -36.98 -71.25
C ILE D 343 1.53 -36.05 -72.43
N SER D 344 0.73 -34.99 -72.26
CA SER D 344 0.54 -34.00 -73.31
C SER D 344 1.69 -33.01 -73.38
N GLU D 345 2.80 -33.28 -72.69
CA GLU D 345 3.97 -32.42 -72.70
C GLU D 345 5.20 -33.24 -73.06
N VAL D 346 6.06 -32.68 -73.89
CA VAL D 346 7.34 -33.30 -74.23
C VAL D 346 8.39 -32.21 -74.38
N LYS D 347 9.26 -32.09 -73.38
CA LYS D 347 10.38 -31.17 -73.41
C LYS D 347 11.67 -31.98 -73.46
N VAL D 348 12.74 -31.33 -73.89
CA VAL D 348 14.02 -32.00 -74.09
C VAL D 348 15.08 -31.32 -73.25
N GLN D 349 16.05 -32.14 -72.81
CA GLN D 349 17.21 -31.66 -72.07
C GLN D 349 18.47 -32.15 -72.77
N VAL D 350 19.45 -31.25 -72.89
CA VAL D 350 20.66 -31.51 -73.64
C VAL D 350 21.84 -31.63 -72.67
N GLU D 351 22.74 -32.57 -72.95
CA GLU D 351 23.90 -32.82 -72.11
C GLU D 351 25.10 -33.10 -73.01
N ASN D 352 26.01 -32.13 -73.10
CA ASN D 352 27.20 -32.29 -73.93
C ASN D 352 28.44 -32.50 -73.08
N GLN D 355 34.20 -30.54 -75.67
CA GLN D 355 34.62 -29.17 -75.45
C GLN D 355 34.40 -28.29 -76.69
N GLY D 356 33.64 -27.21 -76.52
CA GLY D 356 33.51 -26.20 -77.55
C GLY D 356 32.41 -26.39 -78.55
N ILE D 357 31.49 -27.33 -78.33
CA ILE D 357 30.37 -27.58 -79.25
C ILE D 357 29.09 -27.09 -78.58
N TYR D 358 28.29 -26.33 -79.33
CA TYR D 358 27.03 -25.79 -78.84
C TYR D 358 25.88 -26.50 -79.54
N PHE D 359 24.80 -26.74 -78.79
CA PHE D 359 23.61 -27.39 -79.30
C PHE D 359 22.44 -26.41 -79.23
N ASN D 360 21.74 -26.24 -80.35
CA ASN D 360 20.55 -25.41 -80.41
C ASN D 360 19.39 -26.26 -80.93
N ILE D 361 18.38 -26.45 -80.09
CA ILE D 361 17.26 -27.33 -80.39
C ILE D 361 16.04 -26.48 -80.70
N THR D 362 15.33 -26.83 -81.78
CA THR D 362 14.10 -26.16 -82.16
C THR D 362 13.00 -27.20 -82.27
N ALA D 363 11.88 -26.95 -81.57
CA ALA D 363 10.78 -27.90 -81.50
C ALA D 363 9.77 -27.62 -82.61
N ILE D 364 9.19 -28.70 -83.14
CA ILE D 364 8.18 -28.63 -84.18
C ILE D 364 6.91 -29.26 -83.64
N CYS D 365 5.91 -28.44 -83.34
CA CYS D 365 4.58 -28.93 -83.01
C CYS D 365 3.89 -29.40 -84.28
N PRO D 366 2.74 -30.08 -84.15
CA PRO D 366 1.94 -30.38 -85.35
C PRO D 366 1.23 -29.13 -85.86
N ASP D 367 2.01 -28.09 -86.16
CA ASP D 367 1.46 -26.81 -86.56
C ASP D 367 2.15 -26.26 -87.81
N PRO D 372 10.51 -22.08 -80.25
CA PRO D 372 10.32 -23.30 -79.45
C PRO D 372 11.47 -24.30 -79.61
N GLY D 373 12.13 -24.62 -78.52
CA GLY D 373 13.22 -25.59 -78.52
C GLY D 373 13.33 -26.27 -77.17
N MET D 374 14.24 -25.77 -76.32
CA MET D 374 14.21 -26.18 -74.91
C MET D 374 12.85 -25.90 -74.30
N GLU D 375 12.14 -24.89 -74.81
CA GLU D 375 10.76 -24.62 -74.42
C GLU D 375 9.87 -25.66 -75.08
N GLY D 376 9.11 -26.38 -74.27
CA GLY D 376 8.40 -27.55 -74.75
C GLY D 376 7.36 -27.22 -75.81
N CYS D 377 6.86 -28.29 -76.43
CA CYS D 377 5.71 -28.22 -77.33
C CYS D 377 4.57 -28.98 -76.67
N ARG D 378 3.85 -28.29 -75.80
CA ARG D 378 2.79 -28.94 -75.03
C ARG D 378 1.45 -28.81 -75.75
N ASN D 379 0.43 -29.44 -75.18
CA ASN D 379 -0.88 -29.60 -75.81
C ASN D 379 -0.76 -30.41 -77.11
N VAL D 380 -0.48 -31.69 -76.91
CA VAL D 380 -0.36 -32.65 -78.00
C VAL D 380 -1.06 -33.93 -77.56
N THR D 381 -2.03 -34.37 -78.35
CA THR D 381 -2.71 -35.61 -78.03
C THR D 381 -1.75 -36.79 -78.12
N SER D 382 -2.21 -37.95 -77.67
CA SER D 382 -1.37 -39.13 -77.66
C SER D 382 -1.18 -39.67 -79.07
N ASN D 383 0.03 -40.16 -79.34
CA ASN D 383 0.35 -40.78 -80.63
C ASN D 383 0.47 -39.75 -81.74
N ASP D 384 1.12 -38.62 -81.44
CA ASP D 384 1.40 -37.58 -82.42
C ASP D 384 2.90 -37.35 -82.45
N GLU D 385 3.52 -37.57 -83.61
CA GLU D 385 4.96 -37.40 -83.73
C GLU D 385 5.38 -35.98 -83.39
N VAL D 386 6.54 -35.86 -82.77
CA VAL D 386 7.15 -34.56 -82.46
C VAL D 386 8.66 -34.73 -82.53
N LEU D 387 9.31 -33.86 -83.30
CA LEU D 387 10.76 -33.95 -83.49
C LEU D 387 11.40 -32.60 -83.20
N PHE D 388 12.73 -32.57 -83.30
CA PHE D 388 13.51 -31.36 -83.04
C PHE D 388 14.70 -31.37 -83.98
N ASN D 389 14.85 -30.35 -84.84
CA ASN D 389 16.08 -30.21 -85.62
C ASN D 389 17.14 -29.58 -84.73
N VAL D 390 18.17 -30.37 -84.38
CA VAL D 390 19.26 -29.91 -83.53
C VAL D 390 20.45 -29.53 -84.41
N THR D 391 21.05 -28.39 -84.11
CA THR D 391 22.22 -27.90 -84.83
C THR D 391 23.45 -27.97 -83.91
N VAL D 392 24.56 -28.45 -84.47
CA VAL D 392 25.81 -28.57 -83.73
C VAL D 392 26.83 -27.62 -84.35
N THR D 393 27.56 -26.90 -83.50
CA THR D 393 28.59 -25.99 -83.96
C THR D 393 29.87 -26.16 -83.15
N ASN D 404 34.05 -37.04 -76.73
CA ASN D 404 33.12 -37.82 -75.92
C ASN D 404 31.80 -38.01 -76.65
N TYR D 405 30.81 -38.53 -75.94
CA TYR D 405 29.46 -38.73 -76.47
C TYR D 405 28.48 -37.83 -75.73
N ALA D 406 27.44 -37.42 -76.45
CA ALA D 406 26.42 -36.52 -75.91
C ALA D 406 25.09 -37.24 -75.86
N ILE D 407 24.32 -36.99 -74.81
CA ILE D 407 23.05 -37.67 -74.57
C ILE D 407 21.94 -36.63 -74.57
N ILE D 408 20.86 -36.92 -75.30
CA ILE D 408 19.73 -36.02 -75.45
C ILE D 408 18.52 -36.70 -74.84
N LYS D 409 17.90 -36.06 -73.85
CA LYS D 409 16.87 -36.69 -73.04
C LYS D 409 15.55 -35.94 -73.13
N PRO D 410 14.47 -36.55 -73.65
CA PRO D 410 13.14 -35.95 -73.44
C PRO D 410 12.69 -36.17 -72.01
N ILE D 411 12.61 -35.09 -71.23
CA ILE D 411 12.25 -35.21 -69.82
C ILE D 411 11.00 -36.07 -69.69
N GLY D 412 10.95 -36.84 -68.61
CA GLY D 412 9.85 -37.74 -68.36
C GLY D 412 9.90 -39.06 -69.11
N PHE D 413 10.90 -39.24 -69.98
CA PHE D 413 11.03 -40.46 -70.76
C PHE D 413 12.27 -41.24 -70.33
N ASN D 414 12.16 -42.57 -70.40
CA ASN D 414 13.30 -43.43 -70.09
C ASN D 414 14.22 -43.59 -71.29
N GLU D 415 13.64 -43.67 -72.48
CA GLU D 415 14.44 -43.87 -73.69
C GLU D 415 15.10 -42.57 -74.12
N THR D 416 16.25 -42.70 -74.78
CA THR D 416 17.15 -41.58 -74.96
C THR D 416 17.89 -41.71 -76.28
N ALA D 417 18.49 -40.61 -76.72
CA ALA D 417 19.22 -40.54 -77.99
C ALA D 417 20.70 -40.33 -77.68
N LYS D 418 21.51 -41.34 -78.00
CA LYS D 418 22.96 -41.23 -77.88
C LYS D 418 23.53 -40.73 -79.20
N ILE D 419 24.52 -39.85 -79.12
CA ILE D 419 25.16 -39.32 -80.32
C ILE D 419 26.67 -39.26 -80.13
N PHE E 1 -25.91 -25.36 31.46
CA PHE E 1 -27.18 -26.06 31.79
C PHE E 1 -28.40 -25.29 31.28
N ASN E 2 -28.17 -24.09 30.77
CA ASN E 2 -29.24 -23.18 30.41
C ASN E 2 -29.30 -22.94 28.91
N LEU E 3 -29.08 -23.98 28.11
CA LEU E 3 -29.19 -23.91 26.66
C LEU E 3 -30.54 -24.45 26.22
N ASP E 4 -31.25 -23.65 25.43
CA ASP E 4 -32.58 -24.04 24.92
C ASP E 4 -32.41 -25.15 23.89
N VAL E 5 -32.88 -26.35 24.24
CA VAL E 5 -32.81 -27.51 23.35
C VAL E 5 -34.15 -27.87 22.75
N ASP E 6 -35.25 -27.33 23.28
CA ASP E 6 -36.58 -27.68 22.77
C ASP E 6 -36.86 -27.02 21.42
N SER E 7 -36.33 -25.81 21.20
CA SER E 7 -36.57 -25.07 19.97
C SER E 7 -35.32 -24.29 19.59
N PRO E 8 -34.29 -24.98 19.14
CA PRO E 8 -33.13 -24.28 18.56
C PRO E 8 -33.39 -23.93 17.10
N ALA E 9 -32.53 -23.07 16.56
CA ALA E 9 -32.63 -22.64 15.18
C ALA E 9 -31.77 -23.54 14.30
N GLU E 10 -32.40 -24.22 13.35
CA GLU E 10 -31.73 -25.16 12.48
C GLU E 10 -31.47 -24.53 11.12
N TYR E 11 -30.32 -24.85 10.54
CA TYR E 11 -29.95 -24.40 9.20
C TYR E 11 -29.35 -25.56 8.43
N SER E 12 -29.61 -25.59 7.13
CA SER E 12 -29.15 -26.65 6.27
C SER E 12 -28.54 -26.06 5.00
N GLY E 13 -27.74 -26.87 4.33
CA GLY E 13 -27.09 -26.46 3.10
C GLY E 13 -27.23 -27.51 2.01
N PRO E 14 -26.57 -27.28 0.88
CA PRO E 14 -26.65 -28.25 -0.22
C PRO E 14 -26.08 -29.61 0.20
N GLU E 15 -26.70 -30.67 -0.32
CA GLU E 15 -26.29 -32.02 0.01
C GLU E 15 -24.88 -32.29 -0.49
N GLY E 16 -24.05 -32.87 0.36
CA GLY E 16 -22.69 -33.22 0.00
C GLY E 16 -21.70 -32.08 0.12
N SER E 17 -22.16 -30.88 0.46
CA SER E 17 -21.29 -29.71 0.54
C SER E 17 -20.58 -29.57 1.87
N TYR E 18 -20.82 -30.49 2.81
CA TYR E 18 -20.24 -30.40 4.16
C TYR E 18 -20.62 -29.07 4.81
N PHE E 19 -21.85 -28.63 4.56
CA PHE E 19 -22.36 -27.42 5.19
C PHE E 19 -22.28 -27.56 6.71
N GLY E 20 -21.49 -26.68 7.33
CA GLY E 20 -21.28 -26.73 8.76
C GLY E 20 -19.92 -27.24 9.17
N PHE E 21 -19.03 -27.55 8.22
CA PHE E 21 -17.67 -27.95 8.58
C PHE E 21 -16.99 -26.88 9.41
N ALA E 22 -17.39 -25.62 9.24
CA ALA E 22 -16.89 -24.52 10.05
C ALA E 22 -18.02 -23.53 10.26
N VAL E 23 -18.09 -22.96 11.47
CA VAL E 23 -19.15 -22.04 11.83
C VAL E 23 -18.56 -20.86 12.60
N ASP E 24 -19.30 -19.76 12.63
CA ASP E 24 -18.89 -18.57 13.36
C ASP E 24 -20.03 -17.58 13.33
N PHE E 25 -19.94 -16.57 14.19
CA PHE E 25 -20.87 -15.45 14.21
C PHE E 25 -20.31 -14.32 13.34
N PHE E 26 -21.22 -13.51 12.81
CA PHE E 26 -20.86 -12.28 12.10
C PHE E 26 -21.60 -11.13 12.76
N VAL E 27 -20.85 -10.20 13.34
CA VAL E 27 -21.42 -9.10 14.10
C VAL E 27 -21.04 -7.78 13.43
N PRO E 28 -21.82 -7.32 12.46
CA PRO E 28 -21.50 -6.06 11.80
C PRO E 28 -21.32 -4.90 12.77
N SER E 29 -20.80 -3.80 12.26
CA SER E 29 -20.45 -2.63 13.06
C SER E 29 -21.52 -1.54 13.03
N ALA E 30 -21.97 -1.16 11.84
CA ALA E 30 -23.03 -0.16 11.70
C ALA E 30 -24.35 -0.82 11.37
N SER E 31 -24.70 -1.87 12.11
CA SER E 31 -25.93 -2.61 11.87
C SER E 31 -26.30 -3.36 13.15
N SER E 32 -27.55 -3.20 13.57
CA SER E 32 -28.07 -3.87 14.76
C SER E 32 -28.36 -5.34 14.52
N ARG E 33 -27.94 -5.89 13.39
CA ARG E 33 -28.19 -7.28 13.06
C ARG E 33 -26.95 -8.13 13.31
N MET E 34 -27.16 -9.44 13.36
CA MET E 34 -26.08 -10.41 13.54
C MET E 34 -26.45 -11.65 12.76
N PHE E 35 -25.44 -12.31 12.20
CA PHE E 35 -25.64 -13.44 11.32
C PHE E 35 -24.74 -14.60 11.72
N LEU E 36 -25.01 -15.75 11.14
CA LEU E 36 -24.14 -16.91 11.25
C LEU E 36 -23.33 -17.05 9.97
N LEU E 37 -22.09 -17.52 10.12
CA LEU E 37 -21.22 -17.85 9.01
C LEU E 37 -21.00 -19.35 9.01
N VAL E 38 -21.32 -20.00 7.89
CA VAL E 38 -21.26 -21.45 7.79
C VAL E 38 -20.42 -21.82 6.57
N GLY E 39 -19.46 -22.71 6.76
CA GLY E 39 -18.60 -23.14 5.67
C GLY E 39 -19.12 -24.41 5.02
N ALA E 40 -19.11 -24.42 3.69
CA ALA E 40 -19.46 -25.58 2.88
C ALA E 40 -18.30 -25.84 1.93
N PRO E 41 -17.24 -26.51 2.40
CA PRO E 41 -16.01 -26.62 1.58
C PRO E 41 -16.19 -27.39 0.29
N LYS E 42 -17.25 -28.19 0.14
CA LYS E 42 -17.42 -29.04 -1.03
C LYS E 42 -18.62 -28.64 -1.88
N ALA E 43 -19.14 -27.42 -1.67
CA ALA E 43 -20.26 -26.95 -2.48
C ALA E 43 -19.78 -26.57 -3.88
N ASN E 44 -20.56 -26.96 -4.89
CA ASN E 44 -20.31 -26.45 -6.22
C ASN E 44 -20.60 -24.94 -6.27
N THR E 45 -20.11 -24.30 -7.33
CA THR E 45 -20.18 -22.86 -7.42
C THR E 45 -20.36 -22.44 -8.87
N THR E 46 -20.62 -21.14 -9.05
CA THR E 46 -20.84 -20.60 -10.38
C THR E 46 -19.54 -20.28 -11.09
N GLN E 47 -18.46 -20.00 -10.35
CA GLN E 47 -17.20 -19.66 -10.98
C GLN E 47 -16.85 -20.71 -12.03
N PRO E 48 -16.53 -20.30 -13.26
CA PRO E 48 -16.57 -21.25 -14.37
C PRO E 48 -15.48 -22.31 -14.29
N GLY E 49 -15.85 -23.53 -14.70
CA GLY E 49 -14.89 -24.61 -14.80
C GLY E 49 -14.31 -25.07 -13.49
N ILE E 50 -15.01 -24.84 -12.38
CA ILE E 50 -14.53 -25.21 -11.06
C ILE E 50 -15.53 -26.17 -10.43
N VAL E 51 -15.04 -27.31 -9.95
CA VAL E 51 -15.84 -28.34 -9.32
C VAL E 51 -15.58 -28.30 -7.83
N GLU E 52 -16.63 -28.11 -7.04
CA GLU E 52 -16.54 -28.16 -5.59
C GLU E 52 -15.53 -27.13 -5.07
N GLY E 53 -15.63 -25.91 -5.57
CA GLY E 53 -14.79 -24.84 -5.07
C GLY E 53 -15.02 -24.55 -3.60
N GLY E 54 -16.24 -24.77 -3.13
CA GLY E 54 -16.59 -24.47 -1.75
C GLY E 54 -17.03 -23.02 -1.58
N GLN E 55 -17.87 -22.79 -0.58
CA GLN E 55 -18.39 -21.46 -0.33
C GLN E 55 -18.64 -21.28 1.15
N VAL E 56 -18.99 -20.04 1.51
CA VAL E 56 -19.29 -19.65 2.89
C VAL E 56 -20.62 -18.91 2.87
N LEU E 57 -21.60 -19.44 3.60
CA LEU E 57 -22.94 -18.87 3.61
C LEU E 57 -23.15 -17.97 4.80
N LYS E 58 -23.83 -16.85 4.59
CA LYS E 58 -24.28 -15.97 5.66
C LYS E 58 -25.74 -16.30 5.92
N CYS E 59 -26.02 -16.83 7.11
CA CYS E 59 -27.36 -17.23 7.49
C CYS E 59 -27.95 -16.22 8.46
N ASP E 60 -29.24 -15.95 8.31
CA ASP E 60 -29.96 -15.03 9.17
C ASP E 60 -30.93 -15.81 10.06
N TRP E 61 -31.27 -15.22 11.19
CA TRP E 61 -32.19 -15.83 12.14
C TRP E 61 -33.31 -14.85 12.46
N SER E 62 -34.33 -15.37 13.15
CA SER E 62 -35.50 -14.58 13.51
C SER E 62 -36.34 -14.27 12.27
N SER E 63 -35.80 -13.44 11.39
CA SER E 63 -36.47 -13.13 10.12
C SER E 63 -36.19 -14.26 9.14
N THR E 64 -36.98 -15.32 9.26
CA THR E 64 -36.80 -16.52 8.45
C THR E 64 -35.45 -17.16 8.74
N ARG E 65 -35.14 -18.27 8.08
CA ARG E 65 -33.88 -18.98 8.26
C ARG E 65 -33.21 -19.17 6.90
N ARG E 66 -32.86 -18.05 6.28
CA ARG E 66 -32.35 -18.03 4.92
C ARG E 66 -30.84 -17.86 4.93
N CYS E 67 -30.14 -18.69 4.16
CA CYS E 67 -28.70 -18.62 4.01
C CYS E 67 -28.37 -18.24 2.58
N GLN E 68 -27.57 -17.19 2.40
CA GLN E 68 -27.11 -16.77 1.10
C GLN E 68 -25.59 -16.88 1.03
N PRO E 69 -25.02 -17.47 -0.01
CA PRO E 69 -23.56 -17.55 -0.10
C PRO E 69 -22.94 -16.17 -0.16
N ILE E 70 -21.79 -16.03 0.50
CA ILE E 70 -21.00 -14.80 0.42
C ILE E 70 -20.06 -14.93 -0.77
N GLU E 71 -20.09 -13.94 -1.65
CA GLU E 71 -19.27 -13.94 -2.86
C GLU E 71 -17.92 -13.32 -2.53
N PHE E 72 -16.90 -14.16 -2.38
CA PHE E 72 -15.53 -13.70 -2.17
C PHE E 72 -14.72 -13.64 -3.45
N ASP E 73 -14.99 -14.53 -4.41
CA ASP E 73 -14.23 -14.57 -5.66
C ASP E 73 -15.04 -15.36 -6.68
N ALA E 74 -15.60 -14.65 -7.66
CA ALA E 74 -16.43 -15.28 -8.68
C ALA E 74 -15.66 -15.69 -9.93
N THR E 75 -14.36 -15.42 -9.98
CA THR E 75 -13.57 -15.74 -11.16
C THR E 75 -13.12 -17.20 -11.12
N GLY E 76 -12.65 -17.68 -12.26
CA GLY E 76 -12.12 -19.03 -12.39
C GLY E 76 -10.64 -19.09 -12.10
N ASN E 77 -9.97 -20.04 -12.76
CA ASN E 77 -8.53 -20.22 -12.60
C ASN E 77 -7.81 -19.23 -13.50
N ARG E 78 -7.10 -18.27 -12.91
CA ARG E 78 -6.32 -17.34 -13.70
C ARG E 78 -5.24 -18.08 -14.48
N ASP E 79 -4.84 -17.51 -15.61
CA ASP E 79 -3.79 -18.07 -16.44
C ASP E 79 -2.47 -17.38 -16.14
N TYR E 80 -1.39 -18.17 -16.12
CA TYR E 80 -0.04 -17.63 -16.13
C TYR E 80 0.43 -17.41 -17.57
N ALA E 81 0.02 -18.30 -18.47
CA ALA E 81 0.24 -18.15 -19.90
C ALA E 81 -0.94 -18.80 -20.61
N LYS E 82 -0.93 -18.75 -21.95
CA LYS E 82 -1.98 -19.39 -22.71
C LYS E 82 -1.95 -20.90 -22.48
N ASP E 83 -3.10 -21.47 -22.14
CA ASP E 83 -3.24 -22.91 -21.93
C ASP E 83 -2.30 -23.43 -20.85
N ASP E 84 -1.76 -22.53 -20.02
CA ASP E 84 -0.90 -22.89 -18.90
C ASP E 84 -1.53 -22.31 -17.64
N PRO E 85 -2.46 -23.04 -17.02
CA PRO E 85 -3.19 -22.46 -15.88
C PRO E 85 -2.27 -22.14 -14.71
N LEU E 86 -2.49 -20.95 -14.12
CA LEU E 86 -1.71 -20.53 -12.96
C LEU E 86 -2.12 -21.28 -11.70
N GLU E 87 -3.41 -21.59 -11.56
CA GLU E 87 -3.94 -22.09 -10.31
C GLU E 87 -5.06 -23.08 -10.60
N PHE E 88 -5.53 -23.73 -9.54
CA PHE E 88 -6.54 -24.78 -9.67
C PHE E 88 -7.44 -24.70 -8.45
N LYS E 89 -8.64 -24.12 -8.64
CA LYS E 89 -9.56 -23.87 -7.54
C LYS E 89 -10.54 -25.00 -7.29
N SER E 90 -10.63 -25.98 -8.19
CA SER E 90 -11.48 -27.13 -7.93
C SER E 90 -10.99 -27.89 -6.70
N HIS E 91 -11.94 -28.35 -5.88
CA HIS E 91 -11.62 -29.12 -4.68
C HIS E 91 -10.67 -28.36 -3.76
N GLN E 92 -10.73 -27.03 -3.79
CA GLN E 92 -9.87 -26.23 -2.94
C GLN E 92 -10.34 -26.17 -1.49
N TRP E 93 -11.54 -26.68 -1.20
CA TRP E 93 -12.07 -26.69 0.16
C TRP E 93 -12.12 -25.28 0.73
N PHE E 94 -12.67 -24.35 -0.04
CA PHE E 94 -12.88 -23.00 0.44
C PHE E 94 -14.05 -22.97 1.41
N GLY E 95 -13.85 -22.33 2.55
CA GLY E 95 -14.80 -22.35 3.64
C GLY E 95 -14.45 -23.31 4.75
N ALA E 96 -13.44 -24.15 4.56
CA ALA E 96 -13.01 -25.05 5.61
C ALA E 96 -12.52 -24.29 6.84
N SER E 97 -12.22 -23.01 6.70
CA SER E 97 -11.80 -22.16 7.82
C SER E 97 -12.44 -20.80 7.68
N VAL E 98 -13.29 -20.42 8.63
CA VAL E 98 -14.02 -19.16 8.60
C VAL E 98 -13.93 -18.51 9.97
N ARG E 99 -13.56 -17.23 9.99
CA ARG E 99 -13.48 -16.47 11.24
C ARG E 99 -13.84 -15.02 10.95
N SER E 100 -14.62 -14.43 11.84
CA SER E 100 -15.10 -13.07 11.68
C SER E 100 -14.65 -12.19 12.83
N LYS E 101 -14.62 -10.88 12.58
CA LYS E 101 -14.20 -9.89 13.57
C LYS E 101 -14.86 -8.57 13.17
N GLN E 102 -16.04 -8.31 13.71
CA GLN E 102 -16.81 -7.11 13.40
C GLN E 102 -17.13 -7.14 11.91
N ASP E 103 -16.71 -6.16 11.11
CA ASP E 103 -17.01 -6.14 9.69
C ASP E 103 -16.08 -7.00 8.86
N LYS E 104 -15.09 -7.63 9.47
CA LYS E 104 -14.07 -8.39 8.77
C LYS E 104 -14.44 -9.87 8.77
N ILE E 105 -14.36 -10.49 7.60
CA ILE E 105 -14.61 -11.92 7.46
C ILE E 105 -13.44 -12.53 6.69
N LEU E 106 -12.87 -13.59 7.24
CA LEU E 106 -11.71 -14.26 6.66
C LEU E 106 -12.06 -15.72 6.43
N ALA E 107 -12.10 -16.13 5.16
CA ALA E 107 -12.29 -17.52 4.78
C ALA E 107 -11.04 -18.02 4.07
N CYS E 108 -10.84 -19.34 4.11
CA CYS E 108 -9.63 -19.93 3.56
C CYS E 108 -9.96 -21.23 2.83
N ALA E 109 -9.17 -21.49 1.77
CA ALA E 109 -9.22 -22.74 1.01
C ALA E 109 -7.89 -23.47 1.24
N PRO E 110 -7.80 -24.37 2.21
CA PRO E 110 -6.50 -24.99 2.51
C PRO E 110 -5.93 -25.82 1.37
N LEU E 111 -6.77 -26.45 0.54
CA LEU E 111 -6.29 -27.32 -0.52
C LEU E 111 -6.22 -26.63 -1.88
N TYR E 112 -6.26 -25.31 -1.89
CA TYR E 112 -5.99 -24.57 -3.11
C TYR E 112 -4.61 -24.93 -3.65
N HIS E 113 -4.53 -25.11 -4.98
CA HIS E 113 -3.28 -25.46 -5.65
C HIS E 113 -2.91 -24.37 -6.65
N TRP E 114 -1.60 -24.17 -6.85
CA TRP E 114 -1.10 -23.23 -7.83
C TRP E 114 0.07 -23.86 -8.58
N ARG E 115 0.32 -23.37 -9.79
CA ARG E 115 1.31 -23.99 -10.65
C ARG E 115 2.74 -23.62 -10.26
N THR E 116 2.92 -22.46 -9.62
CA THR E 116 4.24 -21.89 -9.30
C THR E 116 4.76 -21.09 -10.49
N GLU E 117 5.69 -20.18 -10.25
CA GLU E 117 6.16 -19.30 -11.31
C GLU E 117 7.29 -19.90 -12.13
N MET E 118 7.93 -20.97 -11.65
CA MET E 118 9.11 -21.52 -12.32
C MET E 118 8.90 -22.90 -12.93
N LYS E 119 7.82 -23.60 -12.60
CA LYS E 119 7.57 -24.92 -13.16
C LYS E 119 6.08 -25.14 -13.35
N GLN E 120 5.74 -26.16 -14.13
CA GLN E 120 4.36 -26.62 -14.30
C GLN E 120 4.09 -27.66 -13.21
N GLU E 121 3.73 -27.18 -12.03
CA GLU E 121 3.47 -28.05 -10.89
C GLU E 121 2.05 -27.81 -10.38
N ARG E 122 1.75 -28.38 -9.21
CA ARG E 122 0.43 -28.29 -8.59
C ARG E 122 0.63 -28.46 -7.08
N GLU E 123 0.91 -27.34 -6.42
CA GLU E 123 1.31 -27.38 -5.01
C GLU E 123 0.24 -26.76 -4.13
N PRO E 124 -0.16 -27.43 -3.03
CA PRO E 124 -1.23 -26.89 -2.16
C PRO E 124 -0.76 -25.84 -1.17
N VAL E 125 -0.53 -24.62 -1.69
CA VAL E 125 -0.07 -23.52 -0.86
C VAL E 125 -1.20 -22.93 -0.02
N GLY E 126 -2.45 -23.20 -0.35
CA GLY E 126 -3.56 -22.65 0.40
C GLY E 126 -3.70 -21.15 0.19
N THR E 127 -4.94 -20.68 0.22
CA THR E 127 -5.24 -19.26 0.02
C THR E 127 -6.36 -18.86 0.98
N CYS E 128 -6.53 -17.56 1.14
CA CYS E 128 -7.62 -17.02 1.95
C CYS E 128 -8.16 -15.77 1.27
N PHE E 129 -9.40 -15.43 1.61
CA PHE E 129 -10.04 -14.21 1.16
C PHE E 129 -10.55 -13.44 2.38
N LEU E 130 -10.18 -12.16 2.46
CA LEU E 130 -10.58 -11.29 3.56
C LEU E 130 -11.51 -10.22 3.01
N GLN E 131 -12.63 -10.00 3.70
CA GLN E 131 -13.65 -9.06 3.26
C GLN E 131 -13.94 -8.08 4.40
N ASP E 132 -13.60 -6.81 4.20
CA ASP E 132 -13.96 -5.76 5.14
C ASP E 132 -15.33 -5.23 4.73
N GLY E 133 -15.66 -3.99 5.11
CA GLY E 133 -16.93 -3.41 4.75
C GLY E 133 -17.26 -3.57 3.29
N THR E 134 -16.47 -2.94 2.42
CA THR E 134 -16.69 -2.99 0.99
C THR E 134 -15.63 -3.81 0.25
N LYS E 135 -14.36 -3.49 0.44
CA LYS E 135 -13.30 -4.15 -0.31
C LYS E 135 -13.21 -5.62 0.07
N THR E 136 -12.66 -6.41 -0.86
CA THR E 136 -12.42 -7.82 -0.66
C THR E 136 -11.10 -8.16 -1.32
N VAL E 137 -10.16 -8.69 -0.53
CA VAL E 137 -8.80 -8.93 -0.99
C VAL E 137 -8.46 -10.41 -0.81
N GLU E 138 -7.35 -10.82 -1.40
CA GLU E 138 -6.86 -12.18 -1.32
C GLU E 138 -5.58 -12.21 -0.48
N TYR E 139 -5.36 -13.34 0.19
CA TYR E 139 -4.23 -13.48 1.11
C TYR E 139 -3.72 -14.92 1.02
N ALA E 140 -2.55 -15.09 0.41
CA ALA E 140 -1.90 -16.40 0.26
C ALA E 140 -0.43 -16.25 0.63
N PRO E 141 -0.12 -16.14 1.92
CA PRO E 141 1.28 -15.90 2.31
C PRO E 141 2.18 -17.09 2.02
N CYS E 142 1.63 -18.27 1.77
CA CYS E 142 2.43 -19.46 1.57
C CYS E 142 2.77 -19.71 0.10
N ARG E 143 2.13 -19.02 -0.83
CA ARG E 143 2.54 -19.05 -2.23
C ARG E 143 3.59 -17.95 -2.42
N SER E 144 4.83 -18.37 -2.70
CA SER E 144 5.94 -17.43 -2.72
C SER E 144 7.03 -18.01 -3.61
N GLN E 145 8.25 -17.47 -3.48
CA GLN E 145 9.39 -18.02 -4.20
C GLN E 145 9.89 -19.32 -3.57
N ASP E 146 9.64 -19.53 -2.28
CA ASP E 146 10.06 -20.76 -1.59
C ASP E 146 9.02 -21.83 -1.88
N ILE E 147 9.28 -22.62 -2.91
CA ILE E 147 8.29 -23.57 -3.43
C ILE E 147 8.68 -24.98 -3.05
N ASP E 148 7.97 -25.96 -3.60
CA ASP E 148 8.25 -27.38 -3.39
C ASP E 148 8.10 -27.76 -1.92
N ALA E 149 8.27 -29.05 -1.62
CA ALA E 149 8.10 -29.53 -0.26
C ALA E 149 9.08 -28.87 0.70
N ASP E 150 10.33 -28.67 0.25
CA ASP E 150 11.33 -28.04 1.11
C ASP E 150 10.85 -26.69 1.62
N GLY E 151 10.11 -25.96 0.78
CA GLY E 151 9.62 -24.65 1.12
C GLY E 151 8.16 -24.68 1.54
N GLN E 152 7.44 -23.62 1.20
CA GLN E 152 6.03 -23.47 1.54
C GLN E 152 5.11 -24.05 0.47
N GLY E 153 5.64 -24.89 -0.43
CA GLY E 153 4.84 -25.36 -1.54
C GLY E 153 3.61 -26.12 -1.11
N PHE E 154 3.76 -27.03 -0.15
CA PHE E 154 2.66 -27.85 0.35
C PHE E 154 2.11 -27.32 1.68
N CYS E 155 2.27 -26.03 1.93
CA CYS E 155 1.98 -25.46 3.23
C CYS E 155 0.51 -25.58 3.61
N GLN E 156 -0.39 -25.44 2.63
CA GLN E 156 -1.83 -25.45 2.88
C GLN E 156 -2.22 -24.35 3.86
N GLY E 157 -1.72 -23.14 3.59
CA GLY E 157 -2.05 -21.99 4.42
C GLY E 157 -3.54 -21.84 4.58
N GLY E 158 -3.98 -21.35 5.74
CA GLY E 158 -5.39 -21.22 6.02
C GLY E 158 -6.01 -22.45 6.62
N PHE E 159 -5.23 -23.53 6.78
CA PHE E 159 -5.73 -24.71 7.48
C PHE E 159 -6.35 -24.33 8.81
N SER E 160 -5.75 -23.35 9.49
CA SER E 160 -6.29 -22.80 10.72
C SER E 160 -6.02 -21.30 10.73
N ILE E 161 -6.96 -20.54 11.30
CA ILE E 161 -6.89 -19.08 11.31
C ILE E 161 -7.51 -18.57 12.60
N ASP E 162 -7.18 -17.33 12.94
CA ASP E 162 -7.78 -16.65 14.08
C ASP E 162 -7.34 -15.20 14.08
N PHE E 163 -8.26 -14.31 14.44
CA PHE E 163 -7.95 -12.90 14.62
C PHE E 163 -7.44 -12.65 16.04
N THR E 164 -6.77 -11.52 16.21
CA THR E 164 -6.33 -11.07 17.53
C THR E 164 -7.14 -9.83 17.94
N LYS E 165 -6.87 -9.36 19.16
CA LYS E 165 -7.61 -8.21 19.68
C LYS E 165 -7.25 -6.93 18.96
N ALA E 166 -6.03 -6.84 18.42
CA ALA E 166 -5.54 -5.63 17.76
C ALA E 166 -5.66 -5.69 16.25
N ASP E 167 -6.63 -6.44 15.73
CA ASP E 167 -6.87 -6.56 14.30
C ASP E 167 -5.61 -7.05 13.57
N ARG E 168 -5.26 -8.30 13.86
CA ARG E 168 -4.14 -8.97 13.24
C ARG E 168 -4.51 -10.42 13.01
N VAL E 169 -4.15 -10.95 11.85
CA VAL E 169 -4.51 -12.31 11.47
C VAL E 169 -3.38 -13.26 11.86
N LEU E 170 -3.76 -14.44 12.35
CA LEU E 170 -2.82 -15.52 12.63
C LEU E 170 -3.27 -16.74 11.85
N LEU E 171 -2.37 -17.28 11.03
CA LEU E 171 -2.67 -18.38 10.12
C LEU E 171 -1.68 -19.51 10.34
N GLY E 172 -2.17 -20.74 10.17
CA GLY E 172 -1.33 -21.91 10.34
C GLY E 172 -1.30 -22.79 9.10
N GLY E 173 -0.09 -23.08 8.62
CA GLY E 173 0.09 -23.96 7.49
C GLY E 173 0.89 -25.19 7.86
N PRO E 174 0.22 -26.32 8.06
CA PRO E 174 0.92 -27.51 8.58
C PRO E 174 1.91 -28.13 7.60
N GLY E 175 2.07 -27.60 6.39
CA GLY E 175 2.86 -28.27 5.38
C GLY E 175 4.23 -27.67 5.10
N SER E 176 4.46 -26.43 5.52
CA SER E 176 5.71 -25.76 5.22
C SER E 176 6.90 -26.59 5.72
N PHE E 177 7.97 -26.58 4.93
CA PHE E 177 9.26 -27.16 5.34
C PHE E 177 9.12 -28.65 5.64
N TYR E 178 8.62 -29.38 4.64
CA TYR E 178 8.38 -30.82 4.77
C TYR E 178 7.48 -31.11 5.98
N TRP E 179 6.39 -30.37 6.06
CA TRP E 179 5.35 -30.59 7.06
C TRP E 179 5.83 -30.35 8.48
N GLN E 180 6.91 -29.60 8.65
CA GLN E 180 7.22 -29.04 9.96
C GLN E 180 6.09 -28.15 10.43
N GLY E 181 5.41 -27.49 9.50
CA GLY E 181 4.36 -26.53 9.83
C GLY E 181 4.90 -25.12 9.94
N GLN E 182 3.97 -24.17 10.04
CA GLN E 182 4.35 -22.77 10.06
C GLN E 182 3.20 -21.94 10.59
N LEU E 183 3.55 -20.83 11.23
CA LEU E 183 2.60 -19.82 11.67
C LEU E 183 2.98 -18.50 11.04
N ILE E 184 2.00 -17.81 10.47
CA ILE E 184 2.22 -16.51 9.85
C ILE E 184 1.18 -15.54 10.38
N SER E 185 1.63 -14.39 10.84
CA SER E 185 0.76 -13.34 11.34
C SER E 185 0.97 -12.07 10.54
N ASP E 186 -0.11 -11.37 10.22
CA ASP E 186 -0.04 -10.16 9.43
C ASP E 186 -1.14 -9.20 9.85
N GLN E 187 -0.83 -7.91 9.75
CA GLN E 187 -1.78 -6.86 10.09
C GLN E 187 -2.84 -6.74 9.00
N VAL E 188 -4.09 -6.60 9.41
CA VAL E 188 -5.18 -6.46 8.44
C VAL E 188 -4.92 -5.28 7.52
N ALA E 189 -4.38 -4.19 8.05
CA ALA E 189 -4.10 -3.02 7.23
C ALA E 189 -3.11 -3.37 6.11
N GLU E 190 -2.16 -4.26 6.38
CA GLU E 190 -1.19 -4.65 5.37
C GLU E 190 -1.79 -5.59 4.33
N ILE E 191 -2.74 -6.45 4.76
CA ILE E 191 -3.38 -7.35 3.82
C ILE E 191 -4.29 -6.59 2.88
N VAL E 192 -4.93 -5.52 3.36
CA VAL E 192 -5.81 -4.74 2.51
C VAL E 192 -5.03 -3.76 1.65
N SER E 193 -3.98 -3.17 2.20
CA SER E 193 -3.25 -2.12 1.48
C SER E 193 -2.33 -2.70 0.41
N LYS E 194 -1.47 -3.64 0.78
CA LYS E 194 -0.48 -4.19 -0.13
C LYS E 194 -1.07 -5.16 -1.15
N TYR E 195 -2.38 -5.38 -1.14
CA TYR E 195 -2.97 -6.33 -2.07
C TYR E 195 -2.82 -5.84 -3.51
N ASP E 196 -2.56 -6.78 -4.41
CA ASP E 196 -2.44 -6.47 -5.83
C ASP E 196 -2.89 -7.68 -6.65
N PRO E 197 -3.97 -7.57 -7.43
CA PRO E 197 -4.45 -8.73 -8.18
C PRO E 197 -3.48 -9.21 -9.24
N ASN E 198 -2.44 -8.44 -9.54
CA ASN E 198 -1.46 -8.81 -10.55
C ASN E 198 -0.23 -9.49 -9.96
N VAL E 199 0.11 -9.22 -8.71
CA VAL E 199 1.24 -9.84 -8.04
C VAL E 199 0.73 -11.02 -7.22
N TYR E 200 1.35 -12.18 -7.42
CA TYR E 200 0.89 -13.41 -6.78
C TYR E 200 1.64 -13.73 -5.50
N SER E 201 2.86 -13.24 -5.34
CA SER E 201 3.67 -13.48 -4.15
C SER E 201 3.96 -12.14 -3.48
N ILE E 202 2.95 -11.58 -2.82
CA ILE E 202 3.09 -10.29 -2.16
C ILE E 202 3.94 -10.46 -0.91
N LYS E 203 4.76 -9.46 -0.61
CA LYS E 203 5.55 -9.43 0.60
C LYS E 203 5.02 -8.33 1.51
N TYR E 204 4.64 -8.71 2.72
CA TYR E 204 4.07 -7.78 3.69
C TYR E 204 5.15 -7.34 4.67
N ASN E 205 5.17 -6.04 4.97
CA ASN E 205 6.19 -5.45 5.81
C ASN E 205 6.19 -6.08 7.21
N ASN E 206 5.16 -5.77 8.01
CA ASN E 206 5.11 -6.20 9.39
C ASN E 206 4.64 -7.64 9.51
N GLN E 207 5.28 -8.55 8.79
CA GLN E 207 4.91 -9.96 8.84
C GLN E 207 5.75 -10.69 9.87
N LEU E 208 5.09 -11.48 10.72
CA LEU E 208 5.74 -12.36 11.66
C LEU E 208 5.45 -13.81 11.25
N ALA E 209 6.50 -14.61 11.11
CA ALA E 209 6.34 -15.98 10.67
C ALA E 209 7.41 -16.85 11.32
N THR E 210 7.15 -18.15 11.35
CA THR E 210 8.09 -19.11 11.92
C THR E 210 9.08 -19.57 10.87
N ARG E 211 10.32 -19.78 11.30
CA ARG E 211 11.41 -20.11 10.40
C ARG E 211 11.55 -21.61 10.23
N THR E 212 12.12 -22.02 9.09
CA THR E 212 12.41 -23.43 8.87
C THR E 212 13.45 -23.90 9.88
N ALA E 213 13.24 -25.10 10.40
CA ALA E 213 14.07 -25.65 11.47
C ALA E 213 14.81 -26.89 10.97
N GLN E 214 15.45 -27.59 11.91
CA GLN E 214 16.22 -28.77 11.58
C GLN E 214 15.29 -29.90 11.09
N ALA E 215 15.89 -30.88 10.43
CA ALA E 215 15.12 -31.99 9.87
C ALA E 215 14.43 -32.82 10.95
N ILE E 216 14.94 -32.80 12.18
CA ILE E 216 14.30 -33.55 13.27
C ILE E 216 12.85 -33.13 13.40
N PHE E 217 12.56 -31.84 13.23
CA PHE E 217 11.22 -31.31 13.40
C PHE E 217 10.29 -31.63 12.24
N ASP E 218 10.73 -32.42 11.26
CA ASP E 218 9.91 -32.70 10.10
C ASP E 218 8.67 -33.51 10.47
N ASP E 219 7.59 -33.28 9.73
CA ASP E 219 6.34 -34.03 9.88
C ASP E 219 5.68 -33.78 11.23
N SER E 220 5.79 -32.56 11.75
CA SER E 220 5.23 -32.21 13.04
C SER E 220 3.83 -31.60 12.94
N TYR E 221 3.54 -30.91 11.83
CA TYR E 221 2.24 -30.31 11.57
C TYR E 221 1.98 -29.09 12.46
N LEU E 222 2.98 -28.23 12.60
CA LEU E 222 2.77 -26.96 13.31
C LEU E 222 1.75 -26.12 12.55
N GLY E 223 0.78 -25.59 13.27
CA GLY E 223 -0.31 -24.86 12.65
C GLY E 223 -1.54 -25.69 12.36
N TYR E 224 -1.56 -26.95 12.78
CA TYR E 224 -2.76 -27.77 12.64
C TYR E 224 -3.97 -27.05 13.22
N SER E 225 -3.80 -26.42 14.38
CA SER E 225 -4.85 -25.64 15.02
C SER E 225 -4.18 -24.47 15.72
N VAL E 226 -4.92 -23.36 15.86
CA VAL E 226 -4.38 -22.14 16.43
C VAL E 226 -5.40 -21.48 17.34
N ALA E 227 -4.89 -20.66 18.25
CA ALA E 227 -5.72 -19.85 19.14
C ALA E 227 -4.91 -18.65 19.57
N VAL E 228 -5.60 -17.66 20.13
CA VAL E 228 -4.99 -16.40 20.53
C VAL E 228 -5.20 -16.21 22.03
N GLY E 229 -4.23 -15.57 22.67
CA GLY E 229 -4.32 -15.30 24.10
C GLY E 229 -3.05 -14.73 24.68
N ASP E 230 -3.18 -13.81 25.63
CA ASP E 230 -2.01 -13.19 26.26
C ASP E 230 -1.46 -14.12 27.33
N PHE E 231 -0.15 -14.38 27.26
CA PHE E 231 0.50 -15.24 28.23
C PHE E 231 1.82 -14.67 28.74
N ASN E 232 2.13 -13.41 28.42
CA ASN E 232 3.34 -12.76 28.93
C ASN E 232 3.03 -11.41 29.55
N GLY E 233 1.76 -11.03 29.68
CA GLY E 233 1.38 -9.81 30.35
C GLY E 233 1.67 -8.54 29.59
N ASP E 234 2.04 -8.63 28.31
CA ASP E 234 2.30 -7.45 27.51
C ASP E 234 1.01 -6.74 27.10
N GLY E 235 -0.09 -7.48 26.99
CA GLY E 235 -1.33 -6.99 26.46
C GLY E 235 -1.62 -7.46 25.04
N ILE E 236 -0.58 -7.69 24.26
CA ILE E 236 -0.73 -8.21 22.90
C ILE E 236 -1.04 -9.70 22.96
N ASP E 237 -2.04 -10.12 22.20
CA ASP E 237 -2.39 -11.54 22.16
C ASP E 237 -1.23 -12.36 21.60
N ASP E 238 -0.90 -13.44 22.30
CA ASP E 238 0.16 -14.34 21.87
C ASP E 238 -0.43 -15.55 21.15
N PHE E 239 0.42 -16.21 20.36
CA PHE E 239 -0.01 -17.23 19.42
C PHE E 239 0.15 -18.61 20.02
N VAL E 240 -0.96 -19.34 20.13
CA VAL E 240 -0.97 -20.73 20.58
C VAL E 240 -1.31 -21.60 19.38
N SER E 241 -0.54 -22.68 19.20
CA SER E 241 -0.75 -23.57 18.07
C SER E 241 -0.48 -25.01 18.47
N GLY E 242 -1.27 -25.93 17.91
CA GLY E 242 -1.11 -27.34 18.20
C GLY E 242 -0.22 -28.03 17.19
N VAL E 243 0.80 -28.72 17.68
CA VAL E 243 1.71 -29.51 16.84
C VAL E 243 1.42 -30.97 17.12
N PRO E 244 0.39 -31.57 16.50
CA PRO E 244 -0.07 -32.88 16.96
C PRO E 244 0.89 -34.02 16.74
N ARG E 245 1.73 -33.96 15.71
CA ARG E 245 2.64 -35.06 15.40
C ARG E 245 4.05 -34.83 15.96
N ALA E 246 4.27 -33.75 16.69
CA ALA E 246 5.59 -33.47 17.22
C ALA E 246 5.97 -34.48 18.29
N ALA E 247 7.25 -34.49 18.64
CA ALA E 247 7.77 -35.35 19.70
C ALA E 247 7.46 -36.81 19.42
N ARG E 248 7.70 -37.23 18.16
CA ARG E 248 7.53 -38.62 17.77
C ARG E 248 6.06 -39.04 17.88
N THR E 249 5.20 -38.30 17.19
CA THR E 249 3.75 -38.54 17.19
C THR E 249 3.17 -38.49 18.59
N LEU E 250 3.83 -37.77 19.50
CA LEU E 250 3.37 -37.64 20.87
C LEU E 250 2.47 -36.43 21.06
N GLY E 251 2.69 -35.38 20.28
CA GLY E 251 1.87 -34.19 20.35
C GLY E 251 2.46 -33.09 21.21
N MET E 252 2.44 -31.86 20.69
CA MET E 252 2.93 -30.70 21.42
C MET E 252 2.01 -29.52 21.15
N VAL E 253 2.27 -28.42 21.85
CA VAL E 253 1.57 -27.16 21.64
C VAL E 253 2.57 -26.04 21.87
N TYR E 254 2.93 -25.33 20.80
CA TYR E 254 3.83 -24.20 20.91
C TYR E 254 3.05 -22.93 21.23
N ILE E 255 3.68 -22.06 22.00
CA ILE E 255 3.14 -20.73 22.30
C ILE E 255 4.24 -19.74 22.01
N TYR E 256 4.02 -18.87 21.02
CA TYR E 256 4.98 -17.85 20.64
C TYR E 256 4.50 -16.47 21.10
N ASP E 257 5.46 -15.59 21.31
CA ASP E 257 5.13 -14.20 21.62
C ASP E 257 4.42 -13.57 20.43
N GLY E 258 3.26 -12.96 20.69
CA GLY E 258 2.49 -12.32 19.64
C GLY E 258 3.08 -11.01 19.17
N LYS E 259 4.26 -10.67 19.68
CA LYS E 259 4.93 -9.42 19.30
C LYS E 259 6.09 -9.64 18.34
N ASN E 260 6.77 -10.78 18.42
CA ASN E 260 7.91 -11.02 17.53
C ASN E 260 8.06 -12.49 17.13
N MET E 261 7.11 -13.36 17.46
CA MET E 261 7.16 -14.75 17.03
C MET E 261 8.34 -15.49 17.68
N SER E 262 8.60 -15.20 18.95
CA SER E 262 9.61 -15.90 19.72
C SER E 262 8.94 -16.88 20.66
N SER E 263 9.50 -18.09 20.76
CA SER E 263 8.87 -19.15 21.52
C SER E 263 8.74 -18.76 22.99
N LEU E 264 7.53 -18.84 23.51
CA LEU E 264 7.25 -18.53 24.91
C LEU E 264 7.15 -19.77 25.78
N TYR E 265 6.27 -20.71 25.42
CA TYR E 265 6.06 -21.89 26.26
C TYR E 265 5.76 -23.10 25.38
N ASN E 266 5.73 -24.27 26.01
CA ASN E 266 5.61 -25.54 25.33
C ASN E 266 4.81 -26.51 26.18
N PHE E 267 3.80 -27.13 25.58
CA PHE E 267 3.14 -28.28 26.16
C PHE E 267 3.50 -29.51 25.35
N THR E 268 3.44 -30.67 25.99
CA THR E 268 3.84 -31.93 25.36
C THR E 268 2.92 -33.03 25.87
N GLY E 269 2.26 -33.72 24.94
CA GLY E 269 1.32 -34.76 25.31
C GLY E 269 1.96 -35.82 26.19
N GLU E 270 1.12 -36.74 26.67
CA GLU E 270 1.56 -37.86 27.48
C GLU E 270 1.46 -39.19 26.76
N GLN E 271 0.65 -39.29 25.72
CA GLN E 271 0.42 -40.53 25.01
C GLN E 271 0.73 -40.35 23.53
N MET E 272 1.34 -41.37 22.93
CA MET E 272 1.65 -41.34 21.51
C MET E 272 0.41 -41.63 20.70
N ALA E 273 0.33 -40.99 19.53
CA ALA E 273 -0.78 -41.13 18.59
C ALA E 273 -2.12 -40.63 19.15
N ALA E 274 -2.12 -40.08 20.37
CA ALA E 274 -3.32 -39.46 20.91
C ALA E 274 -3.67 -38.16 20.19
N TYR E 275 -2.76 -37.65 19.36
CA TYR E 275 -2.98 -36.41 18.63
C TYR E 275 -3.18 -35.22 19.57
N PHE E 276 -2.50 -35.26 20.71
CA PHE E 276 -2.45 -34.12 21.62
C PHE E 276 -2.14 -32.85 20.82
N GLY E 277 -3.15 -32.03 20.56
CA GLY E 277 -2.97 -30.81 19.82
C GLY E 277 -3.93 -30.65 18.66
N PHE E 278 -4.83 -31.61 18.48
CA PHE E 278 -5.80 -31.52 17.37
C PHE E 278 -6.66 -30.26 17.50
N SER E 279 -7.01 -29.89 18.74
CA SER E 279 -7.85 -28.73 19.00
C SER E 279 -7.21 -27.89 20.09
N VAL E 280 -7.35 -26.57 19.98
CA VAL E 280 -6.78 -25.63 20.95
C VAL E 280 -7.78 -24.51 21.19
N ALA E 281 -7.79 -24.01 22.42
CA ALA E 281 -8.66 -22.91 22.82
C ALA E 281 -8.04 -22.18 24.01
N ALA E 282 -8.29 -20.87 24.08
CA ALA E 282 -7.76 -20.03 25.14
C ALA E 282 -8.88 -19.17 25.68
N THR E 283 -9.11 -19.25 26.99
CA THR E 283 -10.17 -18.48 27.63
C THR E 283 -9.94 -18.49 29.13
N ASP E 284 -10.22 -17.36 29.78
CA ASP E 284 -10.15 -17.26 31.23
C ASP E 284 -11.35 -17.99 31.82
N ILE E 285 -11.13 -19.24 32.23
CA ILE E 285 -12.23 -20.06 32.74
C ILE E 285 -12.51 -19.81 34.22
N ASN E 286 -11.51 -19.36 34.99
CA ASN E 286 -11.65 -19.19 36.43
C ASN E 286 -11.81 -17.73 36.82
N GLY E 287 -12.15 -16.86 35.87
CA GLY E 287 -12.44 -15.47 36.20
C GLY E 287 -11.31 -14.72 36.84
N ASP E 288 -10.10 -15.27 36.79
CA ASP E 288 -8.91 -14.57 37.29
C ASP E 288 -8.31 -13.65 36.24
N ASP E 289 -8.95 -13.51 35.08
CA ASP E 289 -8.47 -12.62 34.03
C ASP E 289 -7.08 -13.03 33.53
N TYR E 290 -6.85 -14.34 33.45
CA TYR E 290 -5.64 -14.89 32.85
C TYR E 290 -6.05 -16.00 31.89
N ALA E 291 -5.71 -15.85 30.61
CA ALA E 291 -6.10 -16.83 29.61
C ALA E 291 -5.64 -18.22 30.02
N ASP E 292 -6.58 -19.17 30.01
CA ASP E 292 -6.30 -20.56 30.32
C ASP E 292 -6.32 -21.37 29.04
N VAL E 293 -5.47 -22.37 28.97
CA VAL E 293 -5.27 -23.15 27.75
C VAL E 293 -6.03 -24.47 27.84
N PHE E 294 -6.69 -24.84 26.74
CA PHE E 294 -7.40 -26.10 26.64
C PHE E 294 -6.91 -26.81 25.39
N ILE E 295 -6.39 -28.03 25.55
CA ILE E 295 -5.75 -28.77 24.46
C ILE E 295 -6.42 -30.13 24.35
N GLY E 296 -6.82 -30.49 23.14
CA GLY E 296 -7.56 -31.73 22.89
C GLY E 296 -6.68 -32.83 22.34
N ALA E 297 -6.93 -34.06 22.81
CA ALA E 297 -6.25 -35.26 22.34
C ALA E 297 -7.31 -36.30 21.99
N PRO E 298 -8.04 -36.10 20.88
CA PRO E 298 -9.25 -36.89 20.64
C PRO E 298 -9.04 -38.39 20.66
N LEU E 299 -7.86 -38.86 20.28
CA LEU E 299 -7.60 -40.30 20.17
C LEU E 299 -6.97 -40.87 21.43
N PHE E 300 -6.96 -40.12 22.53
CA PHE E 300 -6.33 -40.60 23.76
C PHE E 300 -6.98 -41.89 24.22
N MET E 301 -6.16 -42.81 24.74
CA MET E 301 -6.63 -44.06 25.30
C MET E 301 -6.40 -44.05 26.80
N ASP E 302 -7.37 -44.59 27.54
CA ASP E 302 -7.32 -44.66 28.99
C ASP E 302 -7.65 -46.07 29.44
N ARG E 303 -7.13 -46.44 30.62
CA ARG E 303 -7.36 -47.76 31.20
C ARG E 303 -8.53 -47.68 32.16
N GLY E 304 -9.62 -48.37 31.82
CA GLY E 304 -10.80 -48.39 32.66
C GLY E 304 -10.64 -49.25 33.89
N SER E 305 -11.76 -49.70 34.42
CA SER E 305 -11.73 -50.51 35.63
C SER E 305 -11.16 -51.90 35.37
N ASP E 306 -11.55 -52.52 34.25
CA ASP E 306 -11.10 -53.87 33.90
C ASP E 306 -9.70 -53.90 33.31
N GLY E 307 -8.89 -52.87 33.53
CA GLY E 307 -7.55 -52.81 32.98
C GLY E 307 -7.48 -52.73 31.47
N LYS E 308 -8.61 -52.64 30.78
CA LYS E 308 -8.64 -52.60 29.32
C LYS E 308 -8.43 -51.18 28.83
N LEU E 309 -7.73 -51.05 27.71
CA LEU E 309 -7.54 -49.75 27.08
C LEU E 309 -8.77 -49.40 26.24
N GLN E 310 -9.23 -48.16 26.37
CA GLN E 310 -10.39 -47.68 25.63
C GLN E 310 -10.08 -46.29 25.10
N GLU E 311 -10.20 -46.11 23.79
CA GLU E 311 -9.98 -44.82 23.16
C GLU E 311 -11.18 -43.93 23.45
N VAL E 312 -10.98 -42.89 24.24
CA VAL E 312 -12.08 -42.00 24.63
C VAL E 312 -11.76 -40.53 24.44
N GLY E 313 -10.51 -40.15 24.24
CA GLY E 313 -10.14 -38.75 24.13
C GLY E 313 -9.83 -38.14 25.49
N GLN E 314 -9.21 -36.96 25.46
CA GLN E 314 -8.81 -36.28 26.66
C GLN E 314 -8.52 -34.83 26.34
N VAL E 315 -8.83 -33.95 27.29
CA VAL E 315 -8.57 -32.52 27.17
C VAL E 315 -7.80 -32.07 28.39
N SER E 316 -6.65 -31.42 28.16
CA SER E 316 -5.86 -30.86 29.24
C SER E 316 -6.29 -29.42 29.48
N VAL E 317 -6.55 -29.08 30.74
CA VAL E 317 -6.98 -27.74 31.13
C VAL E 317 -5.84 -27.13 31.93
N SER E 318 -5.16 -26.14 31.34
CA SER E 318 -4.00 -25.50 31.95
C SER E 318 -4.39 -24.07 32.32
N LEU E 319 -4.61 -23.83 33.61
CA LEU E 319 -4.90 -22.50 34.10
C LEU E 319 -3.60 -21.70 34.19
N GLN E 320 -3.56 -20.56 33.51
CA GLN E 320 -2.38 -19.71 33.55
C GLN E 320 -2.30 -18.99 34.89
N ARG E 321 -1.12 -19.01 35.50
CA ARG E 321 -0.88 -18.35 36.77
C ARG E 321 0.16 -17.25 36.58
N ALA E 322 0.06 -16.22 37.41
CA ALA E 322 0.90 -15.04 37.25
C ALA E 322 2.38 -15.40 37.28
N SER E 323 2.77 -16.37 38.13
CA SER E 323 4.17 -16.77 38.21
C SER E 323 4.74 -17.17 36.86
N GLY E 324 3.89 -17.55 35.91
CA GLY E 324 4.33 -17.87 34.57
C GLY E 324 3.88 -19.24 34.12
N ASP E 325 4.09 -20.24 34.97
CA ASP E 325 3.80 -21.61 34.63
C ASP E 325 2.28 -21.79 34.50
N PHE E 326 1.83 -23.05 34.46
CA PHE E 326 0.43 -23.38 34.37
C PHE E 326 0.07 -24.43 35.44
N GLN E 327 -1.19 -24.47 35.81
CA GLN E 327 -1.73 -25.52 36.67
C GLN E 327 -2.64 -26.38 35.80
N THR E 328 -2.14 -27.56 35.42
CA THR E 328 -2.80 -28.39 34.42
C THR E 328 -3.65 -29.48 35.09
N THR E 329 -4.84 -29.69 34.53
CA THR E 329 -5.74 -30.75 34.95
C THR E 329 -6.28 -31.42 33.71
N LYS E 330 -6.31 -32.75 33.70
CA LYS E 330 -6.76 -33.50 32.55
C LYS E 330 -8.20 -33.95 32.73
N LEU E 331 -8.88 -34.17 31.60
CA LEU E 331 -10.31 -34.44 31.59
C LEU E 331 -10.58 -35.41 30.44
N ASN E 332 -10.94 -36.64 30.78
CA ASN E 332 -11.09 -37.69 29.80
C ASN E 332 -12.50 -37.69 29.20
N GLY E 333 -12.62 -38.32 28.03
CA GLY E 333 -13.91 -38.52 27.41
C GLY E 333 -14.73 -39.52 28.19
N PHE E 334 -15.91 -39.80 27.65
CA PHE E 334 -16.89 -40.64 28.32
C PHE E 334 -17.29 -41.87 27.52
N GLU E 335 -17.34 -41.78 26.19
CA GLU E 335 -17.74 -42.89 25.34
C GLU E 335 -16.55 -43.35 24.49
N VAL E 336 -16.47 -44.67 24.29
CA VAL E 336 -15.39 -45.24 23.50
C VAL E 336 -15.55 -44.80 22.04
N PHE E 337 -14.43 -44.40 21.43
CA PHE E 337 -14.37 -43.99 20.04
C PHE E 337 -15.21 -42.75 19.73
N ALA E 338 -15.75 -42.09 20.76
CA ALA E 338 -16.50 -40.86 20.54
C ALA E 338 -15.59 -39.68 20.25
N ARG E 339 -14.28 -39.85 20.32
CA ARG E 339 -13.32 -38.79 20.05
C ARG E 339 -13.68 -37.52 20.82
N PHE E 340 -13.81 -37.67 22.13
CA PHE E 340 -14.05 -36.53 23.01
C PHE E 340 -12.86 -35.58 22.96
N GLY E 341 -13.11 -34.34 22.57
CA GLY E 341 -12.07 -33.35 22.45
C GLY E 341 -11.76 -32.92 21.03
N SER E 342 -12.56 -33.33 20.05
CA SER E 342 -12.33 -32.92 18.67
C SER E 342 -12.58 -31.43 18.48
N ALA E 343 -13.38 -30.80 19.34
CA ALA E 343 -13.67 -29.38 19.22
C ALA E 343 -13.84 -28.78 20.61
N ILE E 344 -13.13 -27.69 20.87
CA ILE E 344 -13.16 -27.01 22.16
C ILE E 344 -13.53 -25.57 21.90
N ALA E 345 -14.72 -25.15 22.31
CA ALA E 345 -15.23 -23.83 22.02
C ALA E 345 -15.48 -23.05 23.30
N PRO E 346 -14.73 -21.96 23.56
CA PRO E 346 -15.12 -21.07 24.65
C PRO E 346 -16.51 -20.50 24.42
N LEU E 347 -17.30 -20.45 25.49
CA LEU E 347 -18.69 -20.03 25.42
C LEU E 347 -18.94 -18.68 26.09
N GLY E 348 -17.93 -18.09 26.70
CA GLY E 348 -18.18 -16.95 27.56
C GLY E 348 -18.83 -17.46 28.84
N ASP E 349 -19.52 -16.55 29.52
CA ASP E 349 -20.24 -16.90 30.75
C ASP E 349 -21.65 -17.33 30.36
N LEU E 350 -21.74 -18.59 29.92
CA LEU E 350 -22.98 -19.11 29.37
C LEU E 350 -24.16 -18.88 30.31
N ASP E 351 -23.95 -19.09 31.61
CA ASP E 351 -25.00 -18.88 32.60
C ASP E 351 -24.86 -17.55 33.32
N GLN E 352 -23.87 -16.74 32.97
CA GLN E 352 -23.68 -15.42 33.57
C GLN E 352 -23.56 -15.52 35.10
N ASP E 353 -22.88 -16.58 35.56
CA ASP E 353 -22.65 -16.76 36.99
C ASP E 353 -21.38 -16.06 37.47
N GLY E 354 -20.57 -15.53 36.55
CA GLY E 354 -19.33 -14.86 36.90
C GLY E 354 -18.08 -15.54 36.39
N PHE E 355 -18.19 -16.71 35.77
CA PHE E 355 -17.02 -17.46 35.31
C PHE E 355 -17.33 -18.04 33.94
N ASN E 356 -16.45 -17.75 32.98
CA ASN E 356 -16.66 -18.22 31.62
C ASN E 356 -16.84 -19.74 31.60
N ASP E 357 -17.44 -20.22 30.51
CA ASP E 357 -17.75 -21.63 30.33
C ASP E 357 -17.24 -22.06 28.96
N ILE E 358 -17.23 -23.38 28.75
CA ILE E 358 -16.58 -23.95 27.58
C ILE E 358 -17.31 -25.24 27.20
N ALA E 359 -17.40 -25.48 25.89
CA ALA E 359 -18.04 -26.67 25.36
C ALA E 359 -16.99 -27.58 24.73
N ILE E 360 -17.15 -28.89 24.94
CA ILE E 360 -16.23 -29.89 24.42
C ILE E 360 -17.05 -30.97 23.71
N ALA E 361 -16.70 -31.25 22.45
CA ALA E 361 -17.52 -32.07 21.58
C ALA E 361 -16.96 -33.48 21.46
N ALA E 362 -17.87 -34.44 21.30
CA ALA E 362 -17.55 -35.83 20.98
C ALA E 362 -18.34 -36.18 19.73
N PRO E 363 -17.88 -35.74 18.55
CA PRO E 363 -18.73 -35.80 17.35
C PRO E 363 -19.18 -37.20 16.97
N TYR E 364 -18.59 -38.25 17.53
CA TYR E 364 -18.88 -39.62 17.13
C TYR E 364 -19.31 -40.45 18.32
N GLY E 365 -20.10 -39.85 19.22
CA GLY E 365 -20.61 -40.55 20.37
C GLY E 365 -22.12 -40.43 20.45
N GLY E 366 -22.71 -41.29 21.25
CA GLY E 366 -24.14 -41.27 21.50
C GLY E 366 -24.87 -42.34 20.73
N GLU E 367 -26.20 -42.32 20.88
CA GLU E 367 -27.04 -43.26 20.15
C GLU E 367 -26.84 -43.07 18.65
N ASP E 368 -26.37 -44.13 17.99
CA ASP E 368 -26.17 -44.11 16.54
C ASP E 368 -25.15 -43.06 16.13
N LYS E 369 -24.15 -42.83 16.98
CA LYS E 369 -23.05 -41.92 16.67
C LYS E 369 -23.55 -40.60 16.06
N LYS E 370 -24.62 -40.04 16.63
CA LYS E 370 -25.12 -38.76 16.14
C LYS E 370 -24.23 -37.59 16.57
N GLY E 371 -23.47 -37.75 17.64
CA GLY E 371 -22.58 -36.71 18.12
C GLY E 371 -23.13 -36.04 19.38
N ILE E 372 -22.22 -35.65 20.26
CA ILE E 372 -22.57 -35.04 21.54
C ILE E 372 -21.71 -33.81 21.77
N VAL E 373 -22.25 -32.86 22.53
CA VAL E 373 -21.51 -31.68 22.97
C VAL E 373 -21.72 -31.54 24.47
N TYR E 374 -20.64 -31.67 25.23
CA TYR E 374 -20.69 -31.49 26.68
C TYR E 374 -20.38 -30.04 27.02
N ILE E 375 -21.17 -29.46 27.92
CA ILE E 375 -20.96 -28.10 28.41
C ILE E 375 -20.35 -28.19 29.80
N PHE E 376 -19.34 -27.35 30.05
CA PHE E 376 -18.65 -27.31 31.33
C PHE E 376 -18.63 -25.87 31.83
N ASN E 377 -19.00 -25.68 33.09
CA ASN E 377 -19.04 -24.35 33.67
C ASN E 377 -17.75 -24.06 34.41
N GLY E 378 -17.35 -22.78 34.38
CA GLY E 378 -16.13 -22.35 35.03
C GLY E 378 -16.38 -21.96 36.49
N ARG E 379 -15.37 -22.23 37.32
CA ARG E 379 -15.42 -21.88 38.74
C ARG E 379 -14.05 -21.36 39.15
N SER E 380 -14.04 -20.66 40.29
CA SER E 380 -12.78 -20.11 40.81
C SER E 380 -11.72 -21.19 40.92
N THR E 381 -12.12 -22.41 41.33
CA THR E 381 -11.18 -23.50 41.47
C THR E 381 -10.63 -23.98 40.13
N GLY E 382 -11.25 -23.59 39.02
CA GLY E 382 -10.85 -24.06 37.71
C GLY E 382 -12.06 -24.38 36.86
N LEU E 383 -12.12 -25.60 36.34
CA LEU E 383 -13.26 -26.06 35.56
C LEU E 383 -14.00 -27.15 36.31
N ASN E 384 -15.32 -27.08 36.30
CA ASN E 384 -16.15 -28.13 36.89
C ASN E 384 -16.08 -29.36 36.01
N ALA E 385 -15.32 -30.36 36.45
CA ALA E 385 -15.08 -31.55 35.63
C ALA E 385 -16.37 -32.26 35.23
N VAL E 386 -17.46 -32.02 35.94
CA VAL E 386 -18.74 -32.62 35.62
C VAL E 386 -19.49 -31.70 34.66
N PRO E 387 -19.94 -32.18 33.51
CA PRO E 387 -20.69 -31.31 32.61
C PRO E 387 -22.09 -31.04 33.13
N SER E 388 -22.51 -29.78 33.02
CA SER E 388 -23.83 -29.36 33.47
C SER E 388 -24.90 -29.50 32.39
N GLN E 389 -24.52 -29.91 31.18
CA GLN E 389 -25.49 -30.12 30.11
C GLN E 389 -24.88 -31.00 29.04
N ILE E 390 -25.73 -31.71 28.31
CA ILE E 390 -25.32 -32.58 27.22
C ILE E 390 -26.24 -32.30 26.04
N LEU E 391 -25.68 -31.75 24.96
CA LEU E 391 -26.42 -31.56 23.72
C LEU E 391 -26.16 -32.74 22.80
N GLU E 392 -27.21 -33.20 22.13
CA GLU E 392 -27.14 -34.39 21.30
C GLU E 392 -27.57 -34.08 19.88
N GLY E 393 -26.90 -34.72 18.91
CA GLY E 393 -27.36 -34.64 17.54
C GLY E 393 -28.72 -35.26 17.37
N GLN E 394 -29.36 -34.93 16.25
CA GLN E 394 -30.72 -35.39 15.97
C GLN E 394 -30.88 -35.98 14.57
N TRP E 395 -29.78 -36.26 13.87
CA TRP E 395 -29.84 -36.70 12.48
C TRP E 395 -28.99 -37.94 12.27
N ALA E 396 -29.56 -38.89 11.55
CA ALA E 396 -28.87 -40.12 11.21
C ALA E 396 -27.84 -39.87 10.12
N ALA E 397 -26.96 -40.84 9.92
CA ALA E 397 -25.92 -40.75 8.90
C ALA E 397 -26.52 -41.09 7.54
N ARG E 398 -26.61 -40.09 6.67
CA ARG E 398 -27.09 -40.33 5.31
C ARG E 398 -26.18 -41.32 4.59
N SER E 399 -24.88 -41.08 4.63
CA SER E 399 -23.91 -41.95 3.97
C SER E 399 -22.51 -41.52 4.36
N GLY E 400 -21.58 -42.46 4.30
CA GLY E 400 -20.19 -42.16 4.57
C GLY E 400 -20.01 -41.53 5.95
N CYS E 401 -19.53 -40.29 5.95
CA CYS E 401 -19.22 -39.60 7.19
C CYS E 401 -20.43 -39.63 8.13
N PRO E 402 -20.21 -39.85 9.43
CA PRO E 402 -21.29 -39.66 10.40
C PRO E 402 -21.70 -38.20 10.46
N PRO E 403 -22.86 -37.90 11.04
CA PRO E 403 -23.30 -36.50 11.13
C PRO E 403 -22.25 -35.55 11.66
N SER E 404 -21.37 -36.03 12.54
CA SER E 404 -20.28 -35.22 13.06
C SER E 404 -20.80 -34.00 13.82
N PHE E 405 -21.96 -34.13 14.45
CA PHE E 405 -22.50 -33.07 15.30
C PHE E 405 -21.48 -32.72 16.37
N GLY E 406 -21.04 -31.46 16.36
CA GLY E 406 -20.05 -30.99 17.30
C GLY E 406 -18.65 -30.88 16.72
N TYR E 407 -18.43 -31.40 15.51
CA TYR E 407 -17.12 -31.30 14.88
C TYR E 407 -16.65 -29.86 14.80
N SER E 408 -17.58 -28.92 14.65
CA SER E 408 -17.28 -27.50 14.67
C SER E 408 -18.36 -26.78 15.45
N MET E 409 -17.99 -25.71 16.14
CA MET E 409 -18.93 -24.96 16.95
C MET E 409 -18.27 -23.66 17.39
N LYS E 410 -19.12 -22.68 17.70
CA LYS E 410 -18.67 -21.35 18.09
C LYS E 410 -19.61 -20.78 19.14
N GLY E 411 -19.05 -20.00 20.06
CA GLY E 411 -19.83 -19.41 21.13
C GLY E 411 -19.37 -18.04 21.56
N ALA E 412 -19.91 -17.56 22.69
CA ALA E 412 -19.50 -16.30 23.30
C ALA E 412 -20.07 -15.09 22.55
N THR E 413 -21.22 -15.26 21.89
CA THR E 413 -21.90 -14.16 21.23
C THR E 413 -23.38 -14.24 21.56
N ASP E 414 -23.92 -13.17 22.13
CA ASP E 414 -25.34 -13.13 22.51
C ASP E 414 -26.12 -12.65 21.30
N ILE E 415 -26.50 -13.59 20.43
CA ILE E 415 -27.12 -13.24 19.16
C ILE E 415 -28.53 -12.72 19.38
N ASP E 416 -29.25 -13.25 20.37
CA ASP E 416 -30.61 -12.80 20.65
C ASP E 416 -30.66 -11.64 21.62
N LYS E 417 -29.51 -11.15 22.09
CA LYS E 417 -29.45 -9.99 22.98
C LYS E 417 -30.38 -10.19 24.17
N ASN E 418 -30.33 -11.37 24.76
CA ASN E 418 -31.12 -11.70 25.95
C ASN E 418 -30.28 -11.68 27.23
N GLY E 419 -28.98 -11.40 27.12
CA GLY E 419 -28.11 -11.36 28.27
C GLY E 419 -27.18 -12.54 28.42
N TYR E 420 -27.33 -13.56 27.58
CA TYR E 420 -26.50 -14.75 27.66
C TYR E 420 -25.93 -15.09 26.28
N PRO E 421 -24.68 -15.55 26.22
CA PRO E 421 -24.14 -15.99 24.93
C PRO E 421 -24.79 -17.28 24.47
N ASP E 422 -24.85 -17.45 23.17
CA ASP E 422 -25.45 -18.62 22.54
C ASP E 422 -24.35 -19.49 21.94
N LEU E 423 -24.75 -20.50 21.17
CA LEU E 423 -23.79 -21.49 20.65
C LEU E 423 -24.27 -22.02 19.32
N ILE E 424 -23.37 -22.01 18.33
CA ILE E 424 -23.62 -22.62 17.03
C ILE E 424 -22.85 -23.94 16.99
N VAL E 425 -23.50 -24.98 16.47
CA VAL E 425 -22.90 -26.31 16.37
C VAL E 425 -23.16 -26.84 14.98
N GLY E 426 -22.11 -27.31 14.31
CA GLY E 426 -22.19 -27.75 12.93
C GLY E 426 -22.08 -29.27 12.83
N ALA E 427 -23.04 -29.86 12.13
CA ALA E 427 -23.00 -31.26 11.75
C ALA E 427 -22.83 -31.32 10.23
N PHE E 428 -21.57 -31.28 9.78
CA PHE E 428 -21.31 -31.25 8.35
C PHE E 428 -21.66 -32.56 7.67
N GLY E 429 -21.51 -33.68 8.39
CA GLY E 429 -21.87 -34.97 7.84
C GLY E 429 -23.30 -35.04 7.33
N VAL E 430 -24.16 -34.14 7.81
CA VAL E 430 -25.52 -34.04 7.34
C VAL E 430 -25.84 -32.66 6.77
N ASP E 431 -24.82 -31.80 6.65
CA ASP E 431 -24.96 -30.49 6.01
C ASP E 431 -25.96 -29.61 6.78
N ARG E 432 -25.63 -29.35 8.04
CA ARG E 432 -26.51 -28.56 8.89
C ARG E 432 -25.70 -27.82 9.95
N ALA E 433 -26.35 -26.83 10.55
CA ALA E 433 -25.77 -26.05 11.64
C ALA E 433 -26.90 -25.62 12.56
N ILE E 434 -26.67 -25.70 13.86
CA ILE E 434 -27.71 -25.52 14.86
C ILE E 434 -27.29 -24.42 15.82
N LEU E 435 -28.16 -23.44 16.02
CA LEU E 435 -27.94 -22.35 16.97
C LEU E 435 -28.75 -22.65 18.23
N TYR E 436 -28.07 -23.08 19.28
CA TYR E 436 -28.68 -23.24 20.58
C TYR E 436 -28.62 -21.91 21.34
N ARG E 437 -29.74 -21.54 21.96
CA ARG E 437 -29.88 -20.26 22.63
C ARG E 437 -29.90 -20.46 24.13
N ALA E 438 -29.15 -19.63 24.85
CA ALA E 438 -29.04 -19.74 26.30
C ALA E 438 -30.31 -19.21 26.96
N ARG E 439 -30.96 -20.05 27.77
CA ARG E 439 -32.13 -19.63 28.52
C ARG E 439 -31.68 -18.79 29.73
N PRO E 440 -32.48 -17.81 30.14
CA PRO E 440 -32.10 -17.02 31.32
C PRO E 440 -32.28 -17.83 32.60
N VAL E 441 -31.28 -17.73 33.48
CA VAL E 441 -31.24 -18.55 34.69
C VAL E 441 -31.86 -17.76 35.84
N ILE E 442 -32.74 -18.43 36.60
CA ILE E 442 -33.39 -17.84 37.76
C ILE E 442 -32.90 -18.55 39.01
N THR E 443 -32.76 -17.79 40.09
CA THR E 443 -32.37 -18.31 41.40
C THR E 443 -33.51 -18.07 42.38
N VAL E 444 -34.03 -19.15 42.96
CA VAL E 444 -35.20 -19.10 43.83
C VAL E 444 -34.79 -19.45 45.26
N ASN E 445 -35.30 -18.70 46.22
CA ASN E 445 -35.10 -18.98 47.64
C ASN E 445 -36.46 -19.25 48.26
N ALA E 446 -36.66 -20.49 48.72
CA ALA E 446 -37.91 -20.88 49.35
C ALA E 446 -37.71 -21.04 50.85
N GLY E 447 -38.78 -20.83 51.60
CA GLY E 447 -38.75 -20.99 53.04
C GLY E 447 -40.03 -21.60 53.57
N LEU E 448 -39.91 -22.53 54.51
CA LEU E 448 -41.06 -23.22 55.06
C LEU E 448 -40.91 -23.32 56.56
N GLU E 449 -41.92 -22.85 57.29
CA GLU E 449 -41.92 -22.89 58.75
C GLU E 449 -43.20 -23.55 59.24
N VAL E 450 -43.10 -24.19 60.40
CA VAL E 450 -44.22 -24.88 61.03
C VAL E 450 -44.19 -24.53 62.51
N TYR E 451 -45.14 -23.74 62.96
CA TYR E 451 -45.16 -23.28 64.35
C TYR E 451 -46.56 -23.35 64.92
N PRO E 452 -46.75 -24.05 66.06
CA PRO E 452 -45.75 -24.81 66.81
C PRO E 452 -45.36 -26.11 66.12
N SER E 453 -44.06 -26.41 66.05
CA SER E 453 -43.62 -27.65 65.42
C SER E 453 -43.87 -28.87 66.30
N ILE E 454 -44.03 -28.68 67.61
CA ILE E 454 -44.38 -29.76 68.53
C ILE E 454 -45.85 -29.58 68.89
N LEU E 455 -46.70 -30.46 68.38
CA LEU E 455 -48.14 -30.33 68.50
C LEU E 455 -48.65 -31.12 69.70
N ASN E 456 -49.58 -30.52 70.43
CA ASN E 456 -50.19 -31.15 71.60
C ASN E 456 -51.58 -31.64 71.21
N GLN E 457 -51.77 -32.96 71.30
CA GLN E 457 -53.01 -33.55 70.80
C GLN E 457 -54.23 -32.97 71.50
N ASP E 458 -54.14 -32.74 72.80
CA ASP E 458 -55.24 -32.17 73.58
C ASP E 458 -55.19 -30.66 73.66
N ASN E 459 -54.32 -30.01 72.89
CA ASN E 459 -54.24 -28.55 72.92
C ASN E 459 -55.56 -27.92 72.50
N LYS E 460 -56.07 -28.30 71.32
CA LYS E 460 -57.40 -27.91 70.86
C LYS E 460 -57.66 -26.41 71.08
N THR E 461 -56.92 -25.61 70.34
CA THR E 461 -57.06 -24.16 70.42
C THR E 461 -58.04 -23.62 69.38
N CYS E 462 -57.92 -24.06 68.15
CA CYS E 462 -58.68 -23.47 67.05
C CYS E 462 -60.11 -24.01 67.02
N SER E 463 -60.92 -23.38 66.17
CA SER E 463 -62.32 -23.75 65.99
C SER E 463 -62.49 -24.33 64.59
N LEU E 464 -63.10 -25.50 64.51
CA LEU E 464 -63.33 -26.14 63.22
C LEU E 464 -64.26 -25.27 62.39
N PRO E 465 -63.96 -25.03 61.10
CA PRO E 465 -64.87 -24.23 60.27
C PRO E 465 -66.24 -24.84 60.17
N GLY E 466 -67.27 -23.99 60.13
CA GLY E 466 -68.63 -24.41 59.96
C GLY E 466 -69.36 -24.79 61.23
N THR E 467 -68.70 -24.75 62.37
CA THR E 467 -69.34 -25.09 63.64
C THR E 467 -69.35 -23.87 64.56
N LYS E 470 -64.01 -28.56 68.20
CA LYS E 470 -62.71 -27.93 68.04
C LYS E 470 -61.61 -28.97 67.83
N VAL E 471 -60.41 -28.51 67.48
CA VAL E 471 -59.29 -29.39 67.14
C VAL E 471 -57.99 -28.68 67.45
N SER E 472 -56.94 -29.46 67.69
CA SER E 472 -55.61 -28.90 67.85
C SER E 472 -55.06 -28.47 66.49
N CYS E 473 -54.27 -27.40 66.49
CA CYS E 473 -53.90 -26.73 65.25
C CYS E 473 -52.47 -26.22 65.31
N PHE E 474 -52.02 -25.66 64.18
CA PHE E 474 -50.68 -25.11 64.03
C PHE E 474 -50.67 -24.29 62.74
N ASN E 475 -49.56 -23.59 62.51
CA ASN E 475 -49.42 -22.69 61.37
C ASN E 475 -48.34 -23.21 60.43
N VAL E 476 -48.69 -23.32 59.14
CA VAL E 476 -47.73 -23.61 58.09
C VAL E 476 -47.53 -22.33 57.29
N ARG E 477 -46.27 -21.91 57.15
CA ARG E 477 -45.93 -20.63 56.54
C ARG E 477 -44.86 -20.86 55.49
N PHE E 478 -45.17 -20.52 54.24
CA PHE E 478 -44.26 -20.71 53.12
C PHE E 478 -43.93 -19.38 52.49
N CYS E 479 -42.64 -19.13 52.27
CA CYS E 479 -42.16 -17.93 51.61
C CYS E 479 -41.48 -18.31 50.30
N LEU E 480 -41.49 -17.38 49.35
CA LEU E 480 -40.85 -17.60 48.06
C LEU E 480 -40.29 -16.28 47.56
N LYS E 481 -39.14 -16.35 46.91
CA LYS E 481 -38.49 -15.16 46.35
C LYS E 481 -37.51 -15.60 45.29
N ALA E 482 -37.66 -15.07 44.08
CA ALA E 482 -36.80 -15.42 42.96
C ALA E 482 -36.17 -14.17 42.37
N ASP E 483 -35.07 -14.37 41.64
CA ASP E 483 -34.42 -13.31 40.90
C ASP E 483 -33.30 -13.92 40.06
N GLY E 484 -33.00 -13.28 38.94
CA GLY E 484 -31.97 -13.77 38.05
C GLY E 484 -31.40 -12.66 37.21
N LYS E 485 -30.30 -12.95 36.53
CA LYS E 485 -29.60 -11.98 35.72
C LYS E 485 -30.11 -12.04 34.28
N GLY E 486 -29.47 -11.28 33.39
CA GLY E 486 -29.92 -11.17 32.02
C GLY E 486 -31.13 -10.26 31.92
N VAL E 487 -32.08 -10.60 31.06
CA VAL E 487 -33.33 -9.87 30.94
C VAL E 487 -34.47 -10.86 31.11
N LEU E 488 -35.43 -10.52 31.95
CA LEU E 488 -36.56 -11.39 32.27
C LEU E 488 -37.76 -10.51 32.56
N PRO E 489 -38.98 -11.06 32.48
CA PRO E 489 -40.16 -10.29 32.87
C PRO E 489 -40.01 -9.80 34.31
N ARG E 490 -40.92 -8.91 34.71
CA ARG E 490 -40.87 -8.40 36.08
C ARG E 490 -41.53 -9.38 37.05
N LYS E 491 -42.71 -9.88 36.71
CA LYS E 491 -43.46 -10.78 37.57
C LYS E 491 -43.17 -12.22 37.17
N LEU E 492 -43.03 -13.09 38.18
CA LEU E 492 -42.79 -14.51 37.98
C LEU E 492 -43.87 -15.30 38.71
N ASN E 493 -44.55 -16.18 37.98
CA ASN E 493 -45.68 -16.93 38.51
C ASN E 493 -45.25 -18.35 38.84
N PHE E 494 -45.34 -18.70 40.12
CA PHE E 494 -45.15 -20.07 40.58
C PHE E 494 -46.48 -20.67 41.00
N GLN E 495 -46.61 -21.99 40.83
CA GLN E 495 -47.71 -22.75 41.39
C GLN E 495 -47.15 -23.58 42.54
N VAL E 496 -47.55 -23.23 43.76
CA VAL E 496 -47.04 -23.88 44.97
C VAL E 496 -48.09 -24.87 45.45
N GLU E 497 -47.65 -26.08 45.77
CA GLU E 497 -48.53 -27.15 46.22
C GLU E 497 -47.98 -27.71 47.53
N LEU E 498 -48.80 -27.70 48.58
CA LEU E 498 -48.42 -28.24 49.88
C LEU E 498 -49.29 -29.45 50.20
N LEU E 499 -48.66 -30.46 50.82
CA LEU E 499 -49.39 -31.63 51.31
C LEU E 499 -48.89 -31.95 52.72
N LEU E 500 -49.83 -32.37 53.57
CA LEU E 500 -49.54 -32.69 54.96
C LEU E 500 -49.32 -34.19 55.11
N ASP E 501 -48.30 -34.56 55.90
CA ASP E 501 -48.02 -35.95 56.19
C ASP E 501 -47.80 -36.76 54.91
N LYS E 502 -46.62 -36.61 54.32
CA LYS E 502 -46.30 -37.35 53.10
C LYS E 502 -45.93 -38.81 53.37
N LEU E 503 -45.49 -39.13 54.59
CA LEU E 503 -45.02 -40.47 54.89
C LEU E 503 -46.05 -41.53 54.55
N LYS E 504 -47.10 -41.62 55.35
CA LYS E 504 -48.07 -42.71 55.24
C LYS E 504 -49.44 -42.17 54.85
N ALA E 508 -53.59 -45.93 52.89
CA ALA E 508 -52.78 -45.36 53.95
C ALA E 508 -53.53 -44.23 54.66
N ILE E 509 -53.20 -44.00 55.93
CA ILE E 509 -53.91 -43.04 56.76
C ILE E 509 -53.05 -41.80 56.93
N ARG E 510 -53.66 -40.64 56.71
CA ARG E 510 -53.02 -39.35 56.95
C ARG E 510 -53.81 -38.60 58.02
N ARG E 511 -53.09 -37.86 58.86
CA ARG E 511 -53.66 -37.28 60.07
C ARG E 511 -53.85 -35.78 60.01
N ALA E 512 -52.89 -35.03 59.46
CA ALA E 512 -52.93 -33.58 59.47
C ALA E 512 -53.64 -33.07 58.21
N LEU E 513 -54.69 -32.28 58.42
CA LEU E 513 -55.44 -31.65 57.34
C LEU E 513 -55.40 -30.14 57.50
N PHE E 514 -55.85 -29.44 56.48
CA PHE E 514 -55.89 -27.98 56.51
C PHE E 514 -57.24 -27.50 57.06
N LEU E 515 -57.20 -26.35 57.74
CA LEU E 515 -58.37 -25.83 58.42
C LEU E 515 -59.49 -25.48 57.45
N TYR E 516 -59.32 -24.37 56.72
CA TYR E 516 -60.39 -23.89 55.86
C TYR E 516 -60.75 -24.90 54.78
N SER E 517 -59.78 -25.68 54.31
CA SER E 517 -60.02 -26.64 53.25
C SER E 517 -60.54 -27.98 53.77
N ARG E 518 -60.22 -28.35 55.00
CA ARG E 518 -60.51 -29.67 55.54
C ARG E 518 -59.85 -30.77 54.72
N SER E 519 -58.87 -30.41 53.90
CA SER E 519 -58.21 -31.31 52.97
C SER E 519 -56.73 -31.42 53.29
N PRO E 520 -56.09 -32.56 52.99
CA PRO E 520 -54.64 -32.64 53.17
C PRO E 520 -53.87 -31.69 52.28
N SER E 521 -54.44 -31.27 51.15
CA SER E 521 -53.73 -30.53 50.13
C SER E 521 -54.05 -29.04 50.18
N HIS E 522 -53.17 -28.25 49.56
CA HIS E 522 -53.38 -26.81 49.40
C HIS E 522 -52.61 -26.36 48.16
N SER E 523 -53.32 -25.70 47.25
CA SER E 523 -52.73 -25.15 46.03
C SER E 523 -52.83 -23.64 46.04
N LYS E 524 -51.91 -22.99 45.34
CA LYS E 524 -51.93 -21.54 45.21
C LYS E 524 -50.98 -21.08 44.12
N ASN E 525 -51.46 -20.24 43.22
CA ASN E 525 -50.61 -19.62 42.21
C ASN E 525 -50.06 -18.33 42.81
N MET E 526 -48.77 -18.32 43.14
CA MET E 526 -48.13 -17.16 43.73
C MET E 526 -47.45 -16.34 42.65
N THR E 527 -47.67 -15.03 42.69
CA THR E 527 -47.08 -14.08 41.74
C THR E 527 -46.04 -13.25 42.49
N ILE E 528 -44.77 -13.64 42.35
CA ILE E 528 -43.68 -12.98 43.07
C ILE E 528 -42.98 -12.02 42.11
N SER E 529 -42.52 -10.89 42.67
CA SER E 529 -41.74 -9.93 41.91
C SER E 529 -40.27 -10.27 42.01
N ARG E 530 -39.56 -10.14 40.89
CA ARG E 530 -38.15 -10.46 40.84
C ARG E 530 -37.32 -9.33 41.45
N GLY E 531 -36.29 -9.70 42.20
CA GLY E 531 -35.43 -8.73 42.84
C GLY E 531 -36.14 -7.90 43.88
N GLY E 532 -37.36 -8.28 44.24
CA GLY E 532 -38.13 -7.59 45.24
C GLY E 532 -38.31 -8.44 46.49
N LEU E 533 -39.04 -7.85 47.44
CA LEU E 533 -39.25 -8.51 48.72
C LEU E 533 -39.92 -9.86 48.53
N MET E 534 -39.56 -10.81 49.40
CA MET E 534 -40.05 -12.17 49.27
C MET E 534 -41.49 -12.26 49.77
N GLN E 535 -42.35 -12.90 48.98
CA GLN E 535 -43.76 -13.00 49.30
C GLN E 535 -44.04 -14.26 50.11
N CYS E 536 -44.71 -14.07 51.25
CA CYS E 536 -45.00 -15.17 52.17
C CYS E 536 -46.50 -15.29 52.36
N GLU E 537 -46.93 -16.49 52.74
CA GLU E 537 -48.32 -16.73 53.10
C GLU E 537 -48.38 -17.84 54.13
N GLU E 538 -49.17 -17.63 55.16
CA GLU E 538 -49.32 -18.58 56.26
C GLU E 538 -50.77 -19.04 56.31
N LEU E 539 -50.97 -20.31 56.62
CA LEU E 539 -52.31 -20.87 56.75
C LEU E 539 -52.32 -21.86 57.90
N ILE E 540 -53.52 -22.08 58.44
CA ILE E 540 -53.72 -22.89 59.64
C ILE E 540 -54.10 -24.31 59.22
N ALA E 541 -53.53 -25.30 59.90
CA ALA E 541 -53.81 -26.70 59.65
C ALA E 541 -54.02 -27.41 60.98
N TYR E 542 -54.96 -28.36 61.01
CA TYR E 542 -55.35 -29.04 62.23
C TYR E 542 -55.03 -30.52 62.14
N LEU E 543 -55.09 -31.18 63.30
CA LEU E 543 -54.91 -32.62 63.40
C LEU E 543 -56.26 -33.27 63.70
N ARG E 544 -56.48 -34.45 63.13
CA ARG E 544 -57.72 -35.18 63.38
C ARG E 544 -57.69 -35.79 64.78
N ASP E 545 -58.90 -36.05 65.30
CA ASP E 545 -59.02 -36.62 66.63
C ASP E 545 -58.28 -37.96 66.70
N GLU E 546 -57.84 -38.31 67.91
CA GLU E 546 -57.12 -39.57 68.10
C GLU E 546 -57.98 -40.76 67.71
N SER E 547 -59.31 -40.64 67.84
CA SER E 547 -60.20 -41.76 67.58
C SER E 547 -60.18 -42.22 66.13
N GLU E 548 -59.58 -41.45 65.22
CA GLU E 548 -59.58 -41.78 63.81
C GLU E 548 -58.26 -42.35 63.31
N PHE E 549 -57.24 -42.41 64.14
CA PHE E 549 -55.97 -43.00 63.76
C PHE E 549 -55.24 -43.49 64.99
N ARG E 550 -54.66 -44.68 64.90
CA ARG E 550 -53.89 -45.25 66.00
C ARG E 550 -52.40 -44.95 65.89
N ASP E 551 -51.94 -44.52 64.72
CA ASP E 551 -50.51 -44.33 64.48
C ASP E 551 -50.13 -42.90 64.87
N LYS E 552 -49.30 -42.76 65.90
CA LYS E 552 -48.74 -41.49 66.29
C LYS E 552 -47.22 -41.46 66.24
N LEU E 553 -46.56 -42.62 66.08
CA LEU E 553 -45.12 -42.69 66.09
C LEU E 553 -44.50 -42.32 64.75
N THR E 554 -45.31 -42.13 63.70
CA THR E 554 -44.79 -41.68 62.42
C THR E 554 -44.83 -40.17 62.36
N PRO E 555 -43.70 -39.48 62.22
CA PRO E 555 -43.72 -38.01 62.16
C PRO E 555 -44.63 -37.50 61.05
N ILE E 556 -44.95 -36.23 61.13
CA ILE E 556 -45.78 -35.55 60.14
C ILE E 556 -44.88 -34.64 59.33
N THR E 557 -44.77 -34.93 58.04
CA THR E 557 -44.00 -34.10 57.12
C THR E 557 -44.93 -33.13 56.41
N ILE E 558 -44.53 -31.86 56.38
CA ILE E 558 -45.23 -30.83 55.62
C ILE E 558 -44.39 -30.56 54.39
N PHE E 559 -44.86 -31.03 53.24
CA PHE E 559 -44.08 -31.04 52.01
C PHE E 559 -44.59 -29.96 51.07
N MET E 560 -43.69 -29.11 50.60
CA MET E 560 -44.01 -28.04 49.68
C MET E 560 -43.19 -28.21 48.40
N GLU E 561 -43.87 -28.12 47.26
CA GLU E 561 -43.22 -28.16 45.96
C GLU E 561 -43.74 -26.99 45.13
N TYR E 562 -42.83 -26.34 44.41
CA TYR E 562 -43.15 -25.18 43.59
C TYR E 562 -42.71 -25.42 42.16
N ARG E 563 -43.58 -25.03 41.22
CA ARG E 563 -43.27 -25.10 39.79
C ARG E 563 -43.61 -23.76 39.17
N LEU E 564 -42.64 -23.14 38.51
CA LEU E 564 -42.87 -21.88 37.82
C LEU E 564 -43.57 -22.11 36.49
N ASP E 565 -44.41 -21.16 36.12
CA ASP E 565 -45.16 -21.23 34.87
C ASP E 565 -44.28 -20.73 33.74
N TYR E 566 -43.75 -21.67 32.96
CA TYR E 566 -42.93 -21.29 31.81
C TYR E 566 -43.74 -20.53 30.77
N ARG E 567 -45.03 -20.83 30.65
CA ARG E 567 -45.83 -20.26 29.58
C ARG E 567 -45.91 -18.73 29.69
N THR E 568 -46.06 -18.21 30.90
CA THR E 568 -46.22 -16.78 31.10
C THR E 568 -44.90 -16.02 31.17
N ALA E 569 -43.81 -16.68 31.54
CA ALA E 569 -42.52 -16.02 31.71
C ALA E 569 -41.68 -15.98 30.45
N ALA E 570 -42.18 -16.51 29.33
CA ALA E 570 -41.42 -16.51 28.09
C ALA E 570 -41.24 -15.09 27.57
N ASP E 571 -40.18 -14.88 26.80
CA ASP E 571 -39.91 -13.59 26.19
C ASP E 571 -40.70 -13.47 24.89
N THR E 572 -40.42 -12.44 24.11
CA THR E 572 -41.11 -12.24 22.84
C THR E 572 -40.93 -13.44 21.92
N THR E 573 -39.70 -13.96 21.83
CA THR E 573 -39.41 -15.07 20.94
C THR E 573 -39.92 -16.40 21.48
N GLY E 574 -40.36 -16.46 22.73
CA GLY E 574 -40.76 -17.70 23.36
C GLY E 574 -39.68 -18.36 24.19
N LEU E 575 -38.52 -17.72 24.35
CA LEU E 575 -37.42 -18.27 25.14
C LEU E 575 -37.84 -18.27 26.61
N GLN E 576 -38.25 -19.44 27.09
CA GLN E 576 -38.69 -19.55 28.48
C GLN E 576 -37.49 -19.53 29.41
N PRO E 577 -37.66 -19.10 30.66
CA PRO E 577 -36.56 -19.12 31.62
C PRO E 577 -36.29 -20.54 32.13
N ILE E 578 -35.25 -20.65 32.95
CA ILE E 578 -34.84 -21.91 33.56
C ILE E 578 -34.40 -21.62 34.99
N LEU E 579 -34.72 -22.53 35.90
CA LEU E 579 -34.23 -22.42 37.27
C LEU E 579 -32.84 -23.04 37.38
N ASN E 580 -32.05 -22.49 38.31
CA ASN E 580 -30.69 -22.96 38.51
C ASN E 580 -30.68 -24.47 38.74
N GLN E 581 -29.71 -25.14 38.12
CA GLN E 581 -29.69 -26.59 38.10
C GLN E 581 -29.72 -27.18 39.50
N PHE E 582 -29.05 -26.53 40.46
CA PHE E 582 -28.86 -27.13 41.78
C PHE E 582 -30.05 -26.91 42.71
N THR E 583 -30.87 -25.91 42.46
CA THR E 583 -31.95 -25.55 43.36
C THR E 583 -32.93 -26.71 43.51
N PRO E 584 -33.19 -27.20 44.74
CA PRO E 584 -34.18 -28.27 44.90
C PRO E 584 -35.59 -27.76 44.63
N ALA E 585 -36.37 -28.57 43.91
CA ALA E 585 -37.72 -28.20 43.50
C ALA E 585 -38.76 -28.44 44.58
N ASN E 586 -38.34 -28.65 45.82
CA ASN E 586 -39.28 -28.91 46.91
C ASN E 586 -38.53 -29.07 48.23
N ILE E 587 -39.16 -28.69 49.35
CA ILE E 587 -38.57 -28.79 50.67
C ILE E 587 -39.63 -29.32 51.63
N SER E 588 -39.18 -29.63 52.85
CA SER E 588 -40.05 -30.22 53.85
C SER E 588 -39.65 -29.76 55.24
N ARG E 589 -40.65 -29.63 56.10
CA ARG E 589 -40.48 -29.49 57.54
C ARG E 589 -41.23 -30.64 58.21
N GLN E 590 -41.25 -30.65 59.54
CA GLN E 590 -41.81 -31.77 60.27
C GLN E 590 -42.52 -31.29 61.52
N ALA E 591 -43.27 -32.20 62.13
CA ALA E 591 -43.95 -31.95 63.40
C ALA E 591 -44.21 -33.29 64.05
N HIS E 592 -44.49 -33.26 65.37
CA HIS E 592 -44.66 -34.47 66.15
C HIS E 592 -45.73 -34.25 67.21
N ILE E 593 -46.10 -35.34 67.87
CA ILE E 593 -47.10 -35.32 68.92
C ILE E 593 -46.40 -35.40 70.28
N LEU E 594 -47.16 -35.15 71.35
CA LEU E 594 -46.60 -35.15 72.69
C LEU E 594 -46.57 -36.52 73.34
N LEU E 595 -47.47 -37.41 72.95
CA LEU E 595 -47.54 -38.77 73.51
C LEU E 595 -47.89 -38.70 74.96
N THR E 596 -47.08 -39.26 75.87
CA THR E 596 -47.44 -39.32 77.27
C THR E 596 -47.37 -37.93 77.91
N GLY E 597 -46.37 -37.14 77.54
CA GLY E 597 -46.24 -35.79 78.06
C GLY E 597 -46.23 -35.74 79.58
N GLY E 598 -45.43 -36.60 80.19
CA GLY E 598 -45.34 -36.66 81.65
C GLY E 598 -45.16 -38.07 82.16
N ASN F 73 -15.08 -76.29 25.36
CA ASN F 73 -14.07 -77.29 25.04
C ASN F 73 -12.91 -76.64 24.29
N THR F 74 -12.20 -75.75 24.98
CA THR F 74 -11.17 -74.93 24.36
C THR F 74 -9.94 -74.88 25.25
N GLN F 75 -8.79 -74.61 24.63
CA GLN F 75 -7.52 -74.61 25.35
C GLN F 75 -7.59 -73.80 26.64
N VAL F 76 -8.44 -72.77 26.68
CA VAL F 76 -8.73 -72.07 27.92
C VAL F 76 -9.89 -72.79 28.59
N THR F 77 -9.64 -73.35 29.76
CA THR F 77 -10.60 -74.23 30.41
C THR F 77 -10.98 -73.67 31.77
N PRO F 78 -12.28 -73.63 32.12
CA PRO F 78 -13.42 -74.05 31.29
C PRO F 78 -13.79 -73.04 30.21
N GLY F 79 -14.18 -73.54 29.03
CA GLY F 79 -14.63 -72.67 27.96
C GLY F 79 -16.01 -72.10 28.15
N GLU F 80 -16.76 -72.58 29.13
CA GLU F 80 -18.10 -72.08 29.41
C GLU F 80 -18.32 -72.12 30.92
N VAL F 81 -18.89 -71.04 31.44
CA VAL F 81 -19.10 -70.90 32.89
C VAL F 81 -20.45 -70.23 33.12
N SER F 82 -21.13 -70.64 34.19
CA SER F 82 -22.43 -70.09 34.56
C SER F 82 -22.38 -69.75 36.04
N ILE F 83 -22.20 -68.48 36.36
CA ILE F 83 -22.15 -67.99 37.74
C ILE F 83 -23.23 -66.94 37.92
N GLN F 84 -24.01 -67.06 38.99
CA GLN F 84 -25.02 -66.09 39.36
C GLN F 84 -24.65 -65.51 40.72
N LEU F 85 -24.53 -64.19 40.78
CA LEU F 85 -23.97 -63.51 41.94
C LEU F 85 -25.06 -62.77 42.70
N ARG F 86 -24.91 -62.72 44.02
CA ARG F 86 -25.83 -62.01 44.90
C ARG F 86 -25.34 -60.58 45.11
N PRO F 87 -26.22 -59.57 45.02
CA PRO F 87 -25.75 -58.19 45.13
C PRO F 87 -24.85 -57.96 46.34
N GLY F 88 -23.58 -57.65 46.08
CA GLY F 88 -22.60 -57.44 47.13
C GLY F 88 -21.67 -58.61 47.37
N ALA F 89 -22.02 -59.79 46.88
CA ALA F 89 -21.18 -60.96 47.05
C ALA F 89 -20.08 -61.00 45.98
N GLU F 90 -19.14 -61.92 46.16
CA GLU F 90 -18.03 -62.07 45.23
C GLU F 90 -17.76 -63.56 45.00
N ALA F 91 -17.30 -63.88 43.80
CA ALA F 91 -16.96 -65.25 43.43
C ALA F 91 -15.63 -65.25 42.72
N ASN F 92 -14.76 -66.19 43.09
CA ASN F 92 -13.41 -66.29 42.54
C ASN F 92 -13.22 -67.68 41.94
N PHE F 93 -12.75 -67.73 40.70
CA PHE F 93 -12.40 -68.99 40.05
C PHE F 93 -11.17 -68.79 39.20
N MET F 94 -10.55 -69.90 38.81
CA MET F 94 -9.36 -69.90 37.98
C MET F 94 -9.68 -70.45 36.60
N LEU F 95 -9.14 -69.80 35.57
CA LEU F 95 -9.24 -70.26 34.21
C LEU F 95 -7.84 -70.63 33.71
N LYS F 96 -7.74 -71.75 33.00
CA LYS F 96 -6.47 -72.35 32.64
C LYS F 96 -6.25 -72.21 31.13
N VAL F 97 -5.34 -71.34 30.74
CA VAL F 97 -4.87 -71.24 29.36
C VAL F 97 -3.58 -72.03 29.23
N HIS F 98 -3.32 -72.55 28.04
CA HIS F 98 -2.14 -73.38 27.81
C HIS F 98 -1.91 -73.55 26.31
N PRO F 99 -0.84 -72.97 25.76
CA PRO F 99 -0.63 -73.06 24.31
C PRO F 99 -0.10 -74.42 23.87
N LEU F 100 -0.51 -74.82 22.68
CA LEU F 100 0.00 -76.03 22.07
C LEU F 100 1.33 -75.75 21.39
N LYS F 101 2.07 -76.81 21.08
CA LYS F 101 3.37 -76.67 20.46
C LYS F 101 3.21 -76.44 18.96
N LYS F 102 3.07 -77.52 18.19
CA LYS F 102 2.91 -77.40 16.75
C LYS F 102 1.61 -76.66 16.44
N TYR F 103 1.72 -75.41 15.99
CA TYR F 103 0.56 -74.62 15.62
C TYR F 103 0.53 -74.43 14.11
N PRO F 104 -0.59 -74.70 13.44
CA PRO F 104 -0.75 -74.19 12.08
C PRO F 104 -0.52 -72.69 12.08
N VAL F 105 0.22 -72.20 11.09
CA VAL F 105 0.64 -70.80 11.05
C VAL F 105 0.24 -70.17 9.73
N ASP F 106 -0.22 -68.93 9.80
CA ASP F 106 -0.57 -68.14 8.62
C ASP F 106 0.18 -66.81 8.70
N LEU F 107 1.18 -66.67 7.84
CA LEU F 107 2.04 -65.49 7.82
C LEU F 107 1.72 -64.66 6.60
N TYR F 108 1.48 -63.36 6.80
CA TYR F 108 1.12 -62.44 5.72
C TYR F 108 2.14 -61.30 5.69
N TYR F 109 2.91 -61.23 4.61
CA TYR F 109 3.88 -60.16 4.41
C TYR F 109 3.15 -58.96 3.82
N LEU F 110 3.07 -57.87 4.59
CA LEU F 110 2.50 -56.61 4.13
C LEU F 110 3.63 -55.59 4.05
N VAL F 111 4.03 -55.24 2.83
CA VAL F 111 5.29 -54.53 2.58
C VAL F 111 5.00 -53.12 2.09
N ASP F 112 5.69 -52.15 2.68
CA ASP F 112 5.76 -50.80 2.13
C ASP F 112 6.58 -50.84 0.84
N VAL F 113 5.95 -50.52 -0.29
CA VAL F 113 6.62 -50.61 -1.58
C VAL F 113 6.92 -49.20 -2.10
N SER F 114 7.32 -48.31 -1.21
CA SER F 114 7.77 -46.98 -1.62
C SER F 114 9.24 -47.08 -2.08
N ALA F 115 9.77 -45.95 -2.55
CA ALA F 115 11.11 -45.96 -3.14
C ALA F 115 12.15 -46.51 -2.17
N SER F 116 12.16 -45.98 -0.94
CA SER F 116 13.22 -46.25 0.01
C SER F 116 13.38 -47.73 0.36
N MET F 117 12.51 -48.59 -0.16
CA MET F 117 12.51 -50.01 0.18
C MET F 117 13.07 -50.89 -0.93
N HIS F 118 13.72 -50.30 -1.95
CA HIS F 118 14.17 -51.10 -3.09
C HIS F 118 15.16 -52.18 -2.66
N ASN F 119 16.20 -51.79 -1.93
CA ASN F 119 17.17 -52.78 -1.47
C ASN F 119 16.49 -53.89 -0.67
N ASN F 120 15.49 -53.53 0.14
CA ASN F 120 14.81 -54.51 0.96
C ASN F 120 13.95 -55.45 0.13
N ILE F 121 13.36 -54.96 -0.97
CA ILE F 121 12.52 -55.79 -1.80
C ILE F 121 13.36 -56.78 -2.59
N GLU F 122 14.45 -56.30 -3.21
CA GLU F 122 15.32 -57.21 -3.96
C GLU F 122 15.86 -58.32 -3.07
N LYS F 123 16.09 -58.03 -1.78
CA LYS F 123 16.62 -59.04 -0.87
C LYS F 123 15.63 -60.16 -0.66
N LEU F 124 14.34 -59.83 -0.52
CA LEU F 124 13.32 -60.78 -0.14
C LEU F 124 12.86 -61.67 -1.29
N ASN F 125 13.47 -61.57 -2.48
CA ASN F 125 12.97 -62.31 -3.62
C ASN F 125 13.02 -63.81 -3.40
N SER F 126 14.00 -64.30 -2.62
CA SER F 126 14.17 -65.73 -2.40
C SER F 126 14.36 -66.08 -0.93
N VAL F 127 13.79 -65.27 -0.03
CA VAL F 127 13.85 -65.58 1.39
C VAL F 127 12.70 -66.47 1.84
N GLY F 128 11.59 -66.49 1.11
CA GLY F 128 10.47 -67.33 1.50
C GLY F 128 10.86 -68.77 1.70
N ASN F 129 11.69 -69.31 0.78
CA ASN F 129 12.07 -70.71 0.85
C ASN F 129 12.73 -71.04 2.18
N ASP F 130 13.79 -70.30 2.54
CA ASP F 130 14.48 -70.56 3.79
C ASP F 130 13.55 -70.39 4.99
N LEU F 131 12.71 -69.35 4.96
CA LEU F 131 11.79 -69.13 6.07
C LEU F 131 10.88 -70.34 6.27
N SER F 132 10.15 -70.73 5.22
CA SER F 132 9.28 -71.90 5.32
C SER F 132 10.07 -73.15 5.68
N ARG F 133 11.34 -73.21 5.28
CA ARG F 133 12.18 -74.35 5.66
C ARG F 133 12.33 -74.43 7.17
N LYS F 134 12.56 -73.29 7.82
CA LYS F 134 12.67 -73.28 9.28
C LYS F 134 11.30 -73.44 9.95
N MET F 135 10.25 -72.93 9.31
CA MET F 135 8.92 -72.95 9.94
C MET F 135 8.28 -74.33 9.86
N ALA F 136 8.51 -75.06 8.76
CA ALA F 136 8.00 -76.43 8.69
C ALA F 136 8.53 -77.27 9.84
N PHE F 137 9.78 -77.02 10.26
CA PHE F 137 10.31 -77.66 11.45
C PHE F 137 9.63 -77.13 12.71
N PHE F 138 9.34 -75.83 12.75
CA PHE F 138 8.71 -75.23 13.92
C PHE F 138 7.22 -75.52 13.97
N SER F 139 6.55 -75.61 12.83
CA SER F 139 5.12 -75.82 12.78
C SER F 139 4.76 -76.75 11.63
N ARG F 140 3.84 -77.68 11.88
CA ARG F 140 3.45 -78.64 10.85
C ARG F 140 2.85 -77.92 9.65
N ASP F 141 1.74 -77.21 9.86
CA ASP F 141 1.09 -76.49 8.78
C ASP F 141 1.65 -75.08 8.69
N PHE F 142 1.80 -74.59 7.46
CA PHE F 142 2.34 -73.26 7.23
C PHE F 142 1.84 -72.74 5.89
N ARG F 143 1.35 -71.51 5.88
CA ARG F 143 0.90 -70.87 4.65
C ARG F 143 1.32 -69.41 4.66
N LEU F 144 1.39 -68.83 3.46
CA LEU F 144 2.06 -67.55 3.27
C LEU F 144 1.29 -66.69 2.28
N GLY F 145 1.12 -65.41 2.62
CA GLY F 145 0.44 -64.47 1.76
C GLY F 145 1.23 -63.17 1.68
N PHE F 146 0.84 -62.33 0.72
CA PHE F 146 1.61 -61.13 0.43
C PHE F 146 0.69 -60.00 0.00
N GLY F 147 1.09 -58.78 0.36
CA GLY F 147 0.37 -57.57 -0.03
C GLY F 147 1.31 -56.40 0.00
N SER F 148 0.95 -55.36 -0.76
CA SER F 148 1.78 -54.17 -0.89
C SER F 148 0.96 -52.93 -0.56
N TYR F 149 1.62 -51.95 0.04
CA TYR F 149 0.98 -50.70 0.39
C TYR F 149 1.97 -49.55 0.23
N VAL F 150 1.43 -48.36 -0.01
CA VAL F 150 2.25 -47.14 -0.10
C VAL F 150 1.61 -46.06 0.77
N ASP F 151 0.59 -45.40 0.25
CA ASP F 151 -0.09 -44.32 0.98
C ASP F 151 -1.40 -44.04 0.27
N LYS F 152 -2.18 -43.11 0.84
CA LYS F 152 -3.42 -42.70 0.22
C LYS F 152 -3.13 -41.88 -1.04
N THR F 153 -3.86 -42.19 -2.12
CA THR F 153 -3.58 -41.59 -3.42
C THR F 153 -4.34 -40.28 -3.57
N VAL F 154 -3.89 -39.29 -2.81
CA VAL F 154 -4.50 -37.96 -2.84
C VAL F 154 -3.51 -36.96 -2.29
N SER F 155 -3.53 -35.75 -2.84
CA SER F 155 -2.67 -34.68 -2.34
C SER F 155 -3.01 -34.39 -0.88
N PRO F 156 -2.02 -33.98 -0.07
CA PRO F 156 -0.62 -33.72 -0.41
C PRO F 156 0.27 -34.95 -0.29
N TYR F 157 -0.36 -36.13 -0.15
CA TYR F 157 0.41 -37.35 0.04
C TYR F 157 1.18 -37.73 -1.23
N ILE F 158 0.58 -37.49 -2.39
CA ILE F 158 1.22 -37.79 -3.67
C ILE F 158 1.13 -36.58 -4.57
N SER F 159 2.12 -36.45 -5.46
CA SER F 159 2.06 -35.43 -6.49
C SER F 159 1.06 -35.88 -7.55
N ILE F 160 0.01 -35.09 -7.74
CA ILE F 160 -1.02 -35.40 -8.72
C ILE F 160 -0.82 -34.63 -10.02
N HIS F 161 0.40 -34.15 -10.26
CA HIS F 161 0.74 -33.56 -11.54
C HIS F 161 0.56 -34.61 -12.64
N PRO F 162 0.03 -34.25 -13.82
CA PRO F 162 -0.11 -35.22 -14.91
C PRO F 162 1.07 -36.17 -15.05
N GLU F 163 2.28 -35.64 -15.19
CA GLU F 163 3.47 -36.47 -15.32
C GLU F 163 3.67 -37.32 -14.06
N CYS F 169 8.14 -42.05 -12.09
CA CYS F 169 8.88 -41.11 -11.27
C CYS F 169 9.89 -40.33 -12.10
N ASN F 173 15.65 -39.31 -12.57
CA ASN F 173 14.42 -40.08 -12.64
C ASN F 173 14.72 -41.57 -12.76
N LEU F 174 13.77 -42.40 -12.33
CA LEU F 174 13.93 -43.85 -12.40
C LEU F 174 12.55 -44.49 -12.43
N ASP F 175 12.54 -45.78 -12.75
CA ASP F 175 11.29 -46.49 -12.97
C ASP F 175 10.55 -46.71 -11.65
N CYS F 176 9.22 -46.56 -11.70
CA CYS F 176 8.34 -46.78 -10.56
C CYS F 176 6.91 -46.89 -11.08
N MET F 177 6.11 -47.71 -10.41
CA MET F 177 4.69 -47.79 -10.70
C MET F 177 3.93 -46.72 -9.93
N PRO F 178 2.69 -46.42 -10.32
CA PRO F 178 1.92 -45.39 -9.61
C PRO F 178 1.64 -45.80 -8.17
N PRO F 179 1.39 -44.82 -7.28
CA PRO F 179 1.10 -45.16 -5.88
C PRO F 179 -0.18 -45.97 -5.73
N HIS F 180 -0.54 -46.29 -4.49
CA HIS F 180 -1.77 -47.03 -4.21
C HIS F 180 -2.00 -47.15 -2.72
N GLY F 181 -3.26 -47.14 -2.29
CA GLY F 181 -3.56 -47.24 -0.87
C GLY F 181 -3.22 -48.60 -0.29
N TYR F 182 -3.57 -49.68 -1.01
CA TYR F 182 -3.28 -51.03 -0.56
C TYR F 182 -3.78 -52.04 -1.58
N ILE F 183 -3.02 -53.11 -1.79
CA ILE F 183 -3.37 -54.17 -2.75
C ILE F 183 -3.04 -55.51 -2.12
N HIS F 184 -4.06 -56.36 -1.97
CA HIS F 184 -3.86 -57.75 -1.57
C HIS F 184 -3.50 -58.56 -2.82
N VAL F 185 -2.24 -58.97 -2.94
CA VAL F 185 -1.78 -59.58 -4.18
C VAL F 185 -1.89 -61.10 -4.15
N LEU F 186 -1.54 -61.74 -3.03
CA LEU F 186 -1.49 -63.20 -2.97
C LEU F 186 -2.05 -63.67 -1.62
N SER F 187 -3.05 -64.54 -1.69
CA SER F 187 -3.66 -65.11 -0.50
C SER F 187 -2.78 -66.23 0.06
N LEU F 188 -3.09 -66.63 1.30
CA LEU F 188 -2.30 -67.65 1.98
C LEU F 188 -2.35 -68.97 1.22
N THR F 189 -1.19 -69.59 1.06
CA THR F 189 -1.07 -70.86 0.34
C THR F 189 0.12 -71.63 0.88
N GLU F 190 0.12 -72.94 0.63
CA GLU F 190 1.20 -73.79 1.13
C GLU F 190 2.43 -73.73 0.22
N ASN F 191 2.26 -73.91 -1.09
CA ASN F 191 3.39 -73.77 -1.98
C ASN F 191 3.99 -72.38 -1.84
N ILE F 192 5.32 -72.30 -1.86
CA ILE F 192 6.00 -71.05 -1.56
C ILE F 192 6.67 -70.43 -2.78
N THR F 193 7.07 -71.24 -3.77
CA THR F 193 7.62 -70.69 -4.99
C THR F 193 6.69 -69.65 -5.60
N GLU F 194 5.39 -69.79 -5.40
CA GLU F 194 4.44 -68.78 -5.88
C GLU F 194 4.71 -67.45 -5.22
N PHE F 195 4.99 -67.45 -3.92
CA PHE F 195 5.31 -66.22 -3.21
C PHE F 195 6.55 -65.56 -3.80
N GLU F 196 7.58 -66.35 -4.11
CA GLU F 196 8.78 -65.79 -4.72
C GLU F 196 8.46 -65.16 -6.07
N LYS F 197 7.67 -65.86 -6.89
CA LYS F 197 7.23 -65.31 -8.16
C LYS F 197 6.42 -64.03 -7.95
N ALA F 198 5.74 -63.89 -6.83
CA ALA F 198 4.93 -62.71 -6.56
C ALA F 198 5.78 -61.54 -6.10
N VAL F 199 6.85 -61.80 -5.34
CA VAL F 199 7.65 -60.71 -4.81
C VAL F 199 8.56 -60.10 -5.87
N HIS F 200 9.08 -60.92 -6.80
CA HIS F 200 9.86 -60.35 -7.88
C HIS F 200 8.96 -59.64 -8.90
N ARG F 201 7.73 -60.11 -9.07
CA ARG F 201 6.75 -59.40 -9.89
C ARG F 201 6.42 -58.04 -9.30
N GLN F 202 6.71 -57.82 -8.02
CA GLN F 202 6.40 -56.56 -7.38
C GLN F 202 7.31 -55.45 -7.89
N LYS F 203 6.75 -54.26 -8.05
CA LYS F 203 7.50 -53.06 -8.40
C LYS F 203 7.28 -52.01 -7.32
N ILE F 204 7.95 -50.87 -7.48
CA ILE F 204 8.03 -49.86 -6.44
C ILE F 204 7.33 -48.59 -6.90
N SER F 205 6.67 -47.92 -5.96
CA SER F 205 6.00 -46.65 -6.20
C SER F 205 6.71 -45.54 -5.43
N GLY F 206 6.07 -44.38 -5.38
CA GLY F 206 6.64 -43.25 -4.67
C GLY F 206 5.62 -42.19 -4.33
N ASN F 207 5.74 -41.61 -3.14
CA ASN F 207 4.86 -40.54 -2.71
C ASN F 207 5.73 -39.34 -2.31
N ILE F 208 5.15 -38.39 -1.60
CA ILE F 208 5.87 -37.18 -1.22
C ILE F 208 6.26 -37.24 0.25
N ASP F 209 5.26 -37.33 1.13
CA ASP F 209 5.53 -37.23 2.56
C ASP F 209 6.18 -38.51 3.08
N THR F 210 7.17 -38.33 3.96
CA THR F 210 7.97 -39.45 4.43
C THR F 210 7.16 -40.55 5.10
N PRO F 211 6.17 -40.25 5.95
CA PRO F 211 5.39 -41.34 6.55
C PRO F 211 4.45 -41.96 5.54
N GLU F 212 4.10 -43.22 5.80
CA GLU F 212 3.31 -44.02 4.87
C GLU F 212 2.04 -44.50 5.56
N GLY F 213 1.06 -44.88 4.75
CA GLY F 213 -0.22 -45.30 5.28
C GLY F 213 -0.32 -46.79 5.53
N GLY F 214 0.37 -47.28 6.57
CA GLY F 214 0.40 -48.71 6.84
C GLY F 214 -0.82 -49.22 7.57
N PHE F 215 -1.39 -48.41 8.45
CA PHE F 215 -2.48 -48.90 9.30
C PHE F 215 -3.73 -49.26 8.50
N ASP F 216 -4.01 -48.55 7.40
CA ASP F 216 -5.14 -48.92 6.56
C ASP F 216 -4.94 -50.31 5.98
N ALA F 217 -3.76 -50.56 5.40
CA ALA F 217 -3.47 -51.88 4.85
C ALA F 217 -3.56 -52.95 5.93
N MET F 218 -3.03 -52.67 7.13
CA MET F 218 -3.12 -53.62 8.22
C MET F 218 -4.57 -53.96 8.54
N LEU F 219 -5.42 -52.94 8.70
CA LEU F 219 -6.81 -53.19 9.05
C LEU F 219 -7.50 -54.01 7.96
N GLN F 220 -7.29 -53.66 6.70
CA GLN F 220 -7.91 -54.42 5.61
C GLN F 220 -7.43 -55.86 5.61
N ALA F 221 -6.10 -56.06 5.71
CA ALA F 221 -5.58 -57.42 5.81
C ALA F 221 -6.13 -58.16 7.03
N ALA F 222 -6.65 -57.43 8.01
CA ALA F 222 -7.14 -58.05 9.23
C ALA F 222 -8.60 -58.47 9.12
N VAL F 223 -9.47 -57.56 8.66
CA VAL F 223 -10.89 -57.86 8.65
C VAL F 223 -11.28 -58.70 7.43
N CYS F 224 -10.64 -58.45 6.29
CA CYS F 224 -10.94 -59.20 5.07
C CYS F 224 -10.50 -60.65 5.23
N GLU F 225 -11.16 -61.39 6.12
CA GLU F 225 -10.71 -62.74 6.45
C GLU F 225 -10.80 -63.66 5.25
N SER F 226 -11.92 -63.61 4.53
CA SER F 226 -12.13 -64.54 3.42
C SER F 226 -11.20 -64.24 2.26
N HIS F 227 -10.97 -62.96 1.97
CA HIS F 227 -10.10 -62.59 0.85
C HIS F 227 -8.67 -63.04 1.11
N ILE F 228 -8.11 -62.68 2.27
CA ILE F 228 -6.76 -63.11 2.61
C ILE F 228 -6.73 -64.62 2.87
N GLY F 229 -7.77 -65.14 3.54
CA GLY F 229 -7.89 -66.57 3.73
C GLY F 229 -7.25 -67.09 5.00
N TRP F 230 -7.40 -66.35 6.10
CA TRP F 230 -6.84 -66.77 7.38
C TRP F 230 -7.51 -68.04 7.87
N ARG F 231 -6.73 -68.93 8.51
CA ARG F 231 -7.26 -70.16 9.08
C ARG F 231 -7.59 -69.95 10.57
N LYS F 232 -8.75 -70.44 10.98
CA LYS F 232 -9.23 -70.21 12.33
C LYS F 232 -8.51 -71.05 13.38
N GLU F 233 -7.74 -72.06 12.97
CA GLU F 233 -7.03 -72.94 13.89
C GLU F 233 -5.53 -72.69 13.88
N ALA F 234 -5.13 -71.43 13.64
CA ALA F 234 -3.74 -71.11 13.36
C ALA F 234 -3.36 -69.78 13.98
N LYS F 235 -2.10 -69.68 14.42
CA LYS F 235 -1.53 -68.39 14.76
C LYS F 235 -1.47 -67.53 13.50
N ARG F 236 -2.14 -66.38 13.54
CA ARG F 236 -2.29 -65.52 12.37
C ARG F 236 -1.36 -64.34 12.52
N LEU F 237 -0.22 -64.39 11.84
CA LEU F 237 0.81 -63.37 11.95
C LEU F 237 0.71 -62.40 10.79
N LEU F 238 0.76 -61.10 11.09
CA LEU F 238 0.77 -60.04 10.08
C LEU F 238 2.10 -59.31 10.23
N LEU F 239 3.03 -59.55 9.30
CA LEU F 239 4.35 -58.95 9.35
C LEU F 239 4.36 -57.73 8.42
N VAL F 240 4.41 -56.55 9.02
CA VAL F 240 4.45 -55.30 8.27
C VAL F 240 5.91 -54.86 8.14
N MET F 241 6.38 -54.76 6.90
CA MET F 241 7.77 -54.41 6.62
C MET F 241 7.81 -52.99 6.06
N THR F 242 8.45 -52.09 6.80
CA THR F 242 8.53 -50.69 6.39
C THR F 242 9.74 -50.07 7.07
N ASP F 243 10.14 -48.90 6.58
CA ASP F 243 11.33 -48.22 7.08
C ASP F 243 11.04 -46.85 7.67
N GLN F 244 9.78 -46.45 7.78
CA GLN F 244 9.42 -45.15 8.30
C GLN F 244 8.12 -45.25 9.08
N THR F 245 7.81 -44.21 9.84
CA THR F 245 6.59 -44.19 10.63
C THR F 245 5.38 -44.32 9.71
N SER F 246 4.22 -44.54 10.33
CA SER F 246 2.97 -44.69 9.59
C SER F 246 2.04 -43.53 9.89
N HIS F 247 1.07 -43.32 9.00
CA HIS F 247 0.15 -42.21 9.12
C HIS F 247 -0.98 -42.52 10.08
N LEU F 248 -1.38 -41.50 10.84
CA LEU F 248 -2.45 -41.63 11.83
C LEU F 248 -3.78 -41.20 11.24
N ALA F 249 -4.85 -41.45 11.99
CA ALA F 249 -6.20 -41.13 11.51
C ALA F 249 -6.31 -39.66 11.14
N LEU F 250 -6.13 -38.77 12.11
CA LEU F 250 -6.34 -37.35 11.89
C LEU F 250 -5.35 -36.74 10.90
N ASP F 251 -4.26 -37.44 10.56
CA ASP F 251 -3.41 -36.96 9.47
C ASP F 251 -4.22 -36.77 8.19
N SER F 252 -5.24 -37.60 7.98
CA SER F 252 -6.04 -37.57 6.77
C SER F 252 -6.85 -36.29 6.61
N LYS F 253 -6.90 -35.44 7.63
CA LYS F 253 -7.70 -34.21 7.52
C LYS F 253 -7.09 -33.25 6.51
N LEU F 254 -5.77 -33.25 6.37
CA LEU F 254 -5.12 -32.34 5.42
C LEU F 254 -5.69 -32.53 4.02
N ALA F 255 -5.88 -33.78 3.60
CA ALA F 255 -6.44 -34.09 2.30
C ALA F 255 -7.96 -33.92 2.25
N GLY F 256 -8.57 -33.33 3.27
CA GLY F 256 -10.01 -33.22 3.31
C GLY F 256 -10.72 -34.53 3.55
N ILE F 257 -10.00 -35.54 4.04
CA ILE F 257 -10.59 -36.83 4.38
C ILE F 257 -10.97 -36.79 5.86
N VAL F 258 -12.28 -36.78 6.13
CA VAL F 258 -12.76 -36.58 7.49
C VAL F 258 -13.85 -37.59 7.83
N CYS F 259 -13.92 -38.69 7.10
CA CYS F 259 -14.82 -39.79 7.46
C CYS F 259 -14.02 -40.85 8.20
N PRO F 260 -14.23 -41.03 9.50
CA PRO F 260 -13.42 -42.01 10.24
C PRO F 260 -13.51 -43.40 9.61
N ASN F 261 -12.44 -44.17 9.78
CA ASN F 261 -12.39 -45.51 9.21
C ASN F 261 -13.49 -46.37 9.82
N ASP F 262 -14.33 -46.94 8.96
CA ASP F 262 -15.45 -47.74 9.44
C ASP F 262 -15.03 -49.11 9.93
N GLY F 263 -13.82 -49.57 9.57
CA GLY F 263 -13.30 -50.80 10.11
C GLY F 263 -13.86 -52.06 9.48
N ASN F 264 -14.33 -51.99 8.25
CA ASN F 264 -14.81 -53.17 7.53
C ASN F 264 -14.08 -53.29 6.20
N CYS F 265 -14.18 -54.47 5.61
CA CYS F 265 -13.45 -54.75 4.38
C CYS F 265 -13.96 -53.89 3.24
N HIS F 266 -13.03 -53.42 2.40
CA HIS F 266 -13.36 -52.59 1.25
C HIS F 266 -12.40 -52.90 0.09
N LEU F 267 -12.28 -54.19 -0.22
CA LEU F 267 -11.44 -54.65 -1.33
C LEU F 267 -12.35 -55.18 -2.43
N LYS F 268 -12.57 -54.37 -3.46
CA LYS F 268 -13.40 -54.78 -4.58
C LYS F 268 -12.67 -55.84 -5.39
N ASN F 269 -11.69 -55.41 -6.19
CA ASN F 269 -10.84 -56.35 -6.92
C ASN F 269 -9.48 -56.42 -6.24
N ASN F 270 -9.47 -56.70 -4.95
CA ASN F 270 -8.24 -56.72 -4.16
C ASN F 270 -7.58 -55.35 -4.13
N VAL F 271 -8.40 -54.30 -4.10
CA VAL F 271 -7.91 -52.92 -4.06
C VAL F 271 -8.71 -52.16 -3.01
N TYR F 272 -8.01 -51.46 -2.12
CA TYR F 272 -8.65 -50.69 -1.07
C TYR F 272 -9.35 -49.47 -1.65
N VAL F 273 -10.59 -49.65 -2.12
CA VAL F 273 -11.31 -48.61 -2.83
C VAL F 273 -11.65 -47.41 -1.97
N LYS F 274 -11.55 -47.54 -0.64
CA LYS F 274 -11.89 -46.47 0.29
C LYS F 274 -10.64 -45.72 0.76
N SER F 275 -9.51 -45.90 0.10
CA SER F 275 -8.29 -45.18 0.50
C SER F 275 -8.47 -43.69 0.42
N THR F 276 -9.34 -43.21 -0.48
CA THR F 276 -9.50 -41.77 -0.72
C THR F 276 -10.76 -41.20 -0.09
N THR F 277 -11.47 -41.99 0.71
CA THR F 277 -12.72 -41.54 1.33
C THR F 277 -12.70 -41.60 2.84
N MET F 278 -12.10 -42.63 3.43
CA MET F 278 -12.06 -42.82 4.87
C MET F 278 -10.68 -42.52 5.42
N GLU F 279 -10.65 -42.03 6.66
CA GLU F 279 -9.40 -41.73 7.33
C GLU F 279 -8.58 -43.00 7.53
N HIS F 280 -7.34 -42.82 8.00
CA HIS F 280 -6.60 -43.94 8.52
C HIS F 280 -7.30 -44.47 9.78
N PRO F 281 -7.10 -45.73 10.12
CA PRO F 281 -7.66 -46.24 11.37
C PRO F 281 -6.79 -45.87 12.56
N SER F 282 -7.45 -45.44 13.64
CA SER F 282 -6.74 -45.11 14.86
C SER F 282 -6.21 -46.37 15.53
N LEU F 283 -5.23 -46.19 16.40
CA LEU F 283 -4.69 -47.32 17.16
C LEU F 283 -5.81 -48.08 17.87
N GLY F 284 -6.80 -47.36 18.39
CA GLY F 284 -7.90 -48.02 19.07
C GLY F 284 -8.70 -48.93 18.15
N GLN F 285 -9.11 -48.40 16.99
CA GLN F 285 -9.84 -49.22 16.03
C GLN F 285 -8.97 -50.40 15.57
N LEU F 286 -7.72 -50.14 15.23
CA LEU F 286 -6.84 -51.21 14.75
C LEU F 286 -6.64 -52.28 15.81
N SER F 287 -6.39 -51.87 17.05
CA SER F 287 -6.25 -52.84 18.13
C SER F 287 -7.50 -53.72 18.24
N GLU F 288 -8.67 -53.08 18.25
CA GLU F 288 -9.92 -53.83 18.36
C GLU F 288 -10.07 -54.82 17.23
N LYS F 289 -9.79 -54.39 15.99
CA LYS F 289 -9.94 -55.27 14.85
C LYS F 289 -8.93 -56.41 14.89
N LEU F 290 -7.73 -56.16 15.41
CA LEU F 290 -6.73 -57.21 15.49
C LEU F 290 -7.08 -58.24 16.57
N ILE F 291 -7.46 -57.76 17.76
CA ILE F 291 -7.86 -58.66 18.82
C ILE F 291 -9.06 -59.51 18.37
N ASP F 292 -10.04 -58.87 17.74
CA ASP F 292 -11.25 -59.59 17.34
C ASP F 292 -10.94 -60.65 16.30
N ASN F 293 -10.09 -60.35 15.34
CA ASN F 293 -9.66 -61.32 14.34
C ASN F 293 -8.44 -62.12 14.79
N ASN F 294 -7.99 -61.93 16.04
CA ASN F 294 -6.88 -62.68 16.60
C ASN F 294 -5.66 -62.64 15.68
N ILE F 295 -5.22 -61.43 15.37
CA ILE F 295 -4.07 -61.20 14.51
C ILE F 295 -2.92 -60.70 15.36
N ASN F 296 -1.84 -61.47 15.37
CA ASN F 296 -0.60 -61.06 16.04
C ASN F 296 0.27 -60.33 15.03
N VAL F 297 0.59 -59.08 15.32
CA VAL F 297 1.30 -58.22 14.38
C VAL F 297 2.79 -58.23 14.71
N ILE F 298 3.61 -58.18 13.67
CA ILE F 298 5.06 -58.06 13.81
C ILE F 298 5.50 -56.89 12.95
N PHE F 299 6.32 -56.01 13.53
CA PHE F 299 6.78 -54.79 12.86
C PHE F 299 8.24 -54.96 12.47
N ALA F 300 8.47 -55.38 11.23
CA ALA F 300 9.82 -55.46 10.67
C ALA F 300 10.17 -54.08 10.10
N VAL F 301 11.08 -53.38 10.78
CA VAL F 301 11.47 -52.04 10.37
C VAL F 301 12.97 -51.88 10.49
N GLN F 302 13.49 -50.87 9.78
CA GLN F 302 14.93 -50.71 9.61
C GLN F 302 15.47 -49.45 10.24
N GLY F 303 14.91 -48.28 9.91
CA GLY F 303 15.48 -47.02 10.34
C GLY F 303 15.42 -46.83 11.85
N LYS F 304 15.81 -45.62 12.27
CA LYS F 304 15.65 -45.23 13.67
C LYS F 304 14.21 -45.45 14.12
N GLN F 305 13.25 -45.32 13.20
CA GLN F 305 11.84 -45.38 13.52
C GLN F 305 11.43 -46.72 14.11
N PHE F 306 12.36 -47.67 14.19
CA PHE F 306 12.09 -48.89 14.94
C PHE F 306 11.61 -48.55 16.34
N HIS F 307 12.33 -47.64 17.02
CA HIS F 307 11.94 -47.25 18.36
C HIS F 307 10.54 -46.66 18.40
N TRP F 308 10.13 -45.96 17.35
CA TRP F 308 8.76 -45.48 17.26
C TRP F 308 7.77 -46.64 17.36
N TYR F 309 7.91 -47.63 16.48
CA TYR F 309 7.06 -48.80 16.54
C TYR F 309 7.25 -49.57 17.84
N LYS F 310 8.42 -49.45 18.46
CA LYS F 310 8.64 -50.12 19.75
C LYS F 310 7.81 -49.46 20.84
N ASP F 311 7.67 -48.14 20.80
CA ASP F 311 6.92 -47.42 21.82
C ASP F 311 5.41 -47.54 21.64
N LEU F 312 4.94 -48.01 20.49
CA LEU F 312 3.52 -48.25 20.27
C LEU F 312 3.07 -49.62 20.77
N LEU F 313 4.00 -50.57 20.89
CA LEU F 313 3.65 -51.92 21.34
C LEU F 313 2.72 -51.93 22.54
N PRO F 314 2.95 -51.16 23.60
CA PRO F 314 2.03 -51.19 24.75
C PRO F 314 0.59 -50.83 24.39
N LEU F 315 0.37 -50.13 23.28
CA LEU F 315 -0.96 -49.73 22.85
C LEU F 315 -1.63 -50.75 21.95
N LEU F 316 -0.92 -51.81 21.55
CA LEU F 316 -1.48 -52.88 20.73
C LEU F 316 -1.04 -54.20 21.32
N PRO F 317 -1.85 -54.80 22.20
CA PRO F 317 -1.45 -56.06 22.83
C PRO F 317 -1.40 -57.20 21.82
N GLY F 318 -0.43 -58.09 22.02
CA GLY F 318 -0.23 -59.19 21.10
C GLY F 318 0.62 -58.86 19.89
N THR F 319 1.40 -57.79 19.95
CA THR F 319 2.23 -57.36 18.84
C THR F 319 3.68 -57.24 19.30
N ILE F 320 4.59 -57.33 18.33
CA ILE F 320 6.03 -57.26 18.59
C ILE F 320 6.68 -56.56 17.42
N ALA F 321 7.93 -56.12 17.62
CA ALA F 321 8.65 -55.37 16.61
C ALA F 321 10.06 -55.91 16.46
N GLY F 322 10.54 -55.93 15.22
CA GLY F 322 11.90 -56.36 14.94
C GLY F 322 12.61 -55.34 14.06
N GLU F 323 13.88 -55.08 14.41
CA GLU F 323 14.69 -54.11 13.67
C GLU F 323 15.50 -54.82 12.60
N ILE F 324 15.66 -54.16 11.46
CA ILE F 324 16.34 -54.73 10.30
C ILE F 324 17.74 -54.16 10.21
N GLU F 325 18.73 -55.04 10.13
CA GLU F 325 20.10 -54.62 9.89
C GLU F 325 20.19 -53.93 8.53
N SER F 326 21.05 -52.92 8.45
CA SER F 326 21.16 -52.08 7.25
C SER F 326 21.06 -52.89 5.96
N LYS F 327 21.95 -53.88 5.80
CA LYS F 327 21.93 -54.71 4.60
C LYS F 327 20.87 -55.80 4.64
N ALA F 328 19.96 -55.75 5.61
CA ALA F 328 18.86 -56.70 5.70
C ALA F 328 19.39 -58.13 5.69
N ALA F 329 18.69 -59.04 5.00
CA ALA F 329 19.08 -60.43 4.87
C ALA F 329 19.05 -61.19 6.19
N ASN F 330 18.38 -60.63 7.21
CA ASN F 330 18.08 -61.35 8.43
C ASN F 330 16.57 -61.47 8.65
N LEU F 331 15.77 -61.16 7.63
CA LEU F 331 14.32 -61.13 7.79
C LEU F 331 13.79 -62.45 8.33
N ASN F 332 14.32 -63.57 7.84
CA ASN F 332 13.86 -64.87 8.32
C ASN F 332 14.21 -65.06 9.79
N ASN F 333 15.46 -64.74 10.17
CA ASN F 333 15.86 -64.87 11.57
C ASN F 333 15.05 -63.92 12.46
N LEU F 334 14.71 -62.75 11.95
CA LEU F 334 13.92 -61.79 12.72
C LEU F 334 12.52 -62.35 13.01
N VAL F 335 11.83 -62.81 11.95
CA VAL F 335 10.44 -63.23 12.12
C VAL F 335 10.35 -64.47 13.00
N VAL F 336 11.32 -65.37 12.89
CA VAL F 336 11.27 -66.59 13.71
C VAL F 336 11.57 -66.26 15.16
N GLU F 337 12.59 -65.43 15.42
CA GLU F 337 12.86 -65.00 16.79
C GLU F 337 11.66 -64.25 17.36
N ALA F 338 10.84 -63.64 16.51
CA ALA F 338 9.62 -63.01 16.96
C ALA F 338 8.50 -64.01 17.19
N TYR F 339 8.50 -65.11 16.45
CA TYR F 339 7.46 -66.13 16.61
C TYR F 339 7.61 -66.86 17.94
N GLN F 340 8.85 -67.21 18.31
CA GLN F 340 9.08 -67.91 19.58
C GLN F 340 8.87 -67.02 20.79
N LYS F 341 8.51 -65.75 20.59
CA LYS F 341 8.20 -64.84 21.69
C LYS F 341 6.70 -64.61 21.85
N LEU F 342 5.91 -64.90 20.82
CA LEU F 342 4.47 -64.83 20.92
C LEU F 342 3.89 -66.10 21.55
N ILE F 343 4.47 -67.26 21.23
CA ILE F 343 4.09 -68.50 21.89
C ILE F 343 4.56 -68.54 23.33
N SER F 344 5.46 -67.64 23.72
CA SER F 344 5.97 -67.57 25.08
C SER F 344 5.18 -66.59 25.96
N GLU F 345 4.22 -65.88 25.40
CA GLU F 345 3.44 -64.88 26.13
C GLU F 345 1.96 -65.21 26.07
N VAL F 346 1.29 -65.11 27.21
CA VAL F 346 -0.16 -65.31 27.31
C VAL F 346 -0.71 -64.20 28.20
N LYS F 347 -1.45 -63.27 27.61
CA LYS F 347 -2.10 -62.20 28.33
C LYS F 347 -3.60 -62.33 28.13
N VAL F 348 -4.37 -61.80 29.09
CA VAL F 348 -5.81 -61.92 29.08
C VAL F 348 -6.46 -60.54 28.99
N GLN F 349 -7.62 -60.50 28.35
CA GLN F 349 -8.41 -59.28 28.23
C GLN F 349 -9.87 -59.67 28.26
N VAL F 350 -10.71 -58.82 28.86
CA VAL F 350 -12.13 -59.09 29.02
C VAL F 350 -12.91 -58.17 28.10
N GLU F 351 -13.83 -58.74 27.33
CA GLU F 351 -14.71 -57.99 26.44
C GLU F 351 -16.15 -58.25 26.84
N ASN F 352 -17.04 -57.39 26.32
CA ASN F 352 -18.48 -57.51 26.56
C ASN F 352 -18.78 -57.63 28.06
N GLN F 353 -18.08 -56.86 28.87
CA GLN F 353 -18.39 -56.81 30.28
C GLN F 353 -19.83 -56.37 30.47
N VAL F 354 -20.40 -56.75 31.61
CA VAL F 354 -21.83 -56.57 31.88
C VAL F 354 -22.01 -55.50 32.94
N GLN F 355 -22.89 -54.55 32.68
CA GLN F 355 -23.27 -53.48 33.61
C GLN F 355 -22.35 -53.31 34.80
N TYR F 358 -16.62 -55.51 36.69
CA TYR F 358 -15.85 -55.44 37.92
C TYR F 358 -15.15 -56.75 38.23
N PHE F 359 -14.12 -57.05 37.45
CA PHE F 359 -13.33 -58.26 37.62
C PHE F 359 -11.91 -57.88 38.04
N ASN F 360 -11.46 -58.45 39.16
CA ASN F 360 -10.07 -58.32 39.58
C ASN F 360 -9.31 -59.54 39.06
N ILE F 361 -8.28 -59.29 38.26
CA ILE F 361 -7.51 -60.36 37.61
C ILE F 361 -6.13 -60.43 38.23
N THR F 362 -5.61 -61.65 38.39
CA THR F 362 -4.28 -61.87 38.92
C THR F 362 -3.64 -63.02 38.16
N ALA F 363 -2.40 -62.83 37.73
CA ALA F 363 -1.72 -63.81 36.90
C ALA F 363 -0.98 -64.82 37.76
N ILE F 364 -0.86 -66.04 37.25
CA ILE F 364 -0.17 -67.13 37.94
C ILE F 364 0.72 -67.84 36.92
N CYS F 365 1.96 -67.37 36.77
CA CYS F 365 2.90 -67.94 35.82
C CYS F 365 3.57 -69.16 36.42
N PRO F 366 4.35 -69.90 35.63
CA PRO F 366 5.10 -71.02 36.20
C PRO F 366 6.11 -70.58 37.26
N ASP F 367 6.62 -69.35 37.16
CA ASP F 367 7.59 -68.85 38.11
C ASP F 367 7.00 -68.58 39.48
N GLY F 368 5.67 -68.63 39.62
CA GLY F 368 5.03 -68.25 40.86
C GLY F 368 4.80 -66.76 41.02
N SER F 369 4.97 -65.99 39.95
CA SER F 369 4.79 -64.54 40.00
C SER F 369 3.30 -64.19 39.94
N ARG F 370 3.00 -62.95 40.35
CA ARG F 370 1.63 -62.47 40.39
C ARG F 370 1.33 -61.55 39.22
N LYS F 371 1.22 -60.25 39.49
CA LYS F 371 0.93 -59.23 38.48
C LYS F 371 -0.54 -59.25 38.10
N PRO F 372 -1.08 -58.13 37.62
CA PRO F 372 -2.54 -58.05 37.41
C PRO F 372 -3.01 -58.72 36.13
N GLY F 373 -2.47 -59.91 35.83
CA GLY F 373 -2.93 -60.67 34.69
C GLY F 373 -2.48 -60.11 33.35
N MET F 374 -2.60 -58.80 33.17
CA MET F 374 -2.20 -58.19 31.91
C MET F 374 -0.71 -58.35 31.64
N GLU F 375 0.11 -58.33 32.69
CA GLU F 375 1.53 -58.60 32.51
C GLU F 375 1.77 -59.97 31.88
N GLY F 376 0.82 -60.88 32.01
CA GLY F 376 0.96 -62.19 31.39
C GLY F 376 2.17 -62.93 31.93
N CYS F 377 2.81 -63.68 31.04
CA CYS F 377 3.97 -64.49 31.42
C CYS F 377 4.92 -64.54 30.24
N ARG F 378 6.21 -64.64 30.54
CA ARG F 378 7.24 -64.73 29.52
C ARG F 378 8.20 -65.86 29.89
N ASN F 379 9.05 -66.24 28.94
CA ASN F 379 9.89 -67.42 29.08
C ASN F 379 9.05 -68.67 29.27
N VAL F 380 7.81 -68.62 28.80
CA VAL F 380 6.83 -69.67 29.06
C VAL F 380 7.09 -70.86 28.14
N THR F 381 7.43 -72.00 28.72
CA THR F 381 7.51 -73.23 27.96
C THR F 381 6.10 -73.69 27.60
N SER F 382 5.91 -74.10 26.34
CA SER F 382 4.59 -74.49 25.89
C SER F 382 3.99 -75.62 26.72
N ASN F 383 4.82 -76.35 27.47
CA ASN F 383 4.34 -77.46 28.26
C ASN F 383 3.85 -77.05 29.65
N ASP F 384 4.25 -75.89 30.15
CA ASP F 384 3.86 -75.46 31.48
C ASP F 384 2.57 -74.65 31.39
N GLU F 385 1.54 -75.09 32.11
CA GLU F 385 0.25 -74.44 32.10
C GLU F 385 0.35 -73.02 32.65
N VAL F 386 -0.72 -72.26 32.47
CA VAL F 386 -0.85 -70.90 32.99
C VAL F 386 -2.32 -70.62 33.20
N LEU F 387 -2.72 -70.36 34.45
CA LEU F 387 -4.10 -70.01 34.76
C LEU F 387 -4.14 -68.64 35.44
N PHE F 388 -5.35 -68.11 35.57
CA PHE F 388 -5.55 -66.75 36.03
C PHE F 388 -6.62 -66.69 37.12
N ASN F 389 -6.36 -65.86 38.13
CA ASN F 389 -7.28 -65.63 39.24
C ASN F 389 -8.27 -64.55 38.83
N VAL F 390 -9.54 -64.91 38.66
CA VAL F 390 -10.58 -63.96 38.34
C VAL F 390 -11.54 -63.88 39.52
N THR F 391 -11.81 -62.65 39.97
CA THR F 391 -12.75 -62.40 41.06
C THR F 391 -13.85 -61.51 40.52
N VAL F 392 -15.05 -62.04 40.39
CA VAL F 392 -16.19 -61.28 39.92
C VAL F 392 -16.94 -60.72 41.12
N THR F 393 -17.47 -59.51 40.95
CA THR F 393 -18.22 -58.86 42.01
C THR F 393 -19.23 -57.87 41.43
N GLY F 402 -30.43 -55.51 27.99
CA GLY F 402 -29.04 -55.13 27.81
C GLY F 402 -28.14 -56.32 27.58
N LYS F 403 -27.00 -56.34 28.26
CA LYS F 403 -26.04 -57.42 28.16
C LYS F 403 -26.06 -58.27 29.42
N ASN F 404 -25.75 -59.54 29.27
CA ASN F 404 -25.72 -60.47 30.40
C ASN F 404 -24.44 -61.27 30.48
N TYR F 405 -23.97 -61.82 29.36
CA TYR F 405 -22.77 -62.64 29.35
C TYR F 405 -21.55 -61.80 29.02
N ALA F 406 -20.40 -62.20 29.56
CA ALA F 406 -19.12 -61.61 29.26
C ALA F 406 -18.19 -62.66 28.65
N ILE F 407 -17.09 -62.20 28.07
CA ILE F 407 -16.15 -63.06 27.37
C ILE F 407 -14.74 -62.73 27.83
N ILE F 408 -13.93 -63.76 28.04
CA ILE F 408 -12.55 -63.62 28.50
C ILE F 408 -11.64 -64.24 27.46
N LYS F 409 -10.78 -63.42 26.84
CA LYS F 409 -9.94 -63.84 25.74
C LYS F 409 -8.47 -63.76 26.11
N PRO F 410 -7.68 -64.82 25.92
CA PRO F 410 -6.22 -64.65 25.91
C PRO F 410 -5.78 -64.08 24.58
N ILE F 411 -5.32 -62.83 24.60
CA ILE F 411 -4.92 -62.15 23.37
C ILE F 411 -4.00 -63.06 22.57
N GLY F 412 -4.15 -63.01 21.24
CA GLY F 412 -3.38 -63.86 20.36
C GLY F 412 -3.93 -65.26 20.18
N PHE F 413 -4.86 -65.70 21.02
CA PHE F 413 -5.42 -67.03 20.94
C PHE F 413 -6.81 -66.99 20.33
N ASN F 414 -7.15 -68.04 19.58
CA ASN F 414 -8.42 -68.10 18.90
C ASN F 414 -9.55 -68.54 19.83
N GLU F 415 -9.27 -69.47 20.73
CA GLU F 415 -10.30 -70.05 21.58
C GLU F 415 -10.47 -69.20 22.84
N THR F 416 -11.63 -69.35 23.48
CA THR F 416 -12.06 -68.37 24.46
C THR F 416 -12.92 -69.01 25.54
N ALA F 417 -13.09 -68.27 26.65
CA ALA F 417 -13.89 -68.69 27.80
C ALA F 417 -15.11 -67.79 27.90
N LYS F 418 -16.29 -68.35 27.64
CA LYS F 418 -17.54 -67.61 27.77
C LYS F 418 -18.07 -67.80 29.19
N ILE F 419 -18.50 -66.70 29.82
CA ILE F 419 -19.07 -66.75 31.16
C ILE F 419 -20.38 -65.97 31.16
N HIS F 420 -21.37 -66.47 31.90
CA HIS F 420 -22.72 -65.92 31.90
C HIS F 420 -23.01 -65.32 33.26
N ILE F 421 -23.40 -64.04 33.26
CA ILE F 421 -23.64 -63.30 34.50
C ILE F 421 -25.13 -63.07 34.64
N HIS F 422 -25.60 -63.06 35.89
CA HIS F 422 -26.97 -62.69 36.22
C HIS F 422 -27.14 -62.52 37.72
N PHE G 1 -34.80 5.45 61.99
CA PHE G 1 -34.69 5.72 63.45
C PHE G 1 -33.58 4.87 64.10
N ASN G 2 -33.04 3.92 63.34
CA ASN G 2 -32.10 2.94 63.88
C ASN G 2 -30.68 3.14 63.36
N LEU G 3 -30.31 4.37 63.03
CA LEU G 3 -28.95 4.68 62.62
C LEU G 3 -28.10 5.02 63.83
N ASP G 4 -26.88 4.48 63.85
CA ASP G 4 -25.95 4.71 64.95
C ASP G 4 -25.26 6.05 64.76
N VAL G 5 -25.63 7.03 65.60
CA VAL G 5 -25.06 8.37 65.52
C VAL G 5 -24.01 8.64 66.59
N ASP G 6 -23.81 7.70 67.52
CA ASP G 6 -22.87 7.93 68.61
C ASP G 6 -21.43 7.68 68.18
N SER G 7 -21.18 6.61 67.42
CA SER G 7 -19.83 6.25 66.99
C SER G 7 -19.86 5.83 65.53
N PRO G 8 -20.16 6.75 64.63
CA PRO G 8 -20.06 6.46 63.20
C PRO G 8 -18.61 6.51 62.74
N ALA G 9 -18.41 6.09 61.49
CA ALA G 9 -17.08 6.06 60.88
C ALA G 9 -16.88 7.34 60.08
N GLU G 10 -15.87 8.11 60.45
CA GLU G 10 -15.55 9.36 59.79
C GLU G 10 -14.33 9.20 58.88
N TYR G 11 -14.44 9.70 57.66
CA TYR G 11 -13.34 9.73 56.72
C TYR G 11 -13.13 11.17 56.26
N SER G 12 -11.88 11.52 55.96
CA SER G 12 -11.52 12.87 55.56
C SER G 12 -10.50 12.82 54.45
N GLY G 13 -10.46 13.87 53.63
CA GLY G 13 -9.56 13.94 52.51
C GLY G 13 -8.75 15.20 52.48
N PRO G 14 -7.93 15.38 51.45
CA PRO G 14 -7.09 16.58 51.35
C PRO G 14 -7.93 17.84 51.35
N GLU G 15 -7.40 18.89 51.99
CA GLU G 15 -8.12 20.14 52.12
C GLU G 15 -8.37 20.77 50.76
N GLY G 16 -9.52 21.43 50.64
CA GLY G 16 -9.86 22.12 49.41
C GLY G 16 -10.21 21.23 48.23
N SER G 17 -10.13 19.91 48.39
CA SER G 17 -10.39 18.97 47.30
C SER G 17 -11.86 18.62 47.16
N TYR G 18 -12.74 19.22 47.97
CA TYR G 18 -14.16 18.87 47.96
C TYR G 18 -14.34 17.37 48.17
N PHE G 19 -13.52 16.80 49.06
CA PHE G 19 -13.65 15.39 49.41
C PHE G 19 -15.06 15.13 49.93
N GLY G 20 -15.76 14.19 49.30
CA GLY G 20 -17.14 13.91 49.66
C GLY G 20 -18.16 14.53 48.75
N PHE G 21 -17.75 15.19 47.67
CA PHE G 21 -18.70 15.70 46.70
C PHE G 21 -19.57 14.57 46.14
N ALA G 22 -18.98 13.38 45.98
CA ALA G 22 -19.71 12.20 45.55
C ALA G 22 -19.26 11.02 46.40
N VAL G 23 -20.18 10.07 46.60
CA VAL G 23 -19.93 8.92 47.47
C VAL G 23 -20.64 7.70 46.89
N ASP G 24 -20.18 6.51 47.30
CA ASP G 24 -20.84 5.26 46.92
C ASP G 24 -20.16 4.11 47.65
N PHE G 25 -20.82 2.95 47.61
CA PHE G 25 -20.28 1.71 48.13
C PHE G 25 -19.50 1.00 47.03
N PHE G 26 -18.57 0.14 47.45
CA PHE G 26 -17.86 -0.76 46.53
C PHE G 26 -17.96 -2.16 47.10
N VAL G 27 -18.65 -3.04 46.37
CA VAL G 27 -18.93 -4.40 46.84
C VAL G 27 -18.48 -5.38 45.76
N PRO G 28 -17.19 -5.70 45.69
CA PRO G 28 -16.75 -6.70 44.70
C PRO G 28 -17.49 -8.01 44.88
N SER G 29 -17.47 -8.82 43.83
CA SER G 29 -18.15 -10.11 43.83
C SER G 29 -17.49 -11.08 44.81
N SER G 31 -16.41 -14.41 50.76
CA SER G 31 -16.69 -13.25 49.92
C SER G 31 -15.66 -12.16 50.14
N SER G 32 -15.51 -11.30 49.13
CA SER G 32 -14.59 -10.18 49.23
C SER G 32 -15.04 -9.20 50.31
N ARG G 33 -14.20 -8.20 50.57
CA ARG G 33 -14.54 -7.15 51.51
C ARG G 33 -15.33 -6.07 50.79
N MET G 34 -15.72 -5.03 51.55
CA MET G 34 -16.50 -3.93 51.01
C MET G 34 -15.88 -2.62 51.44
N PHE G 35 -16.00 -1.61 50.58
CA PHE G 35 -15.30 -0.35 50.77
C PHE G 35 -16.24 0.81 50.49
N LEU G 36 -15.75 2.00 50.81
CA LEU G 36 -16.41 3.25 50.44
C LEU G 36 -15.61 3.92 49.33
N LEU G 37 -16.34 4.57 48.43
CA LEU G 37 -15.74 5.36 47.36
C LEU G 37 -16.13 6.81 47.58
N VAL G 38 -15.15 7.70 47.53
CA VAL G 38 -15.36 9.12 47.78
C VAL G 38 -14.68 9.92 46.68
N GLY G 39 -15.44 10.81 46.05
CA GLY G 39 -14.90 11.67 45.01
C GLY G 39 -14.27 12.92 45.60
N ALA G 40 -13.08 13.26 45.11
CA ALA G 40 -12.38 14.49 45.45
C ALA G 40 -12.12 15.22 44.14
N PRO G 41 -13.11 15.97 43.62
CA PRO G 41 -12.99 16.49 42.25
C PRO G 41 -11.90 17.53 42.06
N LYS G 42 -11.44 18.19 43.11
CA LYS G 42 -10.45 19.26 43.00
C LYS G 42 -9.10 18.87 43.59
N ALA G 43 -8.84 17.59 43.75
CA ALA G 43 -7.61 17.13 44.36
C ALA G 43 -6.48 17.12 43.35
N ASN G 44 -5.31 17.63 43.76
CA ASN G 44 -4.13 17.53 42.91
C ASN G 44 -3.75 16.06 42.74
N THR G 45 -2.94 15.81 41.72
CA THR G 45 -2.64 14.45 41.32
C THR G 45 -1.20 14.39 40.81
N THR G 46 -0.67 13.16 40.79
CA THR G 46 0.70 12.95 40.31
C THR G 46 0.80 13.15 38.81
N GLN G 47 -0.27 12.88 38.07
CA GLN G 47 -0.25 13.03 36.62
C GLN G 47 0.32 14.40 36.26
N PRO G 48 1.36 14.45 35.44
CA PRO G 48 2.17 15.68 35.35
C PRO G 48 1.43 16.81 34.67
N GLY G 49 1.89 18.02 34.96
CA GLY G 49 1.36 19.23 34.36
C GLY G 49 -0.14 19.35 34.42
N ILE G 50 -0.74 18.85 35.49
CA ILE G 50 -2.19 18.90 35.69
C ILE G 50 -2.48 19.46 37.07
N VAL G 51 -3.34 20.47 37.13
CA VAL G 51 -3.71 21.13 38.37
C VAL G 51 -5.13 20.72 38.72
N GLU G 52 -5.33 20.28 39.96
CA GLU G 52 -6.66 19.90 40.45
C GLU G 52 -7.36 18.97 39.48
N GLY G 53 -6.61 17.97 39.00
CA GLY G 53 -7.21 16.97 38.13
C GLY G 53 -8.30 16.17 38.79
N GLY G 54 -8.30 16.08 40.11
CA GLY G 54 -9.30 15.32 40.83
C GLY G 54 -8.98 13.85 40.88
N GLN G 55 -9.62 13.16 41.82
CA GLN G 55 -9.39 11.74 42.01
C GLN G 55 -10.55 11.14 42.79
N VAL G 56 -10.52 9.82 42.93
CA VAL G 56 -11.51 9.06 43.68
C VAL G 56 -10.78 8.15 44.64
N LEU G 57 -11.11 8.24 45.92
CA LEU G 57 -10.42 7.51 46.97
C LEU G 57 -11.25 6.31 47.41
N LYS G 58 -10.60 5.16 47.54
CA LYS G 58 -11.22 3.97 48.12
C LYS G 58 -10.93 3.96 49.61
N CYS G 59 -11.99 4.04 50.43
CA CYS G 59 -11.85 4.12 51.87
C CYS G 59 -12.22 2.78 52.49
N ASP G 60 -11.42 2.35 53.47
CA ASP G 60 -11.58 1.05 54.08
C ASP G 60 -12.59 1.11 55.21
N TRP G 61 -13.40 0.06 55.31
CA TRP G 61 -14.36 -0.07 56.39
C TRP G 61 -13.74 -0.84 57.54
N SER G 62 -13.86 -0.28 58.76
CA SER G 62 -13.30 -0.88 59.97
C SER G 62 -11.78 -0.80 59.94
N SER G 63 -11.13 -1.37 60.96
CA SER G 63 -9.69 -1.28 61.11
C SER G 63 -9.28 0.18 61.02
N THR G 64 -8.12 0.45 60.41
CA THR G 64 -7.74 1.81 60.13
C THR G 64 -8.62 2.36 59.01
N ARG G 65 -9.21 3.53 59.25
CA ARG G 65 -10.18 4.11 58.32
C ARG G 65 -9.48 4.94 57.24
N ARG G 66 -8.45 4.36 56.64
CA ARG G 66 -7.62 5.05 55.67
C ARG G 66 -8.27 5.03 54.29
N CYS G 67 -7.84 5.97 53.46
CA CYS G 67 -8.32 6.09 52.08
C CYS G 67 -7.12 6.22 51.15
N GLN G 68 -7.10 5.42 50.09
CA GLN G 68 -6.06 5.50 49.07
C GLN G 68 -6.70 5.85 47.73
N PRO G 69 -6.14 6.79 46.97
CA PRO G 69 -6.74 7.14 45.68
C PRO G 69 -6.75 5.95 44.73
N ILE G 70 -7.80 5.85 43.93
CA ILE G 70 -7.86 4.86 42.85
C ILE G 70 -7.19 5.44 41.62
N GLU G 71 -6.26 4.68 41.04
CA GLU G 71 -5.51 5.13 39.87
C GLU G 71 -6.28 4.71 38.62
N PHE G 72 -7.06 5.65 38.07
CA PHE G 72 -7.73 5.41 36.80
C PHE G 72 -6.89 5.87 35.61
N ASP G 73 -6.11 6.93 35.78
CA ASP G 73 -5.29 7.45 34.68
C ASP G 73 -4.16 8.27 35.29
N ALA G 74 -2.94 7.75 35.19
CA ALA G 74 -1.76 8.42 35.73
C ALA G 74 -1.10 9.35 34.73
N THR G 75 -1.58 9.39 33.49
CA THR G 75 -0.95 10.17 32.43
C THR G 75 -1.44 11.61 32.45
N GLY G 76 -0.78 12.45 31.67
CA GLY G 76 -1.15 13.83 31.49
C GLY G 76 -2.00 14.04 30.25
N ASN G 77 -1.96 15.25 29.71
CA ASN G 77 -2.72 15.60 28.52
C ASN G 77 -2.05 15.03 27.28
N ARG G 78 -2.74 14.13 26.58
CA ARG G 78 -2.23 13.64 25.31
C ARG G 78 -2.05 14.79 24.33
N ASP G 79 -1.19 14.58 23.35
CA ASP G 79 -0.95 15.54 22.28
C ASP G 79 -1.56 15.03 20.98
N TYR G 80 -2.22 15.93 20.25
CA TYR G 80 -2.67 15.64 18.90
C TYR G 80 -1.57 15.92 17.89
N ALA G 81 -0.86 17.04 18.07
CA ALA G 81 0.32 17.36 17.29
C ALA G 81 1.34 18.01 18.23
N LYS G 82 2.53 18.27 17.70
CA LYS G 82 3.54 18.93 18.49
C LYS G 82 3.03 20.28 18.98
N ASP G 83 3.19 20.53 20.29
CA ASP G 83 2.76 21.78 20.90
C ASP G 83 1.30 22.07 20.59
N ASP G 84 0.52 21.02 20.35
CA ASP G 84 -0.91 21.12 20.08
C ASP G 84 -1.62 20.14 21.02
N PRO G 85 -1.76 20.50 22.28
CA PRO G 85 -2.36 19.55 23.25
C PRO G 85 -3.77 19.16 22.84
N LEU G 86 -4.07 17.86 22.99
CA LEU G 86 -5.37 17.34 22.58
C LEU G 86 -6.44 17.57 23.63
N GLU G 87 -6.08 17.47 24.91
CA GLU G 87 -7.03 17.47 26.00
C GLU G 87 -6.48 18.30 27.15
N PHE G 88 -7.35 18.64 28.08
CA PHE G 88 -7.02 19.55 29.18
C PHE G 88 -7.65 19.00 30.46
N LYS G 89 -6.87 18.20 31.19
CA LYS G 89 -7.37 17.54 32.39
C LYS G 89 -7.30 18.43 33.63
N SER G 90 -6.59 19.55 33.57
CA SER G 90 -6.59 20.50 34.68
C SER G 90 -8.01 20.97 34.96
N HIS G 91 -8.42 20.92 36.23
CA HIS G 91 -9.74 21.37 36.65
C HIS G 91 -10.85 20.60 35.94
N GLN G 92 -10.56 19.35 35.56
CA GLN G 92 -11.57 18.53 34.89
C GLN G 92 -12.65 18.06 35.85
N TRP G 93 -12.42 18.16 37.16
CA TRP G 93 -13.38 17.71 38.17
C TRP G 93 -13.63 16.20 38.07
N PHE G 94 -12.55 15.44 37.92
CA PHE G 94 -12.68 13.99 37.91
C PHE G 94 -13.05 13.49 39.31
N GLY G 95 -14.01 12.57 39.35
CA GLY G 95 -14.56 12.11 40.61
C GLY G 95 -15.79 12.87 41.06
N ALA G 96 -16.19 13.91 40.32
CA ALA G 96 -17.42 14.62 40.63
C ALA G 96 -18.65 13.74 40.44
N SER G 97 -18.51 12.59 39.78
CA SER G 97 -19.59 11.61 39.68
C SER G 97 -18.98 10.22 39.84
N VAL G 98 -19.54 9.43 40.75
CA VAL G 98 -19.03 8.11 41.08
C VAL G 98 -20.21 7.15 41.23
N ARG G 99 -20.09 5.96 40.62
CA ARG G 99 -21.04 4.88 40.83
C ARG G 99 -20.30 3.56 40.77
N SER G 100 -20.92 2.53 41.35
CA SER G 100 -20.29 1.23 41.47
C SER G 100 -21.33 0.13 41.28
N LYS G 101 -20.85 -1.05 40.90
CA LYS G 101 -21.71 -2.19 40.60
C LYS G 101 -20.83 -3.43 40.57
N GLN G 102 -20.70 -4.09 41.71
CA GLN G 102 -19.91 -5.32 41.83
C GLN G 102 -18.45 -4.95 41.51
N ASP G 103 -17.75 -5.69 40.64
CA ASP G 103 -16.38 -5.36 40.32
C ASP G 103 -16.22 -4.02 39.61
N LYS G 104 -17.31 -3.46 39.11
CA LYS G 104 -17.25 -2.34 38.19
C LYS G 104 -17.36 -1.01 38.94
N ILE G 105 -16.50 -0.06 38.55
CA ILE G 105 -16.51 1.28 39.11
C ILE G 105 -16.50 2.28 37.96
N LEU G 106 -17.29 3.34 38.08
CA LEU G 106 -17.42 4.35 37.04
C LEU G 106 -17.26 5.74 37.67
N ALA G 107 -16.20 6.45 37.27
CA ALA G 107 -15.97 7.83 37.69
C ALA G 107 -15.97 8.72 36.45
N CYS G 108 -16.27 10.01 36.66
CA CYS G 108 -16.42 10.92 35.55
C CYS G 108 -15.88 12.30 35.88
N ALA G 109 -15.28 12.94 34.88
CA ALA G 109 -14.84 14.33 34.94
C ALA G 109 -15.74 15.16 34.04
N PRO G 110 -16.76 15.84 34.57
CA PRO G 110 -17.68 16.57 33.69
C PRO G 110 -17.09 17.82 33.06
N LEU G 111 -16.02 18.39 33.64
CA LEU G 111 -15.43 19.62 33.11
C LEU G 111 -14.13 19.35 32.35
N TYR G 112 -14.05 18.22 31.65
CA TYR G 112 -12.90 17.86 30.86
C TYR G 112 -13.04 18.45 29.46
N HIS G 113 -12.02 19.20 29.03
CA HIS G 113 -12.02 19.82 27.72
C HIS G 113 -11.09 19.06 26.77
N TRP G 114 -11.46 19.08 25.48
CA TRP G 114 -10.60 18.53 24.43
C TRP G 114 -10.64 19.48 23.24
N ARG G 115 -9.57 19.47 22.44
CA ARG G 115 -9.43 20.46 21.38
C ARG G 115 -10.29 20.15 20.15
N THR G 116 -10.78 18.92 20.02
CA THR G 116 -11.47 18.46 18.82
C THR G 116 -10.45 18.24 17.70
N GLU G 117 -10.78 17.38 16.74
CA GLU G 117 -9.79 16.93 15.77
C GLU G 117 -9.58 17.94 14.65
N MET G 118 -10.58 18.75 14.34
CA MET G 118 -10.53 19.66 13.20
C MET G 118 -10.30 21.12 13.59
N LYS G 119 -10.16 21.40 14.88
CA LYS G 119 -10.16 22.78 15.36
C LYS G 119 -9.30 22.85 16.61
N GLN G 120 -8.83 24.06 16.92
CA GLN G 120 -8.10 24.31 18.17
C GLN G 120 -9.05 25.01 19.13
N GLU G 121 -9.94 24.22 19.72
CA GLU G 121 -10.99 24.74 20.61
C GLU G 121 -11.15 23.78 21.79
N ARG G 122 -10.95 24.30 23.00
CA ARG G 122 -11.18 23.50 24.20
C ARG G 122 -12.67 23.51 24.54
N GLU G 123 -13.30 22.34 24.47
CA GLU G 123 -14.74 22.21 24.66
C GLU G 123 -15.01 21.16 25.73
N PRO G 124 -15.87 21.46 26.72
CA PRO G 124 -16.10 20.49 27.81
C PRO G 124 -16.98 19.32 27.38
N VAL G 125 -16.41 18.40 26.59
CA VAL G 125 -17.16 17.20 26.20
C VAL G 125 -17.40 16.28 27.38
N GLY G 126 -16.56 16.36 28.41
CA GLY G 126 -16.69 15.47 29.55
C GLY G 126 -16.23 14.07 29.22
N THR G 127 -15.65 13.39 30.20
CA THR G 127 -15.11 12.05 30.01
C THR G 127 -15.36 11.23 31.26
N CYS G 128 -15.19 9.92 31.14
CA CYS G 128 -15.37 8.99 32.25
C CYS G 128 -14.36 7.86 32.12
N PHE G 129 -14.04 7.26 33.27
CA PHE G 129 -13.17 6.09 33.33
C PHE G 129 -13.94 4.95 33.97
N LEU G 130 -13.97 3.81 33.30
CA LEU G 130 -14.58 2.59 33.82
C LEU G 130 -13.48 1.61 34.21
N GLN G 131 -13.68 0.94 35.34
CA GLN G 131 -12.71 -0.04 35.83
C GLN G 131 -13.44 -1.35 36.10
N ASP G 132 -12.86 -2.45 35.62
CA ASP G 132 -13.32 -3.79 35.92
C ASP G 132 -12.37 -4.41 36.94
N GLY G 133 -12.30 -5.73 36.97
CA GLY G 133 -11.38 -6.40 37.87
C GLY G 133 -9.96 -5.95 37.68
N THR G 134 -9.46 -6.07 36.44
CA THR G 134 -8.07 -5.78 36.13
C THR G 134 -7.90 -4.60 35.18
N LYS G 135 -8.64 -4.57 34.09
CA LYS G 135 -8.45 -3.52 33.10
C LYS G 135 -9.24 -2.27 33.46
N THR G 136 -8.89 -1.18 32.78
CA THR G 136 -9.54 0.12 32.96
C THR G 136 -9.58 0.82 31.61
N VAL G 137 -10.78 1.24 31.21
CA VAL G 137 -10.99 1.84 29.90
C VAL G 137 -11.52 3.26 30.07
N GLU G 138 -11.43 4.04 28.99
CA GLU G 138 -11.97 5.38 28.94
C GLU G 138 -13.28 5.38 28.14
N TYR G 139 -14.15 6.33 28.47
CA TYR G 139 -15.49 6.35 27.89
C TYR G 139 -15.96 7.81 27.85
N ALA G 140 -15.89 8.41 26.66
CA ALA G 140 -16.31 9.79 26.44
C ALA G 140 -17.30 9.80 25.27
N PRO G 141 -18.53 9.35 25.50
CA PRO G 141 -19.49 9.25 24.38
C PRO G 141 -19.85 10.59 23.77
N CYS G 142 -19.55 11.69 24.45
CA CYS G 142 -19.92 13.01 23.96
C CYS G 142 -18.82 13.67 23.15
N ARG G 143 -17.57 13.25 23.29
CA ARG G 143 -16.52 13.73 22.40
C ARG G 143 -16.60 12.95 21.10
N SER G 144 -16.90 13.64 20.01
CA SER G 144 -17.18 13.00 18.73
C SER G 144 -17.04 14.05 17.63
N GLN G 145 -17.46 13.68 16.41
CA GLN G 145 -17.39 14.61 15.29
C GLN G 145 -18.39 15.75 15.43
N ASP G 146 -19.46 15.56 16.20
CA ASP G 146 -20.45 16.60 16.42
C ASP G 146 -19.90 17.54 17.49
N ILE G 147 -19.17 18.56 17.05
CA ILE G 147 -18.42 19.43 17.96
C ILE G 147 -19.19 20.70 18.26
N ASP G 148 -18.58 21.59 19.04
CA ASP G 148 -19.11 22.92 19.33
C ASP G 148 -20.46 22.84 20.04
N ALA G 149 -21.00 24.00 20.42
CA ALA G 149 -22.24 24.03 21.19
C ALA G 149 -23.40 23.42 20.42
N ASP G 150 -23.40 23.56 19.08
CA ASP G 150 -24.48 23.00 18.28
C ASP G 150 -24.66 21.51 18.55
N GLY G 151 -23.60 20.83 18.98
CA GLY G 151 -23.67 19.42 19.29
C GLY G 151 -23.14 19.09 20.66
N GLN G 152 -22.28 18.08 20.72
CA GLN G 152 -21.78 17.55 21.98
C GLN G 152 -20.52 18.25 22.47
N GLY G 153 -20.18 19.39 21.88
CA GLY G 153 -18.97 20.09 22.29
C GLY G 153 -18.97 20.46 23.76
N PHE G 154 -20.10 20.96 24.26
CA PHE G 154 -20.23 21.38 25.65
C PHE G 154 -21.11 20.43 26.45
N CYS G 155 -21.16 19.16 26.03
CA CYS G 155 -22.10 18.20 26.61
C CYS G 155 -21.80 17.93 28.08
N GLN G 156 -20.52 17.89 28.46
CA GLN G 156 -20.11 17.59 29.83
C GLN G 156 -20.62 16.22 30.28
N GLY G 157 -20.44 15.23 29.41
CA GLY G 157 -20.83 13.88 29.73
C GLY G 157 -20.28 13.41 31.05
N GLY G 158 -21.09 12.71 31.84
CA GLY G 158 -20.71 12.27 33.16
C GLY G 158 -21.22 13.17 34.28
N PHE G 159 -21.86 14.29 33.95
CA PHE G 159 -22.48 15.12 34.97
C PHE G 159 -23.34 14.30 35.90
N SER G 160 -23.93 13.22 35.40
CA SER G 160 -24.73 12.31 36.20
C SER G 160 -24.69 10.93 35.55
N ILE G 161 -24.52 9.89 36.37
CA ILE G 161 -24.38 8.52 35.89
C ILE G 161 -25.12 7.57 36.81
N ASP G 162 -25.39 6.37 36.29
CA ASP G 162 -26.08 5.33 37.05
C ASP G 162 -26.08 4.05 36.23
N PHE G 163 -25.87 2.92 36.90
CA PHE G 163 -25.95 1.62 36.24
C PHE G 163 -27.39 1.14 36.20
N THR G 164 -27.64 0.13 35.37
CA THR G 164 -28.92 -0.56 35.32
C THR G 164 -28.74 -2.01 35.77
N LYS G 165 -29.86 -2.69 35.94
CA LYS G 165 -29.82 -4.07 36.42
C LYS G 165 -29.08 -4.99 35.46
N ALA G 166 -29.15 -4.71 34.16
CA ALA G 166 -28.56 -5.58 33.14
C ALA G 166 -27.21 -5.06 32.67
N ASP G 167 -26.39 -4.56 33.59
CA ASP G 167 -25.04 -4.08 33.27
C ASP G 167 -25.05 -3.15 32.06
N ARG G 168 -25.74 -2.03 32.23
CA ARG G 168 -25.82 -1.00 31.21
C ARG G 168 -25.67 0.36 31.88
N VAL G 169 -24.83 1.21 31.32
CA VAL G 169 -24.54 2.51 31.90
C VAL G 169 -25.50 3.55 31.33
N LEU G 170 -25.99 4.42 32.20
CA LEU G 170 -26.77 5.59 31.79
C LEU G 170 -25.99 6.84 32.15
N LEU G 171 -25.80 7.72 31.18
CA LEU G 171 -24.97 8.91 31.34
C LEU G 171 -25.73 10.14 30.86
N GLY G 172 -25.59 11.24 31.58
CA GLY G 172 -26.29 12.48 31.27
C GLY G 172 -25.34 13.61 30.97
N GLY G 173 -25.67 14.39 29.95
CA GLY G 173 -24.87 15.54 29.57
C GLY G 173 -25.74 16.76 29.33
N PRO G 174 -25.82 17.65 30.33
CA PRO G 174 -26.76 18.78 30.22
C PRO G 174 -26.45 19.76 29.10
N GLY G 175 -25.27 19.71 28.49
CA GLY G 175 -24.87 20.73 27.55
C GLY G 175 -25.01 20.41 26.08
N SER G 176 -25.45 19.20 25.74
CA SER G 176 -25.58 18.83 24.34
C SER G 176 -26.63 19.69 23.65
N PHE G 177 -26.35 20.07 22.41
CA PHE G 177 -27.32 20.72 21.54
C PHE G 177 -27.79 22.05 22.14
N TYR G 178 -26.83 22.92 22.40
CA TYR G 178 -27.09 24.20 23.06
C TYR G 178 -27.85 24.01 24.36
N TRP G 179 -27.34 23.09 25.18
CA TRP G 179 -27.84 22.85 26.54
C TRP G 179 -29.27 22.32 26.56
N GLN G 180 -29.74 21.71 25.47
CA GLN G 180 -30.97 20.94 25.52
C GLN G 180 -30.80 19.73 26.44
N GLY G 181 -29.57 19.26 26.62
CA GLY G 181 -29.30 18.08 27.40
C GLY G 181 -29.42 16.81 26.58
N GLN G 182 -28.78 15.75 27.08
CA GLN G 182 -28.72 14.50 26.33
C GLN G 182 -28.47 13.34 27.28
N LEU G 183 -29.08 12.20 26.97
CA LEU G 183 -28.89 10.96 27.70
C LEU G 183 -28.29 9.93 26.77
N ILE G 184 -27.34 9.15 27.28
CA ILE G 184 -26.66 8.13 26.49
C ILE G 184 -26.57 6.86 27.33
N SER G 185 -26.99 5.74 26.76
CA SER G 185 -26.93 4.44 27.42
C SER G 185 -26.07 3.50 26.60
N ASP G 186 -25.22 2.74 27.29
CA ASP G 186 -24.30 1.84 26.62
C ASP G 186 -24.08 0.59 27.47
N GLN G 187 -23.94 -0.55 26.80
CA GLN G 187 -23.64 -1.79 27.48
C GLN G 187 -22.19 -1.82 27.93
N VAL G 188 -21.95 -2.23 29.18
CA VAL G 188 -20.59 -2.29 29.69
C VAL G 188 -19.74 -3.22 28.85
N ALA G 189 -20.35 -4.27 28.30
CA ALA G 189 -19.60 -5.21 27.47
C ALA G 189 -19.07 -4.55 26.20
N GLU G 190 -19.74 -3.50 25.72
CA GLU G 190 -19.26 -2.79 24.53
C GLU G 190 -18.23 -1.73 24.89
N ILE G 191 -18.38 -1.06 26.02
CA ILE G 191 -17.37 -0.09 26.47
C ILE G 191 -16.05 -0.79 26.69
N VAL G 192 -16.07 -1.98 27.31
CA VAL G 192 -14.85 -2.71 27.58
C VAL G 192 -14.23 -3.21 26.27
N SER G 193 -15.05 -3.73 25.36
CA SER G 193 -14.53 -4.30 24.12
C SER G 193 -14.12 -3.22 23.13
N LYS G 194 -15.05 -2.34 22.77
CA LYS G 194 -14.79 -1.35 21.73
C LYS G 194 -13.79 -0.28 22.14
N TYR G 195 -13.22 -0.34 23.35
CA TYR G 195 -12.28 0.69 23.74
C TYR G 195 -11.01 0.62 22.92
N ASP G 196 -10.49 1.77 22.54
CA ASP G 196 -9.24 1.87 21.80
C ASP G 196 -8.51 3.14 22.23
N PRO G 197 -7.27 3.04 22.74
CA PRO G 197 -6.57 4.24 23.19
C PRO G 197 -6.13 5.16 22.06
N ASN G 198 -5.97 4.63 20.84
CA ASN G 198 -5.60 5.45 19.69
C ASN G 198 -6.80 6.09 19.02
N VAL G 199 -8.02 5.73 19.41
CA VAL G 199 -9.24 6.33 18.89
C VAL G 199 -9.82 7.24 19.97
N TYR G 200 -10.23 8.44 19.57
CA TYR G 200 -10.75 9.42 20.50
C TYR G 200 -12.27 9.54 20.46
N SER G 201 -12.91 9.10 19.37
CA SER G 201 -14.36 9.15 19.22
C SER G 201 -14.83 7.75 18.86
N ILE G 202 -14.96 6.90 19.88
CA ILE G 202 -15.37 5.52 19.66
C ILE G 202 -16.88 5.46 19.50
N LYS G 203 -17.35 4.73 18.49
CA LYS G 203 -18.76 4.49 18.27
C LYS G 203 -19.10 3.07 18.71
N TYR G 204 -20.23 2.92 19.40
CA TYR G 204 -20.63 1.65 19.98
C TYR G 204 -21.87 1.14 19.26
N ASN G 205 -21.88 -0.19 19.01
CA ASN G 205 -22.96 -0.79 18.24
C ASN G 205 -24.30 -0.58 18.93
N ASN G 206 -24.44 -1.07 20.16
CA ASN G 206 -25.72 -1.09 20.86
C ASN G 206 -25.79 0.10 21.81
N GLN G 207 -25.83 1.29 21.22
CA GLN G 207 -25.91 2.54 21.95
C GLN G 207 -27.30 3.14 21.82
N LEU G 208 -27.84 3.62 22.94
CA LEU G 208 -29.10 4.34 22.96
C LEU G 208 -28.85 5.76 23.45
N ALA G 209 -29.42 6.74 22.75
CA ALA G 209 -29.17 8.13 23.10
C ALA G 209 -30.32 8.98 22.60
N THR G 210 -30.45 10.17 23.19
CA THR G 210 -31.47 11.13 22.82
C THR G 210 -30.97 12.01 21.68
N ARG G 211 -31.85 12.31 20.74
CA ARG G 211 -31.49 13.04 19.54
C ARG G 211 -31.73 14.54 19.71
N THR G 212 -30.98 15.33 18.94
CA THR G 212 -31.16 16.78 18.97
C THR G 212 -32.57 17.15 18.53
N ALA G 213 -33.12 18.17 19.17
CA ALA G 213 -34.50 18.57 18.95
C ALA G 213 -34.57 20.04 18.55
N GLN G 214 -35.79 20.58 18.55
CA GLN G 214 -36.01 21.96 18.15
C GLN G 214 -35.35 22.92 19.13
N ALA G 215 -35.26 24.19 18.72
CA ALA G 215 -34.61 25.20 19.53
C ALA G 215 -35.45 25.63 20.73
N ILE G 216 -36.76 25.36 20.70
CA ILE G 216 -37.62 25.69 21.84
C ILE G 216 -37.11 25.01 23.10
N PHE G 217 -36.45 23.86 22.97
CA PHE G 217 -35.98 23.09 24.11
C PHE G 217 -34.56 23.49 24.55
N ASP G 218 -34.04 24.61 24.04
CA ASP G 218 -32.69 25.01 24.38
C ASP G 218 -32.60 25.41 25.86
N ASP G 219 -31.44 25.14 26.46
CA ASP G 219 -31.16 25.51 27.85
C ASP G 219 -32.09 24.78 28.81
N SER G 220 -32.34 23.51 28.54
CA SER G 220 -33.23 22.70 29.37
C SER G 220 -32.49 21.90 30.43
N TYR G 221 -31.24 21.50 30.15
CA TYR G 221 -30.42 20.76 31.12
C TYR G 221 -30.93 19.34 31.34
N LEU G 222 -31.28 18.65 30.25
CA LEU G 222 -31.61 17.23 30.36
C LEU G 222 -30.35 16.44 30.70
N GLY G 223 -30.49 15.48 31.61
CA GLY G 223 -29.36 14.76 32.12
C GLY G 223 -28.70 15.41 33.33
N TYR G 224 -29.30 16.48 33.87
CA TYR G 224 -28.78 17.09 35.08
C TYR G 224 -28.67 16.07 36.20
N SER G 225 -29.70 15.25 36.37
CA SER G 225 -29.69 14.13 37.30
C SER G 225 -30.37 12.96 36.62
N VAL G 226 -30.02 11.74 37.04
CA VAL G 226 -30.54 10.53 36.40
C VAL G 226 -30.82 9.46 37.43
N ALA G 227 -31.68 8.52 37.04
CA ALA G 227 -32.04 7.38 37.88
C ALA G 227 -32.64 6.31 36.98
N VAL G 228 -32.71 5.09 37.49
CA VAL G 228 -33.13 3.93 36.71
C VAL G 228 -34.23 3.19 37.44
N GLY G 229 -35.17 2.64 36.68
CA GLY G 229 -36.28 1.89 37.22
C GLY G 229 -37.29 1.52 36.15
N ASP G 230 -37.91 0.35 36.27
CA ASP G 230 -38.87 -0.11 35.26
C ASP G 230 -40.20 0.59 35.47
N PHE G 231 -40.78 1.11 34.39
CA PHE G 231 -42.07 1.79 34.45
C PHE G 231 -43.00 1.34 33.34
N ASN G 232 -42.72 0.21 32.69
CA ASN G 232 -43.63 -0.37 31.71
C ASN G 232 -43.81 -1.87 31.88
N GLY G 233 -43.23 -2.47 32.92
CA GLY G 233 -43.41 -3.88 33.21
C GLY G 233 -42.62 -4.82 32.32
N ASP G 234 -41.66 -4.30 31.55
CA ASP G 234 -40.91 -5.14 30.62
C ASP G 234 -39.83 -5.95 31.32
N GLY G 235 -39.29 -5.46 32.43
CA GLY G 235 -38.15 -6.05 33.09
C GLY G 235 -36.87 -5.26 32.90
N ILE G 236 -36.80 -4.41 31.89
CA ILE G 236 -35.62 -3.59 31.62
C ILE G 236 -35.78 -2.25 32.31
N ASP G 237 -34.78 -1.88 33.10
CA ASP G 237 -34.82 -0.59 33.78
C ASP G 237 -34.96 0.55 32.77
N ASP G 238 -35.92 1.43 33.03
CA ASP G 238 -36.11 2.61 32.20
C ASP G 238 -35.37 3.79 32.79
N PHE G 239 -35.14 4.81 31.97
CA PHE G 239 -34.24 5.91 32.30
C PHE G 239 -35.04 7.12 32.75
N VAL G 240 -34.86 7.50 34.03
CA VAL G 240 -35.45 8.72 34.58
C VAL G 240 -34.36 9.78 34.65
N SER G 241 -34.72 11.02 34.28
CA SER G 241 -33.74 12.10 34.24
C SER G 241 -34.43 13.42 34.54
N GLY G 242 -33.75 14.28 35.29
CA GLY G 242 -34.28 15.59 35.62
C GLY G 242 -33.90 16.61 34.57
N VAL G 243 -34.87 17.46 34.22
CA VAL G 243 -34.66 18.57 33.30
C VAL G 243 -35.03 19.84 34.03
N PRO G 244 -34.16 20.38 34.89
CA PRO G 244 -34.60 21.43 35.82
C PRO G 244 -35.00 22.74 35.16
N ARG G 245 -34.47 23.06 33.98
CA ARG G 245 -34.79 24.30 33.30
C ARG G 245 -35.85 24.14 32.22
N ALA G 246 -36.34 22.92 31.99
CA ALA G 246 -37.36 22.73 30.97
C ALA G 246 -38.64 23.46 31.32
N ALA G 247 -39.48 23.65 30.30
CA ALA G 247 -40.79 24.27 30.47
C ALA G 247 -40.65 25.68 31.06
N ARG G 248 -39.76 26.47 30.47
CA ARG G 248 -39.59 27.88 30.86
C ARG G 248 -39.08 27.98 32.30
N THR G 249 -37.96 27.30 32.56
CA THR G 249 -37.33 27.24 33.89
C THR G 249 -38.29 26.71 34.95
N LEU G 250 -39.36 26.05 34.53
CA LEU G 250 -40.33 25.48 35.45
C LEU G 250 -39.98 24.05 35.86
N GLY G 251 -39.05 23.42 35.16
CA GLY G 251 -38.57 22.12 35.54
C GLY G 251 -39.43 20.98 35.01
N MET G 252 -38.77 19.89 34.60
CA MET G 252 -39.47 18.69 34.16
C MET G 252 -38.64 17.48 34.56
N VAL G 253 -39.20 16.29 34.31
CA VAL G 253 -38.49 15.03 34.51
C VAL G 253 -38.95 14.08 33.42
N TYR G 254 -38.04 13.72 32.52
CA TYR G 254 -38.34 12.78 31.46
C TYR G 254 -38.11 11.35 31.95
N ILE G 255 -38.84 10.42 31.33
CA ILE G 255 -38.65 8.99 31.56
C ILE G 255 -38.67 8.32 30.20
N TYR G 256 -37.53 7.78 29.77
CA TYR G 256 -37.41 7.13 28.48
C TYR G 256 -37.38 5.61 28.65
N ASP G 257 -37.93 4.91 27.67
CA ASP G 257 -37.91 3.45 27.68
C ASP G 257 -36.47 2.97 27.58
N GLY G 258 -36.08 2.11 28.52
CA GLY G 258 -34.71 1.59 28.54
C GLY G 258 -34.35 0.69 27.39
N LYS G 259 -35.31 0.33 26.55
CA LYS G 259 -35.06 -0.58 25.43
C LYS G 259 -34.80 0.15 24.12
N ASN G 260 -35.70 1.06 23.72
CA ASN G 260 -35.57 1.80 22.47
C ASN G 260 -35.51 3.30 22.70
N MET G 261 -35.27 3.74 23.94
CA MET G 261 -35.14 5.16 24.26
C MET G 261 -36.34 5.96 23.74
N SER G 262 -37.54 5.39 23.89
CA SER G 262 -38.77 6.03 23.47
C SER G 262 -39.45 6.66 24.68
N SER G 263 -39.86 7.92 24.54
CA SER G 263 -40.43 8.65 25.67
C SER G 263 -41.63 7.91 26.26
N LEU G 264 -41.60 7.69 27.57
CA LEU G 264 -42.67 7.01 28.27
C LEU G 264 -43.53 7.97 29.10
N TYR G 265 -42.93 8.70 30.03
CA TYR G 265 -43.68 9.54 30.94
C TYR G 265 -42.98 10.88 31.11
N ASN G 266 -43.76 11.88 31.52
CA ASN G 266 -43.27 13.24 31.71
C ASN G 266 -43.85 13.82 33.00
N PHE G 267 -42.97 14.33 33.86
CA PHE G 267 -43.39 15.12 35.01
C PHE G 267 -43.00 16.57 34.77
N THR G 268 -43.85 17.49 35.25
CA THR G 268 -43.63 18.91 35.08
C THR G 268 -43.77 19.60 36.42
N GLY G 269 -42.85 20.51 36.72
CA GLY G 269 -42.90 21.24 37.97
C GLY G 269 -44.16 22.06 38.13
N GLU G 270 -44.20 22.88 39.17
CA GLU G 270 -45.31 23.78 39.41
C GLU G 270 -44.85 25.22 39.57
N GLN G 271 -43.69 25.44 40.19
CA GLN G 271 -43.16 26.76 40.45
C GLN G 271 -41.92 27.00 39.61
N MET G 272 -41.83 28.18 38.99
CA MET G 272 -40.68 28.52 38.18
C MET G 272 -39.45 28.75 39.06
N ALA G 273 -38.29 28.40 38.53
CA ALA G 273 -36.99 28.58 39.18
C ALA G 273 -36.85 27.74 40.44
N ALA G 274 -37.82 26.88 40.75
CA ALA G 274 -37.69 25.97 41.86
C ALA G 274 -36.70 24.85 41.58
N TYR G 275 -36.19 24.77 40.35
CA TYR G 275 -35.27 23.71 39.95
C TYR G 275 -35.88 22.33 40.22
N PHE G 276 -37.13 22.18 39.82
CA PHE G 276 -37.80 20.88 39.83
C PHE G 276 -37.09 19.92 38.89
N GLY G 277 -36.28 19.02 39.45
CA GLY G 277 -35.52 18.09 38.64
C GLY G 277 -34.05 18.09 38.98
N PHE G 278 -33.67 18.87 40.00
CA PHE G 278 -32.28 18.91 40.43
C PHE G 278 -31.82 17.54 40.92
N SER G 279 -32.68 16.83 41.64
CA SER G 279 -32.38 15.51 42.15
C SER G 279 -33.52 14.56 41.79
N VAL G 280 -33.17 13.33 41.45
CA VAL G 280 -34.14 12.32 41.04
C VAL G 280 -33.77 10.99 41.69
N ALA G 281 -34.79 10.22 42.07
CA ALA G 281 -34.56 8.91 42.67
C ALA G 281 -35.74 8.01 42.32
N ALA G 282 -35.47 6.70 42.32
CA ALA G 282 -36.47 5.69 41.96
C ALA G 282 -36.31 4.50 42.89
N THR G 283 -37.40 4.13 43.57
CA THR G 283 -37.39 3.00 44.47
C THR G 283 -38.82 2.72 44.90
N ASP G 284 -39.12 1.45 45.14
CA ASP G 284 -40.44 1.04 45.60
C ASP G 284 -40.55 1.34 47.09
N ILE G 285 -41.39 2.30 47.45
CA ILE G 285 -41.47 2.76 48.84
C ILE G 285 -42.63 2.08 49.55
N ASN G 286 -43.71 1.79 48.84
CA ASN G 286 -44.90 1.20 49.43
C ASN G 286 -44.92 -0.33 49.32
N GLY G 287 -43.81 -0.94 48.92
CA GLY G 287 -43.71 -2.39 48.91
C GLY G 287 -44.63 -3.09 47.95
N ASP G 288 -45.25 -2.35 47.03
CA ASP G 288 -46.10 -2.95 46.01
C ASP G 288 -45.30 -3.46 44.82
N ASP G 289 -43.97 -3.50 44.92
CA ASP G 289 -43.10 -3.93 43.83
C ASP G 289 -43.36 -3.12 42.57
N TYR G 290 -43.53 -1.81 42.75
CA TYR G 290 -43.64 -0.87 41.64
C TYR G 290 -42.76 0.34 41.97
N ALA G 291 -41.76 0.59 41.12
CA ALA G 291 -40.85 1.70 41.35
C ALA G 291 -41.61 3.00 41.53
N ASP G 292 -41.20 3.78 42.52
CA ASP G 292 -41.81 5.07 42.81
C ASP G 292 -40.78 6.17 42.58
N VAL G 293 -41.25 7.32 42.12
CA VAL G 293 -40.36 8.40 41.67
C VAL G 293 -40.30 9.48 42.73
N PHE G 294 -39.10 10.01 42.96
CA PHE G 294 -38.86 11.07 43.93
C PHE G 294 -38.10 12.18 43.23
N ILE G 295 -38.68 13.38 43.22
CA ILE G 295 -38.17 14.51 42.46
C ILE G 295 -37.96 15.68 43.40
N GLY G 296 -36.73 16.17 43.49
CA GLY G 296 -36.41 17.26 44.37
C GLY G 296 -36.47 18.61 43.67
N ALA G 297 -36.99 19.61 44.37
CA ALA G 297 -37.03 21.00 43.91
C ALA G 297 -36.46 21.86 45.02
N PRO G 298 -35.13 21.88 45.18
CA PRO G 298 -34.53 22.51 46.38
C PRO G 298 -34.88 23.98 46.54
N LEU G 299 -35.21 24.69 45.46
CA LEU G 299 -35.46 26.12 45.52
C LEU G 299 -36.95 26.46 45.56
N PHE G 300 -37.78 25.54 46.06
CA PHE G 300 -39.22 25.76 46.08
C PHE G 300 -39.59 26.73 47.19
N MET G 301 -40.53 27.62 46.89
CA MET G 301 -41.04 28.59 47.84
C MET G 301 -42.45 28.18 48.25
N ASP G 302 -42.70 28.13 49.56
CA ASP G 302 -44.00 27.78 50.09
C ASP G 302 -44.52 28.94 50.92
N ARG G 303 -45.86 29.04 51.01
CA ARG G 303 -46.51 30.11 51.75
C ARG G 303 -46.76 29.64 53.17
N GLY G 304 -46.11 30.30 54.13
CA GLY G 304 -46.22 29.93 55.52
C GLY G 304 -47.54 30.31 56.16
N SER G 305 -47.58 30.32 57.49
CA SER G 305 -48.81 30.66 58.20
C SER G 305 -49.19 32.13 57.99
N ASP G 306 -48.19 33.02 58.08
CA ASP G 306 -48.42 34.44 57.86
C ASP G 306 -48.39 34.84 56.39
N GLY G 307 -48.61 33.88 55.48
CA GLY G 307 -48.74 34.17 54.06
C GLY G 307 -47.46 34.51 53.34
N LYS G 308 -46.37 34.80 54.06
CA LYS G 308 -45.13 35.17 53.40
C LYS G 308 -44.53 33.95 52.70
N LEU G 309 -43.89 34.21 51.56
CA LEU G 309 -43.22 33.16 50.82
C LEU G 309 -41.89 32.81 51.49
N GLN G 310 -41.65 31.52 51.69
CA GLN G 310 -40.43 31.04 52.33
C GLN G 310 -39.85 29.92 51.49
N GLU G 311 -38.61 30.11 51.02
CA GLU G 311 -37.92 29.05 50.29
C GLU G 311 -37.54 27.95 51.28
N VAL G 312 -38.17 26.78 51.14
CA VAL G 312 -37.94 25.69 52.07
C VAL G 312 -37.60 24.40 51.32
N GLY G 313 -37.86 24.38 50.02
CA GLY G 313 -37.64 23.19 49.23
C GLY G 313 -38.85 22.27 49.25
N GLN G 314 -38.87 21.32 48.32
CA GLN G 314 -40.00 20.41 48.19
C GLN G 314 -39.60 19.18 47.40
N VAL G 315 -40.14 18.03 47.79
CA VAL G 315 -39.92 16.77 47.11
C VAL G 315 -41.28 16.19 46.72
N SER G 316 -41.39 15.72 45.48
CA SER G 316 -42.60 15.09 44.99
C SER G 316 -42.42 13.57 45.04
N VAL G 317 -43.41 12.88 45.61
CA VAL G 317 -43.38 11.43 45.75
C VAL G 317 -44.49 10.87 44.86
N SER G 318 -44.09 10.27 43.75
CA SER G 318 -45.02 9.72 42.77
C SER G 318 -45.02 8.21 42.89
N LEU G 319 -46.09 7.65 43.47
CA LEU G 319 -46.23 6.21 43.59
C LEU G 319 -46.81 5.65 42.31
N GLN G 320 -46.04 4.78 41.65
CA GLN G 320 -46.52 4.16 40.42
C GLN G 320 -47.61 3.16 40.71
N ARG G 321 -48.61 3.13 39.85
CA ARG G 321 -49.68 2.14 39.90
C ARG G 321 -49.68 1.34 38.60
N ALA G 322 -50.20 0.11 38.68
CA ALA G 322 -50.17 -0.78 37.53
C ALA G 322 -50.82 -0.14 36.31
N SER G 323 -51.88 0.65 36.51
CA SER G 323 -52.55 1.29 35.38
C SER G 323 -51.57 2.04 34.50
N GLY G 324 -50.49 2.57 35.09
CA GLY G 324 -49.48 3.28 34.35
C GLY G 324 -49.19 4.64 34.94
N ASP G 325 -50.22 5.29 35.46
CA ASP G 325 -50.11 6.66 35.95
C ASP G 325 -49.42 6.65 37.32
N PHE G 326 -49.49 7.77 38.03
CA PHE G 326 -48.83 7.91 39.33
C PHE G 326 -49.76 8.58 40.31
N GLN G 327 -49.51 8.31 41.59
CA GLN G 327 -50.18 8.98 42.71
C GLN G 327 -49.13 9.87 43.36
N THR G 328 -49.24 11.18 43.15
CA THR G 328 -48.19 12.11 43.53
C THR G 328 -48.55 12.86 44.80
N THR G 329 -47.60 12.94 45.72
CA THR G 329 -47.76 13.65 46.98
C THR G 329 -46.59 14.60 47.15
N LYS G 330 -46.89 15.86 47.51
CA LYS G 330 -45.84 16.83 47.78
C LYS G 330 -45.38 16.73 49.23
N LEU G 331 -44.15 17.14 49.46
CA LEU G 331 -43.56 17.09 50.80
C LEU G 331 -42.61 18.28 50.94
N ASN G 332 -43.02 19.28 51.71
CA ASN G 332 -42.25 20.51 51.82
C ASN G 332 -41.15 20.37 52.86
N GLY G 333 -40.19 21.30 52.78
CA GLY G 333 -39.09 21.34 53.72
C GLY G 333 -39.52 21.91 55.07
N PHE G 334 -38.53 22.11 55.93
CA PHE G 334 -38.76 22.57 57.29
C PHE G 334 -38.08 23.91 57.56
N GLU G 335 -36.80 24.03 57.22
CA GLU G 335 -36.04 25.24 57.48
C GLU G 335 -35.88 26.05 56.20
N VAL G 336 -35.88 27.38 56.36
CA VAL G 336 -35.75 28.28 55.23
C VAL G 336 -34.32 28.25 54.72
N PHE G 337 -34.16 28.37 53.40
CA PHE G 337 -32.88 28.42 52.72
C PHE G 337 -32.03 27.17 52.94
N ALA G 338 -32.59 26.13 53.56
CA ALA G 338 -31.84 24.90 53.76
C ALA G 338 -31.74 24.07 52.48
N ARG G 339 -32.50 24.43 51.45
CA ARG G 339 -32.49 23.70 50.18
C ARG G 339 -32.81 22.23 50.40
N PHE G 340 -33.84 21.98 51.20
CA PHE G 340 -34.40 20.65 51.35
C PHE G 340 -34.63 20.03 49.98
N GLY G 341 -34.28 18.76 49.85
CA GLY G 341 -34.42 18.06 48.59
C GLY G 341 -33.24 18.18 47.66
N SER G 342 -32.10 18.68 48.13
CA SER G 342 -30.91 18.74 47.30
C SER G 342 -30.40 17.35 46.96
N ALA G 343 -30.54 16.40 47.87
CA ALA G 343 -30.06 15.04 47.67
C ALA G 343 -31.08 14.05 48.18
N ILE G 344 -31.41 13.05 47.36
CA ILE G 344 -32.39 12.03 47.69
C ILE G 344 -31.71 10.67 47.55
N ALA G 345 -31.63 9.93 48.64
CA ALA G 345 -30.91 8.66 48.68
C ALA G 345 -31.83 7.52 49.07
N PRO G 346 -32.15 6.58 48.17
CA PRO G 346 -32.83 5.37 48.60
C PRO G 346 -31.96 4.57 49.56
N LEU G 347 -32.58 4.06 50.63
CA LEU G 347 -31.86 3.38 51.69
C LEU G 347 -32.11 1.88 51.75
N GLY G 348 -33.02 1.36 50.93
CA GLY G 348 -33.50 0.01 51.14
C GLY G 348 -34.50 0.00 52.28
N ASP G 349 -34.51 -1.12 53.02
CA ASP G 349 -35.36 -1.25 54.20
C ASP G 349 -34.47 -1.01 55.42
N LEU G 350 -34.28 0.29 55.73
CA LEU G 350 -33.36 0.67 56.79
C LEU G 350 -33.69 -0.02 58.11
N ASP G 351 -34.98 -0.11 58.43
CA ASP G 351 -35.42 -0.76 59.66
C ASP G 351 -35.89 -2.18 59.43
N GLN G 352 -35.88 -2.67 58.20
CA GLN G 352 -36.27 -4.03 57.87
C GLN G 352 -37.69 -4.32 58.35
N ASP G 353 -38.59 -3.37 58.13
CA ASP G 353 -39.99 -3.51 58.49
C ASP G 353 -40.85 -3.95 57.31
N GLY G 354 -40.25 -4.31 56.19
CA GLY G 354 -40.99 -4.72 55.02
C GLY G 354 -41.30 -3.62 54.03
N PHE G 355 -40.77 -2.42 54.24
CA PHE G 355 -40.98 -1.31 53.32
C PHE G 355 -39.69 -0.52 53.21
N ASN G 356 -39.28 -0.24 51.99
CA ASN G 356 -38.05 0.52 51.78
C ASN G 356 -38.20 1.93 52.33
N ASP G 357 -37.07 2.49 52.74
CA ASP G 357 -37.02 3.83 53.34
C ASP G 357 -36.18 4.74 52.45
N ILE G 358 -36.12 6.02 52.81
CA ILE G 358 -35.52 7.01 51.93
C ILE G 358 -35.05 8.19 52.76
N ALA G 359 -33.91 8.77 52.37
CA ALA G 359 -33.34 9.92 53.04
C ALA G 359 -33.38 11.14 52.13
N ILE G 360 -33.63 12.31 52.71
CA ILE G 360 -33.68 13.57 51.99
C ILE G 360 -32.86 14.58 52.77
N ALA G 361 -32.00 15.32 52.07
CA ALA G 361 -31.01 16.17 52.70
C ALA G 361 -31.39 17.65 52.58
N ALA G 362 -30.96 18.42 53.57
CA ALA G 362 -31.04 19.88 53.55
C ALA G 362 -29.64 20.38 53.90
N PRO G 363 -28.71 20.34 52.93
CA PRO G 363 -27.29 20.54 53.28
C PRO G 363 -26.96 21.90 53.88
N TYR G 364 -27.88 22.85 53.84
CA TYR G 364 -27.61 24.21 54.28
C TYR G 364 -28.60 24.65 55.35
N GLY G 365 -28.97 23.73 56.24
CA GLY G 365 -29.86 24.01 57.33
C GLY G 365 -29.23 23.70 58.67
N GLY G 366 -30.00 23.98 59.72
CA GLY G 366 -29.57 23.70 61.07
C GLY G 366 -28.68 24.80 61.63
N GLU G 367 -28.23 24.56 62.86
CA GLU G 367 -27.33 25.51 63.52
C GLU G 367 -26.07 25.69 62.67
N ASP G 368 -25.75 26.95 62.38
CA ASP G 368 -24.56 27.29 61.59
C ASP G 368 -24.59 26.66 60.20
N LYS G 369 -25.76 26.24 59.73
CA LYS G 369 -25.91 25.65 58.41
C LYS G 369 -24.98 24.45 58.23
N LYS G 370 -24.76 23.69 59.31
CA LYS G 370 -23.94 22.49 59.21
C LYS G 370 -24.53 21.46 58.25
N GLY G 371 -25.83 21.51 58.03
CA GLY G 371 -26.49 20.58 57.14
C GLY G 371 -27.21 19.48 57.89
N ILE G 372 -28.35 19.05 57.34
CA ILE G 372 -29.19 18.04 57.97
C ILE G 372 -29.54 16.98 56.93
N VAL G 373 -29.88 15.79 57.42
CA VAL G 373 -30.41 14.70 56.61
C VAL G 373 -31.59 14.10 57.36
N TYR G 374 -32.76 14.10 56.73
CA TYR G 374 -33.98 13.57 57.32
C TYR G 374 -34.25 12.18 56.75
N ILE G 375 -34.55 11.23 57.63
CA ILE G 375 -34.90 9.88 57.25
C ILE G 375 -36.41 9.74 57.28
N PHE G 376 -36.98 9.11 56.24
CA PHE G 376 -38.41 8.87 56.15
C PHE G 376 -38.65 7.39 55.91
N ASN G 377 -39.57 6.81 56.67
CA ASN G 377 -39.89 5.39 56.56
C ASN G 377 -41.08 5.19 55.65
N GLY G 378 -40.98 4.19 54.77
CA GLY G 378 -42.05 3.89 53.84
C GLY G 378 -43.10 2.96 54.44
N ARG G 379 -44.34 3.17 54.02
CA ARG G 379 -45.47 2.39 54.49
C ARG G 379 -46.30 1.97 53.28
N SER G 380 -47.22 1.02 53.52
CA SER G 380 -48.09 0.57 52.44
C SER G 380 -48.88 1.73 51.85
N THR G 381 -49.24 2.72 52.67
CA THR G 381 -50.01 3.86 52.19
C THR G 381 -49.17 4.80 51.33
N GLY G 382 -47.85 4.73 51.43
CA GLY G 382 -46.97 5.62 50.71
C GLY G 382 -45.67 5.87 51.46
N LEU G 383 -45.41 7.12 51.81
CA LEU G 383 -44.23 7.50 52.57
C LEU G 383 -44.66 8.24 53.83
N ASN G 384 -44.04 7.91 54.95
CA ASN G 384 -44.36 8.56 56.22
C ASN G 384 -43.86 10.00 56.16
N ALA G 385 -44.78 10.95 55.98
CA ALA G 385 -44.42 12.35 55.81
C ALA G 385 -43.66 12.92 57.01
N VAL G 386 -43.63 12.20 58.13
CA VAL G 386 -42.91 12.65 59.32
C VAL G 386 -41.59 11.89 59.40
N PRO G 387 -40.45 12.59 59.50
CA PRO G 387 -39.18 11.86 59.54
C PRO G 387 -38.99 11.17 60.89
N SER G 388 -38.48 9.94 60.83
CA SER G 388 -38.22 9.19 62.05
C SER G 388 -36.89 9.52 62.68
N GLN G 389 -35.97 10.13 61.94
CA GLN G 389 -34.64 10.43 62.46
C GLN G 389 -34.07 11.63 61.74
N ILE G 390 -33.26 12.41 62.48
CA ILE G 390 -32.65 13.62 61.96
C ILE G 390 -31.16 13.56 62.24
N LEU G 391 -30.36 13.57 61.18
CA LEU G 391 -28.91 13.57 61.28
C LEU G 391 -28.40 14.98 60.99
N GLU G 392 -27.40 15.41 61.77
CA GLU G 392 -26.90 16.76 61.70
C GLU G 392 -25.39 16.76 61.52
N GLY G 393 -24.90 17.64 60.65
CA GLY G 393 -23.47 17.80 60.49
C GLY G 393 -22.80 18.23 61.78
N GLN G 394 -21.50 17.94 61.88
CA GLN G 394 -20.75 18.22 63.09
C GLN G 394 -19.49 19.02 62.79
N TRP G 395 -19.53 19.87 61.77
CA TRP G 395 -18.35 20.63 61.36
C TRP G 395 -18.75 22.05 60.98
N ALA G 396 -18.03 23.01 61.54
CA ALA G 396 -18.19 24.41 61.14
C ALA G 396 -17.44 24.66 59.84
N ALA G 397 -18.05 25.47 58.97
CA ALA G 397 -17.44 25.78 57.69
C ALA G 397 -16.07 26.42 57.90
N ARG G 398 -15.07 25.91 57.19
CA ARG G 398 -13.73 26.48 57.28
C ARG G 398 -13.69 27.87 56.66
N SER G 399 -14.29 28.01 55.47
CA SER G 399 -14.36 29.29 54.76
C SER G 399 -15.13 29.09 53.46
N GLY G 400 -15.76 30.15 52.98
CA GLY G 400 -16.51 30.04 51.73
C GLY G 400 -17.62 29.04 51.84
N CYS G 401 -17.52 27.97 51.05
CA CYS G 401 -18.57 26.97 50.98
C CYS G 401 -18.96 26.52 52.39
N PRO G 402 -20.25 26.33 52.67
CA PRO G 402 -20.65 25.71 53.93
C PRO G 402 -20.36 24.22 53.90
N PRO G 403 -20.42 23.53 55.04
CA PRO G 403 -20.01 22.13 55.05
C PRO G 403 -20.74 21.28 54.03
N SER G 404 -22.00 21.61 53.72
CA SER G 404 -22.78 20.88 52.74
C SER G 404 -22.93 19.42 53.15
N PHE G 405 -23.23 19.21 54.43
CA PHE G 405 -23.49 17.87 54.95
C PHE G 405 -24.82 17.37 54.40
N GLY G 406 -24.76 16.31 53.58
CA GLY G 406 -25.93 15.79 52.92
C GLY G 406 -26.02 16.15 51.44
N TYR G 407 -25.11 17.00 50.94
CA TYR G 407 -25.11 17.32 49.52
C TYR G 407 -24.99 16.06 48.67
N SER G 408 -24.33 15.03 49.19
CA SER G 408 -24.25 13.74 48.54
C SER G 408 -24.35 12.65 49.60
N MET G 409 -24.88 11.50 49.20
CA MET G 409 -25.07 10.41 50.14
C MET G 409 -25.58 9.19 49.40
N LYS G 410 -25.23 8.01 49.93
CA LYS G 410 -25.56 6.74 49.30
C LYS G 410 -25.93 5.73 50.38
N GLY G 411 -26.96 4.93 50.10
CA GLY G 411 -27.39 3.89 51.02
C GLY G 411 -27.75 2.60 50.31
N ALA G 412 -28.49 1.73 51.00
CA ALA G 412 -29.00 0.49 50.41
C ALA G 412 -27.91 -0.56 50.26
N THR G 413 -26.88 -0.50 51.11
CA THR G 413 -25.84 -1.52 51.13
C THR G 413 -25.48 -1.82 52.58
N ASP G 414 -25.36 -3.10 52.90
CA ASP G 414 -25.01 -3.54 54.26
C ASP G 414 -23.50 -3.78 54.27
N ILE G 415 -22.75 -2.74 54.64
CA ILE G 415 -21.29 -2.83 54.60
C ILE G 415 -20.77 -3.66 55.76
N ASP G 416 -21.36 -3.51 56.94
CA ASP G 416 -20.98 -4.33 58.09
C ASP G 416 -21.67 -5.69 58.09
N LYS G 417 -22.63 -5.92 57.18
CA LYS G 417 -23.32 -7.20 57.07
C LYS G 417 -24.09 -7.52 58.33
N ASN G 418 -24.72 -6.49 58.91
CA ASN G 418 -25.51 -6.65 60.12
C ASN G 418 -26.99 -6.91 59.84
N GLY G 419 -27.36 -7.13 58.58
CA GLY G 419 -28.73 -7.34 58.21
C GLY G 419 -29.48 -6.09 57.79
N TYR G 420 -28.92 -4.91 58.07
CA TYR G 420 -29.57 -3.65 57.76
C TYR G 420 -28.68 -2.77 56.91
N PRO G 421 -29.20 -2.15 55.85
CA PRO G 421 -28.36 -1.27 55.03
C PRO G 421 -27.89 -0.06 55.81
N ASP G 422 -26.74 0.47 55.40
CA ASP G 422 -26.12 1.62 56.03
C ASP G 422 -26.14 2.79 55.05
N LEU G 423 -25.48 3.88 55.42
CA LEU G 423 -25.59 5.14 54.68
C LEU G 423 -24.28 5.92 54.75
N ILE G 424 -23.84 6.41 53.59
CA ILE G 424 -22.71 7.34 53.51
C ILE G 424 -23.28 8.73 53.26
N VAL G 425 -22.71 9.73 53.93
CA VAL G 425 -23.14 11.12 53.78
C VAL G 425 -21.89 11.98 53.62
N GLY G 426 -21.83 12.71 52.51
CA GLY G 426 -20.70 13.56 52.25
C GLY G 426 -20.93 14.99 52.69
N ALA G 427 -19.82 15.66 53.04
CA ALA G 427 -19.82 17.09 53.35
C ALA G 427 -18.55 17.66 52.71
N PHE G 428 -18.67 18.09 51.47
CA PHE G 428 -17.49 18.49 50.70
C PHE G 428 -16.99 19.88 51.11
N GLY G 429 -17.87 20.73 51.62
CA GLY G 429 -17.43 22.02 52.11
C GLY G 429 -16.42 21.93 53.23
N VAL G 430 -16.29 20.75 53.84
CA VAL G 430 -15.27 20.49 54.84
C VAL G 430 -14.41 19.29 54.48
N ASP G 431 -14.63 18.68 53.32
CA ASP G 431 -13.78 17.60 52.83
C ASP G 431 -13.87 16.37 53.73
N ARG G 432 -15.08 15.82 53.89
CA ARG G 432 -15.27 14.67 54.77
C ARG G 432 -16.44 13.83 54.30
N ALA G 433 -16.47 12.59 54.77
CA ALA G 433 -17.56 11.65 54.52
C ALA G 433 -17.82 10.88 55.80
N ILE G 434 -19.09 10.55 56.05
CA ILE G 434 -19.50 9.91 57.29
C ILE G 434 -20.33 8.68 56.94
N LEU G 435 -19.94 7.54 57.50
CA LEU G 435 -20.68 6.29 57.35
C LEU G 435 -21.51 6.06 58.60
N TYR G 436 -22.83 6.11 58.44
CA TYR G 436 -23.76 5.79 59.52
C TYR G 436 -24.22 4.35 59.35
N ARG G 437 -24.16 3.57 60.43
CA ARG G 437 -24.50 2.16 60.40
C ARG G 437 -25.81 1.94 61.15
N ALA G 438 -26.63 1.02 60.63
CA ALA G 438 -27.97 0.79 61.16
C ALA G 438 -27.92 -0.20 62.31
N ARG G 439 -28.48 0.20 63.47
CA ARG G 439 -28.57 -0.70 64.60
C ARG G 439 -29.73 -1.67 64.41
N PRO G 440 -29.57 -2.96 64.74
CA PRO G 440 -30.68 -3.90 64.55
C PRO G 440 -31.86 -3.56 65.44
N VAL G 441 -33.06 -3.66 64.87
CA VAL G 441 -34.28 -3.25 65.55
C VAL G 441 -34.88 -4.42 66.30
N ILE G 442 -35.11 -4.25 67.59
CA ILE G 442 -35.78 -5.24 68.43
C ILE G 442 -37.18 -4.73 68.76
N THR G 443 -38.17 -5.61 68.67
CA THR G 443 -39.54 -5.32 69.05
C THR G 443 -39.84 -6.07 70.33
N VAL G 444 -40.20 -5.34 71.38
CA VAL G 444 -40.42 -5.90 72.71
C VAL G 444 -41.90 -5.76 73.05
N ASN G 445 -42.47 -6.81 73.65
CA ASN G 445 -43.84 -6.81 74.13
C ASN G 445 -43.83 -7.19 75.60
N ALA G 446 -44.31 -6.28 76.45
CA ALA G 446 -44.36 -6.50 77.88
C ALA G 446 -45.80 -6.68 78.34
N GLY G 447 -45.95 -7.34 79.49
CA GLY G 447 -47.26 -7.57 80.06
C GLY G 447 -47.25 -7.49 81.57
N LEU G 448 -48.27 -6.86 82.14
CA LEU G 448 -48.37 -6.69 83.59
C LEU G 448 -49.80 -6.97 84.01
N GLU G 449 -49.99 -7.96 84.88
CA GLU G 449 -51.31 -8.33 85.36
C GLU G 449 -51.30 -8.36 86.89
N VAL G 450 -52.39 -7.90 87.48
CA VAL G 450 -52.52 -7.77 88.93
C VAL G 450 -53.85 -8.41 89.31
N TYR G 451 -53.81 -9.51 90.07
CA TYR G 451 -55.01 -10.24 90.42
C TYR G 451 -54.97 -10.70 91.88
N PRO G 452 -56.01 -10.45 92.68
CA PRO G 452 -57.20 -9.65 92.32
C PRO G 452 -56.94 -8.14 92.40
N SER G 453 -57.44 -7.39 91.43
CA SER G 453 -57.19 -5.95 91.40
C SER G 453 -57.91 -5.24 92.55
N ILE G 454 -59.18 -5.58 92.76
CA ILE G 454 -59.93 -5.01 93.89
C ILE G 454 -59.51 -5.73 95.16
N LEU G 455 -58.93 -4.98 96.09
CA LEU G 455 -58.33 -5.53 97.30
C LEU G 455 -59.22 -5.28 98.50
N ASN G 456 -59.27 -6.25 99.41
CA ASN G 456 -60.06 -6.15 100.63
C ASN G 456 -59.13 -6.26 101.83
N GLN G 457 -59.14 -5.22 102.67
CA GLN G 457 -58.26 -5.19 103.83
C GLN G 457 -58.57 -6.33 104.79
N ASP G 458 -59.81 -6.41 105.25
CA ASP G 458 -60.18 -7.41 106.25
C ASP G 458 -60.04 -8.84 105.73
N ASN G 459 -59.72 -9.01 104.44
CA ASN G 459 -59.49 -10.31 103.84
C ASN G 459 -58.32 -11.04 104.52
N LYS G 460 -57.11 -10.54 104.33
CA LYS G 460 -55.92 -11.07 104.99
C LYS G 460 -55.81 -12.59 104.83
N THR G 461 -55.55 -12.98 103.58
CA THR G 461 -55.39 -14.39 103.26
C THR G 461 -53.95 -14.87 103.43
N CYS G 462 -52.96 -14.06 103.04
CA CYS G 462 -51.59 -14.50 103.01
C CYS G 462 -50.94 -14.37 104.38
N SER G 463 -49.72 -14.90 104.49
CA SER G 463 -48.95 -14.91 105.72
C SER G 463 -47.69 -14.07 105.54
N LEU G 464 -47.22 -13.50 106.64
CA LEU G 464 -46.00 -12.70 106.63
C LEU G 464 -44.78 -13.62 106.76
N PRO G 465 -43.55 -13.08 106.65
CA PRO G 465 -42.38 -13.95 106.49
C PRO G 465 -42.15 -14.82 107.72
N GLY G 466 -41.59 -14.26 108.77
CA GLY G 466 -41.41 -14.98 110.02
C GLY G 466 -42.55 -14.74 110.97
N THR G 467 -42.74 -13.47 111.35
CA THR G 467 -43.81 -13.08 112.26
C THR G 467 -45.12 -13.76 111.89
N ALA G 468 -45.89 -14.12 112.93
CA ALA G 468 -47.14 -14.85 112.73
C ALA G 468 -48.26 -13.97 112.17
N LEU G 469 -48.05 -12.66 112.07
CA LEU G 469 -49.08 -11.76 111.58
C LEU G 469 -49.49 -12.14 110.15
N LYS G 470 -50.66 -11.65 109.74
CA LYS G 470 -51.18 -11.85 108.40
C LYS G 470 -51.63 -10.52 107.82
N VAL G 471 -51.69 -10.48 106.48
CA VAL G 471 -52.06 -9.28 105.74
C VAL G 471 -52.82 -9.68 104.49
N SER G 472 -53.56 -8.72 103.93
CA SER G 472 -54.26 -8.92 102.67
C SER G 472 -53.26 -8.78 101.53
N CYS G 473 -53.45 -9.59 100.48
CA CYS G 473 -52.42 -9.76 99.47
C CYS G 473 -53.02 -9.81 98.07
N PHE G 474 -52.13 -9.81 97.09
CA PHE G 474 -52.49 -9.92 95.68
C PHE G 474 -51.26 -10.40 94.92
N ASN G 475 -51.44 -10.69 93.64
CA ASN G 475 -50.39 -11.24 92.79
C ASN G 475 -50.02 -10.25 91.71
N VAL G 476 -48.74 -9.92 91.62
CA VAL G 476 -48.21 -9.09 90.54
C VAL G 476 -47.44 -10.01 89.61
N ARG G 477 -47.84 -10.03 88.34
CA ARG G 477 -47.29 -10.95 87.34
C ARG G 477 -46.86 -10.16 86.13
N PHE G 478 -45.56 -10.18 85.83
CA PHE G 478 -45.01 -9.47 84.68
C PHE G 478 -44.46 -10.48 83.68
N CYS G 479 -44.87 -10.32 82.42
CA CYS G 479 -44.37 -11.13 81.32
C CYS G 479 -43.52 -10.26 80.39
N LEU G 480 -42.59 -10.89 79.69
CA LEU G 480 -41.68 -10.17 78.80
C LEU G 480 -41.24 -11.08 77.67
N LYS G 481 -41.46 -10.64 76.44
CA LYS G 481 -40.91 -11.31 75.28
C LYS G 481 -40.40 -10.27 74.30
N ALA G 482 -39.45 -10.69 73.46
CA ALA G 482 -38.87 -9.83 72.45
C ALA G 482 -38.50 -10.68 71.25
N ASP G 483 -38.43 -10.02 70.09
CA ASP G 483 -37.98 -10.65 68.87
C ASP G 483 -37.15 -9.66 68.09
N GLY G 484 -36.39 -10.17 67.12
CA GLY G 484 -35.53 -9.32 66.33
C GLY G 484 -35.11 -9.94 65.03
N LYS G 485 -35.26 -9.21 63.94
CA LYS G 485 -34.80 -9.66 62.64
C LYS G 485 -33.33 -9.32 62.45
N GLY G 486 -32.68 -10.06 61.56
CA GLY G 486 -31.29 -9.83 61.28
C GLY G 486 -30.39 -10.42 62.36
N VAL G 487 -29.14 -9.97 62.33
CA VAL G 487 -28.12 -10.50 63.23
C VAL G 487 -28.33 -9.92 64.62
N LEU G 488 -28.48 -10.78 65.61
CA LEU G 488 -28.70 -10.38 67.00
C LEU G 488 -28.33 -11.54 67.90
N PRO G 489 -28.09 -11.28 69.18
CA PRO G 489 -27.85 -12.39 70.11
C PRO G 489 -29.10 -13.22 70.30
N ARG G 490 -28.90 -14.52 70.51
CA ARG G 490 -30.04 -15.42 70.70
C ARG G 490 -30.72 -15.19 72.04
N LYS G 491 -29.98 -14.76 73.05
CA LYS G 491 -30.52 -14.46 74.37
C LYS G 491 -30.46 -12.96 74.60
N LEU G 492 -31.52 -12.42 75.20
CA LEU G 492 -31.65 -10.99 75.44
C LEU G 492 -31.89 -10.76 76.93
N ASN G 493 -30.99 -10.01 77.57
CA ASN G 493 -31.07 -9.75 79.00
C ASN G 493 -31.70 -8.38 79.22
N PHE G 494 -32.83 -8.35 79.93
CA PHE G 494 -33.45 -7.12 80.39
C PHE G 494 -33.28 -7.00 81.90
N GLN G 495 -33.22 -5.76 82.36
CA GLN G 495 -33.35 -5.47 83.79
C GLN G 495 -34.71 -4.83 84.00
N VAL G 496 -35.58 -5.52 84.72
CA VAL G 496 -36.95 -5.07 84.96
C VAL G 496 -37.04 -4.53 86.38
N GLU G 497 -37.69 -3.39 86.53
CA GLU G 497 -37.80 -2.71 87.83
C GLU G 497 -39.26 -2.37 88.09
N LEU G 498 -39.80 -2.89 89.18
CA LEU G 498 -41.19 -2.65 89.57
C LEU G 498 -41.23 -1.77 90.82
N LEU G 499 -42.20 -0.87 90.86
CA LEU G 499 -42.46 -0.07 92.06
C LEU G 499 -43.95 0.06 92.28
N LEU G 500 -44.35 -0.03 93.55
CA LEU G 500 -45.76 0.01 93.93
C LEU G 500 -46.14 1.39 94.43
N ASP G 501 -47.37 1.80 94.12
CA ASP G 501 -47.92 3.08 94.55
C ASP G 501 -46.97 4.23 94.17
N LYS G 502 -46.95 4.50 92.87
CA LYS G 502 -46.12 5.57 92.34
C LYS G 502 -46.77 6.94 92.49
N LEU G 503 -48.10 7.00 92.57
CA LEU G 503 -48.78 8.29 92.62
C LEU G 503 -48.25 9.13 93.77
N LYS G 504 -48.37 8.64 95.00
CA LYS G 504 -47.80 9.32 96.16
C LYS G 504 -46.41 8.75 96.39
N GLN G 505 -45.40 9.47 95.92
CA GLN G 505 -44.02 9.00 95.94
C GLN G 505 -43.30 9.64 97.12
N LYS G 506 -42.77 8.80 98.01
CA LYS G 506 -42.02 9.21 99.21
C LYS G 506 -41.39 10.60 99.09
N ALA G 508 -43.84 11.50 101.50
CA ALA G 508 -45.14 11.03 101.06
C ALA G 508 -45.39 9.60 101.53
N ILE G 509 -46.64 9.15 101.45
CA ILE G 509 -47.07 7.87 101.99
C ILE G 509 -47.27 6.88 100.85
N ARG G 510 -46.69 5.69 101.00
CA ARG G 510 -46.91 4.57 100.09
C ARG G 510 -47.45 3.39 100.89
N ARG G 511 -48.43 2.68 100.34
CA ARG G 511 -49.20 1.70 101.09
C ARG G 511 -48.87 0.25 100.78
N ALA G 512 -48.65 -0.09 99.52
CA ALA G 512 -48.46 -1.49 99.12
C ALA G 512 -46.98 -1.82 99.04
N LEU G 513 -46.61 -2.99 99.57
CA LEU G 513 -45.25 -3.48 99.55
C LEU G 513 -45.26 -4.93 99.06
N PHE G 514 -44.08 -5.50 98.88
CA PHE G 514 -43.93 -6.89 98.47
C PHE G 514 -43.82 -7.79 99.69
N LEU G 515 -44.05 -9.09 99.47
CA LEU G 515 -44.14 -10.03 100.58
C LEU G 515 -42.76 -10.39 101.12
N TYR G 516 -41.96 -11.09 100.30
CA TYR G 516 -40.65 -11.54 100.77
C TYR G 516 -39.68 -10.37 100.95
N SER G 517 -39.86 -9.30 100.18
CA SER G 517 -38.92 -8.19 100.23
C SER G 517 -39.24 -7.23 101.37
N ARG G 518 -40.53 -7.03 101.67
CA ARG G 518 -40.96 -5.96 102.56
C ARG G 518 -40.58 -4.59 102.04
N SER G 519 -40.24 -4.49 100.76
CA SER G 519 -39.84 -3.26 100.10
C SER G 519 -40.81 -2.93 98.98
N PRO G 520 -41.06 -1.64 98.72
CA PRO G 520 -41.90 -1.27 97.56
C PRO G 520 -41.25 -1.60 96.23
N SER G 521 -39.93 -1.70 96.17
CA SER G 521 -39.20 -1.91 94.93
C SER G 521 -38.85 -3.38 94.74
N HIS G 522 -38.72 -3.78 93.48
CA HIS G 522 -38.26 -5.12 93.14
C HIS G 522 -37.52 -5.06 91.82
N SER G 523 -36.33 -5.64 91.78
CA SER G 523 -35.50 -5.68 90.59
C SER G 523 -35.28 -7.12 90.16
N LYS G 524 -35.08 -7.33 88.87
CA LYS G 524 -34.77 -8.67 88.36
C LYS G 524 -34.22 -8.53 86.95
N ASN G 525 -33.19 -9.33 86.65
CA ASN G 525 -32.54 -9.33 85.34
C ASN G 525 -33.05 -10.55 84.58
N MET G 526 -34.05 -10.34 83.72
CA MET G 526 -34.64 -11.43 82.96
C MET G 526 -33.79 -11.76 81.75
N THR G 527 -33.71 -13.05 81.44
CA THR G 527 -32.96 -13.57 80.29
C THR G 527 -33.96 -14.27 79.39
N ILE G 528 -34.53 -13.53 78.44
CA ILE G 528 -35.58 -14.04 77.58
C ILE G 528 -34.97 -14.55 76.28
N SER G 529 -35.70 -15.44 75.62
CA SER G 529 -35.28 -16.02 74.35
C SER G 529 -36.04 -15.37 73.21
N ARG G 530 -35.32 -14.93 72.18
CA ARG G 530 -35.95 -14.26 71.06
C ARG G 530 -36.77 -15.25 70.24
N GLY G 531 -37.87 -14.75 69.68
CA GLY G 531 -38.75 -15.58 68.89
C GLY G 531 -39.71 -16.40 69.73
N GLY G 532 -39.23 -16.88 70.87
CA GLY G 532 -40.03 -17.68 71.76
C GLY G 532 -41.16 -16.88 72.39
N LEU G 533 -41.96 -17.58 73.19
CA LEU G 533 -43.10 -16.97 73.85
C LEU G 533 -42.64 -16.22 75.08
N MET G 534 -43.60 -15.62 75.80
CA MET G 534 -43.28 -14.73 76.90
C MET G 534 -42.73 -15.51 78.08
N GLN G 535 -41.62 -15.02 78.64
CA GLN G 535 -41.15 -15.48 79.94
C GLN G 535 -41.80 -14.61 81.02
N CYS G 536 -42.53 -15.25 81.92
CA CYS G 536 -43.30 -14.55 82.94
C CYS G 536 -42.77 -14.87 84.32
N GLU G 537 -43.05 -13.97 85.26
CA GLU G 537 -42.73 -14.20 86.67
C GLU G 537 -43.77 -13.45 87.50
N GLU G 538 -44.30 -14.13 88.51
CA GLU G 538 -45.24 -13.53 89.43
C GLU G 538 -44.65 -13.49 90.83
N LEU G 539 -45.08 -12.50 91.61
CA LEU G 539 -44.67 -12.38 92.99
C LEU G 539 -45.83 -11.82 93.79
N ILE G 540 -45.85 -12.15 95.08
CA ILE G 540 -46.93 -11.75 95.96
C ILE G 540 -46.58 -10.43 96.62
N ALA G 541 -47.57 -9.56 96.76
CA ALA G 541 -47.41 -8.26 97.40
C ALA G 541 -48.60 -8.00 98.29
N TYR G 542 -48.34 -7.43 99.47
CA TYR G 542 -49.38 -7.18 100.45
C TYR G 542 -49.49 -5.70 100.74
N LEU G 543 -50.59 -5.34 101.40
CA LEU G 543 -50.83 -3.99 101.86
C LEU G 543 -50.50 -3.87 103.34
N ARG G 544 -50.04 -2.68 103.73
CA ARG G 544 -49.76 -2.42 105.13
C ARG G 544 -51.07 -2.26 105.91
N ASP G 545 -50.97 -2.46 107.23
CA ASP G 545 -52.15 -2.36 108.08
C ASP G 545 -52.74 -0.94 108.01
N GLU G 546 -54.07 -0.87 108.03
CA GLU G 546 -54.75 0.42 107.92
C GLU G 546 -54.24 1.41 108.95
N SER G 547 -53.77 0.92 110.10
CA SER G 547 -53.29 1.78 111.18
C SER G 547 -52.02 2.54 110.82
N GLU G 548 -51.55 2.50 109.58
CA GLU G 548 -50.34 3.20 109.19
C GLU G 548 -50.56 4.24 108.09
N PHE G 549 -51.76 4.34 107.53
CA PHE G 549 -52.03 5.30 106.48
C PHE G 549 -53.50 5.67 106.48
N ARG G 550 -53.78 6.96 106.29
CA ARG G 550 -55.15 7.46 106.22
C ARG G 550 -55.66 7.64 104.79
N ASP G 551 -54.78 7.64 103.80
CA ASP G 551 -55.17 7.90 102.42
C ASP G 551 -55.56 6.59 101.74
N LYS G 552 -56.80 6.54 101.24
CA LYS G 552 -57.30 5.38 100.51
C LYS G 552 -57.99 5.75 99.21
N LEU G 553 -58.21 7.04 98.94
CA LEU G 553 -58.87 7.46 97.71
C LEU G 553 -57.90 7.54 96.54
N THR G 554 -56.60 7.54 96.80
CA THR G 554 -55.60 7.60 95.75
C THR G 554 -55.33 6.19 95.23
N PRO G 555 -55.56 5.91 93.95
CA PRO G 555 -55.28 4.56 93.45
C PRO G 555 -53.84 4.14 93.68
N ILE G 556 -53.63 2.83 93.63
CA ILE G 556 -52.31 2.23 93.80
C ILE G 556 -51.84 1.77 92.42
N THR G 557 -50.81 2.42 91.90
CA THR G 557 -50.25 2.04 90.61
C THR G 557 -49.13 1.03 90.78
N ILE G 558 -49.14 0.01 89.93
CA ILE G 558 -48.08 -0.97 89.85
C ILE G 558 -47.31 -0.68 88.57
N PHE G 559 -46.13 -0.09 88.70
CA PHE G 559 -45.37 0.46 87.59
C PHE G 559 -44.11 -0.38 87.39
N MET G 560 -43.93 -0.89 86.17
CA MET G 560 -42.73 -1.61 85.80
C MET G 560 -42.05 -0.89 84.64
N GLU G 561 -40.72 -0.81 84.70
CA GLU G 561 -39.92 -0.29 83.60
C GLU G 561 -38.82 -1.29 83.31
N TYR G 562 -38.63 -1.60 82.04
CA TYR G 562 -37.65 -2.59 81.60
C TYR G 562 -36.62 -1.92 80.71
N ARG G 563 -35.36 -2.29 80.90
CA ARG G 563 -34.26 -1.76 80.10
C ARG G 563 -33.34 -2.91 79.72
N LEU G 564 -33.11 -3.07 78.42
CA LEU G 564 -32.20 -4.09 77.93
C LEU G 564 -30.75 -3.67 78.15
N ASP G 565 -29.87 -4.67 78.20
CA ASP G 565 -28.44 -4.43 78.38
C ASP G 565 -27.80 -4.31 77.01
N TYR G 566 -27.54 -3.06 76.58
CA TYR G 566 -26.90 -2.86 75.29
C TYR G 566 -25.52 -3.50 75.25
N ARG G 567 -24.74 -3.34 76.32
CA ARG G 567 -23.39 -3.87 76.38
C ARG G 567 -23.35 -5.33 75.97
N THR G 568 -24.08 -6.18 76.72
CA THR G 568 -24.04 -7.62 76.47
C THR G 568 -24.59 -8.00 75.10
N ALA G 569 -25.45 -7.16 74.52
CA ALA G 569 -26.09 -7.49 73.25
C ALA G 569 -25.35 -6.90 72.05
N ALA G 570 -24.25 -6.20 72.25
CA ALA G 570 -23.48 -5.65 71.14
C ALA G 570 -22.87 -6.77 70.31
N ASP G 571 -22.77 -6.54 69.01
CA ASP G 571 -22.19 -7.51 68.10
C ASP G 571 -20.66 -7.42 68.18
N THR G 572 -19.97 -8.18 67.32
CA THR G 572 -18.51 -8.16 67.33
C THR G 572 -17.97 -6.75 67.17
N THR G 573 -18.65 -5.92 66.36
CA THR G 573 -18.19 -4.58 66.06
C THR G 573 -18.60 -3.56 67.11
N GLY G 574 -19.30 -3.98 68.16
CA GLY G 574 -19.84 -3.05 69.13
C GLY G 574 -21.16 -2.42 68.76
N LEU G 575 -21.69 -2.74 67.58
CA LEU G 575 -22.97 -2.19 67.14
C LEU G 575 -24.08 -2.72 68.04
N GLN G 576 -24.57 -1.87 68.93
CA GLN G 576 -25.59 -2.29 69.87
C GLN G 576 -26.97 -2.32 69.20
N PRO G 577 -27.85 -3.19 69.66
CA PRO G 577 -29.22 -3.19 69.13
C PRO G 577 -30.01 -1.98 69.59
N ILE G 578 -31.14 -1.76 68.92
CA ILE G 578 -32.04 -0.66 69.25
C ILE G 578 -33.45 -1.21 69.39
N LEU G 579 -34.21 -0.63 70.30
CA LEU G 579 -35.62 -0.96 70.46
C LEU G 579 -36.43 -0.10 69.50
N ASN G 580 -37.46 -0.70 68.90
CA ASN G 580 -38.31 0.02 67.97
C ASN G 580 -38.77 1.34 68.58
N GLN G 581 -38.80 2.38 67.75
CA GLN G 581 -39.03 3.73 68.26
C GLN G 581 -40.34 3.85 69.03
N PHE G 582 -41.36 3.10 68.63
CA PHE G 582 -42.67 3.24 69.25
C PHE G 582 -42.81 2.46 70.55
N THR G 583 -41.94 1.50 70.81
CA THR G 583 -42.07 0.68 72.01
C THR G 583 -41.90 1.54 73.25
N PRO G 584 -42.85 1.53 74.19
CA PRO G 584 -42.72 2.32 75.41
C PRO G 584 -41.88 1.62 76.47
N ALA G 585 -41.38 2.41 77.41
CA ALA G 585 -40.41 1.94 78.39
C ALA G 585 -41.04 1.33 79.64
N ASN G 586 -42.29 1.67 79.94
CA ASN G 586 -42.88 1.35 81.23
C ASN G 586 -44.36 1.12 81.05
N ILE G 587 -44.86 0.02 81.61
CA ILE G 587 -46.29 -0.22 81.66
C ILE G 587 -46.74 -0.10 83.11
N SER G 588 -48.03 0.13 83.30
CA SER G 588 -48.57 0.36 84.63
C SER G 588 -49.99 -0.18 84.73
N ARG G 589 -50.25 -0.96 85.77
CA ARG G 589 -51.59 -1.38 86.12
C ARG G 589 -51.99 -0.67 87.41
N GLN G 590 -53.11 -1.08 88.01
CA GLN G 590 -53.60 -0.39 89.19
C GLN G 590 -54.42 -1.34 90.05
N ALA G 591 -54.65 -0.93 91.29
CA ALA G 591 -55.45 -1.67 92.26
C ALA G 591 -56.06 -0.67 93.23
N HIS G 592 -57.12 -1.10 93.93
CA HIS G 592 -57.86 -0.20 94.80
C HIS G 592 -58.35 -0.95 96.04
N ILE G 593 -59.12 -0.24 96.86
CA ILE G 593 -59.70 -0.76 98.10
C ILE G 593 -61.14 -0.26 98.18
N LEU G 594 -61.96 -0.97 98.94
CA LEU G 594 -63.36 -0.62 99.09
C LEU G 594 -63.60 0.15 100.39
N LEU G 595 -64.79 0.74 100.48
CA LEU G 595 -65.20 1.50 101.67
C LEU G 595 -66.40 0.83 102.34
N THR G 596 -67.56 0.82 101.70
CA THR G 596 -68.72 0.11 102.23
C THR G 596 -68.92 -1.19 101.46
N GLY G 597 -70.17 -1.62 101.32
CA GLY G 597 -70.47 -2.79 100.53
C GLY G 597 -71.29 -3.84 101.25
N GLY G 598 -70.76 -5.05 101.35
CA GLY G 598 -71.47 -6.15 101.97
C GLY G 598 -72.59 -6.68 101.10
N ASN H 73 -42.39 59.16 61.13
CA ASN H 73 -43.60 58.34 61.16
C ASN H 73 -44.65 58.88 60.20
N THR H 74 -44.17 59.47 59.09
CA THR H 74 -45.08 60.15 58.17
C THR H 74 -45.80 59.18 57.24
N GLN H 75 -45.08 58.21 56.69
CA GLN H 75 -45.68 57.30 55.71
C GLN H 75 -46.84 56.52 56.32
N VAL H 76 -46.54 55.72 57.34
CA VAL H 76 -47.51 54.77 57.90
C VAL H 76 -47.97 55.28 59.26
N THR H 77 -49.19 54.88 59.62
CA THR H 77 -49.80 55.30 60.88
C THR H 77 -50.63 54.14 61.42
N PRO H 78 -50.42 53.73 62.69
CA PRO H 78 -49.35 54.17 63.60
C PRO H 78 -48.03 53.46 63.34
N GLY H 79 -46.93 54.20 63.35
CA GLY H 79 -45.63 53.60 63.20
C GLY H 79 -45.13 52.82 64.39
N GLU H 80 -45.92 52.74 65.46
CA GLU H 80 -45.53 52.04 66.68
C GLU H 80 -46.79 51.55 67.38
N VAL H 81 -46.79 50.29 67.81
CA VAL H 81 -47.93 49.69 68.48
C VAL H 81 -47.44 48.76 69.58
N SER H 82 -48.26 48.62 70.62
CA SER H 82 -47.97 47.73 71.74
C SER H 82 -49.26 47.02 72.12
N ILE H 83 -49.37 45.75 71.77
CA ILE H 83 -50.56 44.95 72.07
C ILE H 83 -50.11 43.70 72.81
N GLN H 84 -50.75 43.43 73.95
CA GLN H 84 -50.49 42.22 74.73
C GLN H 84 -51.75 41.38 74.75
N LEU H 85 -51.65 40.16 74.22
CA LEU H 85 -52.81 39.32 73.96
C LEU H 85 -52.90 38.20 75.00
N ARG H 86 -54.13 37.82 75.30
CA ARG H 86 -54.43 36.75 76.25
C ARG H 86 -54.61 35.43 75.51
N PRO H 87 -54.02 34.32 76.01
CA PRO H 87 -54.12 33.05 75.26
C PRO H 87 -55.54 32.70 74.85
N GLY H 88 -55.78 32.64 73.54
CA GLY H 88 -57.08 32.33 72.99
C GLY H 88 -57.88 33.51 72.51
N ALA H 89 -57.48 34.73 72.87
CA ALA H 89 -58.19 35.93 72.45
C ALA H 89 -57.63 36.46 71.14
N GLU H 90 -58.30 37.47 70.60
CA GLU H 90 -57.89 38.12 69.37
C GLU H 90 -57.97 39.63 69.54
N ALA H 91 -57.19 40.34 68.74
CA ALA H 91 -57.21 41.80 68.73
C ALA H 91 -57.08 42.28 67.29
N ASN H 92 -57.99 43.15 66.87
CA ASN H 92 -58.04 43.65 65.51
C ASN H 92 -57.76 45.15 65.53
N PHE H 93 -56.75 45.56 64.77
CA PHE H 93 -56.43 46.98 64.63
C PHE H 93 -56.06 47.26 63.18
N MET H 94 -56.34 48.48 62.73
CA MET H 94 -56.09 48.90 61.37
C MET H 94 -54.92 49.88 61.34
N LEU H 95 -54.08 49.74 60.30
CA LEU H 95 -52.95 50.62 60.07
C LEU H 95 -53.16 51.35 58.76
N LYS H 96 -52.72 52.61 58.71
CA LYS H 96 -52.99 53.49 57.59
C LYS H 96 -51.71 53.69 56.78
N VAL H 97 -51.73 53.22 55.53
CA VAL H 97 -50.65 53.49 54.58
C VAL H 97 -51.13 54.55 53.61
N HIS H 98 -50.21 55.35 53.11
CA HIS H 98 -50.56 56.49 52.27
C HIS H 98 -49.34 57.05 51.56
N PRO H 99 -49.18 56.79 50.26
CA PRO H 99 -48.00 57.29 49.56
C PRO H 99 -48.13 58.78 49.23
N LEU H 100 -47.01 59.48 49.36
CA LEU H 100 -46.97 60.89 49.00
C LEU H 100 -46.78 61.02 47.49
N LYS H 101 -46.99 62.23 46.99
CA LYS H 101 -46.88 62.48 45.55
C LYS H 101 -45.43 62.65 45.14
N LYS H 102 -44.90 63.87 45.27
CA LYS H 102 -43.54 64.17 44.88
C LYS H 102 -42.54 63.38 45.73
N TYR H 103 -41.92 62.38 45.12
CA TYR H 103 -41.00 61.49 45.81
C TYR H 103 -39.58 61.70 45.30
N PRO H 104 -38.58 61.81 46.17
CA PRO H 104 -37.20 61.61 45.72
C PRO H 104 -37.05 60.20 45.16
N VAL H 105 -36.34 60.09 44.04
CA VAL H 105 -36.27 58.84 43.30
C VAL H 105 -34.82 58.55 42.93
N ASP H 106 -34.40 57.30 43.14
CA ASP H 106 -33.15 56.78 42.64
C ASP H 106 -33.44 55.74 41.57
N LEU H 107 -32.68 55.78 40.48
CA LEU H 107 -32.87 54.85 39.37
C LEU H 107 -31.52 54.33 38.91
N TYR H 108 -31.39 53.02 38.82
CA TYR H 108 -30.14 52.37 38.45
C TYR H 108 -30.38 51.52 37.20
N TYR H 109 -29.74 51.90 36.11
CA TYR H 109 -29.82 51.14 34.86
C TYR H 109 -28.78 50.02 34.91
N LEU H 110 -29.25 48.78 34.91
CA LEU H 110 -28.39 47.60 34.89
C LEU H 110 -28.65 46.85 33.59
N VAL H 111 -27.67 46.86 32.70
CA VAL H 111 -27.86 46.44 31.31
C VAL H 111 -27.07 45.17 31.05
N ASP H 112 -27.75 44.17 30.48
CA ASP H 112 -27.06 43.07 29.83
C ASP H 112 -26.32 43.61 28.61
N VAL H 113 -24.99 43.52 28.63
CA VAL H 113 -24.18 44.07 27.54
C VAL H 113 -23.63 42.95 26.69
N SER H 114 -24.43 41.89 26.51
CA SER H 114 -24.05 40.82 25.61
C SER H 114 -24.26 41.27 24.15
N ALA H 115 -23.84 40.41 23.22
CA ALA H 115 -23.81 40.79 21.82
C ALA H 115 -25.19 41.26 21.34
N SER H 116 -26.23 40.47 21.59
CA SER H 116 -27.56 40.73 21.04
C SER H 116 -28.07 42.13 21.39
N MET H 117 -27.45 42.80 22.35
CA MET H 117 -27.93 44.06 22.87
C MET H 117 -27.31 45.28 22.20
N HIS H 118 -26.58 45.11 21.10
CA HIS H 118 -25.90 46.24 20.48
C HIS H 118 -26.90 47.34 20.13
N ASN H 119 -27.89 47.04 19.28
CA ASN H 119 -28.88 48.04 18.90
C ASN H 119 -29.54 48.65 20.13
N ASN H 120 -29.79 47.83 21.15
CA ASN H 120 -30.42 48.33 22.37
C ASN H 120 -29.51 49.32 23.09
N ILE H 121 -28.22 49.00 23.20
CA ILE H 121 -27.29 49.87 23.90
C ILE H 121 -27.11 51.18 23.13
N GLU H 122 -26.85 51.08 21.82
CA GLU H 122 -26.64 52.28 21.01
C GLU H 122 -27.83 53.22 21.12
N LYS H 123 -29.05 52.68 21.17
CA LYS H 123 -30.25 53.51 21.18
C LYS H 123 -30.48 54.21 22.51
N LEU H 124 -29.60 54.03 23.48
CA LEU H 124 -29.76 54.65 24.80
C LEU H 124 -28.64 55.65 25.10
N ASN H 125 -27.98 56.18 24.07
CA ASN H 125 -26.85 57.07 24.30
C ASN H 125 -27.31 58.44 24.80
N SER H 126 -28.45 58.92 24.33
CA SER H 126 -28.92 60.27 24.67
C SER H 126 -30.40 60.28 25.07
N VAL H 127 -30.87 59.19 25.66
CA VAL H 127 -32.26 59.13 26.08
C VAL H 127 -32.43 59.53 27.53
N GLY H 128 -31.44 59.28 28.38
CA GLY H 128 -31.51 59.66 29.78
C GLY H 128 -31.76 61.14 29.96
N ASN H 129 -30.90 61.97 29.35
CA ASN H 129 -31.08 63.41 29.42
C ASN H 129 -32.47 63.84 29.00
N ASP H 130 -33.13 63.04 28.15
CA ASP H 130 -34.49 63.37 27.72
C ASP H 130 -35.52 62.97 28.77
N LEU H 131 -35.37 61.80 29.39
CA LEU H 131 -36.35 61.34 30.35
C LEU H 131 -36.28 62.15 31.65
N SER H 132 -35.07 62.53 32.07
CA SER H 132 -34.92 63.31 33.30
C SER H 132 -35.89 64.48 33.35
N ARG H 133 -36.27 65.01 32.18
CA ARG H 133 -37.23 66.10 32.14
C ARG H 133 -38.59 65.64 32.70
N LYS H 134 -39.14 64.57 32.13
CA LYS H 134 -40.44 64.08 32.59
C LYS H 134 -40.39 63.62 34.03
N MET H 135 -39.29 62.97 34.43
CA MET H 135 -39.19 62.43 35.78
C MET H 135 -39.06 63.55 36.80
N ALA H 136 -38.10 64.46 36.60
CA ALA H 136 -37.97 65.60 37.50
C ALA H 136 -39.25 66.42 37.56
N PHE H 137 -40.02 66.43 36.46
CA PHE H 137 -41.34 67.03 36.48
C PHE H 137 -42.32 66.22 37.32
N PHE H 138 -42.05 64.93 37.51
CA PHE H 138 -42.86 64.06 38.34
C PHE H 138 -42.24 63.78 39.71
N SER H 139 -40.99 64.20 39.94
CA SER H 139 -40.29 63.92 41.18
C SER H 139 -39.38 65.09 41.53
N ARG H 140 -39.35 65.45 42.81
CA ARG H 140 -38.49 66.53 43.27
C ARG H 140 -37.05 66.22 42.89
N ASP H 141 -36.38 65.38 43.68
CA ASP H 141 -35.03 64.95 43.36
C ASP H 141 -35.08 63.75 42.41
N PHE H 142 -33.97 63.53 41.71
CA PHE H 142 -33.89 62.43 40.75
C PHE H 142 -32.43 62.14 40.50
N ARG H 143 -32.00 60.91 40.81
CA ARG H 143 -30.62 60.51 40.62
C ARG H 143 -30.56 59.24 39.80
N LEU H 144 -29.43 59.04 39.11
CA LEU H 144 -29.31 58.03 38.08
C LEU H 144 -27.94 57.36 38.15
N GLY H 145 -27.93 56.03 38.05
CA GLY H 145 -26.70 55.28 38.06
C GLY H 145 -26.73 54.20 36.99
N PHE H 146 -25.55 53.65 36.70
CA PHE H 146 -25.41 52.71 35.60
C PHE H 146 -24.44 51.59 35.94
N GLY H 147 -24.76 50.38 35.45
CA GLY H 147 -23.90 49.23 35.62
C GLY H 147 -24.15 48.24 34.50
N SER H 148 -23.19 47.35 34.30
CA SER H 148 -23.22 46.41 33.18
C SER H 148 -22.96 44.99 33.67
N TYR H 149 -23.57 44.02 32.98
CA TYR H 149 -23.37 42.62 33.30
C TYR H 149 -23.49 41.80 32.02
N VAL H 150 -22.94 40.59 32.06
CA VAL H 150 -23.02 39.67 30.94
C VAL H 150 -23.29 38.26 31.46
N ASP H 151 -22.29 37.65 32.08
CA ASP H 151 -22.42 36.30 32.62
C ASP H 151 -21.17 35.99 33.43
N LYS H 152 -21.18 34.83 34.09
CA LYS H 152 -20.02 34.42 34.87
C LYS H 152 -18.90 33.99 33.93
N THR H 153 -17.68 34.46 34.21
CA THR H 153 -16.55 34.26 33.32
C THR H 153 -15.88 32.94 33.64
N VAL H 154 -16.47 31.87 33.15
CA VAL H 154 -15.92 30.52 33.33
C VAL H 154 -16.68 29.55 32.44
N SER H 155 -15.99 28.53 31.94
CA SER H 155 -16.63 27.51 31.13
C SER H 155 -17.76 26.86 31.92
N PRO H 156 -18.86 26.45 31.25
CA PRO H 156 -19.12 26.54 29.81
C PRO H 156 -19.79 27.84 29.40
N TYR H 157 -19.95 28.78 30.34
CA TYR H 157 -20.66 30.02 30.03
C TYR H 157 -19.91 30.87 29.02
N ILE H 158 -18.58 30.80 29.01
CA ILE H 158 -17.76 31.54 28.07
C ILE H 158 -16.69 30.63 27.50
N SER H 159 -16.23 30.95 26.30
CA SER H 159 -15.10 30.24 25.71
C SER H 159 -13.82 30.75 26.35
N ILE H 160 -12.98 29.83 26.82
CA ILE H 160 -11.77 30.20 27.53
C ILE H 160 -10.55 29.76 26.73
N HIS H 161 -10.68 29.76 25.41
CA HIS H 161 -9.52 29.52 24.57
C HIS H 161 -8.53 30.67 24.74
N PRO H 162 -7.22 30.38 24.82
CA PRO H 162 -6.23 31.45 25.06
C PRO H 162 -6.50 32.70 24.23
N GLU H 163 -6.64 32.54 22.92
CA GLU H 163 -6.93 33.68 22.04
C GLU H 163 -8.42 33.79 21.76
N CYS H 169 -15.38 37.32 19.99
CA CYS H 169 -16.20 37.63 18.83
C CYS H 169 -15.40 37.50 17.55
N ASN H 173 -16.23 37.93 12.46
CA ASN H 173 -15.85 38.47 13.76
C ASN H 173 -16.05 39.98 13.80
N LEU H 174 -16.12 40.53 15.00
CA LEU H 174 -16.27 41.96 15.19
C LEU H 174 -15.71 42.33 16.56
N ASP H 175 -15.68 43.63 16.83
CA ASP H 175 -15.02 44.12 18.04
C ASP H 175 -15.83 43.78 19.29
N CYS H 176 -15.12 43.34 20.33
CA CYS H 176 -15.72 43.05 21.62
C CYS H 176 -14.67 43.21 22.71
N MET H 177 -15.15 43.38 23.92
CA MET H 177 -14.31 43.35 25.11
C MET H 177 -14.45 42.00 25.82
N PRO H 178 -13.50 41.64 26.68
CA PRO H 178 -13.63 40.37 27.37
C PRO H 178 -14.85 40.34 28.25
N PRO H 179 -15.41 39.15 28.53
CA PRO H 179 -16.63 39.08 29.36
C PRO H 179 -16.41 39.62 30.76
N HIS H 180 -17.46 39.60 31.57
CA HIS H 180 -17.38 40.11 32.93
C HIS H 180 -18.68 39.81 33.66
N GLY H 181 -18.57 39.47 34.94
CA GLY H 181 -19.73 39.22 35.76
C GLY H 181 -20.61 40.44 35.92
N TYR H 182 -20.04 41.52 36.46
CA TYR H 182 -20.80 42.73 36.72
C TYR H 182 -19.85 43.84 37.10
N ILE H 183 -20.09 45.04 36.54
CA ILE H 183 -19.28 46.22 36.82
C ILE H 183 -20.21 47.37 37.15
N HIS H 184 -20.10 47.90 38.37
CA HIS H 184 -20.79 49.13 38.74
C HIS H 184 -19.96 50.31 38.26
N VAL H 185 -20.43 50.97 37.20
CA VAL H 185 -19.63 51.99 36.53
C VAL H 185 -19.94 53.40 37.05
N LEU H 186 -21.21 53.70 37.30
CA LEU H 186 -21.60 55.04 37.73
C LEU H 186 -22.60 54.96 38.87
N SER H 187 -22.30 55.68 39.95
CA SER H 187 -23.21 55.77 41.08
C SER H 187 -24.27 56.84 40.83
N LEU H 188 -25.29 56.85 41.68
CA LEU H 188 -26.41 57.77 41.52
C LEU H 188 -25.94 59.20 41.65
N THR H 189 -26.19 60.01 40.62
CA THR H 189 -25.80 61.41 40.60
C THR H 189 -26.93 62.24 40.02
N GLU H 190 -27.13 63.45 40.57
CA GLU H 190 -28.15 64.35 40.05
C GLU H 190 -27.85 64.73 38.61
N ASN H 191 -26.58 64.94 38.29
CA ASN H 191 -26.15 65.42 36.98
C ASN H 191 -26.17 64.28 35.97
N ILE H 192 -26.77 64.51 34.82
CA ILE H 192 -27.17 63.44 33.90
C ILE H 192 -26.19 63.28 32.75
N THR H 193 -25.75 64.38 32.14
CA THR H 193 -24.86 64.27 30.98
C THR H 193 -23.69 63.34 31.25
N GLU H 194 -23.28 63.23 32.52
CA GLU H 194 -22.29 62.23 32.89
C GLU H 194 -22.75 60.83 32.52
N PHE H 195 -24.04 60.54 32.73
CA PHE H 195 -24.57 59.23 32.37
C PHE H 195 -24.49 59.00 30.87
N GLU H 196 -24.77 60.03 30.07
CA GLU H 196 -24.67 59.90 28.63
C GLU H 196 -23.24 59.58 28.20
N LYS H 197 -22.27 60.33 28.73
CA LYS H 197 -20.87 60.03 28.46
C LYS H 197 -20.50 58.64 28.92
N ALA H 198 -21.21 58.12 29.94
CA ALA H 198 -20.92 56.78 30.43
C ALA H 198 -21.50 55.70 29.51
N VAL H 199 -22.68 55.94 28.95
CA VAL H 199 -23.32 54.93 28.12
C VAL H 199 -22.63 54.84 26.77
N HIS H 200 -22.24 55.98 26.19
CA HIS H 200 -21.49 55.91 24.94
C HIS H 200 -20.11 55.33 25.17
N ARG H 201 -19.54 55.53 26.36
CA ARG H 201 -18.32 54.86 26.76
C ARG H 201 -18.49 53.36 26.87
N GLN H 202 -19.72 52.86 26.83
CA GLN H 202 -20.00 51.44 26.99
C GLN H 202 -19.64 50.66 25.74
N LYS H 203 -19.19 49.42 25.94
CA LYS H 203 -18.91 48.48 24.86
C LYS H 203 -19.60 47.16 25.18
N ILE H 204 -19.49 46.21 24.25
CA ILE H 204 -20.25 44.98 24.32
C ILE H 204 -19.28 43.80 24.43
N SER H 205 -19.76 42.74 25.08
CA SER H 205 -19.02 41.49 25.21
C SER H 205 -19.86 40.35 24.65
N GLY H 206 -19.28 39.16 24.67
CA GLY H 206 -19.99 37.97 24.24
C GLY H 206 -19.77 36.83 25.21
N ASN H 207 -20.76 35.94 25.25
CA ASN H 207 -20.63 34.68 25.99
C ASN H 207 -21.10 33.58 25.05
N ILE H 208 -21.45 32.42 25.61
CA ILE H 208 -21.90 31.30 24.78
C ILE H 208 -23.40 31.06 25.05
N ASP H 209 -23.72 30.51 26.21
CA ASP H 209 -25.09 30.16 26.53
C ASP H 209 -25.98 31.39 26.46
N THR H 210 -27.14 31.23 25.82
CA THR H 210 -28.07 32.34 25.62
C THR H 210 -28.45 33.06 26.91
N PRO H 211 -28.81 32.37 28.01
CA PRO H 211 -29.19 33.09 29.22
C PRO H 211 -28.00 33.82 29.82
N GLU H 212 -28.29 34.92 30.51
CA GLU H 212 -27.27 35.83 31.03
C GLU H 212 -27.38 35.91 32.54
N GLY H 213 -26.23 35.88 33.22
CA GLY H 213 -26.19 35.91 34.66
C GLY H 213 -26.54 37.27 35.23
N GLY H 214 -27.83 37.61 35.23
CA GLY H 214 -28.27 38.91 35.66
C GLY H 214 -28.62 39.02 37.14
N PHE H 215 -29.02 37.90 37.75
CA PHE H 215 -29.46 37.93 39.14
C PHE H 215 -28.33 38.34 40.08
N ASP H 216 -27.11 37.90 39.81
CA ASP H 216 -25.98 38.34 40.63
C ASP H 216 -25.86 39.85 40.62
N ALA H 217 -25.86 40.45 39.42
CA ALA H 217 -25.76 41.89 39.32
C ALA H 217 -26.88 42.58 40.09
N MET H 218 -28.11 42.06 39.95
CA MET H 218 -29.23 42.63 40.70
C MET H 218 -28.94 42.62 42.20
N LEU H 219 -28.55 41.47 42.75
CA LEU H 219 -28.28 41.39 44.18
C LEU H 219 -27.17 42.35 44.57
N GLN H 220 -26.09 42.40 43.78
CA GLN H 220 -24.98 43.29 44.10
C GLN H 220 -25.44 44.75 44.10
N ALA H 221 -26.20 45.14 43.08
CA ALA H 221 -26.72 46.50 43.04
C ALA H 221 -27.65 46.77 44.22
N ALA H 222 -28.24 45.73 44.78
CA ALA H 222 -29.21 45.91 45.85
C ALA H 222 -28.51 46.07 47.20
N VAL H 223 -27.59 45.15 47.52
CA VAL H 223 -26.99 45.13 48.85
C VAL H 223 -25.92 46.20 48.99
N CYS H 224 -25.07 46.35 47.97
CA CYS H 224 -24.00 47.35 48.02
C CYS H 224 -24.57 48.76 48.10
N GLU H 225 -25.20 49.09 49.23
CA GLU H 225 -25.92 50.35 49.33
C GLU H 225 -24.98 51.54 49.15
N SER H 226 -23.86 51.55 49.88
CA SER H 226 -22.98 52.72 49.86
C SER H 226 -22.32 52.89 48.50
N HIS H 227 -21.96 51.79 47.84
CA HIS H 227 -21.20 51.89 46.60
C HIS H 227 -22.07 52.44 45.47
N ILE H 228 -23.34 52.04 45.43
CA ILE H 228 -24.24 52.58 44.40
C ILE H 228 -24.79 53.94 44.82
N GLY H 229 -25.00 54.15 46.13
CA GLY H 229 -25.37 55.45 46.64
C GLY H 229 -26.87 55.64 46.78
N TRP H 230 -27.58 54.60 47.19
CA TRP H 230 -29.03 54.67 47.31
C TRP H 230 -29.43 55.62 48.45
N ARG H 231 -30.55 56.32 48.26
CA ARG H 231 -31.08 57.24 49.26
C ARG H 231 -32.13 56.54 50.11
N LYS H 232 -31.95 56.60 51.44
CA LYS H 232 -32.83 55.88 52.33
C LYS H 232 -34.29 56.27 52.13
N GLU H 233 -34.54 57.55 51.87
CA GLU H 233 -35.90 58.07 51.81
C GLU H 233 -36.55 57.92 50.44
N ALA H 234 -35.79 57.63 49.41
CA ALA H 234 -36.27 57.68 48.04
C ALA H 234 -36.76 56.32 47.56
N LYS H 235 -37.68 56.36 46.60
CA LYS H 235 -38.05 55.16 45.87
C LYS H 235 -36.85 54.69 45.06
N ARG H 236 -36.41 53.46 45.29
CA ARG H 236 -35.18 52.93 44.73
C ARG H 236 -35.53 51.94 43.63
N LEU H 237 -35.45 52.40 42.38
CA LEU H 237 -35.80 51.59 41.22
C LEU H 237 -34.54 50.97 40.62
N LEU H 238 -34.60 49.66 40.37
CA LEU H 238 -33.50 48.93 39.76
C LEU H 238 -33.99 48.39 38.42
N LEU H 239 -33.72 49.13 37.34
CA LEU H 239 -34.11 48.69 36.01
C LEU H 239 -33.08 47.69 35.49
N VAL H 240 -33.57 46.52 35.07
CA VAL H 240 -32.71 45.48 34.49
C VAL H 240 -33.12 45.33 33.03
N MET H 241 -32.19 45.66 32.14
CA MET H 241 -32.41 45.53 30.70
C MET H 241 -31.74 44.26 30.20
N THR H 242 -32.50 43.45 29.48
CA THR H 242 -31.99 42.21 28.91
C THR H 242 -32.91 41.80 27.78
N ASP H 243 -32.51 40.75 27.05
CA ASP H 243 -33.30 40.24 25.94
C ASP H 243 -33.69 38.78 26.10
N GLN H 244 -32.94 38.01 26.88
CA GLN H 244 -33.19 36.60 27.10
C GLN H 244 -33.40 36.35 28.59
N THR H 245 -33.60 35.08 28.95
CA THR H 245 -33.78 34.72 30.34
C THR H 245 -32.49 34.94 31.12
N SER H 246 -32.54 34.65 32.42
CA SER H 246 -31.39 34.82 33.29
C SER H 246 -31.08 33.51 34.00
N HIS H 247 -29.80 33.32 34.30
CA HIS H 247 -29.36 32.09 34.93
C HIS H 247 -29.86 31.99 36.37
N LEU H 248 -30.25 30.78 36.76
CA LEU H 248 -30.70 30.51 38.11
C LEU H 248 -29.51 30.11 38.98
N ALA H 249 -29.78 29.83 40.26
CA ALA H 249 -28.73 29.50 41.22
C ALA H 249 -28.03 28.20 40.85
N LEU H 250 -28.76 27.09 40.88
CA LEU H 250 -28.17 25.77 40.64
C LEU H 250 -27.61 25.62 39.24
N ASP H 251 -27.89 26.56 38.33
CA ASP H 251 -27.23 26.56 37.03
C ASP H 251 -25.72 26.54 37.19
N SER H 252 -25.21 27.26 38.19
CA SER H 252 -23.77 27.39 38.40
C SER H 252 -23.10 26.05 38.70
N LYS H 253 -23.87 25.00 38.99
CA LYS H 253 -23.26 23.70 39.24
C LYS H 253 -22.55 23.14 38.03
N LEU H 254 -22.95 23.56 36.82
CA LEU H 254 -22.28 23.07 35.61
C LEU H 254 -20.83 23.51 35.57
N ALA H 255 -20.53 24.71 36.05
CA ALA H 255 -19.19 25.25 36.03
C ALA H 255 -18.36 24.81 37.25
N GLY H 256 -18.90 23.95 38.10
CA GLY H 256 -18.21 23.58 39.33
C GLY H 256 -18.36 24.57 40.45
N ILE H 257 -19.29 25.52 40.33
CA ILE H 257 -19.57 26.49 41.38
C ILE H 257 -20.72 25.95 42.21
N VAL H 258 -20.43 25.51 43.43
CA VAL H 258 -21.42 24.84 44.27
C VAL H 258 -21.48 25.48 45.65
N CYS H 259 -21.04 26.73 45.77
CA CYS H 259 -21.15 27.45 47.03
C CYS H 259 -22.30 28.45 46.92
N PRO H 260 -23.40 28.25 47.65
CA PRO H 260 -24.55 29.15 47.48
C PRO H 260 -24.19 30.60 47.74
N ASN H 261 -24.95 31.50 47.10
CA ASN H 261 -24.71 32.92 47.23
C ASN H 261 -24.90 33.35 48.68
N ASP H 262 -23.94 34.12 49.20
CA ASP H 262 -24.03 34.59 50.58
C ASP H 262 -24.87 35.86 50.71
N GLY H 263 -25.05 36.60 49.63
CA GLY H 263 -25.99 37.70 49.64
C GLY H 263 -25.50 39.00 50.23
N ASN H 264 -24.19 39.20 50.31
CA ASN H 264 -23.62 40.47 50.75
C ASN H 264 -22.81 41.07 49.61
N CYS H 265 -22.19 42.21 49.88
CA CYS H 265 -21.48 42.96 48.85
C CYS H 265 -20.08 42.37 48.64
N HIS H 266 -19.69 42.25 47.36
CA HIS H 266 -18.38 41.71 46.98
C HIS H 266 -17.88 42.47 45.75
N LEU H 267 -17.42 43.71 45.98
CA LEU H 267 -16.89 44.56 44.92
C LEU H 267 -15.53 45.11 45.37
N LYS H 268 -14.45 44.53 44.85
CA LYS H 268 -13.12 45.06 45.13
C LYS H 268 -12.95 46.45 44.54
N ASN H 269 -13.02 46.55 43.21
CA ASN H 269 -12.86 47.83 42.51
C ASN H 269 -14.02 47.99 41.54
N ASN H 270 -15.23 48.04 42.10
CA ASN H 270 -16.47 48.14 41.32
C ASN H 270 -16.64 46.96 40.38
N VAL H 271 -16.12 45.79 40.77
CA VAL H 271 -16.19 44.57 39.97
C VAL H 271 -16.58 43.41 40.87
N TYR H 272 -17.53 42.59 40.41
CA TYR H 272 -17.97 41.42 41.16
C TYR H 272 -16.84 40.39 41.16
N VAL H 273 -16.14 40.30 42.29
CA VAL H 273 -14.95 39.44 42.36
C VAL H 273 -15.35 37.99 42.62
N LYS H 274 -16.49 37.75 43.27
CA LYS H 274 -16.95 36.40 43.55
C LYS H 274 -17.74 35.80 42.40
N SER H 275 -17.60 36.36 41.20
CA SER H 275 -18.34 35.84 40.04
C SER H 275 -18.02 34.38 39.77
N THR H 276 -16.83 33.92 40.15
CA THR H 276 -16.38 32.57 39.84
C THR H 276 -16.37 31.66 41.07
N THR H 277 -16.86 32.14 42.22
CA THR H 277 -16.79 31.37 43.46
C THR H 277 -18.14 31.10 44.11
N MET H 278 -19.16 31.92 43.83
CA MET H 278 -20.48 31.74 44.41
C MET H 278 -21.52 31.56 43.32
N GLU H 279 -22.50 30.69 43.58
CA GLU H 279 -23.59 30.48 42.64
C GLU H 279 -24.31 31.79 42.35
N HIS H 280 -25.23 31.74 41.39
CA HIS H 280 -26.19 32.81 41.26
C HIS H 280 -27.11 32.78 42.48
N PRO H 281 -27.72 33.91 42.82
CA PRO H 281 -28.70 33.91 43.92
C PRO H 281 -30.02 33.35 43.47
N SER H 282 -30.68 32.64 44.38
CA SER H 282 -32.00 32.11 44.10
C SER H 282 -33.06 33.21 44.26
N LEU H 283 -34.25 32.94 43.72
CA LEU H 283 -35.32 33.93 43.79
C LEU H 283 -35.66 34.27 45.24
N GLY H 284 -35.52 33.31 46.15
CA GLY H 284 -35.77 33.60 47.55
C GLY H 284 -34.76 34.58 48.12
N GLN H 285 -33.47 34.28 47.95
CA GLN H 285 -32.43 35.19 48.44
C GLN H 285 -32.61 36.57 47.85
N LEU H 286 -32.82 36.65 46.53
CA LEU H 286 -32.99 37.95 45.88
C LEU H 286 -34.23 38.67 46.42
N SER H 287 -35.34 37.95 46.57
CA SER H 287 -36.54 38.54 47.15
C SER H 287 -36.23 39.17 48.50
N GLU H 288 -35.60 38.39 49.39
CA GLU H 288 -35.33 38.87 50.74
C GLU H 288 -34.44 40.11 50.72
N LYS H 289 -33.40 40.09 49.89
CA LYS H 289 -32.47 41.23 49.83
C LYS H 289 -33.15 42.48 49.28
N LEU H 290 -33.96 42.33 48.23
CA LEU H 290 -34.65 43.47 47.65
C LEU H 290 -35.65 44.08 48.63
N ILE H 291 -36.41 43.23 49.31
CA ILE H 291 -37.38 43.72 50.28
C ILE H 291 -36.66 44.45 51.42
N ASP H 292 -35.59 43.85 51.93
CA ASP H 292 -34.87 44.46 53.04
C ASP H 292 -34.27 45.80 52.67
N ASN H 293 -33.79 45.93 51.43
CA ASN H 293 -33.26 47.20 50.94
C ASN H 293 -34.30 48.04 50.21
N ASN H 294 -35.53 47.55 50.08
CA ASN H 294 -36.63 48.30 49.47
C ASN H 294 -36.28 48.74 48.06
N ILE H 295 -36.04 47.75 47.21
CA ILE H 295 -35.69 47.97 45.81
C ILE H 295 -36.81 47.43 44.95
N ASN H 296 -37.35 48.29 44.09
CA ASN H 296 -38.40 47.91 43.16
C ASN H 296 -37.78 47.71 41.79
N VAL H 297 -37.87 46.50 41.28
CA VAL H 297 -37.19 46.12 40.04
C VAL H 297 -38.10 46.38 38.85
N ILE H 298 -37.50 46.70 37.71
CA ILE H 298 -38.21 46.94 36.47
C ILE H 298 -37.52 46.12 35.38
N PHE H 299 -38.16 45.03 34.97
CA PHE H 299 -37.59 44.14 33.95
C PHE H 299 -37.96 44.67 32.58
N ALA H 300 -37.05 45.43 31.99
CA ALA H 300 -37.18 45.86 30.60
C ALA H 300 -36.58 44.77 29.71
N VAL H 301 -37.40 44.16 28.86
CA VAL H 301 -36.95 43.07 28.01
C VAL H 301 -37.60 43.19 26.64
N GLN H 302 -37.03 42.48 25.68
CA GLN H 302 -37.41 42.62 24.28
C GLN H 302 -38.02 41.34 23.72
N GLY H 303 -37.26 40.26 23.63
CA GLY H 303 -37.73 39.06 22.96
C GLY H 303 -38.99 38.46 23.54
N LYS H 304 -39.34 37.26 23.07
CA LYS H 304 -40.47 36.52 23.63
C LYS H 304 -40.31 36.24 25.12
N GLN H 305 -39.10 36.43 25.67
CA GLN H 305 -38.85 36.11 27.08
C GLN H 305 -39.45 37.14 28.04
N PHE H 306 -40.16 38.14 27.54
CA PHE H 306 -40.88 39.04 28.44
C PHE H 306 -41.83 38.27 29.33
N HIS H 307 -42.65 37.39 28.71
CA HIS H 307 -43.58 36.58 29.49
C HIS H 307 -42.86 35.78 30.56
N TRP H 308 -41.64 35.34 30.29
CA TRP H 308 -40.86 34.66 31.32
C TRP H 308 -40.69 35.54 32.54
N TYR H 309 -40.11 36.73 32.35
CA TYR H 309 -39.98 37.68 33.45
C TYR H 309 -41.34 38.15 33.96
N LYS H 310 -42.39 38.08 33.14
CA LYS H 310 -43.72 38.40 33.62
C LYS H 310 -44.21 37.36 34.61
N ASP H 311 -43.94 36.08 34.33
CA ASP H 311 -44.40 34.98 35.17
C ASP H 311 -43.56 34.82 36.43
N LEU H 312 -42.50 35.60 36.60
CA LEU H 312 -41.76 35.62 37.85
C LEU H 312 -42.23 36.72 38.79
N LEU H 313 -42.91 37.74 38.26
CA LEU H 313 -43.39 38.84 39.09
C LEU H 313 -44.08 38.37 40.37
N PRO H 314 -44.94 37.35 40.34
CA PRO H 314 -45.60 36.93 41.60
C PRO H 314 -44.63 36.39 42.64
N LEU H 315 -43.44 35.93 42.24
CA LEU H 315 -42.47 35.41 43.18
C LEU H 315 -41.63 36.51 43.82
N LEU H 316 -41.56 37.69 43.20
CA LEU H 316 -40.84 38.83 43.75
C LEU H 316 -41.80 40.01 43.86
N PRO H 317 -42.27 40.36 45.05
CA PRO H 317 -43.15 41.54 45.17
C PRO H 317 -42.40 42.83 44.89
N GLY H 318 -43.16 43.87 44.60
CA GLY H 318 -42.58 45.16 44.34
C GLY H 318 -41.78 45.25 43.05
N THR H 319 -42.04 44.37 42.10
CA THR H 319 -41.33 44.37 40.82
C THR H 319 -42.33 44.33 39.69
N ILE H 320 -41.95 44.92 38.56
CA ILE H 320 -42.79 44.97 37.36
C ILE H 320 -41.89 44.78 36.14
N ALA H 321 -42.51 44.37 35.04
CA ALA H 321 -41.79 44.07 33.81
C ALA H 321 -42.39 44.83 32.65
N GLY H 322 -41.53 45.41 31.82
CA GLY H 322 -41.96 46.08 30.59
C GLY H 322 -41.33 45.41 29.39
N GLU H 323 -42.11 45.33 28.31
CA GLU H 323 -41.66 44.71 27.07
C GLU H 323 -41.09 45.77 26.13
N ILE H 324 -40.05 45.39 25.39
CA ILE H 324 -39.37 46.29 24.48
C ILE H 324 -39.74 45.90 23.06
N GLU H 325 -40.06 46.91 22.24
CA GLU H 325 -40.47 46.66 20.87
C GLU H 325 -39.27 46.25 20.03
N SER H 326 -39.56 45.68 18.85
CA SER H 326 -38.47 45.25 17.97
C SER H 326 -37.49 46.38 17.70
N LYS H 327 -38.01 47.56 17.36
CA LYS H 327 -37.20 48.77 17.16
C LYS H 327 -37.08 49.59 18.43
N ALA H 328 -37.74 49.16 19.50
CA ALA H 328 -37.52 49.68 20.84
C ALA H 328 -38.05 51.13 20.86
N ALA H 329 -37.32 52.17 21.24
CA ALA H 329 -37.91 53.55 21.28
C ALA H 329 -39.06 53.71 22.28
N ASN H 330 -39.00 52.94 23.35
CA ASN H 330 -40.00 52.98 24.41
C ASN H 330 -39.39 53.01 25.81
N LEU H 331 -38.06 53.08 25.95
CA LEU H 331 -37.44 52.90 27.26
C LEU H 331 -37.91 53.94 28.26
N ASN H 332 -37.97 55.20 27.84
CA ASN H 332 -38.38 56.27 28.75
C ASN H 332 -39.86 56.13 29.11
N ASN H 333 -40.73 56.00 28.09
CA ASN H 333 -42.15 55.85 28.36
C ASN H 333 -42.44 54.56 29.12
N LEU H 334 -41.65 53.51 28.88
CA LEU H 334 -41.85 52.25 29.60
C LEU H 334 -41.57 52.42 31.09
N VAL H 335 -40.45 53.05 31.44
CA VAL H 335 -40.06 53.14 32.84
C VAL H 335 -40.99 54.08 33.62
N VAL H 336 -41.51 55.12 32.96
CA VAL H 336 -42.44 56.02 33.64
C VAL H 336 -43.80 55.36 33.82
N GLU H 337 -44.29 54.68 32.78
CA GLU H 337 -45.53 53.93 32.92
C GLU H 337 -45.42 52.88 34.01
N ALA H 338 -44.23 52.31 34.21
CA ALA H 338 -44.00 51.39 35.30
C ALA H 338 -43.87 52.11 36.65
N TYR H 339 -43.33 53.33 36.64
CA TYR H 339 -43.21 54.07 37.89
C TYR H 339 -44.57 54.48 38.42
N GLN H 340 -45.46 54.97 37.54
CA GLN H 340 -46.81 55.34 37.95
C GLN H 340 -47.65 54.12 38.34
N LYS H 341 -47.11 52.90 38.18
CA LYS H 341 -47.81 51.68 38.54
C LYS H 341 -47.29 51.05 39.82
N LEU H 342 -46.20 51.56 40.39
CA LEU H 342 -45.66 51.08 41.65
C LEU H 342 -46.04 51.96 42.82
N ILE H 343 -46.01 53.28 42.64
CA ILE H 343 -46.44 54.20 43.70
C ILE H 343 -47.86 53.85 44.14
N SER H 344 -48.76 53.65 43.18
CA SER H 344 -50.16 53.39 43.49
C SER H 344 -50.32 52.05 44.19
N GLU H 345 -49.83 50.99 43.57
CA GLU H 345 -49.94 49.64 44.13
C GLU H 345 -49.23 49.59 45.48
N VAL H 346 -49.96 49.18 46.52
CA VAL H 346 -49.44 49.17 47.89
C VAL H 346 -49.84 47.84 48.52
N LYS H 347 -49.00 46.83 48.35
CA LYS H 347 -49.17 45.58 49.07
C LYS H 347 -48.60 45.70 50.48
N VAL H 348 -49.02 44.80 51.36
CA VAL H 348 -48.56 44.77 52.75
C VAL H 348 -47.86 43.45 53.00
N GLN H 349 -46.74 43.50 53.72
CA GLN H 349 -45.96 42.33 54.05
C GLN H 349 -45.88 42.17 55.56
N VAL H 350 -45.80 40.92 56.01
CA VAL H 350 -45.75 40.58 57.42
C VAL H 350 -44.49 39.81 57.71
N GLU H 351 -43.81 40.17 58.80
CA GLU H 351 -42.52 39.58 59.19
C GLU H 351 -42.54 39.35 60.70
N ASN H 352 -43.52 38.57 61.17
CA ASN H 352 -43.79 38.46 62.59
C ASN H 352 -43.88 37.02 63.05
N GLN H 353 -43.50 36.80 64.30
CA GLN H 353 -43.67 35.52 65.00
C GLN H 353 -43.30 35.68 66.48
N GLY H 356 -46.05 31.56 67.91
CA GLY H 356 -47.30 30.97 67.46
C GLY H 356 -48.37 32.03 67.22
N ILE H 357 -48.73 32.22 65.95
CA ILE H 357 -49.65 33.29 65.58
C ILE H 357 -50.27 32.95 64.23
N TYR H 358 -51.55 33.28 64.08
CA TYR H 358 -52.27 33.20 62.80
C TYR H 358 -52.87 34.57 62.52
N PHE H 359 -52.46 35.18 61.41
CA PHE H 359 -52.92 36.52 61.06
C PHE H 359 -53.67 36.53 59.74
N ASN H 360 -54.66 37.42 59.65
CA ASN H 360 -55.38 37.70 58.42
C ASN H 360 -55.43 39.21 58.22
N ILE H 361 -55.03 39.67 57.05
CA ILE H 361 -55.01 41.09 56.72
C ILE H 361 -56.09 41.38 55.69
N THR H 362 -56.63 42.60 55.74
CA THR H 362 -57.67 43.03 54.82
C THR H 362 -57.37 44.46 54.39
N ALA H 363 -57.27 44.68 53.09
CA ALA H 363 -56.99 46.00 52.54
C ALA H 363 -58.26 46.63 51.98
N ILE H 364 -58.33 47.96 52.07
CA ILE H 364 -59.46 48.73 51.58
C ILE H 364 -58.94 49.74 50.57
N CYS H 365 -59.69 49.92 49.49
CA CYS H 365 -59.30 50.74 48.36
C CYS H 365 -60.16 51.98 48.23
N PRO H 366 -59.74 52.96 47.43
CA PRO H 366 -60.66 54.06 47.09
C PRO H 366 -61.92 53.57 46.41
N ASP H 367 -61.81 52.59 45.51
CA ASP H 367 -62.98 52.01 44.88
C ASP H 367 -63.92 51.43 45.93
N GLY H 368 -63.42 50.48 46.72
CA GLY H 368 -64.24 49.87 47.74
C GLY H 368 -63.43 48.90 48.56
N SER H 369 -63.90 48.66 49.78
CA SER H 369 -63.27 47.72 50.70
C SER H 369 -63.49 46.31 50.19
N ARG H 370 -62.52 45.76 49.47
CA ARG H 370 -62.69 44.43 48.87
C ARG H 370 -61.38 43.70 48.61
N LYS H 371 -60.34 43.98 49.40
CA LYS H 371 -59.03 43.36 49.18
C LYS H 371 -58.57 42.62 50.42
N PRO H 372 -58.47 41.28 50.39
CA PRO H 372 -57.95 40.56 51.56
C PRO H 372 -56.49 40.19 51.42
N GLY H 373 -55.74 40.33 52.52
CA GLY H 373 -54.38 39.84 52.56
C GLY H 373 -53.36 40.83 52.06
N MET H 374 -52.19 40.30 51.73
CA MET H 374 -51.05 41.10 51.28
C MET H 374 -51.29 41.76 49.93
N GLU H 375 -52.36 41.39 49.22
CA GLU H 375 -52.57 41.87 47.87
C GLU H 375 -52.63 43.40 47.79
N GLY H 376 -52.90 44.07 48.90
CA GLY H 376 -53.03 45.52 48.85
C GLY H 376 -54.12 45.90 47.86
N CYS H 377 -53.85 46.94 47.08
CA CYS H 377 -54.81 47.35 46.06
C CYS H 377 -54.09 48.12 44.97
N ARG H 378 -54.74 48.21 43.82
CA ARG H 378 -54.19 48.80 42.62
C ARG H 378 -55.14 49.86 42.09
N ASN H 379 -54.75 50.51 40.99
CA ASN H 379 -55.54 51.59 40.40
C ASN H 379 -55.82 52.67 41.45
N VAL H 380 -54.84 52.91 42.31
CA VAL H 380 -54.96 53.86 43.42
C VAL H 380 -54.37 55.18 42.96
N THR H 381 -55.23 56.15 42.65
CA THR H 381 -54.74 57.50 42.38
C THR H 381 -53.97 58.03 43.59
N SER H 382 -53.15 59.04 43.34
CA SER H 382 -52.27 59.54 44.38
C SER H 382 -53.07 60.26 45.47
N ASN H 383 -52.55 60.18 46.70
CA ASN H 383 -53.21 60.77 47.86
C ASN H 383 -54.60 60.18 48.07
N ASP H 384 -54.68 58.85 48.03
CA ASP H 384 -55.89 58.11 48.37
C ASP H 384 -55.57 57.20 49.54
N GLU H 385 -56.07 57.54 50.73
CA GLU H 385 -55.77 56.78 51.92
C GLU H 385 -56.14 55.32 51.74
N VAL H 386 -55.24 54.44 52.14
CA VAL H 386 -55.47 53.00 52.17
C VAL H 386 -55.09 52.50 53.56
N LEU H 387 -55.78 51.46 54.02
CA LEU H 387 -55.48 50.90 55.33
C LEU H 387 -55.62 49.38 55.29
N PHE H 388 -54.94 48.74 56.22
CA PHE H 388 -54.94 47.29 56.34
C PHE H 388 -55.39 46.92 57.75
N ASN H 389 -56.25 45.91 57.83
CA ASN H 389 -56.93 45.53 59.06
C ASN H 389 -56.33 44.23 59.57
N VAL H 390 -55.32 44.36 60.44
CA VAL H 390 -54.62 43.21 60.98
C VAL H 390 -55.41 42.59 62.12
N THR H 391 -55.26 41.28 62.29
CA THR H 391 -56.01 40.51 63.28
C THR H 391 -55.01 39.60 64.00
N VAL H 392 -54.49 40.07 65.13
CA VAL H 392 -53.50 39.31 65.87
C VAL H 392 -54.19 38.31 66.79
N THR H 393 -53.68 37.09 66.82
CA THR H 393 -54.19 36.05 67.71
C THR H 393 -53.08 35.04 67.97
N MET H 394 -53.08 34.48 69.18
CA MET H 394 -52.07 33.53 69.61
C MET H 394 -52.74 32.22 70.01
N LYS H 395 -52.02 31.11 69.80
CA LYS H 395 -52.53 29.79 70.09
C LYS H 395 -52.11 29.30 71.48
N LYS H 396 -50.80 29.15 71.71
CA LYS H 396 -50.28 28.63 72.96
C LYS H 396 -49.33 29.64 73.58
N CYS H 397 -49.22 29.60 74.91
CA CYS H 397 -48.38 30.54 75.64
C CYS H 397 -47.25 29.81 76.37
N LYS H 403 -42.66 36.95 73.15
CA LYS H 403 -41.79 37.93 73.77
C LYS H 403 -40.90 38.60 72.72
N ASN H 404 -41.51 39.08 71.65
CA ASN H 404 -40.78 39.65 70.53
C ASN H 404 -41.52 40.86 69.98
N TYR H 405 -40.93 41.49 68.98
CA TYR H 405 -41.59 42.54 68.22
C TYR H 405 -41.81 42.04 66.79
N ALA H 406 -42.86 42.58 66.15
CA ALA H 406 -43.18 42.25 64.78
C ALA H 406 -43.15 43.52 63.94
N ILE H 407 -42.96 43.31 62.63
CA ILE H 407 -42.80 44.42 61.69
C ILE H 407 -43.68 44.15 60.48
N ILE H 408 -44.49 45.15 60.12
CA ILE H 408 -45.42 45.07 58.99
C ILE H 408 -44.98 46.10 57.97
N LYS H 409 -44.75 45.65 56.73
CA LYS H 409 -44.04 46.46 55.75
C LYS H 409 -44.88 46.70 54.51
N PRO H 410 -45.23 47.96 54.20
CA PRO H 410 -45.68 48.26 52.83
C PRO H 410 -44.54 48.07 51.85
N ILE H 411 -44.59 47.02 51.04
CA ILE H 411 -43.48 46.72 50.14
C ILE H 411 -43.13 47.95 49.32
N GLY H 412 -41.83 48.20 49.17
CA GLY H 412 -41.35 49.31 48.40
C GLY H 412 -41.33 50.65 49.12
N PHE H 413 -41.61 50.68 50.43
CA PHE H 413 -41.69 51.92 51.18
C PHE H 413 -40.54 52.03 52.17
N ASN H 414 -40.27 53.25 52.63
CA ASN H 414 -39.13 53.50 53.49
C ASN H 414 -39.46 53.41 54.97
N GLU H 415 -40.70 53.69 55.37
CA GLU H 415 -41.12 53.58 56.76
C GLU H 415 -41.97 52.32 56.95
N THR H 416 -42.23 52.01 58.22
CA THR H 416 -42.76 50.70 58.58
C THR H 416 -43.55 50.82 59.89
N ALA H 417 -44.29 49.75 60.20
CA ALA H 417 -45.12 49.69 61.40
C ALA H 417 -44.55 48.61 62.34
N LYS H 418 -44.00 49.05 63.46
CA LYS H 418 -43.49 48.12 64.48
C LYS H 418 -44.57 47.88 65.53
N ILE H 419 -44.71 46.62 65.94
CA ILE H 419 -45.69 46.24 66.96
C ILE H 419 -45.03 45.23 67.91
N HIS H 420 -45.49 45.24 69.16
CA HIS H 420 -44.90 44.44 70.22
C HIS H 420 -45.87 43.37 70.67
N ILE H 421 -45.41 42.12 70.68
CA ILE H 421 -46.22 40.97 71.07
C ILE H 421 -45.63 40.37 72.34
N HIS H 422 -46.47 40.16 73.35
CA HIS H 422 -46.04 39.48 74.58
C HIS H 422 -47.21 38.77 75.23
N CYS H 425 -50.36 35.76 80.48
CA CYS H 425 -50.88 34.40 80.37
C CYS H 425 -51.21 33.83 81.75
C1 NAG I . 36.51 31.74 -81.47
C2 NAG I . 37.41 30.53 -81.24
C3 NAG I . 36.66 29.24 -81.61
C4 NAG I . 35.32 29.18 -80.90
C5 NAG I . 34.53 30.48 -81.12
C6 NAG I . 33.25 30.54 -80.32
C7 NAG I . 39.61 29.72 -81.96
C8 NAG I . 40.81 30.00 -82.82
N2 NAG I . 38.65 30.63 -82.01
O3 NAG I . 37.45 28.11 -81.26
O4 NAG I . 34.57 28.08 -81.40
O5 NAG I . 35.32 31.60 -80.72
O6 NAG I . 32.87 31.89 -80.07
O7 NAG I . 39.54 28.72 -81.27
C1 NAG I . 34.56 27.01 -80.45
C2 NAG I . 33.11 26.75 -80.06
C3 NAG I . 33.03 25.61 -79.06
C4 NAG I . 33.78 24.37 -79.56
C5 NAG I . 35.19 24.75 -79.99
C6 NAG I . 35.95 23.62 -80.63
C7 NAG I . 31.18 28.06 -79.29
C8 NAG I . 30.72 29.36 -78.71
N2 NAG I . 32.49 27.94 -79.51
O3 NAG I . 31.65 25.29 -78.91
O4 NAG I . 33.90 23.41 -78.52
O5 NAG I . 35.14 25.82 -80.95
O6 NAG I . 37.35 23.86 -80.63
O7 NAG I . 30.40 27.15 -79.56
C1 BMA I . 32.67 22.92 -77.90
C2 BMA I . 33.06 22.42 -76.50
C3 BMA I . 31.81 22.00 -75.74
C4 BMA I . 30.79 23.13 -75.73
C5 BMA I . 30.44 23.51 -77.15
C6 BMA I . 29.53 24.74 -77.19
O2 BMA I . 33.65 23.46 -75.76
O3 BMA I . 32.14 21.64 -74.41
O4 BMA I . 29.60 22.72 -75.06
O5 BMA I . 31.63 23.88 -77.84
O6 BMA I . 28.49 24.49 -78.14
C1 MAN I . 31.14 20.72 -73.94
C2 MAN I . 30.76 21.11 -72.51
C3 MAN I . 31.93 20.82 -71.57
C4 MAN I . 32.45 19.38 -71.77
C5 MAN I . 32.78 19.13 -73.25
C6 MAN I . 33.19 17.70 -73.55
O2 MAN I . 29.66 20.33 -72.03
O3 MAN I . 31.57 21.02 -70.21
O4 MAN I . 33.62 19.17 -71.00
O5 MAN I . 31.59 19.40 -74.04
O6 MAN I . 34.43 17.74 -74.26
C1 NAG J . -10.96 41.52 -10.68
C2 NAG J . -9.96 42.60 -11.09
C3 NAG J . -9.41 43.30 -9.85
C4 NAG J . -10.54 43.77 -8.94
C5 NAG J . -11.52 42.65 -8.68
C6 NAG J . -12.76 43.10 -7.91
C7 NAG J . -8.97 41.84 -13.20
C8 NAG J . -7.76 41.25 -13.85
N2 NAG J . -8.88 42.04 -11.88
O3 NAG J . -8.61 44.42 -10.26
O4 NAG J . -9.99 44.17 -7.68
O5 NAG J . -11.99 42.10 -9.92
O6 NAG J . -13.76 42.09 -7.90
O7 NAG J . -9.98 42.12 -13.84
C1 NAG J . -10.11 45.59 -7.52
C2 NAG J . -9.93 45.91 -6.04
C3 NAG J . -9.96 47.43 -5.82
C4 NAG J . -8.95 48.12 -6.72
C5 NAG J . -9.20 47.71 -8.17
C6 NAG J . -8.18 48.29 -9.12
C7 NAG J . -10.75 44.12 -4.58
C8 NAG J . -11.93 43.59 -3.81
N2 NAG J . -10.96 45.27 -5.24
O3 NAG J . -9.67 47.71 -4.45
O4 NAG J . -9.08 49.54 -6.60
O5 NAG J . -9.11 46.28 -8.29
O6 NAG J . -8.82 48.96 -10.21
O7 NAG J . -9.68 43.54 -4.60
C1 BMA J . -8.18 50.01 -5.58
C2 BMA J . -7.83 51.48 -5.89
C3 BMA J . -7.04 52.10 -4.74
C4 BMA J . -7.66 51.77 -3.37
C5 BMA J . -7.84 50.27 -3.23
C6 BMA J . -8.47 49.89 -1.89
O2 BMA J . -9.00 52.26 -6.05
O3 BMA J . -6.94 53.51 -4.88
O4 BMA J . -6.82 52.25 -2.33
O5 BMA J . -8.72 49.83 -4.28
O6 BMA J . -8.66 48.48 -1.85
C1 MAN J . -5.86 53.85 -5.77
C2 MAN J . -5.47 55.31 -5.53
C3 MAN J . -6.52 56.24 -6.14
C4 MAN J . -6.80 55.86 -7.61
C5 MAN J . -7.23 54.38 -7.67
C6 MAN J . -7.47 53.91 -9.09
O2 MAN J . -4.23 55.64 -6.18
O3 MAN J . -6.13 57.61 -6.06
O4 MAN J . -7.85 56.67 -8.13
O5 MAN J . -6.17 53.57 -7.11
O6 MAN J . -8.43 52.86 -9.06
C1 MAN J . -8.45 48.02 -0.51
C2 MAN J . -7.87 46.59 -0.57
C3 MAN J . -8.96 45.60 -0.96
C4 MAN J . -10.20 45.77 -0.07
C5 MAN J . -10.69 47.23 -0.08
C6 MAN J . -11.83 47.47 0.89
O2 MAN J . -7.39 46.16 0.71
O3 MAN J . -8.50 44.25 -0.91
O4 MAN J . -11.26 44.92 -0.52
O5 MAN J . -9.60 48.10 0.29
O6 MAN J . -12.23 48.84 0.78
C1 NAG K . 15.68 2.17 -9.03
C2 NAG K . 16.38 1.76 -7.75
C3 NAG K . 17.89 1.87 -7.93
C4 NAG K . 18.35 1.10 -9.17
C5 NAG K . 17.52 1.50 -10.38
C6 NAG K . 17.81 0.65 -11.60
C7 NAG K . 14.91 2.22 -5.84
C8 NAG K . 14.22 0.93 -6.19
N2 NAG K . 15.94 2.56 -6.63
O3 NAG K . 18.54 1.34 -6.78
O4 NAG K . 19.71 1.40 -9.43
O5 NAG K . 16.11 1.35 -10.11
O6 NAG K . 16.76 0.74 -12.55
O7 NAG K . 14.56 2.92 -4.90
C1 NAG K . 20.50 0.19 -9.41
C2 NAG K . 21.98 0.55 -9.48
C3 NAG K . 22.83 -0.73 -9.50
C4 NAG K . 22.45 -1.65 -8.35
C5 NAG K . 20.94 -1.87 -8.31
C6 NAG K . 20.48 -2.65 -7.11
C7 NAG K . 22.17 0.93 -11.90
C8 NAG K . 22.51 1.91 -12.98
N2 NAG K . 22.27 1.37 -10.64
O3 NAG K . 24.20 -0.37 -9.40
O4 NAG K . 23.06 -2.91 -8.55
O5 NAG K . 20.25 -0.61 -8.27
O6 NAG K . 19.44 -3.56 -7.44
O7 NAG K . 21.83 -0.23 -12.15
C1 BMA K . 24.04 -3.19 -7.53
C2 BMA K . 24.20 -4.72 -7.47
C3 BMA K . 25.45 -5.16 -6.68
C4 BMA K . 26.67 -4.27 -6.98
C5 BMA K . 26.29 -2.79 -6.83
C6 BMA K . 27.46 -1.85 -7.10
O2 BMA K . 24.33 -5.26 -8.78
O3 BMA K . 25.77 -6.52 -6.96
O4 BMA K . 27.74 -4.58 -6.10
O5 BMA K . 25.25 -2.50 -7.77
O6 BMA K . 27.52 -1.60 -8.50
C1 MAN K . 25.08 -7.39 -6.04
C2 MAN K . 25.50 -8.86 -6.30
C3 MAN K . 24.58 -9.55 -7.33
C4 MAN K . 23.11 -9.26 -7.04
C5 MAN K . 22.91 -7.75 -7.10
C6 MAN K . 21.46 -7.33 -6.94
O2 MAN K . 25.43 -9.66 -5.11
O3 MAN K . 24.81 -10.96 -7.38
O4 MAN K . 22.28 -9.90 -8.01
O5 MAN K . 23.67 -7.17 -6.02
O6 MAN K . 20.73 -7.86 -8.04
C1 NAG L . 22.74 14.71 -6.09
C2 NAG L . 23.11 13.32 -5.61
C3 NAG L . 22.10 12.84 -4.57
C4 NAG L . 21.95 13.87 -3.46
C5 NAG L . 21.70 15.26 -4.03
C6 NAG L . 21.73 16.35 -2.98
C7 NAG L . 24.24 12.24 -7.51
C8 NAG L . 24.13 11.23 -8.60
N2 NAG L . 23.17 12.37 -6.72
O3 NAG L . 22.52 11.60 -4.03
O4 NAG L . 20.85 13.53 -2.63
O5 NAG L . 22.72 15.59 -4.99
O6 NAG L . 22.74 17.31 -3.25
O7 NAG L . 25.26 12.91 -7.35
C1 NAG L . 21.28 13.40 -1.27
C2 NAG L . 20.03 13.41 -0.41
C3 NAG L . 20.37 13.14 1.05
C4 NAG L . 21.23 11.89 1.19
C5 NAG L . 22.43 11.98 0.26
C6 NAG L . 23.27 10.72 0.25
C7 NAG L . 18.43 14.90 -1.54
C8 NAG L . 17.77 16.24 -1.52
N2 NAG L . 19.30 14.65 -0.55
O3 NAG L . 19.17 12.98 1.80
O4 NAG L . 21.66 11.76 2.52
O5 NAG L . 22.00 12.20 -1.09
O6 NAG L . 22.55 9.64 -0.35
O7 NAG L . 18.20 14.07 -2.41
C1 BMA L . 21.28 10.46 3.01
C2 BMA L . 22.56 9.70 3.25
C3 BMA L . 22.31 8.40 3.99
C4 BMA L . 21.33 8.56 5.15
C5 BMA L . 20.08 9.33 4.73
C6 BMA L . 19.21 9.64 5.93
O2 BMA L . 23.44 10.47 4.09
O3 BMA L . 23.52 7.96 4.50
O4 BMA L . 20.96 7.29 5.64
O5 BMA L . 20.48 10.58 4.17
O6 BMA L . 17.89 9.16 5.69
C1 MAN L . 16.94 10.17 6.08
C2 MAN L . 17.39 10.90 7.36
C3 MAN L . 17.35 9.94 8.54
C4 MAN L . 15.97 9.26 8.64
C5 MAN L . 15.45 8.71 7.28
C6 MAN L . 13.95 8.51 7.34
O2 MAN L . 16.49 11.96 7.68
O3 MAN L . 17.70 10.54 9.83
O4 MAN L . 16.02 8.22 9.60
O5 MAN L . 15.66 9.65 6.21
O6 MAN L . 13.52 9.67 8.02
C1 MAN L . 18.42 11.80 9.68
C2 MAN L . 19.80 11.43 9.01
C3 MAN L . 20.72 10.79 10.03
C4 MAN L . 20.79 11.65 11.30
C5 MAN L . 19.40 11.81 11.91
C6 MAN L . 19.38 12.65 13.18
O2 MAN L . 20.47 12.61 8.56
O3 MAN L . 22.02 10.58 9.50
O4 MAN L . 21.65 11.04 12.26
O5 MAN L . 18.54 12.46 10.95
O6 MAN L . 18.16 12.41 13.86
C1 MAN L . 23.90 6.72 3.92
C2 MAN L . 23.20 5.65 4.72
C3 MAN L . 23.58 5.82 6.19
C4 MAN L . 25.13 5.99 6.37
C5 MAN L . 25.67 7.02 5.36
C6 MAN L . 27.19 7.16 5.37
O2 MAN L . 23.64 4.34 4.35
O3 MAN L . 23.09 4.75 7.00
O4 MAN L . 25.43 6.43 7.69
O5 MAN L . 25.26 6.63 4.05
O6 MAN L . 27.50 8.55 5.35
C1 NAG M . 19.64 64.99 20.97
C2 NAG M . 19.03 66.37 21.23
C3 NAG M . 18.39 66.43 22.61
C4 NAG M . 17.39 65.30 22.77
C5 NAG M . 18.06 63.96 22.46
C6 NAG M . 17.09 62.80 22.50
C7 NAG M . 20.02 68.33 20.12
C8 NAG M . 21.14 69.32 20.13
N2 NAG M . 20.06 67.40 21.09
O3 NAG M . 17.74 67.68 22.77
O4 NAG M . 16.89 65.28 24.11
O5 NAG M . 18.63 63.99 21.14
O6 NAG M . 15.76 63.21 22.22
O7 NAG M . 19.12 68.36 19.28
C1 NAG M . 15.52 65.73 24.11
C2 NAG M . 14.70 64.89 25.10
C3 NAG M . 13.25 65.35 25.10
C4 NAG M . 13.17 66.85 25.36
C5 NAG M . 14.05 67.60 24.36
C6 NAG M . 14.10 69.09 24.64
C7 NAG M . 15.43 62.60 25.57
C8 NAG M . 15.43 61.18 25.10
N2 NAG M . 14.81 63.48 24.79
O3 NAG M . 12.53 64.64 26.10
O4 NAG M . 11.82 67.29 25.24
O5 NAG M . 15.40 67.12 24.43
O6 NAG M . 14.52 69.82 23.49
O7 NAG M . 15.99 62.93 26.62
C1 NAG N . 49.17 43.43 4.37
C2 NAG N . 48.83 43.17 5.84
C3 NAG N . 49.02 41.69 6.16
C4 NAG N . 48.22 40.83 5.20
C5 NAG N . 48.56 41.20 3.75
C6 NAG N . 47.69 40.48 2.75
C7 NAG N . 49.14 44.65 7.77
C8 NAG N . 50.13 45.46 8.57
N2 NAG N . 49.64 44.00 6.72
O3 NAG N . 48.60 41.44 7.50
O4 NAG N . 48.48 39.45 5.42
O5 NAG N . 48.34 42.60 3.54
O6 NAG N . 47.46 41.27 1.59
O7 NAG N . 47.96 44.59 8.07
C1 NAG N . 47.30 38.96 6.07
C2 NAG N . 47.08 37.48 5.82
C3 NAG N . 45.78 37.02 6.47
C4 NAG N . 45.76 37.41 7.94
C5 NAG N . 46.07 38.89 8.12
C6 NAG N . 46.21 39.30 9.57
C7 NAG N . 48.18 37.10 3.65
C8 NAG N . 47.98 36.80 2.20
N2 NAG N . 47.06 37.19 4.39
O3 NAG N . 45.64 35.61 6.32
O4 NAG N . 44.47 37.14 8.49
O5 NAG N . 47.32 39.21 7.47
O6 NAG N . 46.78 40.60 9.68
O7 NAG N . 49.30 37.25 4.14
C1 NAG O . 33.80 64.05 -2.67
C2 NAG O . 33.20 65.40 -3.04
C3 NAG O . 34.15 66.53 -2.64
C4 NAG O . 34.53 66.40 -1.17
C5 NAG O . 35.05 65.00 -0.86
C6 NAG O . 35.30 64.76 0.60
C7 NAG O . 31.89 66.17 -4.97
C8 NAG O . 31.73 66.11 -6.46
N2 NAG O . 32.90 65.46 -4.46
O3 NAG O . 33.52 67.78 -2.86
O4 NAG O . 35.55 67.36 -0.86
O5 NAG O . 34.09 64.02 -1.27
O6 NAG O . 36.68 64.50 0.86
O7 NAG O . 31.13 66.82 -4.26
C1 NAG O . 35.35 67.85 0.48
C2 NAG O . 36.52 68.73 0.92
C3 NAG O . 36.32 69.16 2.36
C4 NAG O . 34.96 69.83 2.54
C5 NAG O . 33.85 68.94 1.97
C6 NAG O . 32.50 69.63 1.96
C7 NAG O . 38.46 67.98 -0.39
C8 NAG O . 39.74 67.20 -0.37
N2 NAG O . 37.78 68.02 0.76
O3 NAG O . 37.35 70.07 2.73
O4 NAG O . 34.71 70.02 3.94
O5 NAG O . 34.13 68.58 0.61
O6 NAG O . 32.13 70.08 3.25
O7 NAG O . 38.05 68.54 -1.40
C1 BMA O . 34.90 71.39 4.31
C2 BMA O . 33.84 71.75 5.38
C3 BMA O . 34.09 73.16 5.91
C4 BMA O . 35.55 73.33 6.34
C5 BMA O . 36.47 73.01 5.15
C6 BMA O . 37.94 73.16 5.47
O2 BMA O . 33.95 70.87 6.49
O3 BMA O . 33.21 73.49 6.98
O4 BMA O . 35.78 74.65 6.79
O5 BMA O . 36.21 71.65 4.75
O6 BMA O . 38.39 71.94 6.04
C1 MAN O . 31.94 72.82 6.79
C2 MAN O . 30.88 73.84 6.35
C3 MAN O . 30.41 74.67 7.53
C4 MAN O . 30.02 73.77 8.72
C5 MAN O . 31.20 72.85 9.08
C6 MAN O . 30.87 71.88 10.18
O2 MAN O . 29.71 73.17 5.86
O3 MAN O . 29.33 75.53 7.19
O4 MAN O . 29.67 74.56 9.84
O5 MAN O . 31.56 72.08 7.91
O6 MAN O . 31.48 70.63 9.85
C1 NAG P . 34.15 -35.95 -27.76
C2 NAG P . 34.13 -36.60 -29.14
C3 NAG P . 32.79 -37.31 -29.35
C4 NAG P . 32.48 -38.25 -28.19
C5 NAG P . 32.67 -37.55 -26.84
C6 NAG P . 32.59 -38.50 -25.67
C7 NAG P . 35.56 -35.17 -30.52
C8 NAG P . 35.60 -34.15 -31.63
N2 NAG P . 34.35 -35.61 -30.18
O3 NAG P . 32.86 -38.06 -30.56
O4 NAG P . 31.12 -38.64 -28.27
O5 NAG P . 33.97 -36.94 -26.77
O6 NAG P . 31.60 -38.09 -24.74
O7 NAG P . 36.58 -35.55 -29.96
C1 NAG P . 31.04 -40.05 -28.56
C2 NAG P . 29.65 -40.57 -28.25
C3 NAG P . 29.56 -42.05 -28.54
C4 NAG P . 30.05 -42.37 -29.95
C5 NAG P . 31.41 -41.73 -30.20
C6 NAG P . 31.87 -41.86 -31.63
C7 NAG P . 28.64 -39.18 -26.49
C8 NAG P . 28.35 -39.06 -25.03
N2 NAG P . 29.28 -40.29 -26.88
O3 NAG P . 28.21 -42.49 -28.39
O4 NAG P . 30.19 -43.77 -30.12
O5 NAG P . 31.36 -40.33 -29.91
O6 NAG P . 33.24 -42.25 -31.70
O7 NAG P . 28.32 -38.30 -27.29
C1 BMA P . 29.41 -44.24 -31.23
C2 BMA P . 30.25 -45.29 -31.99
C3 BMA P . 29.41 -46.00 -33.05
C4 BMA P . 28.01 -46.39 -32.52
C5 BMA P . 27.33 -45.20 -31.82
C6 BMA P . 26.00 -45.58 -31.17
O2 BMA P . 30.72 -46.29 -31.09
O3 BMA P . 30.07 -47.19 -33.53
O4 BMA P . 27.20 -46.84 -33.59
O5 BMA P . 28.19 -44.74 -30.80
O6 BMA P . 25.48 -44.43 -30.47
C1 MAN P . 25.92 -44.44 -29.10
C2 MAN P . 25.24 -45.59 -28.31
C3 MAN P . 23.88 -45.14 -27.77
C4 MAN P . 24.04 -43.84 -26.99
C5 MAN P . 24.55 -42.77 -27.95
C6 MAN P . 24.72 -41.44 -27.27
O2 MAN P . 26.02 -45.95 -27.15
O3 MAN P . 23.29 -46.14 -26.92
O4 MAN P . 22.78 -43.43 -26.45
O5 MAN P . 25.84 -43.17 -28.46
O6 MAN P . 24.74 -40.44 -28.26
C1 MAN P . 25.13 -39.19 -27.67
C2 MAN P . 23.85 -38.38 -27.41
C3 MAN P . 23.19 -38.04 -28.76
C4 MAN P . 24.20 -37.40 -29.73
C5 MAN P . 25.47 -38.27 -29.85
C6 MAN P . 26.56 -37.64 -30.68
O2 MAN P . 24.13 -37.13 -26.80
O3 MAN P . 22.06 -37.20 -28.59
O4 MAN P . 23.61 -37.25 -31.01
O5 MAN P . 26.00 -38.51 -28.54
O6 MAN P . 27.58 -38.60 -30.91
C1 MAN P . 31.07 -46.87 -34.53
C2 MAN P . 31.34 -48.12 -35.39
C3 MAN P . 32.23 -49.12 -34.64
C4 MAN P . 33.47 -48.43 -34.07
C5 MAN P . 33.04 -47.26 -33.19
C6 MAN P . 34.21 -46.48 -32.61
O2 MAN P . 32.05 -47.79 -36.60
O3 MAN P . 32.62 -50.21 -35.47
O4 MAN P . 34.24 -49.35 -33.31
O5 MAN P . 32.25 -46.34 -33.96
O6 MAN P . 33.79 -45.84 -31.42
C1 NAG Q . 16.54 6.99 -37.41
C2 NAG Q . 15.20 7.41 -37.98
C3 NAG Q . 15.37 7.74 -39.46
C4 NAG Q . 16.51 8.73 -39.69
C5 NAG Q . 17.77 8.30 -38.95
C6 NAG Q . 18.86 9.34 -38.97
C7 NAG Q . 13.13 6.51 -37.03
C8 NAG Q . 12.21 5.33 -36.96
N2 NAG Q . 14.21 6.36 -37.80
O3 NAG Q . 14.14 8.29 -39.95
O4 NAG Q . 16.82 8.77 -41.08
O5 NAG Q . 17.47 8.04 -37.57
O6 NAG Q . 20.06 8.87 -38.37
O7 NAG Q . 12.90 7.55 -36.42
C1 NAG Q . 16.17 9.91 -41.66
C2 NAG Q . 17.00 10.37 -42.86
C3 NAG Q . 16.34 11.58 -43.50
C4 NAG Q . 14.88 11.29 -43.84
C5 NAG Q . 14.15 10.75 -42.61
C6 NAG Q . 12.74 10.30 -42.92
C7 NAG Q . 19.40 9.88 -42.67
C8 NAG Q . 20.73 10.37 -42.18
N2 NAG Q . 18.36 10.70 -42.45
O3 NAG Q . 17.05 11.92 -44.70
O4 NAG Q . 14.24 12.50 -44.25
O5 NAG Q . 14.85 9.61 -42.09
O6 NAG Q . 11.95 10.25 -41.74
O7 NAG Q . 19.27 8.80 -43.24
C1 BMA Q . 13.80 12.37 -45.61
C2 BMA Q . 12.29 12.08 -45.60
C3 BMA Q . 11.74 12.12 -47.04
C4 BMA Q . 12.21 13.38 -47.79
C5 BMA Q . 13.75 13.43 -47.75
C6 BMA Q . 14.33 14.63 -48.49
O2 BMA Q . 11.59 13.06 -44.86
O3 BMA Q . 10.31 11.93 -47.11
O4 BMA Q . 11.79 13.31 -49.15
O5 BMA Q . 14.13 13.51 -46.37
O6 BMA Q . 15.73 14.49 -48.53
C1 MAN Q . 9.51 13.11 -46.84
C2 MAN Q . 9.15 13.86 -48.18
C3 MAN Q . 9.67 15.29 -48.17
C4 MAN Q . 9.25 15.91 -46.87
C5 MAN Q . 10.15 15.34 -45.81
C6 MAN Q . 9.94 15.98 -44.44
O2 MAN Q . 7.75 13.96 -48.36
O3 MAN Q . 9.20 16.04 -49.26
O4 MAN Q . 9.41 17.32 -46.94
O5 MAN Q . 9.89 13.90 -45.68
O6 MAN Q . 11.15 15.85 -43.70
C1 NAG R . 12.05 -3.70 -46.58
C2 NAG R . 11.37 -2.40 -46.16
C3 NAG R . 10.75 -2.56 -44.79
C4 NAG R . 9.88 -3.79 -44.72
C5 NAG R . 10.57 -5.02 -45.30
C6 NAG R . 9.65 -6.21 -45.46
C7 NAG R . 12.56 -0.57 -47.28
C8 NAG R . 13.55 0.55 -47.12
N2 NAG R . 12.30 -1.29 -46.18
O3 NAG R . 9.99 -1.40 -44.47
O4 NAG R . 9.60 -4.08 -43.35
O5 NAG R . 11.11 -4.74 -46.60
O6 NAG R . 10.07 -7.06 -46.52
O7 NAG R . 12.02 -0.80 -48.36
C1 NAG R . 8.20 -4.19 -43.13
C2 NAG R . 8.03 -4.82 -41.75
C3 NAG R . 6.57 -4.85 -41.33
C4 NAG R . 5.95 -3.46 -41.46
C5 NAG R . 6.18 -2.92 -42.87
C6 NAG R . 5.68 -1.51 -43.06
C7 NAG R . 9.84 -6.43 -41.35
C8 NAG R . 10.24 -7.88 -41.40
N2 NAG R . 8.59 -6.16 -41.73
O3 NAG R . 6.47 -5.28 -39.99
O4 NAG R . 4.55 -3.56 -41.22
O5 NAG R . 7.59 -2.90 -43.14
O6 NAG R . 6.75 -0.57 -43.04
O7 NAG R . 10.61 -5.56 -40.95
C1 BMA R . 4.10 -2.42 -40.50
C2 BMA R . 3.04 -1.77 -41.38
C3 BMA R . 2.31 -0.68 -40.66
C4 BMA R . 1.88 -1.10 -39.25
C5 BMA R . 3.07 -1.70 -38.47
C6 BMA R . 2.64 -2.31 -37.14
O2 BMA R . 2.06 -2.75 -41.74
O3 BMA R . 1.17 -0.38 -41.42
O4 BMA R . 1.37 0.02 -38.54
O5 BMA R . 3.62 -2.77 -39.24
O6 BMA R . 2.36 -3.69 -37.40
C1 MAN R . 1.43 -4.19 -36.42
C2 MAN R . 1.75 -3.58 -35.06
C3 MAN R . 1.65 -4.65 -33.99
C4 MAN R . 0.38 -5.47 -34.18
C5 MAN R . 0.46 -6.23 -35.52
C6 MAN R . -0.87 -6.31 -36.23
O2 MAN R . 0.78 -2.59 -34.70
O3 MAN R . 1.67 -4.09 -32.68
O4 MAN R . 0.25 -6.41 -33.12
O5 MAN R . 1.41 -5.60 -36.41
O6 MAN R . -0.63 -6.60 -37.59
C1 MAN R . -1.54 -5.83 -38.39
C2 MAN R . -2.86 -5.66 -37.61
C3 MAN R . -3.69 -6.95 -37.68
C4 MAN R . -3.80 -7.47 -39.11
C5 MAN R . -2.39 -7.65 -39.69
C6 MAN R . -2.40 -8.13 -41.12
O2 MAN R . -3.68 -4.64 -38.20
O3 MAN R . -5.00 -6.78 -37.12
O4 MAN R . -4.49 -8.71 -39.13
O5 MAN R . -1.73 -6.38 -39.66
O6 MAN R . -1.05 -8.17 -41.59
C1 MAN R . 0.90 1.02 -41.45
C2 MAN R . -0.35 1.17 -40.66
C3 MAN R . -1.32 0.14 -41.23
C4 MAN R . -1.56 0.42 -42.74
C5 MAN R . -0.20 0.52 -43.49
C6 MAN R . -0.34 1.04 -44.91
O2 MAN R . -0.97 2.44 -40.87
O3 MAN R . -2.54 0.07 -40.50
O4 MAN R . -2.34 -0.61 -43.31
O5 MAN R . 0.69 1.41 -42.77
O6 MAN R . 0.57 0.31 -45.73
C1 NAG S . 77.27 3.79 -89.28
C2 NAG S . 76.47 5.09 -89.24
C3 NAG S . 76.94 5.96 -88.08
C4 NAG S . 76.90 5.18 -86.77
C5 NAG S . 77.66 3.86 -86.92
C6 NAG S . 77.54 2.97 -85.70
C7 NAG S . 75.89 5.50 -91.59
C8 NAG S . 76.13 6.37 -92.80
N2 NAG S . 76.58 5.82 -90.50
O3 NAG S . 76.11 7.11 -87.98
O4 NAG S . 77.53 5.95 -85.74
O5 NAG S . 77.14 3.12 -88.03
O6 NAG S . 77.18 1.65 -86.06
O7 NAG S . 75.10 4.57 -91.62
C1 NAG S . 76.67 6.04 -84.58
C2 NAG S . 77.14 7.19 -83.70
C3 NAG S . 76.26 7.30 -82.46
C4 NAG S . 74.79 7.40 -82.85
C5 NAG S . 74.41 6.25 -83.79
C6 NAG S . 73.00 6.36 -84.33
C7 NAG S . 79.52 7.77 -83.85
C8 NAG S . 79.10 8.78 -84.87
N2 NAG S . 78.54 7.03 -83.32
O3 NAG S . 76.64 8.43 -81.69
O4 NAG S . 73.97 7.35 -81.69
O5 NAG S . 75.29 6.22 -84.92
O6 NAG S . 72.36 7.54 -83.86
O7 NAG S . 80.69 7.63 -83.52
C1 BMA S . 73.62 8.67 -81.25
C2 BMA S . 72.60 8.55 -80.10
C3 BMA S . 72.33 9.89 -79.39
C4 BMA S . 73.56 10.84 -79.33
C5 BMA S . 74.42 10.79 -80.60
C6 BMA S . 75.73 11.54 -80.45
O2 BMA S . 73.09 7.65 -79.09
O3 BMA S . 71.91 9.64 -78.05
O4 BMA S . 73.12 12.17 -79.13
O5 BMA S . 74.74 9.43 -80.88
O6 BMA S . 76.54 10.84 -79.52
C1 MAN S . 70.58 10.08 -77.80
C2 MAN S . 70.28 9.78 -76.34
C3 MAN S . 70.16 8.27 -76.15
C4 MAN S . 69.09 7.71 -77.10
C5 MAN S . 69.43 8.08 -78.56
C6 MAN S . 68.32 7.69 -79.52
O2 MAN S . 69.01 10.31 -75.93
O3 MAN S . 69.88 7.90 -74.81
O4 MAN S . 69.05 6.30 -76.99
O5 MAN S . 69.62 9.51 -78.67
O6 MAN S . 68.35 8.58 -80.62
C1 NAG T . -2.93 -59.21 -52.25
C2 NAG T . -4.30 -59.85 -52.44
C3 NAG T . -5.04 -59.96 -51.11
C4 NAG T . -4.17 -60.65 -50.06
C5 NAG T . -2.80 -59.97 -49.98
C6 NAG T . -1.83 -60.70 -49.08
C7 NAG T . -4.92 -59.19 -54.73
C8 NAG T . -5.83 -58.35 -55.57
N2 NAG T . -5.10 -59.11 -53.41
O3 NAG T . -6.25 -60.69 -51.29
O4 NAG T . -4.82 -60.52 -48.80
O5 NAG T . -2.20 -59.94 -51.28
O6 NAG T . -0.49 -60.46 -49.46
O7 NAG T . -4.06 -59.92 -55.22
C1 NAG T . -4.69 -61.67 -47.92
C2 NAG T . -4.69 -63.01 -48.66
C3 NAG T . -4.63 -64.15 -47.64
C4 NAG T . -3.47 -63.97 -46.68
C5 NAG T . -3.52 -62.58 -46.05
C6 NAG T . -2.32 -62.28 -45.17
C7 NAG T . -6.03 -64.17 -50.36
C8 NAG T . -7.30 -64.14 -51.15
N2 NAG T . -5.85 -63.15 -49.51
O3 NAG T . -4.49 -65.39 -48.33
O4 NAG T . -3.52 -64.95 -45.65
O5 NAG T . -3.55 -61.58 -47.08
O6 NAG T . -2.27 -60.91 -44.83
O7 NAG T . -5.21 -65.07 -50.47
C1 NAG U . -20.43 -30.88 -7.46
C2 NAG U . -21.04 -32.07 -6.74
C3 NAG U . -20.30 -33.36 -7.14
C4 NAG U . -20.23 -33.49 -8.65
C5 NAG U . -19.73 -32.20 -9.30
C6 NAG U . -19.84 -32.23 -10.81
C7 NAG U . -21.82 -31.09 -4.62
C8 NAG U . -21.63 -31.03 -3.14
N2 NAG U . -20.98 -31.89 -5.29
O3 NAG U . -20.98 -34.47 -6.57
O4 NAG U . -19.29 -34.52 -8.97
O5 NAG U . -20.51 -31.09 -8.86
O6 NAG U . -20.26 -30.98 -11.32
O7 NAG U . -22.71 -30.45 -5.20
C1 NAG U . -19.89 -35.71 -9.46
C2 NAG U . -18.84 -36.36 -10.36
C3 NAG U . -19.33 -37.71 -10.88
C4 NAG U . -19.75 -38.60 -9.71
C5 NAG U . -20.79 -37.87 -8.86
C6 NAG U . -21.17 -38.63 -7.61
C7 NAG U . -17.28 -34.92 -11.58
C8 NAG U . -17.09 -34.05 -12.78
N2 NAG U . -18.48 -35.49 -11.46
O3 NAG U . -18.28 -38.35 -11.60
O4 NAG U . -20.32 -39.80 -10.20
O5 NAG U . -20.25 -36.60 -8.40
O6 NAG U . -20.81 -37.93 -6.43
O7 NAG U . -16.38 -35.11 -10.76
C1 BMA U . -19.33 -40.85 -10.18
C2 BMA U . -20.08 -42.17 -10.35
C3 BMA U . -19.11 -43.35 -10.53
C4 BMA U . -18.01 -43.01 -11.53
C5 BMA U . -17.32 -41.69 -11.17
C6 BMA U . -16.25 -41.30 -12.18
O2 BMA U . -20.91 -42.14 -11.49
O3 BMA U . -19.80 -44.49 -10.98
O4 BMA U . -17.04 -44.05 -11.56
O5 BMA U . -18.32 -40.66 -11.15
O6 BMA U . -15.26 -40.52 -11.52
C1 MAN U . -20.05 -45.40 -9.91
C2 MAN U . -20.82 -46.62 -10.46
C3 MAN U . -22.28 -46.23 -10.71
C4 MAN U . -22.90 -45.62 -9.46
C5 MAN U . -22.08 -44.40 -9.01
C6 MAN U . -22.59 -43.79 -7.71
O2 MAN U . -20.86 -47.69 -9.52
O3 MAN U . -23.05 -47.33 -11.17
O4 MAN U . -24.23 -45.22 -9.72
O5 MAN U . -20.70 -44.80 -8.80
O6 MAN U . -22.15 -42.45 -7.64
C1 MAN U . -15.41 -39.16 -11.95
C2 MAN U . -14.85 -38.98 -13.40
C3 MAN U . -13.38 -38.54 -13.39
C4 MAN U . -13.13 -37.45 -12.34
C5 MAN U . -13.50 -38.01 -10.98
C6 MAN U . -13.18 -37.08 -9.84
O2 MAN U . -15.56 -37.96 -14.11
O3 MAN U . -12.96 -38.08 -14.67
O4 MAN U . -11.75 -37.08 -12.33
O5 MAN U . -14.92 -38.23 -10.98
O6 MAN U . -12.83 -37.87 -8.70
C1 NAG V . 10.33 -10.65 21.78
C2 NAG V . 11.80 -10.81 22.11
C3 NAG V . 11.99 -11.04 23.60
C4 NAG V . 11.26 -9.98 24.42
C5 NAG V . 9.81 -9.91 23.99
C6 NAG V . 9.03 -8.82 24.68
C7 NAG V . 13.31 -11.72 20.39
C8 NAG V . 13.80 -12.96 19.71
N2 NAG V . 12.39 -11.90 21.35
O3 NAG V . 13.38 -11.02 23.92
O4 NAG V . 11.33 -10.31 25.81
O5 NAG V . 9.75 -9.64 22.58
O6 NAG V . 7.83 -8.52 23.98
O7 NAG V . 13.70 -10.60 20.08
C1 NAG V . 12.43 -9.57 26.38
C2 NAG V . 12.13 -9.29 27.86
C3 NAG V . 13.29 -8.53 28.49
C4 NAG V . 14.59 -9.28 28.28
C5 NAG V . 14.79 -9.57 26.79
C6 NAG V . 16.01 -10.41 26.50
C7 NAG V . 9.68 -9.08 27.78
C8 NAG V . 8.51 -8.17 27.98
N2 NAG V . 10.89 -8.55 28.00
O3 NAG V . 13.04 -8.36 29.88
O4 NAG V . 15.68 -8.50 28.75
O5 NAG V . 13.66 -10.29 26.27
O6 NAG V . 16.16 -10.67 25.12
O7 NAG V . 9.55 -10.25 27.43
C1 NAG W . 9.53 -25.72 22.35
C2 NAG W . 10.76 -24.87 22.63
C3 NAG W . 11.42 -24.47 21.33
C4 NAG W . 11.65 -25.67 20.42
C5 NAG W . 10.40 -26.54 20.32
C6 NAG W . 10.66 -27.86 19.62
C7 NAG W . 10.37 -23.68 24.75
C8 NAG W . 9.99 -22.38 25.38
N2 NAG W . 10.41 -23.70 23.41
O3 NAG W . 12.67 -23.84 21.61
O4 NAG W . 11.94 -25.20 19.10
O5 NAG W . 9.91 -26.85 21.62
O6 NAG W . 10.98 -28.88 20.56
O7 NAG W . 10.62 -24.68 25.41
C1 NAG W . 13.33 -25.43 18.86
C2 NAG W . 13.65 -24.99 17.45
C3 NAG W . 15.11 -25.28 17.14
C4 NAG W . 16.00 -24.65 18.21
C5 NAG W . 15.53 -25.00 19.62
C6 NAG W . 16.23 -24.19 20.68
C7 NAG W . 11.51 -25.27 16.28
C8 NAG W . 10.75 -26.06 15.25
N2 NAG W . 12.78 -25.64 16.48
O3 NAG W . 15.42 -24.74 15.86
O4 NAG W . 17.32 -25.15 18.05
O5 NAG W . 14.13 -24.73 19.77
O6 NAG W . 15.96 -22.80 20.54
O7 NAG W . 10.99 -24.34 16.90
C1 BMA W . 18.21 -24.10 17.62
C2 BMA W . 19.05 -23.67 18.87
C3 BMA W . 20.58 -23.61 18.67
C4 BMA W . 21.03 -24.21 17.34
C5 BMA W . 20.08 -23.80 16.25
C6 BMA W . 20.58 -24.18 14.88
O2 BMA W . 18.84 -24.60 19.93
O3 BMA W . 21.18 -24.32 19.73
O4 BMA W . 22.34 -23.76 17.01
O5 BMA W . 18.92 -24.52 16.50
O6 BMA W . 20.17 -23.18 13.96
C1 MAN W . 21.22 -23.02 13.01
C2 MAN W . 20.96 -21.75 12.16
C3 MAN W . 19.90 -22.03 11.09
C4 MAN W . 20.20 -23.33 10.33
C5 MAN W . 20.33 -24.49 11.33
C6 MAN W . 20.66 -25.82 10.68
O2 MAN W . 22.14 -21.37 11.45
O3 MAN W . 19.78 -20.95 10.18
O4 MAN W . 19.15 -23.62 9.42
O5 MAN W . 21.40 -24.18 12.24
O6 MAN W . 21.81 -25.66 9.87
C1 MAN W . 23.00 -25.82 10.69
C2 MAN W . 24.21 -26.05 9.78
C3 MAN W . 24.16 -27.46 9.20
C4 MAN W . 24.00 -28.50 10.32
C5 MAN W . 22.76 -28.17 11.16
C6 MAN W . 22.59 -29.09 12.36
O2 MAN W . 25.43 -25.98 10.52
O3 MAN W . 25.31 -27.74 8.42
O4 MAN W . 23.87 -29.80 9.77
O5 MAN W . 22.85 -26.83 11.66
O6 MAN W . 21.68 -28.48 13.26
C1 MAN W . 22.39 -23.72 20.25
C2 MAN W . 22.77 -22.37 19.54
C3 MAN W . 24.08 -22.44 18.66
C4 MAN W . 24.99 -23.62 19.00
C5 MAN W . 24.13 -24.85 19.12
C6 MAN W . 24.92 -26.15 19.23
O2 MAN W . 22.97 -21.32 20.49
O3 MAN W . 24.82 -21.21 18.72
O4 MAN W . 25.96 -23.81 17.98
O5 MAN W . 23.40 -24.69 20.32
O6 MAN W . 24.03 -27.23 18.91
C1 NAG X . -51.86 -24.65 71.04
C2 NAG X . -50.54 -24.12 71.61
C3 NAG X . -50.47 -22.60 71.47
C4 NAG X . -50.72 -22.19 70.02
C5 NAG X . -52.03 -22.81 69.53
C6 NAG X . -52.27 -22.54 68.05
C7 NAG X . -49.22 -24.97 73.50
C8 NAG X . -49.24 -25.32 74.95
N2 NAG X . -50.38 -24.51 73.00
O3 NAG X . -49.20 -22.14 71.90
O4 NAG X . -50.83 -20.77 69.93
O5 NAG X . -51.99 -24.23 69.69
O6 NAG X . -52.35 -23.77 67.33
O7 NAG X . -48.22 -25.08 72.81
C1 NAG X . -50.04 -20.29 68.83
C2 NAG X . -50.63 -18.96 68.35
C3 NAG X . -49.78 -18.38 67.21
C4 NAG X . -48.32 -18.29 67.64
C5 NAG X . -47.83 -19.64 68.12
C6 NAG X . -46.42 -19.61 68.66
C7 NAG X . -53.05 -18.62 68.60
C8 NAG X . -54.39 -18.88 68.01
N2 NAG X . -52.01 -19.12 67.92
O3 NAG X . -50.27 -17.09 66.88
O4 NAG X . -47.51 -17.84 66.55
O5 NAG X . -48.67 -20.11 69.19
O6 NAG X . -45.75 -20.85 68.45
O7 NAG X . -52.90 -17.98 69.63
C1 BMA X . -46.54 -16.91 67.05
C2 BMA X . -45.39 -16.77 66.05
C3 BMA X . -44.41 -15.67 66.47
C4 BMA X . -45.12 -14.40 66.99
C5 BMA X . -46.21 -14.76 68.00
C6 BMA X . -47.00 -13.58 68.50
O2 BMA X . -45.87 -16.44 64.76
O3 BMA X . -43.57 -15.32 65.39
O4 BMA X . -44.17 -13.53 67.59
O5 BMA X . -47.12 -15.66 67.36
O6 BMA X . -48.27 -14.08 68.89
C1 MAN X . -42.19 -15.36 65.79
C2 MAN X . -41.36 -14.73 64.67
C3 MAN X . -41.44 -15.65 63.45
C4 MAN X . -40.98 -17.06 63.82
C5 MAN X . -41.80 -17.61 65.01
C6 MAN X . -41.25 -18.92 65.53
O2 MAN X . -39.98 -14.68 65.02
O3 MAN X . -40.68 -15.15 62.37
O4 MAN X . -41.16 -17.93 62.71
O5 MAN X . -41.76 -16.65 66.10
O6 MAN X . -40.49 -19.51 64.49
C1 MAN X . -48.98 -13.10 69.67
C2 MAN X . -50.38 -13.65 69.90
C3 MAN X . -51.14 -13.64 68.58
C4 MAN X . -51.12 -12.22 67.96
C5 MAN X . -49.67 -11.73 67.81
C6 MAN X . -49.58 -10.29 67.35
O2 MAN X . -51.13 -12.80 70.78
O3 MAN X . -52.48 -14.10 68.73
O4 MAN X . -51.76 -12.25 66.70
O5 MAN X . -48.98 -11.83 69.08
O6 MAN X . -48.38 -9.73 67.87
C1 NAG Y . -8.49 -72.82 17.71
C2 NAG Y . -9.56 -73.66 16.99
C3 NAG Y . -9.32 -75.14 17.23
C4 NAG Y . -7.90 -75.53 16.86
C5 NAG Y . -6.92 -74.65 17.63
C6 NAG Y . -5.47 -74.91 17.26
C7 NAG Y . -11.66 -72.42 16.72
C8 NAG Y . -13.00 -72.13 17.31
N2 NAG Y . -10.88 -73.27 17.42
O3 NAG Y . -10.25 -75.90 16.46
O4 NAG Y . -7.66 -76.89 17.17
O5 NAG Y . -7.17 -73.27 17.31
O6 NAG Y . -4.70 -75.21 18.42
O7 NAG Y . -11.28 -71.92 15.66
C1 NAG Y . -7.94 -77.68 15.99
C2 NAG Y . -7.41 -79.10 16.16
C3 NAG Y . -7.73 -79.94 14.93
C4 NAG Y . -9.22 -79.88 14.62
C5 NAG Y . -9.68 -78.42 14.52
C6 NAG Y . -11.17 -78.29 14.33
C7 NAG Y . -5.42 -78.56 17.50
C8 NAG Y . -3.92 -78.64 17.59
N2 NAG Y . -5.97 -79.09 16.40
O3 NAG Y . -7.33 -81.28 15.15
O4 NAG Y . -9.49 -80.56 13.40
O5 NAG Y . -9.34 -77.72 15.72
O6 NAG Y . -11.52 -77.01 13.81
O7 NAG Y . -6.08 -78.02 18.38
C1 NAG Z . 3.06 -73.67 -6.29
C2 NAG Z . 2.00 -74.55 -6.96
C3 NAG Z . 2.63 -75.43 -8.04
C4 NAG Z . 3.41 -74.59 -9.02
C5 NAG Z . 4.47 -73.80 -8.27
C6 NAG Z . 5.27 -72.88 -9.18
C7 NAG Z . 0.24 -76.11 -6.28
C8 NAG Z . -0.37 -76.87 -5.13
N2 NAG Z . 1.29 -75.35 -5.97
O3 NAG Z . 1.61 -76.15 -8.72
O4 NAG Z . 4.01 -75.40 -10.02
O5 NAG Z . 3.82 -72.96 -7.30
O6 NAG Z . 5.52 -71.63 -8.55
O7 NAG Z . -0.22 -76.19 -7.41
C1 NAG Z . 3.49 -74.98 -11.30
C2 NAG Z . 4.55 -75.13 -12.39
C3 NAG Z . 3.99 -74.66 -13.74
C4 NAG Z . 2.68 -75.38 -14.05
C5 NAG Z . 1.70 -75.22 -12.88
C6 NAG Z . 0.43 -76.01 -13.08
C7 NAG Z . 6.88 -74.97 -11.66
C8 NAG Z . 8.03 -74.05 -11.35
N2 NAG Z . 5.75 -74.39 -12.05
O3 NAG Z . 4.94 -74.91 -14.76
O4 NAG Z . 2.10 -74.83 -15.23
O5 NAG Z . 2.30 -75.70 -11.67
O6 NAG Z . -0.63 -75.51 -12.26
O7 NAG Z . 6.98 -76.20 -11.58
C1 NAG AA . -3.97 21.89 43.90
C2 NAG AA . -4.57 22.65 45.07
C3 NAG AA . -4.79 24.10 44.70
C4 NAG AA . -3.53 24.72 44.10
C5 NAG AA . -2.92 23.81 43.04
C6 NAG AA . -1.55 24.27 42.58
C7 NAG AA . -5.89 20.98 46.31
C8 NAG AA . -7.27 20.49 46.64
N2 NAG AA . -5.83 22.04 45.49
O3 NAG AA . -5.17 24.83 45.86
O4 NAG AA . -3.86 25.94 43.46
O5 NAG AA . -2.75 22.48 43.54
O6 NAG AA . -0.76 23.18 42.15
O7 NAG AA . -4.89 20.45 46.77
C1 NAG AA . -3.48 27.07 44.27
C2 NAG AA . -3.17 28.20 43.30
C3 NAG AA . -2.80 29.46 44.07
C4 NAG AA . -3.91 29.80 45.06
C5 NAG AA . -4.20 28.60 45.95
C6 NAG AA . -5.38 28.82 46.88
C7 NAG AA . -2.14 28.06 41.07
C8 NAG AA . -0.95 27.61 40.28
N2 NAG AA . -2.09 27.82 42.39
O3 NAG AA . -2.64 30.53 43.15
O4 NAG AA . -3.49 30.88 45.89
O5 NAG AA . -4.52 27.45 45.15
O6 NAG AA . -6.24 27.69 46.91
O7 NAG AA . -3.11 28.61 40.55
C1 BMA AA . -3.75 32.13 45.23
C2 BMA AA . -4.02 33.18 46.32
C3 BMA AA . -3.96 34.60 45.78
C4 BMA AA . -2.77 34.79 44.83
C5 BMA AA . -2.84 33.74 43.72
C6 BMA AA . -1.72 33.89 42.70
O2 BMA AA . -3.03 33.09 47.35
O3 BMA AA . -3.89 35.55 46.83
O4 BMA AA . -2.81 36.09 44.25
O5 BMA AA . -2.69 32.47 44.35
O6 BMA AA . -2.24 33.54 41.42
C1 MAN AA . -5.01 36.45 46.72
C2 MAN AA . -6.30 35.74 47.19
C3 MAN AA . -7.51 36.57 46.76
C4 MAN AA . -7.08 38.01 46.49
C5 MAN AA . -6.12 38.04 45.28
C6 MAN AA . -5.39 39.36 45.12
O2 MAN AA . -6.37 35.67 48.63
O3 MAN AA . -8.54 36.53 47.73
O4 MAN AA . -8.22 38.81 46.20
O5 MAN AA . -5.13 37.00 45.43
O6 MAN AA . -4.44 39.21 44.06
C1 NAG BA . -40.08 0.06 22.48
C2 NAG BA . -41.36 0.43 21.69
C3 NAG BA . -42.59 0.33 22.58
C4 NAG BA . -42.66 -1.02 23.28
C5 NAG BA . -41.40 -1.21 24.11
C6 NAG BA . -41.36 -2.52 24.85
C7 NAG BA . -40.63 2.01 19.96
C8 NAG BA . -40.61 3.46 19.53
N2 NAG BA . -41.25 1.76 21.12
O3 NAG BA . -43.76 0.51 21.77
O4 NAG BA . -43.82 -1.12 24.09
O5 NAG BA . -40.25 -1.18 23.25
O6 NAG BA . -40.04 -2.87 25.21
O7 NAG BA . -40.10 1.13 19.30
C1 NAG BA . -44.66 -2.14 23.46
C2 NAG BA . -45.22 -3.06 24.53
C3 NAG BA . -45.97 -4.21 23.87
C4 NAG BA . -46.83 -3.78 22.68
C5 NAG BA . -46.42 -2.47 21.97
C6 NAG BA . -47.61 -1.72 21.38
C7 NAG BA . -44.09 -3.28 26.69
C8 NAG BA . -42.93 -3.90 27.43
N2 NAG BA . -44.16 -3.57 25.38
O3 NAG BA . -46.78 -4.87 24.84
O4 NAG BA . -46.52 -4.70 21.65
O5 NAG BA . -45.72 -1.54 22.79
O6 NAG BA . -48.78 -1.91 22.15
O7 NAG BA . -44.90 -2.55 27.25
C1 BMA BA . -47.86 -5.19 21.42
C2 BMA BA . -47.94 -6.68 21.04
C3 BMA BA . -49.42 -7.07 20.87
C4 BMA BA . -50.26 -6.64 22.09
C5 BMA BA . -50.08 -5.14 22.37
C6 BMA BA . -50.86 -4.64 23.60
O2 BMA BA . -47.40 -7.50 22.05
O3 BMA BA . -49.57 -8.47 20.65
O4 BMA BA . -51.63 -6.91 21.85
O5 BMA BA . -48.68 -4.89 22.56
O6 BMA BA . -50.02 -4.64 24.77
C1 MAN BA . -50.83 -4.94 25.93
C2 MAN BA . -50.62 -3.91 27.09
C3 MAN BA . -49.32 -4.18 27.88
C4 MAN BA . -49.16 -5.66 28.22
C5 MAN BA . -49.38 -6.55 26.96
C6 MAN BA . -49.41 -8.03 27.28
O2 MAN BA . -51.69 -3.99 28.04
O3 MAN BA . -49.20 -3.37 29.11
O4 MAN BA . -47.85 -5.88 28.73
O5 MAN BA . -50.66 -6.25 26.37
O6 MAN BA . -48.08 -8.52 27.37
C1 MAN BA . -48.54 -2.11 28.82
C2 MAN BA . -48.52 -1.21 30.10
C3 MAN BA . -49.87 -0.57 30.36
C4 MAN BA . -50.46 0.02 29.07
C5 MAN BA . -50.56 -1.08 27.99
C6 MAN BA . -51.22 -0.62 26.71
O2 MAN BA . -47.59 -0.12 29.96
O3 MAN BA . -49.81 0.43 31.36
O4 MAN BA . -51.76 0.55 29.32
O5 MAN BA . -49.22 -1.59 27.68
O6 MAN BA . -52.63 -0.64 26.91
C1 MAN BA . -47.76 -8.74 28.75
C2 MAN BA . -47.47 -10.20 28.99
C3 MAN BA . -46.74 -10.25 30.29
C4 MAN BA . -47.66 -9.76 31.44
C5 MAN BA . -48.54 -8.49 31.08
C6 MAN BA . -48.04 -7.20 31.76
O2 MAN BA . -46.57 -10.74 28.02
O3 MAN BA . -45.61 -9.41 30.20
O4 MAN BA . -48.51 -10.82 31.87
O5 MAN BA . -48.71 -8.23 29.64
O6 MAN BA . -49.07 -6.22 31.66
C1 NAG CA . -42.37 14.57 27.03
C2 NAG CA . -43.12 13.93 25.87
C3 NAG CA . -42.27 13.99 24.60
C4 NAG CA . -41.78 15.41 24.34
C5 NAG CA . -41.13 15.99 25.58
C6 NAG CA . -40.78 17.46 25.44
C7 NAG CA . -44.63 12.20 26.75
C8 NAG CA . -44.83 10.74 26.99
N2 NAG CA . -43.47 12.55 26.17
O3 NAG CA . -43.05 13.54 23.49
O4 NAG CA . -40.82 15.39 23.29
O5 NAG CA . -42.02 15.89 26.70
O6 NAG CA . -41.52 18.26 26.36
O7 NAG CA . -45.48 13.04 27.06
C1 NAG CA . -41.19 16.30 22.26
C2 NAG CA . -39.95 16.52 21.38
C3 NAG CA . -40.29 17.40 20.19
C4 NAG CA . -41.48 16.84 19.43
C5 NAG CA . -42.66 16.63 20.39
C6 NAG CA . -43.86 15.98 19.73
C7 NAG CA . -38.03 16.40 22.92
C8 NAG CA . -36.98 17.18 23.65
N2 NAG CA . -38.87 17.11 22.16
O3 NAG CA . -39.17 17.47 19.32
O4 NAG CA . -41.87 17.73 18.39
O5 NAG CA . -42.25 15.77 21.46
O6 NAG CA . -43.77 14.57 19.81
O7 NAG CA . -38.12 15.17 23.00
C1 BMA CA . -41.95 16.99 17.16
C2 BMA CA . -43.14 17.48 16.32
C3 BMA CA . -43.20 16.69 15.01
C4 BMA CA . -41.82 16.66 14.31
C5 BMA CA . -40.74 16.14 15.27
C6 BMA CA . -39.35 16.11 14.66
O2 BMA CA . -42.99 18.85 15.98
O3 BMA CA . -44.19 17.21 14.12
O4 BMA CA . -41.87 15.81 13.16
O5 BMA CA . -40.73 17.01 16.42
O6 BMA CA . -39.01 17.43 14.25
C1 MAN CA . -37.91 17.36 13.30
C2 MAN CA . -36.94 18.53 13.55
C3 MAN CA . -37.48 19.84 12.94
C4 MAN CA . -38.00 19.63 11.50
C5 MAN CA . -39.01 18.49 11.47
C6 MAN CA . -39.50 18.19 10.07
O2 MAN CA . -35.67 18.30 12.93
O3 MAN CA . -36.50 20.87 12.97
O4 MAN CA . -38.62 20.82 11.04
O5 MAN CA . -38.37 17.28 11.97
O6 MAN CA . -40.75 17.53 10.18
C1 NAG DA . -58.90 -12.47 99.43
C2 NAG DA . -60.11 -12.95 98.65
C3 NAG DA . -59.73 -14.21 97.86
C4 NAG DA . -58.48 -13.96 97.01
C5 NAG DA . -57.36 -13.33 97.84
C6 NAG DA . -56.20 -12.84 97.01
C7 NAG DA . -62.50 -13.14 99.10
C8 NAG DA . -63.56 -13.44 100.12
N2 NAG DA . -61.24 -13.22 99.51
O3 NAG DA . -60.82 -14.58 97.01
O4 NAG DA . -58.01 -15.20 96.51
O5 NAG DA . -57.85 -12.18 98.56
O6 NAG DA . -55.41 -11.89 97.72
O7 NAG DA . -62.80 -12.83 97.94
C1 NAG DA . -57.42 -15.04 95.20
C2 NAG DA . -56.24 -16.01 95.05
C3 NAG DA . -55.66 -15.94 93.64
C4 NAG DA . -56.76 -16.09 92.59
C5 NAG DA . -57.87 -15.09 92.85
C6 NAG DA . -59.04 -15.23 91.92
C7 NAG DA . -55.38 -15.77 97.35
C8 NAG DA . -54.19 -15.42 98.19
N2 NAG DA . -55.19 -15.71 96.03
O3 NAG DA . -54.70 -16.99 93.48
O4 NAG DA . -56.21 -15.85 91.30
O5 NAG DA . -58.38 -15.28 94.18
O6 NAG DA . -59.55 -13.96 91.52
O7 NAG DA . -56.46 -16.07 97.84
C1 BMA DA . -56.76 -16.79 90.35
C2 BMA DA . -56.71 -16.18 88.95
C3 BMA DA . -57.35 -17.14 87.96
C4 BMA DA . -56.79 -18.58 88.11
C5 BMA DA . -56.79 -19.03 89.58
C6 BMA DA . -56.07 -20.35 89.79
O2 BMA DA . -55.35 -16.01 88.55
O3 BMA DA . -57.22 -16.70 86.59
O4 BMA DA . -57.58 -19.49 87.34
O5 BMA DA . -56.13 -18.04 90.38
O6 BMA DA . -54.67 -20.11 89.67
C1 MAN DA . -57.19 -15.26 86.54
C2 MAN DA . -58.13 -14.76 85.41
C3 MAN DA . -57.47 -14.93 84.04
C4 MAN DA . -56.03 -14.38 84.04
C5 MAN DA . -55.24 -15.06 85.17
C6 MAN DA . -53.80 -14.57 85.27
O2 MAN DA . -58.40 -13.36 85.54
O3 MAN DA . -58.22 -14.30 83.00
O4 MAN DA . -55.41 -14.65 82.80
O5 MAN DA . -55.88 -14.76 86.42
O6 MAN DA . -53.06 -15.11 84.17
C1 NAG EA . -61.30 44.24 60.90
C2 NAG EA . -62.76 44.67 60.85
C3 NAG EA . -63.48 44.23 62.13
C4 NAG EA . -63.25 42.74 62.38
C5 NAG EA . -61.77 42.36 62.24
C6 NAG EA . -61.54 40.86 62.25
C7 NAG EA . -63.49 46.69 59.66
C8 NAG EA . -63.52 48.19 59.66
N2 NAG EA . -62.87 46.12 60.69
O3 NAG EA . -64.87 44.49 62.00
O4 NAG EA . -63.64 42.44 63.71
O5 NAG EA . -61.23 42.85 61.01
O6 NAG EA . -60.37 40.52 62.96
O7 NAG EA . -64.03 46.03 58.76
C1 NAG EA . -64.68 41.45 63.75
C2 NAG EA . -64.60 40.77 65.12
C3 NAG EA . -65.71 39.72 65.26
C4 NAG EA . -67.07 40.35 64.95
C5 NAG EA . -67.03 41.04 63.58
C6 NAG EA . -68.31 41.79 63.27
C7 NAG EA . -62.76 39.18 64.61
C8 NAG EA . -63.59 38.69 63.45
N2 NAG EA . -63.29 40.17 65.35
O3 NAG EA . -65.70 39.20 66.57
O4 NAG EA . -68.08 39.35 64.93
O5 NAG EA . -65.97 42.01 63.56
O6 NAG EA . -68.18 42.54 62.07
O7 NAG EA . -61.65 38.72 64.86
C1 NAG FA . -39.27 58.57 53.84
C2 NAG FA . -38.37 59.30 54.85
C3 NAG FA . -38.86 60.73 55.09
C4 NAG FA . -39.03 61.47 53.78
C5 NAG FA . -39.93 60.66 52.85
C6 NAG FA . -40.08 61.28 51.48
C7 NAG FA . -37.67 57.40 56.24
C8 NAG FA . -37.70 56.79 57.61
N2 NAG FA . -38.30 58.57 56.11
O3 NAG FA . -37.92 61.41 55.91
O4 NAG FA . -39.65 62.74 53.99
O5 NAG FA . -39.39 59.36 52.65
O6 NAG FA . -41.12 60.65 50.73
O7 NAG FA . -37.10 56.84 55.31
C1 NAG FA . -38.73 63.74 54.48
C2 NAG FA . -38.86 65.00 53.63
C3 NAG FA . -37.89 66.06 54.14
C4 NAG FA . -38.18 66.35 55.59
C5 NAG FA . -38.15 65.07 56.43
C6 NAG FA . -38.62 65.29 57.84
C7 NAG FA . -39.20 65.43 51.25
C8 NAG FA . -38.88 65.01 49.84
N2 NAG FA . -38.63 64.72 52.22
O3 NAG FA . -38.03 67.24 53.36
O4 NAG FA . -37.23 67.28 56.11
O5 NAG FA . -39.00 64.07 55.86
O6 NAG FA . -37.54 65.48 58.75
O7 NAG FA . -39.95 66.37 51.49
C1 NAG GA . -21.84 66.73 34.86
C2 NAG GA . -21.16 68.09 34.96
C3 NAG GA . -20.19 68.28 33.81
C4 NAG GA . -19.24 67.10 33.68
C5 NAG GA . -20.00 65.77 33.72
C6 NAG GA . -19.08 64.58 33.84
C7 NAG GA . -22.06 70.22 35.79
C8 NAG GA . -23.17 71.22 35.68
N2 NAG GA . -22.15 69.15 34.99
O3 NAG GA . -19.45 69.48 34.03
O4 NAG GA . -18.58 67.15 32.42
O5 NAG GA . -20.87 65.72 34.86
O6 NAG GA . -18.17 64.51 32.75
O7 NAG GA . -21.13 70.36 36.58
C1 NAG GA . -17.55 68.14 32.29
C2 NAG GA . -16.95 67.88 30.90
C3 NAG GA . -15.91 68.93 30.55
C4 NAG GA . -16.49 70.33 30.72
C5 NAG GA . -17.05 70.49 32.13
C6 NAG GA . -17.72 71.82 32.35
C7 NAG GA . -15.36 66.08 31.50
C8 NAG GA . -14.76 67.04 32.49
N2 NAG GA . -16.39 66.53 30.78
O3 NAG GA . -15.48 68.74 29.20
O4 NAG GA . -15.48 71.31 30.49
O5 NAG GA . -18.05 69.48 32.36
O6 NAG GA . -16.85 72.90 32.01
O7 NAG GA . -14.93 64.94 31.37
C1 NAG HA . 26.91 38.34 -53.34
C2 NAG HA . 26.78 39.80 -52.92
C3 NAG HA . 27.82 40.13 -51.85
C4 NAG HA . 27.72 39.16 -50.69
C5 NAG HA . 27.80 37.72 -51.20
C6 NAG HA . 27.58 36.69 -50.13
C7 NAG HA . 25.96 41.49 -54.50
C8 NAG HA . 26.28 42.33 -55.70
N2 NAG HA . 26.93 40.68 -54.07
O3 NAG HA . 27.61 41.46 -51.39
O4 NAG HA . 28.77 39.39 -49.76
O5 NAG HA . 26.78 37.50 -52.20
O6 NAG HA . 27.59 35.37 -50.66
O7 NAG HA . 24.86 41.55 -53.95
CA CA IA . 14.78 6.51 -18.28
CA CA JA . 22.10 14.61 -28.06
CA CA KA . 16.83 22.27 -37.39
CA CA LA . 3.89 25.06 -39.21
C1 EDO MA . 1.41 47.26 -32.86
O1 EDO MA . 1.71 45.92 -32.43
C2 EDO MA . 2.18 48.27 -32.01
O2 EDO MA . 1.66 48.27 -30.68
MG MG NA . 15.16 35.39 10.64
CA CA OA . 12.06 35.14 5.53
C1 NAG PA . 45.61 42.88 -20.94
C2 NAG PA . 44.91 42.06 -22.03
C3 NAG PA . 45.11 40.57 -21.79
C4 NAG PA . 46.59 40.24 -21.64
C5 NAG PA . 47.21 41.14 -20.57
C6 NAG PA . 48.71 40.97 -20.45
C7 NAG PA . 42.90 42.96 -23.12
C8 NAG PA . 41.42 43.22 -22.99
N2 NAG PA . 43.49 42.37 -22.08
O3 NAG PA . 44.57 39.84 -22.88
O4 NAG PA . 46.76 38.88 -21.27
O5 NAG PA . 46.99 42.52 -20.90
O6 NAG PA . 49.20 41.52 -19.23
O7 NAG PA . 43.53 43.28 -24.12
C1 EDO QA . 25.67 56.32 28.82
O1 EDO QA . 25.61 55.63 27.55
C2 EDO QA . 25.75 57.82 28.59
O2 EDO QA . 24.61 58.25 27.83
C1 EDO RA . 4.06 30.92 -10.63
O1 EDO RA . 3.70 29.65 -11.20
C2 EDO RA . 3.18 31.20 -9.41
O2 EDO RA . 3.61 32.42 -8.81
O1 MES SA . 10.77 27.63 11.90
C2 MES SA . 10.33 28.41 10.76
C3 MES SA . 11.34 29.50 10.41
N4 MES SA . 11.63 30.33 11.57
C5 MES SA . 12.07 29.56 12.67
C6 MES SA . 11.07 28.44 13.03
C7 MES SA . 12.70 31.32 11.21
C8 MES SA . 12.75 32.42 12.31
S MES SA . 12.16 33.99 11.61
O1S MES SA . 13.35 34.79 11.07
O2S MES SA . 11.11 33.77 10.55
O3S MES SA . 11.37 34.80 12.64
C1 NAG TA . 57.97 -14.28 -73.99
C2 NAG TA . 56.72 -14.06 -74.83
C3 NAG TA . 55.84 -15.31 -74.78
C4 NAG TA . 56.64 -16.55 -75.18
C5 NAG TA . 57.90 -16.65 -74.35
C6 NAG TA . 58.81 -17.77 -74.79
C7 NAG TA . 55.07 -12.27 -75.13
C8 NAG TA . 54.39 -11.09 -74.51
N2 NAG TA . 55.97 -12.89 -74.37
O3 NAG TA . 54.72 -15.15 -75.65
O4 NAG TA . 55.85 -17.71 -74.98
O5 NAG TA . 58.66 -15.44 -74.45
O6 NAG TA . 60.18 -17.45 -74.58
O7 NAG TA . 54.79 -12.64 -76.27
CA CA UA . 24.91 5.02 -40.93
CA CA VA . 32.39 2.16 -53.24
CA CA WA . 43.79 -3.93 -54.90
CA CA XA . 51.10 -9.55 -44.92
C1 NAG YA . 73.98 -14.73 -62.22
C2 NAG YA . 74.81 -15.97 -61.89
C3 NAG YA . 73.89 -17.13 -61.50
C4 NAG YA . 72.93 -16.71 -60.39
C5 NAG YA . 72.21 -15.43 -60.79
C6 NAG YA . 71.35 -14.87 -59.68
C7 NAG YA . 76.99 -16.28 -62.98
C8 NAG YA . 77.70 -16.72 -64.22
N2 NAG YA . 75.66 -16.35 -63.01
O3 NAG YA . 74.68 -18.24 -61.07
O4 NAG YA . 71.99 -17.73 -60.15
O5 NAG YA . 73.15 -14.41 -61.12
O6 NAG YA . 71.68 -13.51 -59.43
O7 NAG YA . 77.60 -15.88 -62.00
C1 EDO ZA . 49.95 -31.11 -50.57
O1 EDO ZA . 50.78 -30.00 -50.91
C2 EDO ZA . 49.42 -30.94 -49.15
O2 EDO ZA . 48.66 -32.10 -48.80
C1 EDO AB . 54.83 -27.16 -49.21
O1 EDO AB . 56.20 -26.75 -49.29
C2 EDO AB . 54.40 -27.74 -50.55
O2 EDO AB . 53.01 -28.12 -50.48
C1 EDO BB . 4.10 -15.18 -35.44
O1 EDO BB . 4.18 -14.94 -36.84
C2 EDO BB . 4.88 -14.09 -34.70
O2 EDO BB . 4.79 -14.32 -33.29
C1 NAG CB . -4.65 -26.89 -74.51
C2 NAG CB . -5.76 -27.52 -75.36
C3 NAG CB . -7.03 -27.70 -74.54
C4 NAG CB . -6.74 -28.46 -73.25
C5 NAG CB . -5.63 -27.76 -72.48
C6 NAG CB . -5.19 -28.53 -71.25
C7 NAG CB . -6.79 -27.14 -77.56
C8 NAG CB . -6.96 -26.19 -78.70
N2 NAG CB . -6.02 -26.72 -76.55
O3 NAG CB . -8.00 -28.41 -75.31
O4 NAG CB . -7.91 -28.53 -72.45
O5 NAG CB . -4.47 -27.65 -73.31
O6 NAG CB . -3.88 -29.03 -71.40
O7 NAG CB . -7.32 -28.25 -77.56
C1 NAG DB . 16.27 -28.03 -89.84
C2 NAG DB . 16.94 -28.00 -91.24
C3 NAG DB . 15.97 -28.49 -92.32
C4 NAG DB . 14.60 -27.83 -92.21
C5 NAG DB . 14.10 -27.84 -90.76
C6 NAG DB . 12.74 -28.49 -90.62
C7 NAG DB . 18.01 -25.83 -90.72
C8 NAG DB . 18.48 -24.53 -91.30
N2 NAG DB . 17.45 -26.68 -91.59
O3 NAG DB . 15.87 -29.91 -92.34
O4 NAG DB . 14.67 -26.49 -92.66
O5 NAG DB . 14.99 -28.59 -89.93
O6 NAG DB . 11.95 -28.26 -91.78
O7 NAG DB . 18.13 -26.09 -89.53
MG MG EB . 3.02 -29.54 -40.99
CA CA FB . 9.13 -28.45 -39.99
O1 MES GB . 2.14 -23.81 -34.54
C2 MES GB . 2.53 -23.40 -35.87
C3 MES GB . 2.52 -24.55 -36.85
N4 MES GB . 3.32 -25.68 -36.38
C5 MES GB . 2.94 -26.09 -35.06
C6 MES GB . 2.92 -24.91 -34.07
C7 MES GB . 3.13 -26.81 -37.31
C8 MES GB . 3.08 -28.15 -36.52
S MES GB . 3.41 -29.51 -37.69
O1S MES GB . 4.81 -29.40 -38.27
O2S MES GB . 2.56 -29.37 -38.93
O3S MES GB . 3.18 -30.86 -37.00
C1 NAG HB . -37.50 -34.68 46.32
C2 NAG HB . -38.51 -35.25 45.35
C3 NAG HB . -37.93 -36.31 44.42
C4 NAG HB . -36.51 -36.07 43.97
C5 NAG HB . -35.70 -35.64 45.15
C6 NAG HB . -34.25 -35.32 44.86
C7 NAG HB . -40.83 -35.58 45.46
C8 NAG HB . -41.74 -36.76 45.38
N2 NAG HB . -39.66 -35.79 46.00
O3 NAG HB . -38.73 -36.42 43.22
O4 NAG HB . -35.93 -37.30 43.56
O5 NAG HB . -36.27 -34.45 45.68
O6 NAG HB . -33.87 -34.31 45.81
O7 NAG HB . -41.11 -34.48 45.06
CA CA IB . 1.58 -11.18 24.63
CA CA JB . -7.93 -17.97 33.90
CA CA KB . -20.35 -19.69 33.84
CA CA LB . -28.33 -15.57 23.98
C1 NAG MB . -52.33 -19.17 38.25
C2 NAG MB . -52.82 -18.31 37.08
C3 NAG MB . -54.20 -18.78 36.60
C4 NAG MB . -54.17 -20.27 36.29
C5 NAG MB . -53.67 -21.04 37.51
C6 NAG MB . -53.53 -22.52 37.26
C7 NAG MB . -52.03 -15.99 36.98
C8 NAG MB . -52.22 -14.59 37.48
N2 NAG MB . -52.87 -16.91 37.46
O3 NAG MB . -54.56 -18.06 35.43
O4 NAG MB . -55.47 -20.73 35.95
O5 NAG MB . -52.36 -20.56 37.87
O6 NAG MB . -52.55 -23.09 38.11
O7 NAG MB . -51.15 -16.27 36.17
C1 EDO NB . 14.15 -30.10 6.24
O1 EDO NB . 14.22 -31.50 5.94
C2 EDO NB . 13.16 -29.43 5.30
O2 EDO NB . 13.07 -28.04 5.61
C1 NAG OB . 14.07 -68.95 31.43
C2 NAG OB . 13.81 -70.37 31.90
C3 NAG OB . 15.13 -71.03 32.30
C4 NAG OB . 16.14 -70.93 31.16
C5 NAG OB . 16.27 -69.50 30.67
C6 NAG OB . 17.13 -69.38 29.43
C7 NAG OB . 11.56 -70.63 32.84
C8 NAG OB . 10.72 -70.62 34.08
N2 NAG OB . 12.86 -70.40 33.00
O3 NAG OB . 14.90 -72.39 32.64
O4 NAG OB . 17.40 -71.40 31.60
O5 NAG OB . 14.98 -68.96 30.32
O6 NAG OB . 17.60 -68.05 29.26
O7 NAG OB . 11.06 -70.83 31.73
C1 NAG PB . -6.37 -66.17 44.14
C2 NAG PB . -7.64 -65.71 44.86
C3 NAG PB . -7.68 -66.29 46.27
C4 NAG PB . -7.48 -67.79 46.25
C5 NAG PB . -6.22 -68.15 45.47
C6 NAG PB . -6.02 -69.63 45.31
C7 NAG PB . -8.81 -63.58 45.22
C8 NAG PB . -8.69 -62.09 45.23
N2 NAG PB . -7.71 -64.26 44.91
O3 NAG PB . -8.92 -65.96 46.89
O4 NAG PB . -7.36 -68.28 47.59
O5 NAG PB . -6.32 -67.59 44.15
O6 NAG PB . -4.96 -69.92 44.40
O7 NAG PB . -9.87 -64.16 45.50
MG MG QB . 8.60 -44.67 1.99
CA CA RB . 3.72 -40.96 2.47
C1 EDO SB . -10.36 -84.22 15.60
O1 EDO SB . -9.07 -84.74 15.26
C2 EDO SB . -10.36 -83.73 17.05
O2 EDO SB . -9.42 -82.66 17.20
O1 MES TB . 12.26 -36.87 0.65
C2 MES TB . 10.84 -36.70 0.45
C3 MES TB . 10.09 -38.01 0.65
N4 MES TB . 10.62 -39.06 -0.18
C5 MES TB . 12.02 -39.24 0.01
C6 MES TB . 12.80 -37.91 -0.15
C7 MES TB . 9.93 -40.32 0.16
C8 MES TB . 10.36 -41.42 -0.86
S MES TB . 9.02 -42.63 -0.90
O1S MES TB . 7.68 -41.95 -1.12
O2S MES TB . 9.29 -43.68 -1.99
O3S MES TB . 8.82 -43.26 0.44
CA CA UB . -39.07 -0.83 31.32
CA CA VB . -44.43 1.55 44.56
CA CA WB . -38.54 0.51 56.18
CA CA XB . -25.48 -2.31 58.30
C1 NAG YB . -28.15 -8.74 85.64
C2 NAG YB . -26.97 -8.86 86.61
C3 NAG YB . -25.84 -9.66 85.97
C4 NAG YB . -26.35 -11.00 85.45
C5 NAG YB . -27.53 -10.78 84.53
C6 NAG YB . -28.17 -12.07 84.05
C7 NAG YB . -27.05 -6.85 88.02
C8 NAG YB . -26.43 -5.52 88.31
N2 NAG YB . -26.50 -7.55 87.02
O3 NAG YB . -24.80 -9.87 86.94
O4 NAG YB . -25.32 -11.68 84.75
O5 NAG YB . -28.56 -10.05 85.22
O6 NAG YB . -28.90 -11.88 82.86
O7 NAG YB . -28.00 -7.28 88.67
C1 NAG ZB . -42.44 6.13 81.36
C2 NAG ZB . -43.74 6.82 81.76
C3 NAG ZB . -44.00 8.04 80.87
C4 NAG ZB . -42.77 8.95 80.86
C5 NAG ZB . -41.51 8.16 80.52
C6 NAG ZB . -40.25 8.97 80.60
C7 NAG ZB . -45.52 5.43 82.75
C8 NAG ZB . -46.66 4.49 82.48
N2 NAG ZB . -44.87 5.90 81.68
O3 NAG ZB . -45.13 8.76 81.35
O4 NAG ZB . -42.95 9.97 79.87
O5 NAG ZB . -41.37 7.06 81.44
O6 NAG ZB . -39.30 8.56 79.63
O7 NAG ZB . -45.20 5.75 83.89
C1 EDO AC . -30.14 22.55 18.80
O1 EDO AC . -29.10 22.31 17.85
C2 EDO AC . -29.99 23.94 19.40
O2 EDO AC . -30.17 24.93 18.38
C1 EDO BC . -41.16 26.68 58.20
O1 EDO BC . -41.84 26.66 56.95
C2 EDO BC . -40.45 28.01 58.40
O2 EDO BC . -41.41 29.05 58.54
C1 EDO CC . -16.43 15.37 64.82
O1 EDO CC . -16.80 13.99 64.72
C2 EDO CC . -17.37 16.07 65.80
O2 EDO CC . -16.99 17.45 65.92
C1 EDO DC . -22.12 18.72 13.58
O1 EDO DC . -20.73 18.36 13.48
C2 EDO DC . -22.22 20.07 14.28
O2 EDO DC . -23.61 20.41 14.45
MG MG EC . -27.36 37.94 25.43
CA CA FC . -25.04 33.59 28.99
C1 EDO GC . -39.56 60.83 21.73
O1 EDO GC . -38.36 60.07 21.51
C2 EDO GC . -40.31 60.98 20.42
O2 EDO GC . -40.71 59.70 19.93
O1 MES HC . -25.90 31.23 20.80
C2 MES HC . -24.64 31.60 20.23
C3 MES HC . -23.80 32.44 21.19
N4 MES HC . -24.53 33.59 21.67
C5 MES HC . -25.81 33.25 22.22
C6 MES HC . -26.64 32.37 21.26
C7 MES HC . -23.72 34.23 22.74
C8 MES HC . -24.67 34.89 23.78
S MES HC . -24.82 36.65 23.40
O1S MES HC . -23.56 37.41 23.78
O2S MES HC . -25.15 36.83 21.91
O3S MES HC . -25.86 37.31 24.27
#